data_1N9E
#
_entry.id   1N9E
#
_cell.length_a   248.442
_cell.length_b   121.125
_cell.length_c   151.841
_cell.angle_alpha   90.00
_cell.angle_beta   124.64
_cell.angle_gamma   90.00
#
_symmetry.space_group_name_H-M   'C 1 2 1'
#
loop_
_entity.id
_entity.type
_entity.pdbx_description
1 polymer 'LYSYL OXIDASE'
2 branched 2-acetamido-2-deoxy-beta-D-glucopyranose-(1-4)-2-acetamido-2-deoxy-beta-D-glucopyranose
3 non-polymer 2-acetamido-2-deoxy-beta-D-glucopyranose
4 non-polymer 'COPPER (II) ION'
5 non-polymer 'CALCIUM ION'
6 non-polymer 'SULFATE ION'
7 water water
#
_entity_poly.entity_id   1
_entity_poly.type   'polypeptide(L)'
_entity_poly.pdbx_seq_one_letter_code
;MRLTNLLSLTTLVALAVAVPDFYQKREAVSSKEAALLRRDASAECVSNENVEIEAPKTNIWTSLAKEEVQEVLDLLHSTY
NITEVTKADFFSNYVLWIETLKPNKTEALTYLDEDGDLPPRNARTVVYFGEGEEGYFEELKVGPLPVSDETTIEPLSFYN
TNGKSKLPFEVGHLDRIKSAAKSSFLNKNLNTTIMRDVLEGLIGVPYEDMGCHSAAPQLHDPATGATVDYGTCNINTEND
AENLVPTGFFFKFDMTGRDVSQWKMLEYIYNNKVYTSAEELYEAMQKDDFVTLPKIDVDNLDWTVIQRNDSAPIRHLDDR
KSPRLVEPEGRRWAYDGEEEYFSWMDWGFYTSWSRDTGISFYDITFKGERIVYELSLQELIAEYGSDDPFNQHTFYSDIS
YGVGNRFSLVPGYDCPATAGYFTTDTFEYDEFYNRTLSYCVFENQEDYSLLRHTGASYSAITQNPTLNVRFISTIGN
(TPQ)DYNFLYKFFLDGTLEVSVRAAGYIQAGYWNPETSAPYGLKIHDVLSGSFHDHVLNYKVDLDVGGTKNRASKYVMK
DVDVEYPWAPGTVYNTKQIAREVLEKEDFNGINWPENGQGILLIESAEETNSFGNPRAYNIMPGGGGVHRIVKNSRSGPE
TQNWARSNLFLTKHKDEELRSSTALNTNALYDPPVNFNAFLDDESLDGEDIVAWVNLGLHHLPNSNDLPNTIFSTAHASF
MLTPFNYFDSENSRDTTQQVFYTYDDETEESNWEFYGNDWSSCGLEVPEPNFEDYTYGRGTRINKKMTNSDEVY
;
_entity_poly.pdbx_strand_id   A,B,C,D
#
loop_
_chem_comp.id
_chem_comp.type
_chem_comp.name
_chem_comp.formula
CA non-polymer 'CALCIUM ION' 'Ca 2'
CU non-polymer 'COPPER (II) ION' 'Cu 2'
NAG D-saccharide, beta linking 2-acetamido-2-deoxy-beta-D-glucopyranose 'C8 H15 N O6'
SO4 non-polymer 'SULFATE ION' 'O4 S -2'
#
# COMPACT_ATOMS: atom_id res chain seq x y z
N ALA A 41 -45.90 -47.60 -26.25
CA ALA A 41 -47.26 -47.06 -25.97
C ALA A 41 -47.42 -45.62 -26.45
N SER A 42 -46.64 -44.70 -25.88
CA SER A 42 -46.71 -43.28 -26.22
C SER A 42 -46.71 -43.01 -27.72
N ALA A 43 -47.34 -41.93 -28.14
CA ALA A 43 -47.30 -41.52 -29.54
C ALA A 43 -45.83 -41.21 -29.91
N GLU A 44 -45.53 -41.24 -31.20
CA GLU A 44 -44.19 -40.92 -31.67
C GLU A 44 -43.89 -39.42 -31.51
N CYS A 45 -42.64 -39.08 -31.22
CA CYS A 45 -42.27 -37.67 -31.15
C CYS A 45 -42.55 -37.04 -32.50
N VAL A 46 -42.72 -35.74 -32.53
CA VAL A 46 -43.10 -35.09 -33.76
C VAL A 46 -41.90 -34.85 -34.65
N SER A 47 -41.78 -35.62 -35.71
CA SER A 47 -40.65 -35.51 -36.60
C SER A 47 -40.71 -34.29 -37.52
N ASN A 48 -39.53 -33.80 -37.88
CA ASN A 48 -39.37 -32.73 -38.84
C ASN A 48 -38.15 -32.96 -39.69
N GLU A 49 -38.18 -32.47 -40.92
CA GLU A 49 -37.09 -32.71 -41.84
C GLU A 49 -35.99 -31.67 -41.69
N ASN A 50 -34.79 -32.01 -42.16
CA ASN A 50 -33.69 -31.04 -42.16
C ASN A 50 -34.02 -29.86 -43.04
N VAL A 51 -33.66 -28.68 -42.59
CA VAL A 51 -33.97 -27.47 -43.33
C VAL A 51 -32.74 -26.94 -44.09
N GLU A 52 -32.97 -26.60 -45.36
CA GLU A 52 -31.95 -25.98 -46.18
C GLU A 52 -32.37 -24.54 -46.49
N ILE A 53 -31.39 -23.65 -46.63
CA ILE A 53 -31.69 -22.25 -46.87
C ILE A 53 -30.82 -21.73 -47.97
N GLU A 54 -31.11 -20.50 -48.39
CA GLU A 54 -30.26 -19.85 -49.37
C GLU A 54 -29.42 -18.81 -48.66
N ALA A 55 -28.11 -18.87 -48.87
CA ALA A 55 -27.23 -17.87 -48.29
C ALA A 55 -27.56 -16.50 -48.86
N PRO A 56 -27.39 -15.47 -48.05
CA PRO A 56 -27.61 -14.09 -48.53
C PRO A 56 -26.69 -13.67 -49.68
N LYS A 57 -25.48 -14.22 -49.72
CA LYS A 57 -24.52 -13.88 -50.76
C LYS A 57 -23.77 -15.15 -51.13
N THR A 58 -23.00 -15.12 -52.20
CA THR A 58 -22.21 -16.30 -52.48
C THR A 58 -20.94 -16.35 -51.62
N ASN A 59 -20.46 -17.56 -51.42
CA ASN A 59 -19.23 -17.81 -50.68
C ASN A 59 -18.02 -17.49 -51.55
N ILE A 60 -17.55 -16.25 -51.41
CA ILE A 60 -16.42 -15.75 -52.19
C ILE A 60 -15.08 -16.28 -51.66
N TRP A 61 -15.12 -17.07 -50.59
CA TRP A 61 -13.91 -17.65 -50.01
C TRP A 61 -13.76 -19.14 -50.31
N THR A 62 -14.73 -19.71 -51.02
CA THR A 62 -14.72 -21.15 -51.22
C THR A 62 -13.57 -21.70 -52.09
N SER A 63 -13.25 -22.98 -51.86
CA SER A 63 -12.17 -23.65 -52.58
C SER A 63 -12.47 -23.71 -54.07
N LEU A 64 -11.44 -23.86 -54.87
CA LEU A 64 -11.64 -23.89 -56.31
C LEU A 64 -12.43 -25.13 -56.72
N ALA A 65 -13.35 -24.94 -57.66
CA ALA A 65 -14.03 -26.08 -58.22
C ALA A 65 -13.06 -26.92 -59.05
N LYS A 66 -13.38 -28.19 -59.22
CA LYS A 66 -12.58 -29.09 -60.05
C LYS A 66 -12.33 -28.48 -61.44
N GLU A 67 -13.35 -27.83 -61.99
CA GLU A 67 -13.16 -27.24 -63.31
C GLU A 67 -12.20 -26.05 -63.30
N GLU A 68 -12.19 -25.31 -62.20
CA GLU A 68 -11.31 -24.15 -62.09
C GLU A 68 -9.88 -24.66 -61.99
N VAL A 69 -9.67 -25.69 -61.17
CA VAL A 69 -8.33 -26.26 -61.02
C VAL A 69 -7.83 -26.76 -62.38
N GLN A 70 -8.70 -27.45 -63.11
CA GLN A 70 -8.32 -28.00 -64.41
C GLN A 70 -7.90 -26.92 -65.39
N GLU A 71 -8.68 -25.85 -65.47
CA GLU A 71 -8.33 -24.74 -66.34
C GLU A 71 -6.97 -24.15 -65.98
N VAL A 72 -6.71 -24.02 -64.68
CA VAL A 72 -5.45 -23.45 -64.24
C VAL A 72 -4.28 -24.38 -64.57
N LEU A 73 -4.44 -25.66 -64.27
CA LEU A 73 -3.41 -26.66 -64.56
C LEU A 73 -3.16 -26.73 -66.06
N ASP A 74 -4.22 -26.73 -66.86
CA ASP A 74 -4.05 -26.69 -68.31
C ASP A 74 -3.25 -25.46 -68.73
N LEU A 75 -3.58 -24.30 -68.17
CA LEU A 75 -2.89 -23.07 -68.55
C LEU A 75 -1.42 -23.10 -68.13
N LEU A 76 -1.13 -23.73 -66.99
CA LEU A 76 0.24 -23.89 -66.53
C LEU A 76 1.03 -24.79 -67.49
N HIS A 77 0.40 -25.87 -67.92
CA HIS A 77 1.00 -26.79 -68.90
C HIS A 77 1.28 -26.16 -70.27
N SER A 78 0.48 -25.18 -70.67
CA SER A 78 0.69 -24.59 -71.98
C SER A 78 1.65 -23.41 -71.91
N THR A 79 1.80 -22.84 -70.72
CA THR A 79 2.69 -21.72 -70.49
C THR A 79 4.12 -22.18 -70.18
N TYR A 80 4.25 -23.26 -69.41
CA TYR A 80 5.56 -23.76 -68.98
C TYR A 80 5.74 -25.19 -69.41
N ASN A 81 6.99 -25.64 -69.33
CA ASN A 81 7.31 -27.02 -69.60
C ASN A 81 7.09 -27.76 -68.30
N ILE A 82 5.89 -28.36 -68.15
CA ILE A 82 5.54 -29.04 -66.91
C ILE A 82 5.62 -30.55 -67.01
N THR A 83 6.36 -31.16 -66.08
CA THR A 83 6.49 -32.61 -65.99
C THR A 83 5.50 -33.16 -64.95
N GLU A 84 4.92 -34.33 -65.19
CA GLU A 84 4.05 -34.98 -64.19
C GLU A 84 4.90 -35.29 -62.97
N VAL A 85 4.34 -35.07 -61.78
CA VAL A 85 5.09 -35.26 -60.54
C VAL A 85 5.72 -36.65 -60.47
N THR A 86 4.99 -37.67 -60.91
CA THR A 86 5.52 -39.03 -60.85
C THR A 86 6.74 -39.27 -61.74
N LYS A 87 7.01 -38.36 -62.67
CA LYS A 87 8.18 -38.51 -63.53
C LYS A 87 9.24 -37.43 -63.24
N ALA A 88 8.98 -36.60 -62.24
CA ALA A 88 9.82 -35.44 -61.99
C ALA A 88 11.02 -35.71 -61.09
N ASP A 89 12.02 -34.84 -61.22
CA ASP A 89 13.13 -34.80 -60.28
C ASP A 89 13.51 -33.34 -60.01
N PHE A 90 14.62 -33.12 -59.33
CA PHE A 90 15.12 -31.77 -58.99
C PHE A 90 15.40 -30.84 -60.18
N PHE A 91 15.48 -31.40 -61.39
CA PHE A 91 15.77 -30.60 -62.60
C PHE A 91 14.56 -30.44 -63.50
N SER A 92 13.42 -30.98 -63.07
CA SER A 92 12.14 -30.76 -63.77
C SER A 92 11.40 -29.52 -63.26
N ASN A 93 10.34 -29.14 -63.96
CA ASN A 93 9.37 -28.19 -63.42
C ASN A 93 8.13 -29.03 -63.14
N TYR A 94 7.44 -28.78 -62.02
CA TYR A 94 6.19 -29.49 -61.75
C TYR A 94 5.29 -28.65 -60.82
N VAL A 95 3.98 -28.92 -60.87
CA VAL A 95 3.05 -28.11 -60.11
C VAL A 95 2.79 -28.80 -58.79
N LEU A 96 2.85 -28.03 -57.71
CA LEU A 96 2.51 -28.56 -56.39
C LEU A 96 1.07 -28.28 -55.99
N TRP A 97 0.69 -27.01 -56.00
CA TRP A 97 -0.60 -26.61 -55.45
C TRP A 97 -1.33 -25.63 -56.34
N ILE A 98 -2.65 -25.68 -56.30
CA ILE A 98 -3.50 -24.73 -56.96
C ILE A 98 -4.71 -24.56 -56.04
N GLU A 99 -4.92 -23.35 -55.54
CA GLU A 99 -6.03 -23.08 -54.63
C GLU A 99 -6.54 -21.66 -54.77
N THR A 100 -7.68 -21.40 -54.16
CA THR A 100 -8.25 -20.08 -54.18
C THR A 100 -7.36 -19.07 -53.49
N LEU A 101 -7.09 -17.99 -54.21
CA LEU A 101 -6.48 -16.81 -53.60
C LEU A 101 -7.67 -15.97 -53.10
N LYS A 102 -7.88 -15.96 -51.78
CA LYS A 102 -9.06 -15.29 -51.24
C LYS A 102 -9.10 -13.79 -51.49
N PRO A 103 -10.31 -13.24 -51.60
CA PRO A 103 -10.46 -11.80 -51.84
C PRO A 103 -9.88 -10.99 -50.71
N ASN A 104 -9.55 -9.75 -51.03
CA ASN A 104 -9.11 -8.79 -50.02
C ASN A 104 -10.32 -8.32 -49.24
N LYS A 105 -10.08 -7.76 -48.06
CA LYS A 105 -11.20 -7.50 -47.16
C LYS A 105 -12.14 -6.40 -47.59
N THR A 106 -11.60 -5.29 -48.07
CA THR A 106 -12.47 -4.19 -48.43
C THR A 106 -13.40 -4.58 -49.56
N GLU A 107 -12.88 -5.26 -50.57
CA GLU A 107 -13.71 -5.67 -51.69
C GLU A 107 -14.75 -6.68 -51.25
N ALA A 108 -14.37 -7.54 -50.30
CA ALA A 108 -15.29 -8.53 -49.74
C ALA A 108 -16.45 -7.83 -49.05
N LEU A 109 -16.16 -6.80 -48.27
CA LEU A 109 -17.18 -6.13 -47.48
C LEU A 109 -18.12 -5.33 -48.37
N THR A 110 -17.55 -4.71 -49.39
CA THR A 110 -18.34 -3.98 -50.35
C THR A 110 -19.38 -4.93 -50.96
N TYR A 111 -18.91 -6.11 -51.34
CA TYR A 111 -19.80 -7.14 -51.89
C TYR A 111 -20.86 -7.61 -50.89
N LEU A 112 -20.43 -7.90 -49.68
CA LEU A 112 -21.35 -8.38 -48.66
C LEU A 112 -22.32 -7.33 -48.13
N ASP A 113 -21.86 -6.08 -47.99
CA ASP A 113 -22.64 -5.06 -47.27
C ASP A 113 -23.20 -3.94 -48.13
N GLU A 114 -22.65 -3.74 -49.32
CA GLU A 114 -23.06 -2.58 -50.12
C GLU A 114 -23.44 -2.96 -51.53
N ASP A 115 -23.86 -4.21 -51.67
CA ASP A 115 -24.26 -4.76 -52.95
C ASP A 115 -23.27 -4.52 -54.07
N GLY A 116 -21.99 -4.55 -53.71
CA GLY A 116 -20.92 -4.32 -54.66
C GLY A 116 -20.71 -5.53 -55.56
N ASP A 117 -19.72 -5.44 -56.42
CA ASP A 117 -19.46 -6.49 -57.36
C ASP A 117 -18.82 -7.68 -56.67
N LEU A 118 -19.03 -8.86 -57.24
CA LEU A 118 -18.27 -10.03 -56.82
C LEU A 118 -16.79 -9.74 -57.00
N PRO A 119 -15.97 -10.02 -55.98
CA PRO A 119 -14.52 -9.82 -56.09
C PRO A 119 -13.93 -10.76 -57.16
N PRO A 120 -12.78 -10.38 -57.74
CA PRO A 120 -12.13 -11.20 -58.76
C PRO A 120 -11.88 -12.60 -58.24
N ARG A 121 -12.07 -13.60 -59.10
CA ARG A 121 -11.86 -15.00 -58.73
C ARG A 121 -10.46 -15.40 -59.22
N ASN A 122 -9.55 -15.61 -58.27
CA ASN A 122 -8.16 -15.89 -58.60
C ASN A 122 -7.63 -17.15 -57.93
N ALA A 123 -6.60 -17.73 -58.54
CA ALA A 123 -5.92 -18.89 -57.98
C ALA A 123 -4.50 -18.54 -57.55
N ARG A 124 -4.12 -19.11 -56.41
CA ARG A 124 -2.72 -19.11 -55.99
C ARG A 124 -2.21 -20.46 -56.44
N THR A 125 -1.08 -20.48 -57.12
CA THR A 125 -0.47 -21.75 -57.45
C THR A 125 0.97 -21.74 -57.00
N VAL A 126 1.50 -22.93 -56.75
CA VAL A 126 2.90 -23.06 -56.41
C VAL A 126 3.50 -24.09 -57.32
N VAL A 127 4.53 -23.66 -58.05
CA VAL A 127 5.19 -24.48 -59.04
C VAL A 127 6.68 -24.59 -58.73
N TYR A 128 7.23 -25.79 -58.85
CA TYR A 128 8.66 -25.94 -58.72
C TYR A 128 9.31 -25.73 -60.10
N PHE A 129 10.33 -24.89 -60.15
CA PHE A 129 11.06 -24.69 -61.41
C PHE A 129 12.49 -25.16 -61.23
N GLY A 130 12.82 -26.27 -61.88
CA GLY A 130 14.17 -26.79 -61.87
C GLY A 130 14.93 -26.70 -63.19
N GLU A 131 14.26 -26.20 -64.23
CA GLU A 131 14.86 -26.17 -65.56
C GLU A 131 16.09 -25.26 -65.63
N GLY A 132 16.14 -24.29 -64.73
CA GLY A 132 17.17 -23.27 -64.70
C GLY A 132 18.42 -23.70 -63.99
N GLU A 133 19.33 -22.73 -63.82
CA GLU A 133 20.62 -22.97 -63.22
C GLU A 133 20.48 -23.29 -61.72
N GLU A 134 19.44 -22.74 -61.12
CA GLU A 134 19.17 -22.95 -59.71
C GLU A 134 17.70 -23.33 -59.65
N GLY A 135 17.34 -24.21 -58.71
CA GLY A 135 15.97 -24.65 -58.56
C GLY A 135 15.30 -23.76 -57.54
N TYR A 136 13.99 -23.55 -57.69
CA TYR A 136 13.24 -22.80 -56.69
C TYR A 136 11.76 -23.12 -56.83
N PHE A 137 11.02 -22.91 -55.74
CA PHE A 137 9.57 -22.94 -55.85
C PHE A 137 9.09 -21.51 -56.11
N GLU A 138 8.10 -21.33 -56.97
CA GLU A 138 7.54 -20.00 -57.14
C GLU A 138 6.04 -19.98 -56.97
N GLU A 139 5.55 -18.98 -56.25
CA GLU A 139 4.13 -18.77 -56.10
C GLU A 139 3.69 -17.86 -57.25
N LEU A 140 2.61 -18.25 -57.90
CA LEU A 140 2.10 -17.51 -59.05
C LEU A 140 0.60 -17.28 -58.95
N LYS A 141 0.16 -16.08 -59.27
CA LYS A 141 -1.27 -15.80 -59.33
C LYS A 141 -1.80 -16.09 -60.73
N VAL A 142 -2.89 -16.86 -60.82
CA VAL A 142 -3.51 -17.15 -62.12
C VAL A 142 -4.94 -16.63 -62.03
N GLY A 143 -5.28 -15.66 -62.88
CA GLY A 143 -6.60 -15.06 -62.79
C GLY A 143 -6.76 -13.87 -63.70
N PRO A 144 -7.99 -13.41 -63.86
CA PRO A 144 -9.17 -14.03 -63.25
C PRO A 144 -9.68 -15.31 -63.89
N LEU A 145 -10.54 -16.00 -63.15
CA LEU A 145 -11.17 -17.25 -63.58
C LEU A 145 -12.67 -17.01 -63.74
N PRO A 146 -13.33 -17.72 -64.65
CA PRO A 146 -12.74 -18.76 -65.51
C PRO A 146 -11.66 -18.28 -66.49
N VAL A 147 -10.78 -19.18 -66.88
CA VAL A 147 -9.68 -18.87 -67.78
C VAL A 147 -10.20 -18.27 -69.07
N SER A 148 -9.69 -17.10 -69.40
CA SER A 148 -10.11 -16.37 -70.58
C SER A 148 -8.90 -15.62 -71.11
N ASP A 149 -9.14 -14.69 -72.02
CA ASP A 149 -8.07 -13.95 -72.62
C ASP A 149 -7.65 -12.82 -71.70
N GLU A 150 -8.40 -12.64 -70.63
CA GLU A 150 -8.12 -11.60 -69.66
C GLU A 150 -7.17 -12.16 -68.60
N THR A 151 -7.09 -13.49 -68.56
CA THR A 151 -6.28 -14.22 -67.57
C THR A 151 -4.77 -14.08 -67.77
N THR A 152 -4.09 -13.76 -66.67
CA THR A 152 -2.64 -13.66 -66.68
C THR A 152 -2.04 -14.55 -65.60
N ILE A 153 -0.74 -14.78 -65.71
CA ILE A 153 0.05 -15.52 -64.74
C ILE A 153 1.15 -14.57 -64.30
N GLU A 154 1.23 -14.29 -62.99
CA GLU A 154 2.21 -13.35 -62.48
C GLU A 154 2.80 -13.85 -61.17
N PRO A 155 4.04 -13.46 -60.87
CA PRO A 155 4.64 -13.75 -59.58
C PRO A 155 3.73 -13.24 -58.46
N LEU A 156 3.59 -14.04 -57.40
CA LEU A 156 2.68 -13.74 -56.32
C LEU A 156 3.46 -13.68 -55.02
N SER A 157 3.42 -12.54 -54.33
CA SER A 157 4.24 -12.39 -53.14
C SER A 157 3.70 -11.37 -52.16
N PHE A 158 2.52 -10.82 -52.42
CA PHE A 158 2.10 -9.71 -51.57
C PHE A 158 1.94 -10.06 -50.10
N TYR A 159 1.54 -11.30 -49.82
CA TYR A 159 1.32 -11.77 -48.43
C TYR A 159 2.63 -12.28 -47.80
N ASN A 160 3.74 -12.27 -48.57
CA ASN A 160 5.05 -12.70 -48.01
C ASN A 160 5.78 -11.48 -47.50
N THR A 161 6.07 -11.45 -46.22
CA THR A 161 6.77 -10.29 -45.64
C THR A 161 8.17 -10.14 -46.23
N ASN A 162 8.73 -11.23 -46.74
CA ASN A 162 10.07 -11.14 -47.31
C ASN A 162 10.07 -10.62 -48.75
N GLY A 163 8.88 -10.35 -49.28
CA GLY A 163 8.73 -9.71 -50.59
C GLY A 163 9.11 -10.57 -51.79
N LYS A 164 9.20 -11.87 -51.58
CA LYS A 164 9.68 -12.76 -52.63
C LYS A 164 8.60 -13.76 -53.02
N SER A 165 8.47 -13.99 -54.32
CA SER A 165 7.63 -15.09 -54.80
C SER A 165 8.40 -16.41 -54.89
N LYS A 166 9.75 -16.34 -54.90
CA LYS A 166 10.60 -17.51 -55.09
C LYS A 166 11.23 -18.02 -53.79
N LEU A 167 11.06 -19.31 -53.52
CA LEU A 167 11.64 -20.00 -52.35
C LEU A 167 12.77 -20.87 -52.86
N PRO A 168 14.02 -20.55 -52.51
CA PRO A 168 15.17 -21.29 -53.05
C PRO A 168 15.17 -22.76 -52.72
N PHE A 169 15.68 -23.58 -53.62
CA PHE A 169 15.79 -25.01 -53.41
C PHE A 169 16.31 -25.40 -52.01
N GLU A 170 17.40 -24.79 -51.55
CA GLU A 170 17.99 -25.21 -50.29
C GLU A 170 17.05 -25.15 -49.09
N VAL A 171 16.10 -24.22 -49.15
CA VAL A 171 15.13 -24.03 -48.07
C VAL A 171 13.75 -24.43 -48.56
N GLY A 172 13.74 -25.29 -49.57
CA GLY A 172 12.51 -25.63 -50.26
C GLY A 172 11.50 -26.41 -49.44
N HIS A 173 10.34 -26.65 -50.02
CA HIS A 173 9.32 -27.48 -49.37
C HIS A 173 9.82 -28.92 -49.35
N LEU A 174 9.59 -29.64 -48.25
CA LEU A 174 9.89 -31.07 -48.21
C LEU A 174 8.77 -31.77 -48.99
N ASP A 175 8.87 -31.73 -50.32
CA ASP A 175 7.80 -32.27 -51.14
C ASP A 175 8.09 -33.71 -51.50
N ARG A 176 7.24 -34.28 -52.34
CA ARG A 176 7.36 -35.70 -52.68
C ARG A 176 8.71 -36.03 -53.31
N ILE A 177 9.21 -35.10 -54.10
CA ILE A 177 10.46 -35.32 -54.80
C ILE A 177 11.63 -35.29 -53.85
N LYS A 178 11.66 -34.29 -52.97
CA LYS A 178 12.79 -34.17 -52.07
C LYS A 178 12.72 -35.35 -51.09
N SER A 179 11.51 -35.71 -50.66
CA SER A 179 11.39 -36.84 -49.72
C SER A 179 11.93 -38.14 -50.30
N ALA A 180 11.59 -38.42 -51.55
CA ALA A 180 12.11 -39.60 -52.22
C ALA A 180 13.63 -39.57 -52.32
N ALA A 181 14.18 -38.41 -52.65
CA ALA A 181 15.64 -38.34 -52.75
C ALA A 181 16.33 -38.61 -51.42
N LYS A 182 15.78 -38.06 -50.34
CA LYS A 182 16.37 -38.28 -49.03
C LYS A 182 16.25 -39.76 -48.67
N SER A 183 15.08 -40.35 -48.93
CA SER A 183 14.88 -41.77 -48.66
C SER A 183 15.87 -42.66 -49.41
N SER A 184 16.07 -42.36 -50.68
CA SER A 184 17.02 -43.12 -51.49
C SER A 184 18.45 -42.94 -50.97
N PHE A 185 18.81 -41.70 -50.63
CA PHE A 185 20.12 -41.45 -50.07
C PHE A 185 20.38 -42.21 -48.75
N LEU A 186 19.42 -42.17 -47.82
CA LEU A 186 19.56 -42.91 -46.57
C LEU A 186 19.73 -44.41 -46.84
N ASN A 187 18.91 -44.95 -47.73
CA ASN A 187 19.03 -46.37 -48.05
C ASN A 187 20.40 -46.70 -48.61
N LYS A 188 20.90 -45.83 -49.48
CA LYS A 188 22.20 -46.07 -50.09
C LYS A 188 23.29 -46.20 -49.05
N ASN A 189 23.22 -45.37 -48.01
CA ASN A 189 24.22 -45.41 -46.96
C ASN A 189 24.00 -46.44 -45.87
N LEU A 190 22.73 -46.64 -45.51
CA LEU A 190 22.44 -47.51 -44.36
C LEU A 190 22.36 -48.98 -44.72
N ASN A 191 22.20 -49.27 -46.01
CA ASN A 191 22.03 -50.66 -46.41
C ASN A 191 23.27 -51.29 -47.02
N THR A 192 24.45 -50.78 -46.70
CA THR A 192 25.68 -51.43 -47.15
C THR A 192 25.92 -52.65 -46.28
N THR A 193 26.82 -53.52 -46.71
CA THR A 193 27.18 -54.68 -45.89
C THR A 193 27.63 -54.25 -44.48
N ILE A 194 28.46 -53.22 -44.42
CA ILE A 194 28.95 -52.78 -43.13
C ILE A 194 27.83 -52.18 -42.27
N MET A 195 27.05 -51.28 -42.84
CA MET A 195 26.01 -50.63 -42.04
C MET A 195 24.89 -51.60 -41.65
N ARG A 196 24.57 -52.56 -42.51
CA ARG A 196 23.61 -53.59 -42.12
C ARG A 196 24.07 -54.30 -40.85
N ASP A 197 25.36 -54.61 -40.79
CA ASP A 197 25.95 -55.26 -39.63
C ASP A 197 25.94 -54.36 -38.39
N VAL A 198 26.26 -53.09 -38.60
CA VAL A 198 26.28 -52.15 -37.49
C VAL A 198 24.85 -52.01 -36.93
N LEU A 199 23.88 -51.77 -37.80
CA LEU A 199 22.49 -51.57 -37.38
C LEU A 199 21.97 -52.80 -36.64
N GLU A 200 22.18 -53.99 -37.20
CA GLU A 200 21.69 -55.19 -36.53
C GLU A 200 22.39 -55.40 -35.18
N GLY A 201 23.70 -55.22 -35.16
CA GLY A 201 24.44 -55.39 -33.93
C GLY A 201 24.00 -54.46 -32.82
N LEU A 202 23.66 -53.22 -33.16
CA LEU A 202 23.33 -52.24 -32.11
C LEU A 202 21.87 -52.34 -31.71
N ILE A 203 21.03 -52.62 -32.69
CA ILE A 203 19.59 -52.49 -32.48
C ILE A 203 18.91 -53.82 -32.18
N GLY A 204 19.46 -54.89 -32.75
CA GLY A 204 18.96 -56.23 -32.49
C GLY A 204 17.98 -56.79 -33.49
N VAL A 205 17.72 -56.05 -34.57
CA VAL A 205 16.92 -56.55 -35.68
C VAL A 205 17.65 -56.15 -36.96
N PRO A 206 17.44 -56.88 -38.05
CA PRO A 206 18.07 -56.47 -39.31
C PRO A 206 17.40 -55.22 -39.89
N TYR A 207 18.11 -54.60 -40.82
CA TYR A 207 17.63 -53.39 -41.49
C TYR A 207 16.20 -53.48 -42.01
N GLU A 208 15.81 -54.65 -42.55
CA GLU A 208 14.46 -54.84 -43.08
C GLU A 208 13.38 -54.56 -42.05
N ASP A 209 13.74 -54.73 -40.78
CA ASP A 209 12.78 -54.62 -39.67
C ASP A 209 12.74 -53.27 -39.00
N MET A 210 13.45 -52.30 -39.55
CA MET A 210 13.39 -50.94 -39.03
C MET A 210 13.17 -49.94 -40.17
N GLY A 211 12.91 -48.69 -39.81
CA GLY A 211 12.68 -47.64 -40.77
C GLY A 211 13.49 -46.44 -40.34
N CYS A 212 14.31 -45.92 -41.25
CA CYS A 212 15.16 -44.78 -40.92
C CYS A 212 14.60 -43.52 -41.59
N HIS A 213 14.65 -42.40 -40.90
CA HIS A 213 14.00 -41.20 -41.40
C HIS A 213 14.66 -39.95 -40.84
N SER A 214 14.28 -38.79 -41.35
CA SER A 214 15.00 -37.56 -41.07
C SER A 214 14.23 -36.57 -40.20
N ALA A 215 14.96 -35.79 -39.42
CA ALA A 215 14.34 -34.78 -38.57
C ALA A 215 13.88 -33.55 -39.34
N ALA A 216 12.79 -32.95 -38.89
CA ALA A 216 12.30 -31.72 -39.51
C ALA A 216 12.25 -30.61 -38.47
N PRO A 217 12.68 -29.41 -38.86
CA PRO A 217 13.11 -29.10 -40.22
C PRO A 217 14.56 -29.47 -40.54
N GLN A 218 14.89 -29.36 -41.81
CA GLN A 218 16.27 -29.41 -42.22
C GLN A 218 16.99 -28.16 -41.71
N LEU A 219 18.32 -28.15 -41.79
CA LEU A 219 19.11 -27.05 -41.24
C LEU A 219 20.03 -26.43 -42.29
N HIS A 220 19.52 -25.43 -42.99
CA HIS A 220 20.31 -24.71 -43.97
C HIS A 220 21.03 -23.55 -43.30
N ASP A 221 22.32 -23.38 -43.61
CA ASP A 221 23.16 -22.30 -43.07
C ASP A 221 23.35 -21.28 -44.22
N PRO A 222 22.74 -20.11 -44.13
CA PRO A 222 22.90 -19.13 -45.21
C PRO A 222 24.33 -18.64 -45.37
N ALA A 223 25.10 -18.63 -44.31
CA ALA A 223 26.49 -18.14 -44.40
C ALA A 223 27.34 -18.99 -45.35
N THR A 224 27.27 -20.32 -45.23
CA THR A 224 28.13 -21.20 -46.04
C THR A 224 27.36 -21.86 -47.18
N GLY A 225 26.04 -21.84 -47.08
CA GLY A 225 25.15 -22.40 -48.08
C GLY A 225 24.85 -23.88 -47.85
N ALA A 226 25.43 -24.46 -46.80
CA ALA A 226 25.30 -25.89 -46.56
C ALA A 226 23.92 -26.19 -46.01
N THR A 227 23.43 -27.40 -46.28
CA THR A 227 22.13 -27.83 -45.76
C THR A 227 22.37 -29.20 -45.14
N VAL A 228 22.16 -29.31 -43.83
CA VAL A 228 22.40 -30.57 -43.13
C VAL A 228 21.09 -31.03 -42.52
N ASP A 229 21.03 -32.26 -42.06
CA ASP A 229 19.81 -32.79 -41.46
C ASP A 229 20.23 -33.93 -40.55
N TYR A 230 19.50 -34.12 -39.46
CA TYR A 230 19.72 -35.28 -38.59
C TYR A 230 18.65 -36.35 -38.86
N GLY A 231 18.85 -37.54 -38.33
CA GLY A 231 17.85 -38.60 -38.49
C GLY A 231 18.00 -39.71 -37.47
N THR A 232 17.05 -40.64 -37.49
CA THR A 232 17.09 -41.75 -36.56
C THR A 232 16.42 -42.98 -37.18
N CYS A 233 16.39 -44.09 -36.47
CA CYS A 233 15.71 -45.30 -36.96
C CYS A 233 14.71 -45.74 -35.91
N ASN A 234 13.58 -46.30 -36.34
CA ASN A 234 12.58 -46.81 -35.40
C ASN A 234 12.24 -48.23 -35.81
N ILE A 235 11.86 -49.08 -34.85
CA ILE A 235 11.43 -50.47 -35.19
C ILE A 235 10.14 -50.43 -36.01
N ASN A 236 10.04 -51.23 -37.07
CA ASN A 236 8.79 -51.25 -37.82
C ASN A 236 7.69 -51.99 -37.05
N THR A 237 6.47 -51.49 -37.16
CA THR A 237 5.30 -52.13 -36.52
C THR A 237 4.15 -52.20 -37.51
N GLU A 238 3.16 -53.01 -37.18
CA GLU A 238 2.02 -53.18 -38.04
C GLU A 238 0.87 -52.31 -37.55
N ASN A 239 1.07 -51.62 -36.43
CA ASN A 239 0.01 -50.77 -35.87
C ASN A 239 0.30 -49.26 -35.77
N ASP A 240 1.23 -48.78 -36.59
CA ASP A 240 1.53 -47.34 -36.65
C ASP A 240 2.15 -46.85 -35.37
N ALA A 241 2.78 -47.74 -34.62
CA ALA A 241 3.38 -47.38 -33.33
C ALA A 241 4.90 -47.15 -33.34
N GLU A 242 5.45 -46.90 -34.53
CA GLU A 242 6.88 -46.70 -34.67
C GLU A 242 7.43 -45.66 -33.68
N ASN A 243 6.63 -44.64 -33.39
CA ASN A 243 7.11 -43.56 -32.52
C ASN A 243 7.34 -44.03 -31.10
N LEU A 244 6.77 -45.19 -30.74
CA LEU A 244 6.99 -45.74 -29.41
C LEU A 244 8.21 -46.68 -29.35
N VAL A 245 8.86 -46.93 -30.49
CA VAL A 245 10.06 -47.80 -30.48
C VAL A 245 11.23 -47.14 -31.23
N PRO A 246 11.64 -45.96 -30.76
CA PRO A 246 12.81 -45.33 -31.35
C PRO A 246 14.06 -46.06 -30.86
N THR A 247 15.04 -46.25 -31.74
CA THR A 247 16.17 -47.09 -31.36
C THR A 247 17.35 -46.44 -30.67
N GLY A 248 17.42 -45.11 -30.67
CA GLY A 248 18.60 -44.45 -30.11
C GLY A 248 19.79 -44.45 -31.06
N PHE A 249 19.56 -44.86 -32.29
CA PHE A 249 20.60 -44.79 -33.32
C PHE A 249 20.36 -43.53 -34.17
N PHE A 250 21.37 -42.66 -34.26
CA PHE A 250 21.19 -41.38 -34.95
C PHE A 250 22.25 -41.12 -35.99
N PHE A 251 21.99 -40.17 -36.87
CA PHE A 251 22.98 -39.81 -37.88
C PHE A 251 22.77 -38.38 -38.34
N LYS A 252 23.76 -37.84 -39.06
CA LYS A 252 23.71 -36.48 -39.54
C LYS A 252 24.25 -36.52 -40.94
N PHE A 253 23.58 -35.85 -41.86
CA PHE A 253 24.05 -35.83 -43.24
C PHE A 253 24.02 -34.47 -43.89
N ASP A 254 24.82 -34.37 -44.94
CA ASP A 254 24.92 -33.18 -45.74
C ASP A 254 24.13 -33.43 -47.02
N MET A 255 23.09 -32.65 -47.25
CA MET A 255 22.24 -32.81 -48.44
C MET A 255 22.21 -31.52 -49.24
N THR A 256 23.32 -30.80 -49.23
CA THR A 256 23.41 -29.57 -49.99
C THR A 256 23.37 -29.79 -51.50
N GLY A 257 22.54 -29.01 -52.18
CA GLY A 257 22.51 -28.98 -53.63
C GLY A 257 21.64 -30.03 -54.27
N ARG A 258 21.42 -29.88 -55.58
CA ARG A 258 20.50 -30.74 -56.31
C ARG A 258 21.13 -32.03 -56.84
N ASP A 259 22.44 -32.16 -56.70
CA ASP A 259 23.13 -33.36 -57.16
C ASP A 259 23.33 -34.31 -55.99
N VAL A 260 22.49 -35.33 -55.93
CA VAL A 260 22.51 -36.24 -54.78
C VAL A 260 23.77 -37.07 -54.68
N SER A 261 24.51 -37.22 -55.79
CA SER A 261 25.76 -37.95 -55.70
C SER A 261 26.77 -37.22 -54.80
N GLN A 262 26.53 -35.94 -54.52
CA GLN A 262 27.41 -35.17 -53.63
C GLN A 262 26.96 -35.16 -52.17
N TRP A 263 25.75 -35.64 -51.92
CA TRP A 263 25.26 -35.75 -50.54
C TRP A 263 26.13 -36.76 -49.81
N LYS A 264 26.37 -36.55 -48.53
CA LYS A 264 27.21 -37.47 -47.80
C LYS A 264 26.83 -37.58 -46.35
N MET A 265 27.03 -38.77 -45.79
CA MET A 265 26.79 -38.96 -44.37
C MET A 265 27.95 -38.31 -43.63
N LEU A 266 27.63 -37.52 -42.60
CA LEU A 266 28.63 -36.79 -41.84
C LEU A 266 28.97 -37.49 -40.54
N GLU A 267 27.96 -37.96 -39.83
CA GLU A 267 28.18 -38.56 -38.51
C GLU A 267 27.21 -39.69 -38.25
N TYR A 268 27.64 -40.67 -37.47
CA TYR A 268 26.74 -41.65 -36.84
C TYR A 268 26.87 -41.32 -35.37
N ILE A 269 25.75 -41.31 -34.65
CA ILE A 269 25.76 -40.92 -33.23
C ILE A 269 25.00 -41.98 -32.46
N TYR A 270 25.66 -42.55 -31.46
CA TYR A 270 25.10 -43.65 -30.69
C TYR A 270 25.66 -43.57 -29.28
N ASN A 271 24.79 -43.75 -28.28
CA ASN A 271 25.22 -43.62 -26.88
C ASN A 271 26.04 -42.31 -26.64
N ASN A 272 25.56 -41.22 -27.24
CA ASN A 272 26.20 -39.92 -27.10
C ASN A 272 27.62 -39.79 -27.64
N LYS A 273 28.06 -40.77 -28.43
CA LYS A 273 29.36 -40.69 -29.10
C LYS A 273 29.18 -40.46 -30.59
N VAL A 274 30.12 -39.73 -31.18
CA VAL A 274 30.07 -39.43 -32.59
C VAL A 274 31.13 -40.18 -33.38
N TYR A 275 30.71 -40.74 -34.53
CA TYR A 275 31.57 -41.47 -35.46
C TYR A 275 31.52 -40.79 -36.82
N THR A 276 32.68 -40.55 -37.43
CA THR A 276 32.67 -39.85 -38.71
C THR A 276 32.51 -40.74 -39.92
N SER A 277 32.47 -42.06 -39.72
CA SER A 277 32.19 -42.95 -40.84
C SER A 277 31.64 -44.25 -40.34
N ALA A 278 31.02 -44.98 -41.24
CA ALA A 278 30.52 -46.32 -40.95
C ALA A 278 31.64 -47.22 -40.47
N GLU A 279 32.79 -47.13 -41.13
CA GLU A 279 33.94 -47.93 -40.76
C GLU A 279 34.42 -47.66 -39.34
N GLU A 280 34.47 -46.39 -38.95
CA GLU A 280 34.96 -46.06 -37.63
C GLU A 280 34.05 -46.67 -36.55
N LEU A 281 32.75 -46.58 -36.77
CA LEU A 281 31.79 -47.16 -35.83
C LEU A 281 31.91 -48.69 -35.80
N TYR A 282 31.98 -49.32 -36.97
CA TYR A 282 32.14 -50.76 -37.04
C TYR A 282 33.35 -51.19 -36.21
N GLU A 283 34.48 -50.53 -36.41
CA GLU A 283 35.69 -50.91 -35.68
C GLU A 283 35.52 -50.72 -34.19
N ALA A 284 34.92 -49.60 -33.80
CA ALA A 284 34.68 -49.36 -32.39
C ALA A 284 33.87 -50.49 -31.76
N MET A 285 32.94 -51.05 -32.54
CA MET A 285 32.03 -52.05 -32.00
C MET A 285 32.70 -53.39 -31.76
N GLN A 286 33.88 -53.59 -32.34
CA GLN A 286 34.57 -54.87 -32.19
C GLN A 286 35.38 -54.94 -30.92
N LYS A 287 35.65 -53.78 -30.35
CA LYS A 287 36.45 -53.71 -29.14
C LYS A 287 35.69 -54.24 -27.93
N ASP A 288 36.43 -54.82 -27.00
CA ASP A 288 35.83 -55.39 -25.79
C ASP A 288 35.15 -54.36 -24.90
N ASP A 289 35.65 -53.13 -24.92
CA ASP A 289 35.10 -52.08 -24.08
C ASP A 289 33.85 -51.41 -24.68
N PHE A 290 33.43 -51.84 -25.87
CA PHE A 290 32.29 -51.16 -26.48
C PHE A 290 31.00 -51.38 -25.71
N VAL A 291 30.29 -50.30 -25.41
CA VAL A 291 29.02 -50.39 -24.71
C VAL A 291 27.83 -50.37 -25.66
N THR A 292 27.00 -51.40 -25.60
CA THR A 292 25.76 -51.47 -26.38
C THR A 292 24.64 -51.24 -25.39
N LEU A 293 23.80 -50.23 -25.64
CA LEU A 293 22.72 -49.92 -24.73
C LEU A 293 21.60 -50.97 -24.84
N PRO A 294 20.76 -51.13 -23.81
CA PRO A 294 19.67 -52.11 -23.86
C PRO A 294 18.82 -51.93 -25.13
N LYS A 295 18.49 -53.05 -25.76
CA LYS A 295 17.74 -53.03 -26.99
C LYS A 295 16.26 -53.16 -26.68
N ILE A 296 15.44 -52.70 -27.61
CA ILE A 296 13.99 -52.79 -27.47
C ILE A 296 13.59 -54.27 -27.55
N ASP A 297 12.66 -54.71 -26.70
CA ASP A 297 12.13 -56.10 -26.76
C ASP A 297 11.03 -56.11 -27.81
N VAL A 298 11.40 -56.44 -29.05
CA VAL A 298 10.48 -56.35 -30.16
C VAL A 298 9.50 -57.52 -30.19
N ASP A 299 9.73 -58.51 -29.33
CA ASP A 299 8.80 -59.64 -29.22
C ASP A 299 7.63 -59.39 -28.24
N ASN A 300 7.65 -58.27 -27.51
CA ASN A 300 6.60 -57.96 -26.53
C ASN A 300 6.16 -56.51 -26.68
N LEU A 301 5.33 -56.25 -27.69
CA LEU A 301 4.93 -54.89 -28.00
C LEU A 301 3.43 -54.67 -27.79
N ASP A 302 2.81 -55.53 -26.99
CA ASP A 302 1.37 -55.41 -26.73
C ASP A 302 1.07 -54.07 -26.09
N TRP A 303 2.04 -53.53 -25.33
CA TRP A 303 1.84 -52.24 -24.67
C TRP A 303 1.67 -51.08 -25.66
N THR A 304 1.89 -51.31 -26.96
CA THR A 304 1.69 -50.21 -27.92
C THR A 304 0.34 -50.29 -28.62
N VAL A 305 -0.45 -51.31 -28.30
CA VAL A 305 -1.72 -51.56 -28.99
C VAL A 305 -2.89 -50.76 -28.41
N ILE A 306 -3.61 -50.03 -29.28
CA ILE A 306 -4.65 -49.14 -28.79
C ILE A 306 -5.97 -49.82 -28.50
N GLN A 307 -6.39 -50.69 -29.40
CA GLN A 307 -7.74 -51.24 -29.27
C GLN A 307 -7.86 -52.27 -28.17
N ARG A 308 -9.09 -52.66 -27.94
CA ARG A 308 -9.41 -53.50 -26.80
C ARG A 308 -8.71 -54.86 -26.81
N ASN A 309 -8.31 -55.28 -25.62
CA ASN A 309 -7.71 -56.60 -25.39
C ASN A 309 -8.87 -57.59 -25.23
N ASP A 310 -8.92 -58.63 -26.06
CA ASP A 310 -10.01 -59.61 -25.98
C ASP A 310 -10.05 -60.39 -24.68
N SER A 311 -8.98 -60.35 -23.90
CA SER A 311 -9.00 -61.03 -22.61
C SER A 311 -9.49 -60.11 -21.48
N ALA A 312 -9.66 -58.81 -21.76
CA ALA A 312 -10.05 -57.89 -20.70
C ALA A 312 -11.50 -58.02 -20.26
N PRO A 313 -11.74 -58.23 -18.98
CA PRO A 313 -13.10 -58.24 -18.44
C PRO A 313 -13.84 -56.93 -18.72
N ILE A 314 -15.13 -57.06 -18.89
CA ILE A 314 -15.96 -55.88 -19.03
C ILE A 314 -16.27 -55.31 -17.64
N ARG A 315 -16.19 -53.98 -17.52
CA ARG A 315 -16.59 -53.37 -16.26
C ARG A 315 -18.08 -53.53 -16.06
N HIS A 316 -18.51 -53.57 -14.80
CA HIS A 316 -19.92 -53.74 -14.49
C HIS A 316 -20.79 -52.75 -15.27
N LEU A 317 -21.79 -53.29 -15.96
CA LEU A 317 -22.76 -52.53 -16.74
C LEU A 317 -22.25 -51.93 -18.06
N ASP A 318 -21.00 -52.21 -18.40
CA ASP A 318 -20.46 -51.70 -19.66
C ASP A 318 -20.98 -52.62 -20.79
N ASP A 319 -21.75 -53.65 -20.42
CA ASP A 319 -22.46 -54.44 -21.42
C ASP A 319 -23.81 -53.79 -21.78
N ARG A 320 -24.00 -52.54 -21.34
CA ARG A 320 -25.10 -51.69 -21.83
C ARG A 320 -24.54 -50.53 -22.66
N LYS A 321 -25.25 -50.16 -23.71
CA LYS A 321 -24.80 -49.07 -24.57
C LYS A 321 -24.72 -47.76 -23.80
N SER A 322 -23.68 -46.96 -24.04
CA SER A 322 -23.61 -45.67 -23.35
C SER A 322 -24.68 -44.70 -23.88
N PRO A 323 -24.91 -43.61 -23.17
CA PRO A 323 -25.97 -42.68 -23.61
C PRO A 323 -25.76 -42.07 -25.00
N ARG A 324 -26.88 -41.69 -25.60
CA ARG A 324 -26.93 -41.12 -26.94
C ARG A 324 -27.66 -39.79 -26.97
N LEU A 325 -27.12 -38.83 -27.69
CA LEU A 325 -27.83 -37.60 -27.92
C LEU A 325 -28.83 -37.85 -29.07
N VAL A 326 -30.08 -37.44 -28.88
CA VAL A 326 -31.04 -37.53 -29.98
C VAL A 326 -31.76 -36.19 -30.22
N GLU A 327 -32.35 -36.04 -31.40
CA GLU A 327 -33.15 -34.86 -31.69
C GLU A 327 -34.61 -35.30 -31.81
N PRO A 328 -35.37 -35.20 -30.73
CA PRO A 328 -36.78 -35.66 -30.76
C PRO A 328 -37.64 -35.05 -31.85
N GLU A 329 -37.37 -33.82 -32.25
CA GLU A 329 -38.20 -33.14 -33.23
C GLU A 329 -37.35 -32.65 -34.39
N GLY A 330 -36.23 -33.34 -34.62
CA GLY A 330 -35.37 -33.02 -35.74
C GLY A 330 -34.35 -31.92 -35.56
N ARG A 331 -33.68 -31.61 -36.66
CA ARG A 331 -32.52 -30.70 -36.65
C ARG A 331 -32.88 -29.21 -36.55
N ARG A 332 -32.10 -28.47 -35.78
CA ARG A 332 -32.43 -27.08 -35.49
C ARG A 332 -31.45 -26.06 -36.04
N TRP A 333 -30.51 -26.53 -36.87
CA TRP A 333 -29.67 -25.63 -37.64
C TRP A 333 -29.96 -25.87 -39.12
N ALA A 334 -29.67 -24.87 -39.94
CA ALA A 334 -29.93 -24.97 -41.37
C ALA A 334 -28.70 -24.60 -42.17
N TYR A 335 -28.66 -24.95 -43.44
CA TYR A 335 -27.49 -24.63 -44.24
C TYR A 335 -27.84 -24.53 -45.73
N ASP A 336 -26.94 -23.89 -46.46
CA ASP A 336 -27.02 -23.81 -47.92
C ASP A 336 -25.87 -24.69 -48.36
N GLY A 337 -26.19 -25.82 -48.97
CA GLY A 337 -25.16 -26.77 -49.32
C GLY A 337 -24.19 -26.27 -50.38
N GLU A 338 -24.69 -25.48 -51.33
CA GLU A 338 -23.81 -24.99 -52.40
C GLU A 338 -22.86 -23.90 -51.91
N GLU A 339 -23.27 -23.14 -50.91
CA GLU A 339 -22.45 -22.00 -50.49
C GLU A 339 -21.80 -22.20 -49.14
N GLU A 340 -22.02 -23.37 -48.54
CA GLU A 340 -21.48 -23.68 -47.22
C GLU A 340 -21.69 -22.53 -46.26
N TYR A 341 -22.95 -22.10 -46.21
CA TYR A 341 -23.40 -21.09 -45.28
C TYR A 341 -24.32 -21.76 -44.26
N PHE A 342 -24.13 -21.40 -42.99
CA PHE A 342 -24.83 -22.03 -41.86
C PHE A 342 -25.62 -21.03 -41.04
N SER A 343 -26.77 -21.46 -40.56
CA SER A 343 -27.58 -20.62 -39.69
C SER A 343 -28.07 -21.42 -38.49
N TRP A 344 -27.99 -20.83 -37.30
CA TRP A 344 -28.45 -21.49 -36.09
C TRP A 344 -28.73 -20.46 -35.02
N MET A 345 -29.98 -20.43 -34.55
CA MET A 345 -30.35 -19.52 -33.48
C MET A 345 -29.78 -18.09 -33.61
N ASP A 346 -29.95 -17.50 -34.80
CA ASP A 346 -29.57 -16.11 -35.12
C ASP A 346 -28.08 -15.92 -35.42
N TRP A 347 -27.30 -16.99 -35.35
CA TRP A 347 -25.95 -16.94 -35.88
C TRP A 347 -25.94 -17.28 -37.37
N GLY A 348 -25.02 -16.66 -38.09
CA GLY A 348 -24.76 -17.05 -39.46
C GLY A 348 -23.26 -17.04 -39.72
N PHE A 349 -22.80 -17.88 -40.64
CA PHE A 349 -21.42 -17.82 -41.09
C PHE A 349 -21.20 -18.68 -42.31
N TYR A 350 -20.10 -18.43 -43.03
CA TYR A 350 -19.69 -19.31 -44.12
C TYR A 350 -18.42 -20.03 -43.69
N THR A 351 -18.22 -21.25 -44.20
CA THR A 351 -16.95 -21.94 -43.99
C THR A 351 -16.14 -22.01 -45.28
N SER A 352 -14.85 -22.28 -45.13
CA SER A 352 -13.96 -22.41 -46.26
C SER A 352 -12.91 -23.44 -45.86
N TRP A 353 -12.25 -24.05 -46.84
CA TRP A 353 -11.32 -25.13 -46.52
C TRP A 353 -10.06 -25.00 -47.31
N SER A 354 -8.93 -25.19 -46.64
CA SER A 354 -7.65 -25.15 -47.33
C SER A 354 -6.82 -26.37 -47.00
N ARG A 355 -5.94 -26.72 -47.93
CA ARG A 355 -5.02 -27.83 -47.70
C ARG A 355 -4.11 -27.51 -46.52
N ASP A 356 -3.61 -26.28 -46.45
CA ASP A 356 -2.67 -25.96 -45.38
C ASP A 356 -3.28 -26.08 -43.98
N THR A 357 -4.48 -25.52 -43.79
CA THR A 357 -4.98 -25.33 -42.42
C THR A 357 -6.28 -26.00 -42.06
N GLY A 358 -6.97 -26.55 -43.06
CA GLY A 358 -8.29 -27.08 -42.81
C GLY A 358 -9.34 -25.98 -42.85
N ILE A 359 -10.23 -25.97 -41.86
CA ILE A 359 -11.40 -25.07 -41.92
C ILE A 359 -11.12 -23.62 -41.50
N SER A 360 -11.88 -22.71 -42.11
CA SER A 360 -11.83 -21.30 -41.77
C SER A 360 -13.29 -20.83 -41.73
N PHE A 361 -13.54 -19.74 -41.00
CA PHE A 361 -14.86 -19.15 -40.96
C PHE A 361 -14.83 -17.69 -41.44
N TYR A 362 -15.81 -17.32 -42.25
CA TYR A 362 -15.90 -15.95 -42.69
C TYR A 362 -17.27 -15.35 -42.41
N ASP A 363 -17.27 -14.05 -42.15
CA ASP A 363 -18.51 -13.31 -42.01
C ASP A 363 -19.41 -13.94 -40.93
N ILE A 364 -18.86 -14.12 -39.75
CA ILE A 364 -19.65 -14.65 -38.64
C ILE A 364 -20.53 -13.53 -38.10
N THR A 365 -21.85 -13.73 -38.16
CA THR A 365 -22.81 -12.76 -37.68
C THR A 365 -23.62 -13.34 -36.55
N PHE A 366 -24.07 -12.46 -35.65
CA PHE A 366 -25.02 -12.82 -34.60
C PHE A 366 -26.10 -11.76 -34.59
N LYS A 367 -27.35 -12.20 -34.68
CA LYS A 367 -28.47 -11.27 -34.69
C LYS A 367 -28.28 -10.19 -35.75
N GLY A 368 -27.76 -10.64 -36.88
CA GLY A 368 -27.69 -9.82 -38.08
C GLY A 368 -26.52 -8.88 -38.17
N GLU A 369 -25.62 -8.90 -37.19
CA GLU A 369 -24.48 -8.04 -37.26
C GLU A 369 -23.21 -8.85 -37.29
N ARG A 370 -22.28 -8.46 -38.13
CA ARG A 370 -21.01 -9.15 -38.16
C ARG A 370 -20.21 -8.91 -36.88
N ILE A 371 -19.73 -9.98 -36.25
CA ILE A 371 -18.79 -9.81 -35.13
C ILE A 371 -17.35 -10.20 -35.53
N VAL A 372 -17.20 -11.10 -36.49
CA VAL A 372 -15.86 -11.57 -36.88
C VAL A 372 -15.82 -11.69 -38.40
N TYR A 373 -14.92 -10.94 -39.04
CA TYR A 373 -14.78 -11.03 -40.49
C TYR A 373 -14.14 -12.36 -40.91
N GLU A 374 -13.07 -12.74 -40.20
CA GLU A 374 -12.35 -13.98 -40.48
C GLU A 374 -11.89 -14.61 -39.16
N LEU A 375 -12.11 -15.92 -39.00
CA LEU A 375 -11.60 -16.68 -37.84
C LEU A 375 -10.89 -17.86 -38.48
N SER A 376 -9.58 -17.95 -38.30
CA SER A 376 -8.85 -18.99 -39.02
C SER A 376 -7.59 -19.46 -38.31
N LEU A 377 -7.55 -20.76 -38.05
CA LEU A 377 -6.34 -21.40 -37.57
C LEU A 377 -5.25 -21.13 -38.60
N GLN A 378 -4.07 -20.74 -38.11
CA GLN A 378 -2.97 -20.35 -38.99
C GLN A 378 -1.82 -21.32 -39.05
N GLU A 379 -1.53 -21.96 -37.93
CA GLU A 379 -0.31 -22.78 -37.78
C GLU A 379 -0.43 -23.60 -36.52
N LEU A 380 0.23 -24.76 -36.52
CA LEU A 380 0.38 -25.53 -35.30
C LEU A 380 1.80 -26.01 -35.29
N ILE A 381 2.53 -25.81 -34.20
CA ILE A 381 3.89 -26.32 -34.11
C ILE A 381 4.02 -27.33 -32.99
N ALA A 382 5.04 -28.17 -33.11
CA ALA A 382 5.38 -29.15 -32.05
C ALA A 382 6.90 -29.09 -31.96
N GLU A 383 7.36 -28.56 -30.84
CA GLU A 383 8.77 -28.25 -30.63
C GLU A 383 9.30 -29.05 -29.48
N TYR A 384 10.21 -29.97 -29.79
CA TYR A 384 10.74 -30.92 -28.80
C TYR A 384 12.02 -30.44 -28.13
N GLY A 385 12.18 -30.81 -26.86
CA GLY A 385 13.43 -30.65 -26.15
C GLY A 385 13.95 -32.03 -25.80
N SER A 386 15.24 -32.27 -25.96
CA SER A 386 15.75 -33.63 -25.77
C SER A 386 17.25 -33.67 -25.54
N ASP A 387 17.75 -34.83 -25.10
CA ASP A 387 19.18 -35.08 -25.03
C ASP A 387 19.71 -35.58 -26.37
N ASP A 388 18.80 -35.96 -27.27
CA ASP A 388 19.22 -36.64 -28.49
C ASP A 388 19.09 -35.76 -29.74
N PRO A 389 19.88 -36.04 -30.76
CA PRO A 389 19.88 -35.18 -31.94
C PRO A 389 18.71 -35.37 -32.90
N PHE A 390 17.77 -36.26 -32.58
CA PHE A 390 16.60 -36.33 -33.43
C PHE A 390 15.52 -35.45 -32.81
N ASN A 391 15.11 -35.78 -31.59
CA ASN A 391 14.09 -34.97 -30.95
C ASN A 391 14.52 -33.51 -30.71
N GLN A 392 15.78 -33.27 -30.38
CA GLN A 392 16.22 -31.90 -30.12
C GLN A 392 16.20 -31.07 -31.41
N HIS A 393 16.18 -31.74 -32.56
CA HIS A 393 16.08 -31.05 -33.84
C HIS A 393 14.68 -31.12 -34.46
N THR A 394 13.70 -31.48 -33.64
CA THR A 394 12.32 -31.55 -34.12
C THR A 394 11.53 -30.30 -33.76
N PHE A 395 11.10 -29.57 -34.78
CA PHE A 395 10.27 -28.37 -34.59
C PHE A 395 9.32 -28.37 -35.79
N TYR A 396 8.28 -29.18 -35.73
CA TYR A 396 7.36 -29.29 -36.85
C TYR A 396 6.49 -28.08 -37.06
N SER A 397 6.30 -27.79 -38.35
CA SER A 397 5.26 -26.86 -38.77
C SER A 397 4.17 -27.74 -39.36
N ASP A 398 3.03 -27.88 -38.68
CA ASP A 398 2.05 -28.82 -39.22
C ASP A 398 1.41 -28.36 -40.52
N ILE A 399 1.37 -27.05 -40.78
CA ILE A 399 0.77 -26.63 -42.05
C ILE A 399 1.72 -26.93 -43.23
N SER A 400 3.00 -27.15 -42.93
CA SER A 400 3.92 -27.53 -44.00
C SER A 400 3.51 -28.93 -44.49
N TYR A 401 3.16 -29.83 -43.56
CA TYR A 401 2.63 -31.18 -43.88
C TYR A 401 1.22 -31.11 -44.46
N GLY A 402 0.43 -30.18 -43.94
CA GLY A 402 -0.95 -29.99 -44.36
C GLY A 402 -1.83 -30.42 -43.21
N VAL A 403 -2.71 -29.54 -42.78
CA VAL A 403 -3.71 -29.91 -41.78
C VAL A 403 -5.02 -30.28 -42.46
N GLY A 404 -5.23 -29.75 -43.67
CA GLY A 404 -6.48 -29.97 -44.37
C GLY A 404 -6.45 -31.04 -45.43
N ASN A 405 -5.44 -31.91 -45.40
CA ASN A 405 -5.33 -32.97 -46.40
C ASN A 405 -5.30 -34.36 -45.77
N ARG A 406 -6.12 -34.54 -44.74
CA ARG A 406 -6.09 -35.79 -43.98
C ARG A 406 -7.34 -36.64 -44.18
N PHE A 407 -7.89 -37.19 -43.10
CA PHE A 407 -8.89 -38.27 -43.19
C PHE A 407 -10.31 -37.84 -42.82
N SER A 408 -11.28 -38.69 -43.17
CA SER A 408 -12.67 -38.45 -42.85
C SER A 408 -12.94 -38.68 -41.36
N LEU A 409 -14.03 -38.09 -40.87
CA LEU A 409 -14.52 -38.29 -39.50
C LEU A 409 -15.25 -39.63 -39.43
N VAL A 410 -15.11 -40.35 -38.30
CA VAL A 410 -15.82 -41.63 -38.07
C VAL A 410 -17.18 -41.32 -37.44
N PRO A 411 -18.25 -41.58 -38.17
CA PRO A 411 -19.59 -41.26 -37.67
C PRO A 411 -19.88 -41.90 -36.32
N GLY A 412 -20.73 -41.25 -35.53
CA GLY A 412 -21.14 -41.77 -34.24
C GLY A 412 -20.10 -41.59 -33.14
N TYR A 413 -18.83 -41.68 -33.51
CA TYR A 413 -17.74 -41.60 -32.54
C TYR A 413 -17.02 -40.26 -32.56
N ASP A 414 -16.54 -39.83 -33.73
CA ASP A 414 -15.84 -38.56 -33.77
C ASP A 414 -16.80 -37.38 -33.62
N CYS A 415 -18.05 -37.60 -34.00
CA CYS A 415 -19.11 -36.63 -33.81
C CYS A 415 -20.36 -37.43 -33.44
N PRO A 416 -21.27 -36.83 -32.69
CA PRO A 416 -22.52 -37.51 -32.35
C PRO A 416 -23.30 -37.95 -33.61
N ALA A 417 -24.14 -38.97 -33.46
CA ALA A 417 -24.97 -39.49 -34.56
C ALA A 417 -25.89 -38.45 -35.21
N THR A 418 -26.19 -37.37 -34.49
CA THR A 418 -27.07 -36.32 -35.03
C THR A 418 -26.31 -35.30 -35.89
N ALA A 419 -25.01 -35.50 -36.09
CA ALA A 419 -24.26 -34.55 -36.91
C ALA A 419 -24.60 -34.64 -38.38
N GLY A 420 -24.41 -33.51 -39.07
CA GLY A 420 -24.42 -33.51 -40.51
C GLY A 420 -22.96 -33.41 -40.95
N TYR A 421 -22.64 -33.97 -42.12
CA TYR A 421 -21.26 -34.03 -42.63
C TYR A 421 -21.11 -33.28 -43.94
N PHE A 422 -19.91 -32.73 -44.12
CA PHE A 422 -19.61 -31.87 -45.26
C PHE A 422 -18.37 -32.30 -45.99
N THR A 423 -18.47 -32.26 -47.31
CA THR A 423 -17.36 -32.59 -48.16
C THR A 423 -16.51 -31.36 -48.51
N THR A 424 -15.20 -31.52 -48.55
CA THR A 424 -14.34 -30.42 -48.99
C THR A 424 -13.35 -30.95 -49.99
N ASP A 425 -12.50 -30.09 -50.51
CA ASP A 425 -11.56 -30.59 -51.49
C ASP A 425 -10.27 -29.81 -51.50
N THR A 426 -9.24 -30.43 -52.07
CA THR A 426 -7.93 -29.83 -52.20
C THR A 426 -7.31 -30.37 -53.48
N PHE A 427 -6.17 -29.79 -53.84
CA PHE A 427 -5.42 -30.24 -55.01
C PHE A 427 -3.96 -30.31 -54.64
N GLU A 428 -3.34 -31.45 -54.91
CA GLU A 428 -1.91 -31.58 -54.70
C GLU A 428 -1.27 -32.48 -55.76
N TYR A 429 -0.15 -32.04 -56.32
CA TYR A 429 0.63 -32.91 -57.19
C TYR A 429 -0.21 -33.65 -58.22
N ASP A 430 -0.86 -32.90 -59.10
CA ASP A 430 -1.61 -33.49 -60.21
C ASP A 430 -2.95 -34.13 -59.88
N GLU A 431 -3.36 -34.16 -58.60
CA GLU A 431 -4.63 -34.79 -58.25
C GLU A 431 -5.57 -33.88 -57.45
N PHE A 432 -6.85 -33.93 -57.78
CA PHE A 432 -7.89 -33.20 -57.06
C PHE A 432 -8.47 -34.23 -56.11
N TYR A 433 -8.55 -33.86 -54.84
CA TYR A 433 -8.98 -34.77 -53.78
C TYR A 433 -10.35 -34.35 -53.29
N ASN A 434 -11.28 -35.28 -53.30
CA ASN A 434 -12.58 -35.04 -52.73
C ASN A 434 -12.56 -35.70 -51.37
N ARG A 435 -12.88 -34.95 -50.31
CA ARG A 435 -12.80 -35.51 -48.95
C ARG A 435 -14.19 -35.50 -48.31
N THR A 436 -14.88 -36.64 -48.30
CA THR A 436 -16.20 -36.70 -47.68
C THR A 436 -16.00 -36.76 -46.18
N LEU A 437 -17.05 -36.42 -45.46
CA LEU A 437 -17.02 -36.48 -44.00
C LEU A 437 -15.82 -35.67 -43.47
N SER A 438 -15.56 -34.55 -44.11
CA SER A 438 -14.41 -33.69 -43.80
C SER A 438 -14.59 -32.88 -42.53
N TYR A 439 -15.77 -32.31 -42.35
CA TYR A 439 -16.10 -31.67 -41.09
C TYR A 439 -17.53 -31.97 -40.74
N CYS A 440 -17.90 -31.78 -39.48
CA CYS A 440 -19.25 -32.09 -39.08
C CYS A 440 -19.85 -30.93 -38.32
N VAL A 441 -21.18 -30.90 -38.30
CA VAL A 441 -21.90 -29.85 -37.61
C VAL A 441 -22.97 -30.53 -36.76
N PHE A 442 -23.07 -30.16 -35.49
CA PHE A 442 -24.07 -30.77 -34.63
C PHE A 442 -24.51 -29.84 -33.52
N GLU A 443 -25.74 -30.03 -33.04
CA GLU A 443 -26.20 -29.28 -31.90
C GLU A 443 -26.04 -30.17 -30.67
N ASN A 444 -25.34 -29.68 -29.67
CA ASN A 444 -25.20 -30.45 -28.43
C ASN A 444 -26.20 -29.94 -27.42
N GLN A 445 -26.53 -30.75 -26.43
CA GLN A 445 -27.24 -30.25 -25.28
C GLN A 445 -26.16 -30.29 -24.21
N GLU A 446 -25.67 -29.12 -23.78
CA GLU A 446 -24.62 -29.16 -22.76
C GLU A 446 -25.25 -29.66 -21.47
N ASP A 447 -24.42 -30.24 -20.61
CA ASP A 447 -24.99 -30.90 -19.42
C ASP A 447 -25.21 -29.98 -18.24
N TYR A 448 -25.15 -28.68 -18.50
CA TYR A 448 -25.44 -27.67 -17.48
C TYR A 448 -26.31 -26.63 -18.19
N SER A 449 -27.18 -25.94 -17.45
CA SER A 449 -28.06 -24.96 -18.08
C SER A 449 -27.32 -23.66 -18.37
N LEU A 450 -27.86 -22.84 -19.26
CA LEU A 450 -27.20 -21.58 -19.58
C LEU A 450 -27.26 -20.61 -18.41
N LEU A 451 -28.39 -20.59 -17.72
CA LEU A 451 -28.55 -19.74 -16.54
C LEU A 451 -29.76 -20.23 -15.77
N ARG A 452 -29.93 -19.72 -14.57
CA ARG A 452 -31.09 -20.08 -13.76
C ARG A 452 -31.20 -19.13 -12.60
N HIS A 453 -32.40 -19.06 -12.04
CA HIS A 453 -32.56 -18.50 -10.72
C HIS A 453 -33.81 -19.02 -10.05
N THR A 454 -33.73 -19.23 -8.75
CA THR A 454 -34.90 -19.64 -7.97
C THR A 454 -35.07 -18.54 -6.98
N GLY A 455 -36.24 -17.91 -6.97
CA GLY A 455 -36.53 -17.06 -5.84
C GLY A 455 -37.95 -16.60 -5.88
N ALA A 456 -38.41 -16.02 -4.77
CA ALA A 456 -39.69 -15.35 -4.81
C ALA A 456 -40.77 -16.21 -5.47
N SER A 457 -40.80 -17.50 -5.10
CA SER A 457 -41.84 -18.41 -5.56
C SER A 457 -41.80 -18.78 -7.04
N TYR A 458 -40.62 -18.65 -7.65
CA TYR A 458 -40.48 -19.13 -9.01
C TYR A 458 -39.12 -19.76 -9.22
N SER A 459 -39.01 -20.55 -10.28
CA SER A 459 -37.72 -21.01 -10.79
C SER A 459 -37.70 -20.79 -12.30
N ALA A 460 -36.66 -20.13 -12.78
CA ALA A 460 -36.52 -19.84 -14.21
C ALA A 460 -35.22 -20.48 -14.64
N ILE A 461 -35.25 -21.35 -15.64
CA ILE A 461 -34.03 -22.04 -16.10
C ILE A 461 -34.01 -22.03 -17.61
N THR A 462 -32.87 -21.70 -18.18
CA THR A 462 -32.71 -21.69 -19.61
C THR A 462 -31.71 -22.77 -19.96
N GLN A 463 -32.07 -23.60 -20.94
CA GLN A 463 -31.18 -24.64 -21.38
C GLN A 463 -30.01 -24.07 -22.19
N ASN A 464 -29.01 -24.92 -22.37
CA ASN A 464 -27.79 -24.59 -23.05
C ASN A 464 -27.49 -25.45 -24.28
N PRO A 465 -28.30 -25.36 -25.32
CA PRO A 465 -27.96 -26.05 -26.56
C PRO A 465 -26.89 -25.24 -27.29
N THR A 466 -25.95 -25.92 -27.95
CA THR A 466 -24.88 -25.21 -28.67
C THR A 466 -24.70 -25.74 -30.06
N LEU A 467 -24.31 -24.88 -30.99
CA LEU A 467 -23.93 -25.36 -32.31
C LEU A 467 -22.43 -25.67 -32.24
N ASN A 468 -22.04 -26.78 -32.85
CA ASN A 468 -20.65 -27.23 -32.83
C ASN A 468 -20.18 -27.59 -34.22
N VAL A 469 -19.01 -27.08 -34.60
CA VAL A 469 -18.40 -27.40 -35.88
C VAL A 469 -17.06 -28.05 -35.52
N ARG A 470 -16.85 -29.26 -35.99
CA ARG A 470 -15.61 -30.00 -35.68
C ARG A 470 -14.93 -30.54 -36.93
N PHE A 471 -13.60 -30.54 -36.90
CA PHE A 471 -12.89 -31.44 -37.80
C PHE A 471 -11.71 -32.01 -37.04
N ILE A 472 -11.19 -33.13 -37.50
CA ILE A 472 -10.08 -33.81 -36.83
C ILE A 472 -9.00 -34.03 -37.86
N SER A 473 -7.79 -33.59 -37.52
CA SER A 473 -6.69 -33.76 -38.45
C SER A 473 -5.69 -34.73 -37.83
N THR A 474 -5.58 -35.92 -38.41
CA THR A 474 -4.56 -36.89 -37.96
C THR A 474 -3.35 -36.70 -38.86
N ILE A 475 -2.27 -36.18 -38.27
CA ILE A 475 -1.08 -35.88 -39.02
C ILE A 475 -0.02 -36.82 -38.51
N GLY A 476 0.14 -37.96 -39.20
CA GLY A 476 1.09 -38.97 -38.77
C GLY A 476 0.62 -39.53 -37.44
N ASN A 477 1.49 -39.45 -36.44
CA ASN A 477 1.17 -39.97 -35.10
C ASN A 477 0.11 -39.17 -34.36
N TPQ A 478 -0.06 -37.82 -34.57
CA TPQ A 478 -0.90 -36.99 -33.69
CB TPQ A 478 -0.40 -35.56 -33.37
C TPQ A 478 -2.31 -36.91 -34.27
O TPQ A 478 -2.46 -36.79 -35.49
C1 TPQ A 478 0.32 -35.56 -32.01
C2 TPQ A 478 1.80 -35.56 -31.98
O2 TPQ A 478 2.43 -35.55 -33.06
C3 TPQ A 478 2.53 -35.56 -30.67
C4 TPQ A 478 1.82 -35.56 -29.48
O4 TPQ A 478 2.40 -35.57 -28.38
C5 TPQ A 478 0.34 -35.57 -29.51
O5 TPQ A 478 -0.28 -35.58 -28.39
C6 TPQ A 478 -0.38 -35.57 -30.81
N ASP A 479 -3.28 -36.73 -33.38
CA ASP A 479 -4.70 -36.54 -33.78
C ASP A 479 -5.18 -35.25 -33.15
N TYR A 480 -5.45 -34.23 -33.97
CA TYR A 480 -5.88 -32.94 -33.44
C TYR A 480 -7.37 -32.73 -33.64
N ASN A 481 -8.08 -32.45 -32.55
CA ASN A 481 -9.55 -32.34 -32.59
C ASN A 481 -9.93 -30.88 -32.37
N PHE A 482 -10.42 -30.24 -33.42
CA PHE A 482 -10.75 -28.82 -33.40
C PHE A 482 -12.26 -28.63 -33.27
N LEU A 483 -12.68 -27.75 -32.36
CA LEU A 483 -14.09 -27.54 -32.13
C LEU A 483 -14.39 -26.06 -32.03
N TYR A 484 -15.48 -25.66 -32.64
CA TYR A 484 -15.97 -24.30 -32.60
C TYR A 484 -17.39 -24.43 -32.07
N LYS A 485 -17.63 -23.83 -30.90
CA LYS A 485 -18.89 -24.00 -30.16
C LYS A 485 -19.57 -22.65 -29.97
N PHE A 486 -20.78 -22.56 -30.49
CA PHE A 486 -21.55 -21.31 -30.45
C PHE A 486 -22.72 -21.43 -29.47
N PHE A 487 -22.89 -20.37 -28.68
CA PHE A 487 -23.91 -20.32 -27.63
C PHE A 487 -25.03 -19.31 -27.93
N LEU A 488 -26.17 -19.47 -27.25
CA LEU A 488 -27.36 -18.65 -27.51
C LEU A 488 -27.22 -17.16 -27.26
N ASP A 489 -26.29 -16.76 -26.39
CA ASP A 489 -26.13 -15.35 -26.03
C ASP A 489 -25.23 -14.56 -27.00
N GLY A 490 -24.50 -15.25 -27.88
CA GLY A 490 -23.55 -14.55 -28.73
C GLY A 490 -22.10 -14.90 -28.42
N THR A 491 -21.91 -15.82 -27.50
CA THR A 491 -20.55 -16.32 -27.18
C THR A 491 -20.09 -17.48 -28.07
N LEU A 492 -18.80 -17.45 -28.44
CA LEU A 492 -18.19 -18.47 -29.29
C LEU A 492 -16.95 -18.97 -28.55
N GLU A 493 -16.79 -20.29 -28.48
CA GLU A 493 -15.60 -20.90 -27.89
C GLU A 493 -14.82 -21.66 -28.95
N VAL A 494 -13.52 -21.38 -29.01
CA VAL A 494 -12.62 -22.04 -29.94
C VAL A 494 -11.76 -22.96 -29.11
N SER A 495 -11.64 -24.23 -29.51
CA SER A 495 -10.83 -25.15 -28.72
C SER A 495 -10.15 -26.23 -29.52
N VAL A 496 -9.16 -26.84 -28.91
CA VAL A 496 -8.49 -27.97 -29.49
C VAL A 496 -8.25 -29.00 -28.40
N ARG A 497 -8.27 -30.26 -28.79
CA ARG A 497 -7.84 -31.33 -27.91
C ARG A 497 -6.91 -32.19 -28.73
N ALA A 498 -5.89 -32.74 -28.10
CA ALA A 498 -4.93 -33.56 -28.83
C ALA A 498 -4.87 -35.00 -28.30
N ALA A 499 -4.53 -35.93 -29.19
CA ALA A 499 -4.40 -37.33 -28.79
C ALA A 499 -3.53 -38.03 -29.82
N GLY A 500 -3.50 -39.35 -29.76
CA GLY A 500 -2.72 -40.14 -30.68
C GLY A 500 -1.44 -40.65 -30.04
N TYR A 501 -0.49 -41.03 -30.86
CA TYR A 501 0.80 -41.52 -30.38
C TYR A 501 1.79 -40.39 -30.19
N ILE A 502 2.47 -40.36 -29.07
CA ILE A 502 3.48 -39.34 -28.87
C ILE A 502 4.73 -39.65 -29.67
N GLN A 503 5.50 -38.61 -29.96
CA GLN A 503 6.84 -38.83 -30.49
C GLN A 503 7.73 -38.96 -29.26
N ALA A 504 7.95 -40.20 -28.84
CA ALA A 504 8.81 -40.51 -27.71
C ALA A 504 10.27 -40.51 -28.15
N GLY A 505 11.17 -40.82 -27.22
CA GLY A 505 12.58 -40.85 -27.55
C GLY A 505 13.23 -42.03 -26.86
N TYR A 506 14.38 -42.47 -27.36
CA TYR A 506 15.05 -43.54 -26.65
C TYR A 506 15.49 -43.06 -25.25
N TRP A 507 15.30 -43.89 -24.23
CA TRP A 507 15.73 -43.53 -22.88
C TRP A 507 17.15 -43.98 -22.58
N ASN A 508 18.06 -43.02 -22.45
CA ASN A 508 19.44 -43.29 -22.03
C ASN A 508 19.54 -42.73 -20.61
N PRO A 509 19.74 -43.60 -19.62
CA PRO A 509 19.74 -43.17 -18.22
C PRO A 509 20.78 -42.10 -17.90
N GLU A 510 21.87 -42.06 -18.66
CA GLU A 510 22.91 -41.07 -18.41
C GLU A 510 22.52 -39.65 -18.75
N THR A 511 21.65 -39.49 -19.74
CA THR A 511 21.37 -38.14 -20.26
C THR A 511 19.93 -37.77 -20.51
N SER A 512 19.01 -38.74 -20.48
CA SER A 512 17.64 -38.44 -20.89
C SER A 512 16.75 -37.80 -19.84
N ALA A 513 17.14 -37.91 -18.57
CA ALA A 513 16.25 -37.46 -17.47
C ALA A 513 15.83 -35.98 -17.44
N PRO A 514 16.68 -35.04 -17.83
CA PRO A 514 16.22 -33.64 -17.85
C PRO A 514 15.19 -33.34 -18.93
N TYR A 515 14.91 -34.28 -19.83
CA TYR A 515 14.05 -34.00 -20.98
C TYR A 515 12.85 -34.90 -21.11
N GLY A 516 12.59 -35.74 -20.10
CA GLY A 516 11.46 -36.64 -20.23
C GLY A 516 11.45 -37.67 -19.11
N LEU A 517 10.28 -38.26 -18.88
CA LEU A 517 10.15 -39.36 -17.95
C LEU A 517 10.34 -40.71 -18.62
N LYS A 518 10.90 -41.67 -17.87
CA LYS A 518 11.03 -43.02 -18.39
C LYS A 518 9.64 -43.64 -18.32
N ILE A 519 9.07 -44.02 -19.48
CA ILE A 519 7.68 -44.48 -19.47
C ILE A 519 7.56 -45.90 -19.97
N HIS A 520 8.68 -46.47 -20.39
CA HIS A 520 8.72 -47.89 -20.73
C HIS A 520 10.18 -48.31 -20.66
N ASP A 521 10.46 -49.61 -20.77
CA ASP A 521 11.83 -50.14 -20.58
C ASP A 521 12.97 -49.31 -21.15
N VAL A 522 12.85 -48.93 -22.41
CA VAL A 522 13.88 -48.06 -23.00
C VAL A 522 13.27 -46.82 -23.66
N LEU A 523 12.19 -46.30 -23.07
CA LEU A 523 11.46 -45.20 -23.68
C LEU A 523 11.29 -43.97 -22.81
N SER A 524 11.59 -42.82 -23.38
CA SER A 524 11.34 -41.57 -22.70
C SER A 524 10.11 -40.87 -23.29
N GLY A 525 9.31 -40.24 -22.42
N GLY A 525 9.26 -40.33 -22.41
CA GLY A 525 8.23 -39.37 -22.87
CA GLY A 525 8.02 -39.71 -22.85
C GLY A 525 8.77 -37.96 -23.16
C GLY A 525 8.36 -38.48 -23.68
N SER A 526 9.56 -37.86 -24.24
N SER A 526 9.63 -38.05 -23.51
CA SER A 526 10.13 -36.58 -24.64
CA SER A 526 10.16 -36.80 -24.07
C SER A 526 9.21 -35.34 -24.46
C SER A 526 9.34 -35.60 -23.52
N PHE A 527 9.80 -34.31 -23.88
N PHE A 527 9.56 -34.43 -24.13
CA PHE A 527 9.09 -33.08 -23.53
CA PHE A 527 9.01 -33.14 -23.62
C PHE A 527 8.92 -32.20 -24.79
C PHE A 527 8.90 -32.23 -24.81
N HIS A 528 7.72 -31.65 -24.99
CA HIS A 528 7.53 -30.79 -26.13
C HIS A 528 6.43 -29.79 -25.86
N ASP A 529 6.49 -28.68 -26.60
CA ASP A 529 5.35 -27.80 -26.65
C ASP A 529 4.51 -27.95 -27.91
N HIS A 530 3.18 -27.91 -27.76
CA HIS A 530 2.29 -27.75 -28.89
C HIS A 530 1.84 -26.30 -28.81
N VAL A 531 1.91 -25.55 -29.91
CA VAL A 531 1.33 -24.21 -29.88
C VAL A 531 0.57 -23.99 -31.17
N LEU A 532 -0.61 -23.40 -31.08
CA LEU A 532 -1.42 -23.11 -32.25
C LEU A 532 -1.76 -21.62 -32.32
N ASN A 533 -1.76 -21.06 -33.53
CA ASN A 533 -2.10 -19.64 -33.70
C ASN A 533 -3.42 -19.51 -34.45
N TYR A 534 -4.30 -18.62 -33.97
CA TYR A 534 -5.57 -18.34 -34.63
C TYR A 534 -5.62 -16.87 -35.02
N LYS A 535 -5.98 -16.62 -36.27
CA LYS A 535 -6.25 -15.26 -36.71
C LYS A 535 -7.71 -14.95 -36.35
N VAL A 536 -7.93 -13.97 -35.48
CA VAL A 536 -9.28 -13.65 -35.00
C VAL A 536 -9.54 -12.21 -35.39
N ASP A 537 -10.09 -12.03 -36.59
CA ASP A 537 -10.36 -10.68 -37.05
C ASP A 537 -11.75 -10.24 -36.58
N LEU A 538 -11.84 -9.91 -35.29
CA LEU A 538 -13.05 -9.33 -34.71
C LEU A 538 -13.27 -7.96 -35.32
N ASP A 539 -14.52 -7.66 -35.62
CA ASP A 539 -14.94 -6.35 -36.10
C ASP A 539 -16.16 -6.04 -35.24
N VAL A 540 -15.96 -5.47 -34.05
CA VAL A 540 -17.04 -5.25 -33.08
C VAL A 540 -17.74 -3.92 -33.31
N GLY A 541 -19.00 -3.95 -33.71
CA GLY A 541 -19.69 -2.69 -34.01
C GLY A 541 -18.95 -1.92 -35.10
N GLY A 542 -18.67 -2.60 -36.21
CA GLY A 542 -17.92 -2.05 -37.33
C GLY A 542 -16.47 -2.49 -37.40
N THR A 543 -15.77 -2.14 -38.47
CA THR A 543 -14.35 -2.47 -38.54
C THR A 543 -13.49 -1.58 -37.66
N LYS A 544 -13.89 -0.31 -37.50
CA LYS A 544 -13.05 0.60 -36.72
C LYS A 544 -13.18 0.30 -35.23
N ASN A 545 -12.10 -0.19 -34.63
CA ASN A 545 -12.17 -0.62 -33.24
C ASN A 545 -11.02 -0.08 -32.39
N ARG A 546 -11.06 -0.40 -31.09
CA ARG A 546 -10.00 -0.10 -30.14
C ARG A 546 -9.83 -1.37 -29.34
N ALA A 547 -8.65 -1.57 -28.75
CA ALA A 547 -8.43 -2.71 -27.90
C ALA A 547 -8.11 -2.09 -26.56
N SER A 548 -8.67 -2.67 -25.51
CA SER A 548 -8.47 -2.11 -24.18
C SER A 548 -8.35 -3.24 -23.18
N LYS A 549 -7.90 -2.92 -21.98
CA LYS A 549 -7.93 -3.94 -20.92
C LYS A 549 -8.45 -3.27 -19.68
N TYR A 550 -9.30 -3.97 -18.94
CA TYR A 550 -9.63 -3.53 -17.60
C TYR A 550 -8.63 -4.21 -16.68
N VAL A 551 -7.75 -3.43 -16.08
CA VAL A 551 -6.72 -3.94 -15.18
C VAL A 551 -7.29 -3.95 -13.76
N MET A 552 -7.12 -5.07 -13.07
CA MET A 552 -7.65 -5.22 -11.71
C MET A 552 -6.50 -5.17 -10.72
N LYS A 553 -6.63 -4.37 -9.68
CA LYS A 553 -5.53 -4.30 -8.72
C LYS A 553 -5.99 -4.07 -7.28
N ASP A 554 -5.17 -4.42 -6.30
CA ASP A 554 -5.53 -4.05 -4.93
C ASP A 554 -4.91 -2.69 -4.66
N VAL A 555 -5.62 -1.88 -3.88
CA VAL A 555 -5.19 -0.52 -3.63
C VAL A 555 -5.66 -0.09 -2.26
N ASP A 556 -4.93 0.82 -1.66
CA ASP A 556 -5.33 1.38 -0.39
C ASP A 556 -6.01 2.72 -0.66
N VAL A 557 -7.17 2.91 -0.07
CA VAL A 557 -7.91 4.15 -0.26
C VAL A 557 -8.53 4.65 1.03
N GLU A 558 -8.93 5.93 1.04
CA GLU A 558 -9.78 6.45 2.10
C GLU A 558 -11.08 6.92 1.46
N TYR A 559 -12.20 6.70 2.14
CA TYR A 559 -13.49 7.10 1.61
C TYR A 559 -14.03 8.35 2.32
N PRO A 560 -14.78 9.19 1.62
CA PRO A 560 -15.37 10.38 2.26
C PRO A 560 -16.26 10.08 3.45
N TRP A 561 -16.87 8.90 3.45
CA TRP A 561 -17.77 8.56 4.56
C TRP A 561 -17.04 7.94 5.77
N ALA A 562 -15.72 7.80 5.71
CA ALA A 562 -14.96 7.36 6.91
C ALA A 562 -13.62 8.03 6.89
N PRO A 563 -13.60 9.33 7.14
CA PRO A 563 -12.36 10.09 6.98
C PRO A 563 -11.25 9.52 7.85
N GLY A 564 -10.05 9.43 7.30
CA GLY A 564 -8.92 8.90 8.04
C GLY A 564 -8.75 7.40 8.13
N THR A 565 -9.73 6.64 7.65
CA THR A 565 -9.70 5.19 7.75
C THR A 565 -9.21 4.57 6.46
N VAL A 566 -8.02 3.99 6.47
CA VAL A 566 -7.53 3.39 5.24
C VAL A 566 -8.09 1.99 5.03
N TYR A 567 -8.59 1.75 3.83
CA TYR A 567 -9.09 0.43 3.50
C TYR A 567 -8.24 -0.14 2.38
N ASN A 568 -7.91 -1.43 2.47
CA ASN A 568 -7.28 -2.11 1.35
C ASN A 568 -8.45 -2.69 0.56
N THR A 569 -8.64 -2.22 -0.67
CA THR A 569 -9.74 -2.70 -1.48
C THR A 569 -9.26 -3.05 -2.89
N LYS A 570 -10.16 -3.16 -3.86
CA LYS A 570 -9.73 -3.47 -5.22
C LYS A 570 -10.45 -2.57 -6.21
N GLN A 571 -9.78 -2.26 -7.30
CA GLN A 571 -10.35 -1.40 -8.33
C GLN A 571 -10.07 -1.93 -9.71
N ILE A 572 -10.80 -1.38 -10.68
CA ILE A 572 -10.51 -1.60 -12.08
C ILE A 572 -10.07 -0.29 -12.72
N ALA A 573 -9.24 -0.38 -13.76
CA ALA A 573 -8.89 0.79 -14.53
C ALA A 573 -8.81 0.38 -15.98
N ARG A 574 -9.52 1.11 -16.84
CA ARG A 574 -9.45 0.84 -18.27
C ARG A 574 -8.20 1.46 -18.89
N GLU A 575 -7.43 0.65 -19.62
CA GLU A 575 -6.26 1.14 -20.33
C GLU A 575 -6.46 0.84 -21.80
N VAL A 576 -6.24 1.84 -22.65
CA VAL A 576 -6.34 1.63 -24.08
C VAL A 576 -4.99 1.14 -24.59
N LEU A 577 -4.98 0.12 -25.45
CA LEU A 577 -3.75 -0.40 -26.05
C LEU A 577 -3.56 0.48 -27.27
N GLU A 578 -2.68 1.47 -27.17
CA GLU A 578 -2.62 2.52 -28.18
C GLU A 578 -1.91 2.16 -29.48
N LYS A 579 -0.90 1.32 -29.39
CA LYS A 579 -0.09 0.98 -30.55
C LYS A 579 0.30 -0.48 -30.50
N GLU A 580 0.70 -1.01 -31.66
CA GLU A 580 1.20 -2.38 -31.71
C GLU A 580 2.39 -2.52 -30.76
N ASP A 581 2.40 -3.62 -30.01
CA ASP A 581 3.44 -3.86 -29.02
C ASP A 581 4.22 -5.07 -29.48
N PHE A 582 5.51 -4.87 -29.75
CA PHE A 582 6.40 -5.95 -30.16
C PHE A 582 6.37 -7.14 -29.19
N ASN A 583 6.16 -6.88 -27.91
CA ASN A 583 6.22 -7.95 -26.92
C ASN A 583 4.96 -8.83 -26.91
N GLY A 584 3.93 -8.41 -27.64
CA GLY A 584 2.63 -9.06 -27.53
C GLY A 584 2.06 -8.90 -26.11
N ILE A 585 1.03 -9.69 -25.83
CA ILE A 585 0.32 -9.63 -24.56
C ILE A 585 0.32 -11.02 -23.94
N ASN A 586 0.65 -11.10 -22.65
CA ASN A 586 0.56 -12.37 -21.91
C ASN A 586 -0.55 -12.23 -20.89
N TRP A 587 -1.32 -13.29 -20.70
CA TRP A 587 -2.44 -13.26 -19.74
C TRP A 587 -1.95 -12.83 -18.34
N PRO A 588 -2.68 -11.90 -17.72
CA PRO A 588 -2.26 -11.31 -16.44
C PRO A 588 -2.18 -12.32 -15.32
N GLU A 589 -1.24 -12.06 -14.41
CA GLU A 589 -1.05 -12.93 -13.27
C GLU A 589 -2.34 -12.92 -12.47
N ASN A 590 -2.74 -14.12 -12.01
CA ASN A 590 -3.92 -14.32 -11.15
C ASN A 590 -5.17 -13.82 -11.87
N GLY A 591 -5.14 -13.87 -13.20
CA GLY A 591 -6.30 -13.48 -13.97
C GLY A 591 -6.78 -12.05 -13.77
N GLN A 592 -5.92 -11.18 -13.27
CA GLN A 592 -6.31 -9.80 -12.93
C GLN A 592 -6.48 -8.79 -14.09
N GLY A 593 -7.28 -9.20 -15.09
CA GLY A 593 -7.60 -8.31 -16.18
C GLY A 593 -8.62 -8.88 -17.14
N ILE A 594 -9.26 -8.00 -17.90
CA ILE A 594 -10.21 -8.35 -18.96
C ILE A 594 -9.74 -7.65 -20.24
N LEU A 595 -9.57 -8.42 -21.31
CA LEU A 595 -9.11 -7.90 -22.59
C LEU A 595 -10.28 -7.71 -23.55
N LEU A 596 -10.45 -6.50 -24.07
CA LEU A 596 -11.58 -6.24 -24.93
C LEU A 596 -11.20 -5.75 -26.30
N ILE A 597 -12.00 -6.12 -27.28
CA ILE A 597 -11.97 -5.43 -28.55
C ILE A 597 -13.26 -4.60 -28.56
N GLU A 598 -13.12 -3.27 -28.58
CA GLU A 598 -14.28 -2.37 -28.53
C GLU A 598 -14.61 -1.72 -29.86
N SER A 599 -15.87 -1.42 -30.08
CA SER A 599 -16.19 -0.56 -31.22
C SER A 599 -15.58 0.83 -30.93
N ALA A 600 -14.99 1.48 -31.92
CA ALA A 600 -14.45 2.82 -31.68
C ALA A 600 -15.50 3.88 -31.35
N GLU A 601 -16.67 3.77 -31.99
CA GLU A 601 -17.74 4.76 -31.81
C GLU A 601 -19.07 4.26 -31.25
N GLU A 602 -19.42 2.99 -31.47
CA GLU A 602 -20.73 2.50 -31.04
C GLU A 602 -20.73 2.22 -29.53
N THR A 603 -21.79 2.66 -28.86
CA THR A 603 -21.95 2.37 -27.44
C THR A 603 -23.30 1.75 -27.18
N ASN A 604 -23.42 1.08 -26.04
CA ASN A 604 -24.75 0.64 -25.63
C ASN A 604 -25.48 1.82 -24.98
N SER A 605 -26.65 1.58 -24.41
CA SER A 605 -27.47 2.67 -23.86
C SER A 605 -26.88 3.34 -22.62
N PHE A 606 -25.92 2.68 -21.99
CA PHE A 606 -25.33 3.19 -20.74
C PHE A 606 -23.95 3.82 -20.93
N GLY A 607 -23.64 4.12 -22.18
CA GLY A 607 -22.41 4.83 -22.50
C GLY A 607 -21.17 3.97 -22.64
N ASN A 608 -21.32 2.65 -22.54
CA ASN A 608 -20.16 1.78 -22.68
C ASN A 608 -19.90 1.41 -24.13
N PRO A 609 -18.64 1.43 -24.56
CA PRO A 609 -18.32 0.95 -25.91
C PRO A 609 -18.83 -0.48 -26.10
N ARG A 610 -19.43 -0.76 -27.24
CA ARG A 610 -19.82 -2.14 -27.52
C ARG A 610 -18.54 -2.96 -27.63
N ALA A 611 -18.49 -4.13 -26.99
CA ALA A 611 -17.23 -4.86 -27.02
C ALA A 611 -17.42 -6.37 -26.99
N TYR A 612 -16.34 -7.07 -27.33
CA TYR A 612 -16.24 -8.50 -27.10
C TYR A 612 -15.00 -8.73 -26.27
N ASN A 613 -15.11 -9.61 -25.29
CA ASN A 613 -14.02 -9.97 -24.37
C ASN A 613 -13.37 -11.23 -24.90
N ILE A 614 -12.05 -11.20 -25.06
CA ILE A 614 -11.28 -12.38 -25.43
C ILE A 614 -10.88 -12.96 -24.08
N MET A 615 -11.53 -14.05 -23.71
CA MET A 615 -11.40 -14.72 -22.42
C MET A 615 -10.59 -15.98 -22.57
N PRO A 616 -9.42 -16.08 -21.98
CA PRO A 616 -8.67 -17.35 -22.09
C PRO A 616 -9.30 -18.49 -21.33
N GLY A 617 -9.17 -19.71 -21.85
CA GLY A 617 -9.64 -20.88 -21.14
C GLY A 617 -8.35 -21.58 -20.74
N GLY A 618 -8.35 -22.90 -20.76
CA GLY A 618 -7.14 -23.62 -20.43
C GLY A 618 -6.23 -23.51 -21.61
N GLY A 619 -4.95 -23.82 -21.38
CA GLY A 619 -4.04 -23.83 -22.51
C GLY A 619 -3.61 -22.46 -22.98
N GLY A 620 -3.69 -21.49 -22.07
CA GLY A 620 -3.22 -20.16 -22.35
C GLY A 620 -1.72 -20.04 -22.15
N VAL A 621 -0.99 -20.82 -22.93
CA VAL A 621 0.48 -20.87 -22.83
C VAL A 621 1.19 -20.71 -24.16
N HIS A 622 2.44 -20.29 -24.12
CA HIS A 622 3.20 -20.06 -25.33
C HIS A 622 4.50 -20.83 -25.19
N ARG A 623 5.36 -20.77 -26.21
CA ARG A 623 6.63 -21.49 -26.15
C ARG A 623 7.46 -21.20 -24.92
N ILE A 624 8.10 -22.25 -24.40
CA ILE A 624 9.08 -22.09 -23.32
C ILE A 624 10.43 -21.67 -23.92
N VAL A 625 10.83 -22.34 -24.98
CA VAL A 625 12.10 -22.02 -25.64
C VAL A 625 12.03 -20.66 -26.33
N LYS A 626 13.12 -19.90 -26.31
CA LYS A 626 13.12 -18.58 -26.94
C LYS A 626 13.92 -18.54 -28.24
N ASN A 627 15.03 -19.29 -28.29
CA ASN A 627 15.96 -19.17 -29.39
C ASN A 627 16.35 -20.50 -29.98
N SER A 628 15.51 -21.04 -30.84
CA SER A 628 15.75 -22.35 -31.39
C SER A 628 16.52 -22.32 -32.69
N ARG A 629 17.52 -23.19 -32.79
CA ARG A 629 18.27 -23.35 -34.05
C ARG A 629 17.38 -23.96 -35.14
N SER A 630 16.30 -24.62 -34.69
CA SER A 630 15.33 -25.21 -35.61
C SER A 630 14.12 -24.32 -35.93
N GLY A 631 14.10 -23.10 -35.39
CA GLY A 631 13.05 -22.18 -35.74
C GLY A 631 13.46 -20.77 -35.35
N PRO A 632 14.51 -20.25 -35.95
CA PRO A 632 14.93 -18.91 -35.56
C PRO A 632 13.92 -17.78 -35.91
N GLU A 633 13.40 -17.76 -37.13
CA GLU A 633 12.47 -16.70 -37.54
C GLU A 633 11.19 -17.24 -38.12
N THR A 634 11.02 -18.57 -38.10
CA THR A 634 9.92 -19.19 -38.83
C THR A 634 8.59 -19.26 -38.11
N GLN A 635 8.59 -19.04 -36.81
CA GLN A 635 7.35 -19.17 -36.01
C GLN A 635 7.30 -18.11 -34.91
N ASN A 636 7.57 -16.86 -35.27
CA ASN A 636 7.76 -15.84 -34.25
C ASN A 636 6.49 -15.38 -33.51
N TRP A 637 5.33 -15.85 -33.94
CA TRP A 637 4.06 -15.54 -33.29
C TRP A 637 3.89 -16.36 -32.01
N ALA A 638 4.75 -17.34 -31.80
CA ALA A 638 4.49 -18.34 -30.76
C ALA A 638 5.09 -18.02 -29.39
N ARG A 639 5.60 -16.80 -29.24
CA ARG A 639 6.39 -16.46 -28.08
C ARG A 639 5.64 -15.73 -26.98
N SER A 640 4.39 -15.34 -27.27
CA SER A 640 3.56 -14.67 -26.29
C SER A 640 2.17 -15.29 -26.39
N ASN A 641 1.26 -14.96 -25.48
CA ASN A 641 -0.07 -15.52 -25.61
C ASN A 641 -0.93 -14.94 -26.75
N LEU A 642 -0.73 -13.68 -27.08
CA LEU A 642 -1.55 -13.03 -28.10
C LEU A 642 -0.88 -11.77 -28.63
N PHE A 643 -1.23 -11.40 -29.86
CA PHE A 643 -0.77 -10.14 -30.41
C PHE A 643 -1.93 -9.39 -31.05
N LEU A 644 -1.85 -8.06 -31.04
CA LEU A 644 -2.89 -7.24 -31.69
C LEU A 644 -2.19 -6.44 -32.78
N THR A 645 -2.71 -6.54 -34.00
CA THR A 645 -2.15 -5.76 -35.12
C THR A 645 -3.22 -5.01 -35.89
N LYS A 646 -2.76 -4.05 -36.67
CA LYS A 646 -3.64 -3.36 -37.61
C LYS A 646 -3.87 -4.26 -38.81
N HIS A 647 -5.15 -4.50 -39.14
CA HIS A 647 -5.45 -5.32 -40.29
C HIS A 647 -4.82 -4.87 -41.61
N LYS A 648 -4.26 -5.82 -42.33
CA LYS A 648 -3.74 -5.56 -43.67
C LYS A 648 -3.94 -6.78 -44.57
N ASP A 649 -4.39 -6.54 -45.80
CA ASP A 649 -4.49 -7.63 -46.76
C ASP A 649 -3.14 -8.32 -46.99
N GLU A 650 -2.03 -7.56 -46.91
CA GLU A 650 -0.70 -8.14 -47.07
C GLU A 650 -0.24 -8.93 -45.84
N GLU A 651 -0.97 -8.84 -44.74
CA GLU A 651 -0.64 -9.61 -43.51
C GLU A 651 -1.81 -10.58 -43.38
N LEU A 652 -1.88 -11.42 -44.41
CA LEU A 652 -2.94 -12.40 -44.55
C LEU A 652 -2.80 -13.52 -43.54
N ARG A 653 -1.57 -13.94 -43.32
CA ARG A 653 -1.31 -15.18 -42.57
C ARG A 653 -0.02 -15.10 -41.78
N SER A 654 0.01 -15.77 -40.62
CA SER A 654 1.14 -15.64 -39.70
C SER A 654 2.23 -16.68 -39.94
N SER A 655 1.93 -17.68 -40.77
CA SER A 655 2.90 -18.66 -41.21
C SER A 655 2.50 -19.08 -42.63
N THR A 656 3.29 -19.92 -43.25
CA THR A 656 2.96 -20.46 -44.57
C THR A 656 3.47 -21.87 -44.62
N ALA A 657 2.97 -22.65 -45.58
CA ALA A 657 3.46 -24.01 -45.76
C ALA A 657 4.94 -24.03 -46.19
N LEU A 658 5.45 -22.88 -46.61
CA LEU A 658 6.82 -22.80 -47.12
C LEU A 658 7.77 -22.22 -46.07
N ASN A 659 7.30 -22.04 -44.84
CA ASN A 659 8.14 -21.41 -43.83
C ASN A 659 9.18 -22.33 -43.19
N THR A 660 8.82 -23.58 -42.99
CA THR A 660 9.56 -24.37 -42.02
C THR A 660 11.05 -24.55 -42.23
N ASN A 661 11.48 -24.73 -43.48
CA ASN A 661 12.90 -24.90 -43.72
C ASN A 661 13.62 -23.59 -43.99
N ALA A 662 12.87 -22.51 -44.15
CA ALA A 662 13.49 -21.21 -44.45
C ALA A 662 13.78 -20.53 -43.12
N LEU A 663 14.80 -21.03 -42.42
CA LEU A 663 15.08 -20.65 -41.03
C LEU A 663 15.26 -19.17 -40.73
N TYR A 664 15.97 -18.46 -41.58
CA TYR A 664 16.29 -17.06 -41.32
C TYR A 664 15.52 -16.08 -42.20
N ASP A 665 15.07 -16.53 -43.38
CA ASP A 665 14.36 -15.64 -44.28
C ASP A 665 13.07 -16.27 -44.78
N PRO A 666 12.18 -16.64 -43.87
CA PRO A 666 10.96 -17.31 -44.29
C PRO A 666 10.03 -16.38 -45.09
N PRO A 667 9.20 -16.94 -45.96
CA PRO A 667 8.18 -16.15 -46.67
C PRO A 667 7.44 -15.19 -45.77
N VAL A 668 7.00 -15.68 -44.61
CA VAL A 668 6.40 -14.80 -43.63
C VAL A 668 7.19 -14.81 -42.32
N ASN A 669 7.65 -13.62 -41.92
CA ASN A 669 8.24 -13.43 -40.61
C ASN A 669 7.18 -12.65 -39.86
N PHE A 670 6.50 -13.31 -38.91
CA PHE A 670 5.39 -12.69 -38.19
C PHE A 670 5.77 -11.35 -37.54
N ASN A 671 7.03 -11.23 -37.12
CA ASN A 671 7.45 -10.01 -36.45
C ASN A 671 7.38 -8.77 -37.34
N ALA A 672 7.40 -8.95 -38.64
CA ALA A 672 7.25 -7.83 -39.56
C ALA A 672 5.92 -7.10 -39.40
N PHE A 673 4.91 -7.76 -38.82
CA PHE A 673 3.59 -7.16 -38.64
C PHE A 673 3.60 -6.13 -37.52
N LEU A 674 4.57 -6.25 -36.62
CA LEU A 674 4.66 -5.47 -35.40
C LEU A 674 5.60 -4.30 -35.61
N ASP A 675 5.01 -3.17 -36.00
CA ASP A 675 5.84 -2.04 -36.35
C ASP A 675 5.23 -0.74 -35.78
N ASP A 676 4.71 -0.88 -34.56
CA ASP A 676 4.31 0.24 -33.72
C ASP A 676 3.18 1.09 -34.26
N GLU A 677 2.36 0.52 -35.14
CA GLU A 677 1.25 1.28 -35.69
C GLU A 677 0.17 1.52 -34.66
N SER A 678 -0.51 2.65 -34.81
CA SER A 678 -1.64 2.94 -33.94
C SER A 678 -2.73 1.87 -34.08
N LEU A 679 -3.32 1.49 -32.95
CA LEU A 679 -4.49 0.61 -32.96
C LEU A 679 -5.69 1.38 -32.45
N ASP A 680 -5.53 2.69 -32.26
CA ASP A 680 -6.58 3.49 -31.62
C ASP A 680 -7.57 4.03 -32.63
N GLY A 681 -8.63 3.25 -32.89
CA GLY A 681 -9.61 3.56 -33.91
C GLY A 681 -9.09 3.02 -35.22
N GLU A 682 -8.95 1.70 -35.31
CA GLU A 682 -8.42 1.07 -36.50
C GLU A 682 -9.04 -0.31 -36.65
N ASP A 683 -8.89 -0.91 -37.82
CA ASP A 683 -9.33 -2.29 -38.01
C ASP A 683 -8.26 -3.19 -37.38
N ILE A 684 -8.64 -3.88 -36.31
CA ILE A 684 -7.68 -4.63 -35.51
C ILE A 684 -7.88 -6.11 -35.76
N VAL A 685 -6.79 -6.85 -35.69
CA VAL A 685 -6.81 -8.32 -35.77
C VAL A 685 -6.11 -8.83 -34.50
N ALA A 686 -6.70 -9.84 -33.85
CA ALA A 686 -6.07 -10.47 -32.70
C ALA A 686 -5.53 -11.80 -33.18
N TRP A 687 -4.26 -12.08 -32.88
CA TRP A 687 -3.66 -13.37 -33.24
C TRP A 687 -3.52 -14.03 -31.88
N VAL A 688 -4.34 -15.04 -31.63
CA VAL A 688 -4.48 -15.64 -30.30
C VAL A 688 -3.92 -17.07 -30.29
N ASN A 689 -3.11 -17.37 -29.29
CA ASN A 689 -2.49 -18.69 -29.23
C ASN A 689 -3.07 -19.57 -28.18
N LEU A 690 -3.10 -20.87 -28.50
CA LEU A 690 -3.44 -21.88 -27.52
C LEU A 690 -2.28 -22.87 -27.52
N GLY A 691 -2.04 -23.53 -26.39
CA GLY A 691 -0.91 -24.44 -26.35
C GLY A 691 -0.95 -25.46 -25.24
N LEU A 692 0.00 -26.39 -25.27
CA LEU A 692 0.16 -27.43 -24.27
C LEU A 692 1.65 -27.66 -24.03
N HIS A 693 2.06 -27.71 -22.75
CA HIS A 693 3.43 -28.15 -22.42
C HIS A 693 3.24 -29.62 -22.09
N HIS A 694 3.57 -30.49 -23.04
CA HIS A 694 3.25 -31.91 -22.91
C HIS A 694 4.47 -32.70 -22.45
N LEU A 695 4.34 -33.31 -21.28
CA LEU A 695 5.36 -34.15 -20.69
C LEU A 695 4.71 -35.51 -20.49
N PRO A 696 4.73 -36.35 -21.52
CA PRO A 696 3.99 -37.60 -21.46
C PRO A 696 4.37 -38.50 -20.30
N ASN A 697 3.38 -39.21 -19.75
CA ASN A 697 3.61 -40.12 -18.63
C ASN A 697 2.87 -41.42 -18.97
N SER A 698 2.64 -42.29 -17.99
CA SER A 698 1.93 -43.54 -18.23
C SER A 698 0.56 -43.28 -18.83
N ASN A 699 -0.04 -42.14 -18.51
CA ASN A 699 -1.38 -41.85 -19.03
C ASN A 699 -1.41 -41.45 -20.51
N ASP A 700 -0.23 -41.54 -21.15
CA ASP A 700 -0.11 -41.32 -22.60
C ASP A 700 0.23 -42.60 -23.36
N LEU A 701 0.26 -43.75 -22.68
CA LEU A 701 0.55 -45.00 -23.40
C LEU A 701 -0.65 -45.94 -23.28
N PRO A 702 -1.10 -46.55 -24.38
CA PRO A 702 -0.47 -46.42 -25.70
C PRO A 702 -0.75 -45.10 -26.40
N ASN A 703 -1.77 -44.34 -25.99
CA ASN A 703 -2.09 -43.07 -26.64
C ASN A 703 -2.37 -41.97 -25.61
N THR A 704 -2.12 -40.75 -26.02
CA THR A 704 -2.54 -39.58 -25.26
C THR A 704 -4.10 -39.50 -25.31
N ILE A 705 -4.71 -38.95 -24.26
CA ILE A 705 -6.18 -38.78 -24.22
C ILE A 705 -6.62 -37.33 -24.38
N PHE A 706 -7.77 -37.15 -25.01
CA PHE A 706 -8.26 -35.82 -25.36
C PHE A 706 -8.79 -35.05 -24.14
N SER A 707 -9.18 -35.76 -23.10
CA SER A 707 -9.80 -35.08 -21.96
C SER A 707 -8.84 -34.15 -21.23
N THR A 708 -7.58 -34.56 -21.11
CA THR A 708 -6.63 -33.76 -20.34
C THR A 708 -5.60 -33.06 -21.21
N ALA A 709 -5.75 -33.11 -22.53
CA ALA A 709 -4.86 -32.38 -23.45
C ALA A 709 -5.76 -31.40 -24.18
N HIS A 710 -6.13 -30.33 -23.48
CA HIS A 710 -7.17 -29.42 -23.95
C HIS A 710 -6.79 -27.95 -23.82
N ALA A 711 -7.14 -27.14 -24.82
CA ALA A 711 -6.88 -25.69 -24.74
C ALA A 711 -8.06 -25.00 -25.38
N SER A 712 -8.39 -23.80 -24.89
CA SER A 712 -9.52 -23.08 -25.45
C SER A 712 -9.50 -21.61 -25.13
N PHE A 713 -10.25 -20.84 -25.92
CA PHE A 713 -10.56 -19.48 -25.52
C PHE A 713 -11.97 -19.14 -25.94
N MET A 714 -12.54 -18.12 -25.31
CA MET A 714 -13.88 -17.69 -25.70
C MET A 714 -13.88 -16.24 -26.16
N LEU A 715 -14.87 -15.92 -27.01
CA LEU A 715 -15.16 -14.56 -27.41
C LEU A 715 -16.58 -14.34 -26.89
N THR A 716 -16.74 -13.44 -25.92
CA THR A 716 -18.03 -13.25 -25.26
C THR A 716 -18.43 -11.78 -25.26
N PRO A 717 -19.70 -11.52 -25.49
CA PRO A 717 -20.15 -10.12 -25.52
C PRO A 717 -19.88 -9.39 -24.21
N PHE A 718 -19.50 -8.12 -24.31
CA PHE A 718 -19.17 -7.33 -23.13
C PHE A 718 -19.71 -5.94 -23.42
N ASN A 719 -20.86 -5.62 -22.84
CA ASN A 719 -21.55 -4.36 -23.14
C ASN A 719 -21.90 -4.20 -24.63
N TYR A 720 -21.96 -5.34 -25.33
CA TYR A 720 -22.22 -5.37 -26.76
C TYR A 720 -23.71 -5.04 -27.00
N PHE A 721 -24.52 -5.47 -26.05
CA PHE A 721 -25.97 -5.19 -26.02
C PHE A 721 -26.25 -4.47 -24.70
N ASP A 722 -27.53 -4.16 -24.44
CA ASP A 722 -27.86 -3.55 -23.15
C ASP A 722 -28.11 -4.63 -22.11
N SER A 723 -28.25 -5.87 -22.57
CA SER A 723 -28.58 -6.98 -21.70
C SER A 723 -28.10 -8.30 -22.31
N GLU A 724 -28.22 -9.37 -21.54
CA GLU A 724 -27.80 -10.70 -21.96
C GLU A 724 -28.86 -11.24 -22.93
N ASN A 725 -28.41 -11.66 -24.11
CA ASN A 725 -29.34 -11.90 -25.21
C ASN A 725 -29.76 -13.34 -25.49
N SER A 726 -29.91 -14.15 -24.46
CA SER A 726 -30.45 -15.50 -24.69
C SER A 726 -31.92 -15.50 -24.34
N ARG A 727 -32.42 -14.36 -23.86
CA ARG A 727 -33.74 -14.35 -23.23
C ARG A 727 -34.93 -14.76 -24.11
N ASP A 728 -34.79 -14.56 -25.41
CA ASP A 728 -35.82 -14.91 -26.39
C ASP A 728 -35.91 -16.38 -26.78
N THR A 729 -35.02 -17.23 -26.29
CA THR A 729 -35.13 -18.62 -26.69
C THR A 729 -36.38 -19.26 -26.09
N THR A 730 -36.96 -20.23 -26.77
CA THR A 730 -38.03 -21.02 -26.15
C THR A 730 -37.50 -22.17 -25.30
N GLN A 731 -36.19 -22.44 -25.33
CA GLN A 731 -35.64 -23.60 -24.61
C GLN A 731 -35.38 -23.23 -23.16
N GLN A 732 -36.47 -23.01 -22.42
CA GLN A 732 -36.38 -22.57 -21.04
C GLN A 732 -37.68 -22.94 -20.37
N VAL A 733 -37.69 -22.86 -19.05
CA VAL A 733 -38.87 -23.18 -18.25
C VAL A 733 -39.11 -22.05 -17.26
N PHE A 734 -40.39 -21.77 -16.99
CA PHE A 734 -40.72 -20.80 -15.96
C PHE A 734 -41.74 -21.50 -15.08
N TYR A 735 -41.27 -21.87 -13.88
CA TYR A 735 -42.06 -22.56 -12.87
C TYR A 735 -42.51 -21.53 -11.83
N THR A 736 -43.79 -21.55 -11.45
CA THR A 736 -44.24 -20.67 -10.40
C THR A 736 -45.06 -21.48 -9.38
N TYR A 737 -45.05 -21.04 -8.14
CA TYR A 737 -45.78 -21.69 -7.07
C TYR A 737 -46.70 -20.68 -6.42
N ASP A 738 -47.97 -21.07 -6.25
CA ASP A 738 -48.98 -20.17 -5.70
C ASP A 738 -49.16 -20.39 -4.22
N ASP A 739 -48.66 -19.43 -3.46
CA ASP A 739 -48.63 -19.48 -2.01
C ASP A 739 -49.97 -19.67 -1.32
N GLU A 740 -51.05 -19.19 -1.94
CA GLU A 740 -52.37 -19.35 -1.38
C GLU A 740 -52.82 -20.78 -1.65
N THR A 741 -53.02 -21.10 -2.92
CA THR A 741 -53.52 -22.40 -3.33
C THR A 741 -52.58 -23.58 -3.04
N GLU A 742 -51.29 -23.31 -3.02
CA GLU A 742 -50.30 -24.38 -2.97
C GLU A 742 -50.29 -25.12 -4.30
N GLU A 743 -50.59 -24.38 -5.38
CA GLU A 743 -50.63 -24.91 -6.74
C GLU A 743 -49.39 -24.49 -7.54
N SER A 744 -48.75 -25.45 -8.21
CA SER A 744 -47.62 -25.18 -9.11
C SER A 744 -48.09 -24.94 -10.57
N ASN A 745 -47.36 -24.12 -11.31
CA ASN A 745 -47.59 -23.94 -12.75
C ASN A 745 -46.28 -24.07 -13.50
N TRP A 746 -46.30 -24.79 -14.61
CA TRP A 746 -45.12 -24.98 -15.45
C TRP A 746 -45.34 -24.37 -16.82
N GLU A 747 -44.49 -23.41 -17.19
CA GLU A 747 -44.53 -22.84 -18.53
C GLU A 747 -43.31 -23.33 -19.33
N PHE A 748 -43.57 -24.07 -20.42
CA PHE A 748 -42.47 -24.66 -21.20
C PHE A 748 -42.33 -24.03 -22.57
N TYR A 749 -43.06 -22.94 -22.80
CA TYR A 749 -42.94 -22.20 -24.05
C TYR A 749 -43.00 -23.04 -25.32
N GLY A 750 -43.97 -23.94 -25.40
CA GLY A 750 -44.15 -24.68 -26.64
C GLY A 750 -43.40 -25.98 -26.75
N ASN A 751 -42.67 -26.32 -25.69
CA ASN A 751 -41.94 -27.57 -25.67
C ASN A 751 -42.69 -28.58 -24.86
N ASP A 752 -43.19 -29.62 -25.53
CA ASP A 752 -43.99 -30.62 -24.86
C ASP A 752 -43.12 -31.78 -24.39
N TRP A 753 -42.89 -31.85 -23.09
CA TRP A 753 -42.02 -32.89 -22.53
C TRP A 753 -42.68 -34.25 -22.33
N SER A 754 -43.94 -34.39 -22.72
CA SER A 754 -44.60 -35.67 -22.54
C SER A 754 -43.81 -36.81 -23.18
N SER A 755 -43.84 -37.98 -22.58
CA SER A 755 -43.16 -39.14 -23.14
C SER A 755 -43.60 -39.33 -24.59
N CYS A 756 -42.63 -39.60 -25.45
CA CYS A 756 -42.93 -39.85 -26.86
C CYS A 756 -41.92 -40.84 -27.41
N GLY A 757 -42.32 -41.57 -28.46
CA GLY A 757 -41.45 -42.57 -29.06
C GLY A 757 -40.55 -42.03 -30.15
N LEU A 758 -39.32 -42.53 -30.22
CA LEU A 758 -38.39 -42.07 -31.23
C LEU A 758 -37.53 -43.23 -31.74
N GLU A 759 -37.09 -43.16 -32.99
CA GLU A 759 -36.10 -44.13 -33.47
C GLU A 759 -34.70 -43.55 -33.18
N VAL A 760 -33.85 -44.34 -32.51
CA VAL A 760 -32.45 -43.94 -32.27
C VAL A 760 -31.65 -44.48 -33.46
N PRO A 761 -31.22 -43.58 -34.36
CA PRO A 761 -30.77 -44.02 -35.68
C PRO A 761 -29.33 -44.51 -35.72
N GLU A 762 -29.06 -45.49 -36.56
CA GLU A 762 -27.67 -45.91 -36.79
C GLU A 762 -26.92 -44.83 -37.58
N PRO A 763 -25.74 -44.44 -37.10
CA PRO A 763 -24.89 -43.49 -37.84
C PRO A 763 -24.59 -43.99 -39.26
N ASN A 764 -24.21 -43.07 -40.12
CA ASN A 764 -23.83 -43.38 -41.50
C ASN A 764 -22.45 -44.02 -41.67
N PHE A 765 -22.18 -45.10 -40.92
CA PHE A 765 -20.90 -45.80 -40.99
C PHE A 765 -20.48 -46.16 -42.42
N GLU A 766 -21.45 -46.48 -43.26
CA GLU A 766 -21.15 -46.86 -44.64
C GLU A 766 -20.44 -45.74 -45.44
N ASP A 767 -20.60 -44.50 -45.02
CA ASP A 767 -19.98 -43.38 -45.72
C ASP A 767 -18.51 -43.21 -45.37
N TYR A 768 -18.04 -43.92 -44.34
CA TYR A 768 -16.65 -43.78 -43.93
C TYR A 768 -15.80 -44.84 -44.57
N THR A 769 -14.82 -44.39 -45.33
CA THR A 769 -13.78 -45.30 -45.79
C THR A 769 -12.40 -44.72 -45.47
N TYR A 770 -11.49 -45.61 -45.10
CA TYR A 770 -10.12 -45.24 -44.76
C TYR A 770 -9.40 -44.49 -45.88
N GLY A 771 -8.56 -43.52 -45.52
CA GLY A 771 -7.76 -42.85 -46.51
C GLY A 771 -7.86 -41.33 -46.57
N ARG A 772 -6.88 -40.72 -47.23
CA ARG A 772 -6.77 -39.28 -47.25
C ARG A 772 -7.42 -38.65 -48.49
N GLY A 773 -8.68 -38.99 -48.73
CA GLY A 773 -9.44 -38.41 -49.81
C GLY A 773 -9.51 -39.26 -51.05
N THR A 774 -10.52 -39.00 -51.88
CA THR A 774 -10.68 -39.70 -53.15
C THR A 774 -10.03 -38.85 -54.23
N ARG A 775 -9.04 -39.41 -54.93
CA ARG A 775 -8.34 -38.68 -55.97
C ARG A 775 -9.01 -38.79 -57.33
N ALA B 41 -40.79 -48.85 -37.38
CA ALA B 41 -40.60 -50.25 -37.84
C ALA B 41 -39.53 -50.96 -37.03
N SER B 42 -38.38 -50.31 -36.85
CA SER B 42 -37.26 -50.87 -36.09
C SER B 42 -37.72 -51.51 -34.79
N ALA B 43 -37.11 -52.64 -34.43
CA ALA B 43 -37.32 -53.24 -33.12
C ALA B 43 -36.99 -52.21 -32.02
N GLU B 44 -37.54 -52.43 -30.83
CA GLU B 44 -37.30 -51.56 -29.68
C GLU B 44 -35.88 -51.79 -29.19
N CYS B 45 -35.21 -50.73 -28.73
CA CYS B 45 -33.92 -50.89 -28.07
C CYS B 45 -34.10 -51.82 -26.87
N VAL B 46 -33.05 -52.55 -26.51
CA VAL B 46 -33.14 -53.53 -25.41
C VAL B 46 -33.09 -52.83 -24.05
N SER B 47 -34.22 -52.79 -23.36
CA SER B 47 -34.28 -52.09 -22.07
C SER B 47 -33.68 -52.89 -20.92
N ASN B 48 -33.17 -52.16 -19.92
CA ASN B 48 -32.66 -52.78 -18.71
C ASN B 48 -33.08 -51.93 -17.52
N GLU B 49 -33.26 -52.59 -16.38
CA GLU B 49 -33.68 -51.91 -15.16
C GLU B 49 -32.51 -51.23 -14.45
N ASN B 50 -32.81 -50.18 -13.70
CA ASN B 50 -31.79 -49.60 -12.83
C ASN B 50 -31.23 -50.64 -11.87
N VAL B 51 -29.91 -50.60 -11.65
CA VAL B 51 -29.27 -51.55 -10.77
C VAL B 51 -28.93 -50.99 -9.38
N GLU B 52 -29.33 -51.73 -8.36
CA GLU B 52 -29.00 -51.40 -6.98
C GLU B 52 -28.06 -52.45 -6.42
N ILE B 53 -27.17 -52.02 -5.54
CA ILE B 53 -26.18 -52.91 -4.98
C ILE B 53 -26.09 -52.67 -3.49
N GLU B 54 -25.28 -53.50 -2.84
CA GLU B 54 -25.00 -53.33 -1.42
C GLU B 54 -23.61 -52.79 -1.25
N ALA B 55 -23.50 -51.66 -0.55
CA ALA B 55 -22.18 -51.10 -0.27
C ALA B 55 -21.30 -52.09 0.49
N PRO B 56 -20.00 -52.05 0.23
CA PRO B 56 -19.06 -52.93 0.95
C PRO B 56 -19.07 -52.68 2.46
N LYS B 57 -19.32 -51.45 2.88
CA LYS B 57 -19.30 -51.07 4.29
C LYS B 57 -20.43 -50.09 4.55
N THR B 58 -20.68 -49.77 5.81
CA THR B 58 -21.71 -48.79 6.04
C THR B 58 -21.15 -47.39 5.91
N ASN B 59 -22.05 -46.47 5.56
CA ASN B 59 -21.65 -45.08 5.42
C ASN B 59 -21.50 -44.43 6.79
N ILE B 60 -20.28 -44.45 7.30
CA ILE B 60 -19.96 -43.89 8.63
C ILE B 60 -19.89 -42.36 8.67
N TRP B 61 -20.08 -41.73 7.51
CA TRP B 61 -20.09 -40.26 7.41
C TRP B 61 -21.49 -39.68 7.21
N THR B 62 -22.51 -40.54 7.24
CA THR B 62 -23.85 -40.10 6.84
C THR B 62 -24.52 -39.20 7.86
N SER B 63 -25.43 -38.35 7.41
CA SER B 63 -26.14 -37.43 8.31
C SER B 63 -26.97 -38.22 9.33
N LEU B 64 -27.27 -37.56 10.44
CA LEU B 64 -28.02 -38.22 11.51
C LEU B 64 -29.43 -38.56 11.07
N ALA B 65 -29.89 -39.73 11.49
CA ALA B 65 -31.27 -40.12 11.23
C ALA B 65 -32.20 -39.26 12.09
N LYS B 66 -33.45 -39.13 11.68
CA LYS B 66 -34.41 -38.29 12.41
C LYS B 66 -34.46 -38.75 13.88
N GLU B 67 -34.42 -40.06 14.09
CA GLU B 67 -34.49 -40.60 15.45
C GLU B 67 -33.23 -40.23 16.24
N GLU B 68 -32.09 -40.16 15.56
CA GLU B 68 -30.84 -39.79 16.22
C GLU B 68 -30.93 -38.33 16.66
N VAL B 69 -31.44 -37.48 15.77
CA VAL B 69 -31.60 -36.07 16.07
C VAL B 69 -32.58 -35.94 17.24
N GLN B 70 -33.67 -36.69 17.20
CA GLN B 70 -34.68 -36.62 18.26
C GLN B 70 -34.11 -36.96 19.63
N GLU B 71 -33.30 -38.02 19.67
CA GLU B 71 -32.70 -38.44 20.93
C GLU B 71 -31.77 -37.38 21.49
N VAL B 72 -30.97 -36.78 20.61
CA VAL B 72 -30.06 -35.72 21.05
C VAL B 72 -30.85 -34.50 21.53
N LEU B 73 -31.88 -34.14 20.79
CA LEU B 73 -32.65 -32.95 21.13
C LEU B 73 -33.31 -33.18 22.50
N ASP B 74 -33.86 -34.37 22.69
CA ASP B 74 -34.50 -34.69 23.96
C ASP B 74 -33.52 -34.63 25.11
N LEU B 75 -32.31 -35.14 24.90
CA LEU B 75 -31.27 -35.13 25.92
C LEU B 75 -30.85 -33.68 26.23
N LEU B 76 -30.80 -32.85 25.19
CA LEU B 76 -30.44 -31.44 25.43
C LEU B 76 -31.51 -30.81 26.32
N HIS B 77 -32.78 -31.09 26.00
CA HIS B 77 -33.91 -30.55 26.76
C HIS B 77 -33.96 -31.02 28.20
N SER B 78 -33.47 -32.22 28.47
CA SER B 78 -33.52 -32.70 29.85
C SER B 78 -32.29 -32.29 30.62
N THR B 79 -31.23 -31.95 29.92
CA THR B 79 -29.99 -31.53 30.55
C THR B 79 -29.91 -30.02 30.83
N TYR B 80 -30.48 -29.23 29.93
CA TYR B 80 -30.39 -27.79 30.02
C TYR B 80 -31.77 -27.20 29.98
N ASN B 81 -31.91 -25.96 30.43
CA ASN B 81 -33.18 -25.30 30.30
C ASN B 81 -33.25 -24.72 28.88
N ILE B 82 -33.92 -25.45 27.97
CA ILE B 82 -34.00 -25.07 26.56
C ILE B 82 -35.34 -24.45 26.22
N THR B 83 -35.30 -23.28 25.59
CA THR B 83 -36.51 -22.60 25.12
C THR B 83 -36.69 -22.89 23.63
N GLU B 84 -37.94 -22.97 23.15
CA GLU B 84 -38.19 -23.16 21.72
C GLU B 84 -37.80 -21.92 20.96
N VAL B 85 -37.17 -22.11 19.81
CA VAL B 85 -36.66 -20.97 19.06
C VAL B 85 -37.69 -19.86 18.81
N THR B 86 -38.93 -20.23 18.50
CA THR B 86 -39.95 -19.21 18.26
C THR B 86 -40.31 -18.39 19.50
N LYS B 87 -39.89 -18.83 20.69
CA LYS B 87 -40.15 -18.06 21.90
C LYS B 87 -38.87 -17.49 22.52
N ALA B 88 -37.76 -17.64 21.82
CA ALA B 88 -36.48 -17.30 22.42
C ALA B 88 -36.03 -15.86 22.17
N ASP B 89 -35.17 -15.37 23.04
CA ASP B 89 -34.48 -14.11 22.78
C ASP B 89 -33.05 -14.22 23.25
N PHE B 90 -32.38 -13.07 23.37
CA PHE B 90 -30.95 -13.10 23.67
C PHE B 90 -30.63 -13.61 25.08
N PHE B 91 -31.67 -13.74 25.91
CA PHE B 91 -31.47 -14.19 27.29
C PHE B 91 -31.95 -15.63 27.50
N SER B 92 -32.45 -16.25 26.43
CA SER B 92 -32.88 -17.66 26.48
C SER B 92 -31.70 -18.59 26.20
N ASN B 93 -31.92 -19.90 26.35
CA ASN B 93 -30.98 -20.89 25.81
C ASN B 93 -31.78 -21.61 24.73
N TYR B 94 -31.16 -21.92 23.60
CA TYR B 94 -31.92 -22.60 22.53
C TYR B 94 -30.96 -23.37 21.63
N VAL B 95 -31.45 -24.41 20.98
CA VAL B 95 -30.60 -25.22 20.12
C VAL B 95 -30.61 -24.72 18.68
N LEU B 96 -29.44 -24.67 18.06
CA LEU B 96 -29.39 -24.25 16.67
C LEU B 96 -29.26 -25.46 15.77
N TRP B 97 -28.21 -26.24 16.03
CA TRP B 97 -27.79 -27.30 15.12
C TRP B 97 -27.47 -28.61 15.80
N ILE B 98 -27.74 -29.69 15.07
CA ILE B 98 -27.48 -31.06 15.53
C ILE B 98 -27.15 -31.87 14.29
N GLU B 99 -25.91 -32.34 14.20
CA GLU B 99 -25.46 -33.08 13.02
C GLU B 99 -24.40 -34.09 13.37
N THR B 100 -24.09 -34.94 12.40
CA THR B 100 -23.05 -35.92 12.64
C THR B 100 -21.70 -35.31 12.86
N LEU B 101 -21.01 -35.78 13.89
CA LEU B 101 -19.61 -35.47 14.10
C LEU B 101 -18.87 -36.62 13.45
N LYS B 102 -18.26 -36.36 12.30
CA LYS B 102 -17.71 -37.44 11.52
C LYS B 102 -16.53 -38.11 12.19
N PRO B 103 -16.35 -39.39 11.91
CA PRO B 103 -15.25 -40.14 12.50
C PRO B 103 -13.90 -39.57 12.12
N ASN B 104 -12.91 -39.85 12.96
CA ASN B 104 -11.53 -39.50 12.68
C ASN B 104 -11.00 -40.47 11.65
N LYS B 105 -9.92 -40.10 10.96
CA LYS B 105 -9.50 -40.87 9.81
C LYS B 105 -8.94 -42.25 10.11
N THR B 106 -8.10 -42.36 11.13
CA THR B 106 -7.44 -43.63 11.41
C THR B 106 -8.51 -44.66 11.79
N GLU B 107 -9.45 -44.26 12.64
CA GLU B 107 -10.53 -45.17 12.99
C GLU B 107 -11.40 -45.52 11.79
N ALA B 108 -11.63 -44.55 10.91
CA ALA B 108 -12.41 -44.83 9.71
C ALA B 108 -11.67 -45.85 8.85
N LEU B 109 -10.37 -45.69 8.72
CA LEU B 109 -9.63 -46.56 7.80
C LEU B 109 -9.52 -47.96 8.35
N THR B 110 -9.43 -48.07 9.67
CA THR B 110 -9.39 -49.37 10.34
C THR B 110 -10.70 -50.11 10.05
N TYR B 111 -11.81 -49.41 10.15
CA TYR B 111 -13.11 -49.97 9.82
C TYR B 111 -13.18 -50.38 8.33
N LEU B 112 -12.83 -49.47 7.44
CA LEU B 112 -12.90 -49.74 6.00
C LEU B 112 -11.93 -50.79 5.46
N ASP B 113 -10.72 -50.79 5.98
CA ASP B 113 -9.68 -51.58 5.33
C ASP B 113 -9.21 -52.80 6.13
N GLU B 114 -9.46 -52.79 7.44
CA GLU B 114 -8.92 -53.85 8.28
C GLU B 114 -9.98 -54.53 9.14
N ASP B 115 -11.21 -54.52 8.65
CA ASP B 115 -12.33 -55.15 9.36
C ASP B 115 -12.44 -54.75 10.84
N GLY B 116 -12.10 -53.51 11.13
CA GLY B 116 -12.19 -53.00 12.49
C GLY B 116 -13.61 -52.67 12.88
N ASP B 117 -13.78 -52.20 14.12
CA ASP B 117 -15.08 -51.85 14.64
C ASP B 117 -15.61 -50.57 13.99
N LEU B 118 -16.93 -50.44 13.94
CA LEU B 118 -17.54 -49.18 13.54
C LEU B 118 -17.01 -48.11 14.47
N PRO B 119 -16.62 -46.97 13.93
CA PRO B 119 -16.26 -45.85 14.79
C PRO B 119 -17.46 -45.38 15.60
N PRO B 120 -17.20 -44.75 16.74
CA PRO B 120 -18.27 -44.23 17.59
C PRO B 120 -19.16 -43.30 16.76
N ARG B 121 -20.47 -43.37 17.00
CA ARG B 121 -21.47 -42.53 16.34
C ARG B 121 -21.75 -41.34 17.26
N ASN B 122 -21.37 -40.14 16.83
CA ASN B 122 -21.46 -38.95 17.68
C ASN B 122 -22.14 -37.80 16.97
N ALA B 123 -22.75 -36.90 17.74
CA ALA B 123 -23.34 -35.68 17.21
C ALA B 123 -22.55 -34.47 17.64
N ARG B 124 -22.44 -33.52 16.72
CA ARG B 124 -22.00 -32.18 17.06
C ARG B 124 -23.27 -31.35 17.21
N THR B 125 -23.38 -30.59 18.28
CA THR B 125 -24.53 -29.74 18.44
C THR B 125 -24.05 -28.34 18.72
N VAL B 126 -24.87 -27.34 18.41
CA VAL B 126 -24.49 -25.97 18.73
C VAL B 126 -25.68 -25.39 19.42
N VAL B 127 -25.45 -24.89 20.63
CA VAL B 127 -26.51 -24.36 21.47
C VAL B 127 -26.15 -22.94 21.91
N TYR B 128 -27.11 -22.04 21.81
CA TYR B 128 -26.95 -20.71 22.35
C TYR B 128 -27.35 -20.73 23.83
N PHE B 129 -26.46 -20.24 24.70
CA PHE B 129 -26.71 -20.09 26.14
C PHE B 129 -26.72 -18.61 26.51
N GLY B 130 -27.91 -18.09 26.80
CA GLY B 130 -28.07 -16.70 27.19
C GLY B 130 -28.42 -16.54 28.67
N GLU B 131 -28.54 -17.65 29.39
CA GLU B 131 -28.97 -17.60 30.80
C GLU B 131 -27.96 -16.96 31.74
N GLY B 132 -26.70 -16.92 31.31
CA GLY B 132 -25.63 -16.35 32.12
C GLY B 132 -25.48 -14.85 31.94
N GLU B 133 -24.45 -14.31 32.57
CA GLU B 133 -24.12 -12.89 32.49
C GLU B 133 -23.72 -12.45 31.11
N GLU B 134 -23.15 -13.37 30.35
CA GLU B 134 -22.77 -13.06 28.98
C GLU B 134 -23.37 -14.19 28.14
N GLY B 135 -23.84 -13.86 26.94
CA GLY B 135 -24.34 -14.86 26.01
C GLY B 135 -23.21 -15.43 25.18
N TYR B 136 -23.37 -16.68 24.75
CA TYR B 136 -22.39 -17.34 23.86
C TYR B 136 -23.05 -18.52 23.22
N PHE B 137 -22.51 -18.93 22.07
CA PHE B 137 -22.90 -20.16 21.45
C PHE B 137 -21.86 -21.17 21.90
N GLU B 138 -22.27 -22.40 22.18
CA GLU B 138 -21.29 -23.40 22.55
C GLU B 138 -21.50 -24.63 21.71
N GLU B 139 -20.40 -25.19 21.24
CA GLU B 139 -20.43 -26.45 20.52
C GLU B 139 -20.27 -27.55 21.56
N LEU B 140 -21.09 -28.59 21.45
CA LEU B 140 -21.11 -29.69 22.41
C LEU B 140 -21.17 -31.00 21.66
N LYS B 141 -20.36 -31.97 22.10
CA LYS B 141 -20.40 -33.30 21.53
C LYS B 141 -21.39 -34.13 22.34
N VAL B 142 -22.29 -34.83 21.66
CA VAL B 142 -23.28 -35.68 22.35
C VAL B 142 -23.07 -37.05 21.75
N GLY B 143 -22.68 -38.01 22.59
CA GLY B 143 -22.46 -39.37 22.11
C GLY B 143 -21.89 -40.26 23.19
N PRO B 144 -21.78 -41.56 22.91
CA PRO B 144 -22.22 -42.14 21.63
C PRO B 144 -23.71 -42.29 21.49
N LEU B 145 -24.14 -42.55 20.25
CA LEU B 145 -25.52 -42.77 19.96
C LEU B 145 -25.65 -44.22 19.52
N PRO B 146 -26.83 -44.83 19.67
CA PRO B 146 -28.03 -44.18 20.22
C PRO B 146 -27.90 -43.76 21.68
N VAL B 147 -28.72 -42.79 22.10
CA VAL B 147 -28.66 -42.29 23.47
C VAL B 147 -28.83 -43.45 24.45
N SER B 148 -27.92 -43.54 25.41
CA SER B 148 -27.94 -44.58 26.43
C SER B 148 -27.28 -44.04 27.67
N ASP B 149 -27.07 -44.88 28.68
CA ASP B 149 -26.43 -44.44 29.91
C ASP B 149 -24.95 -44.19 29.70
N GLU B 150 -24.46 -44.54 28.52
CA GLU B 150 -23.05 -44.34 28.20
C GLU B 150 -22.86 -42.94 27.62
N THR B 151 -23.96 -42.35 27.15
CA THR B 151 -23.92 -41.08 26.43
C THR B 151 -23.56 -39.90 27.33
N THR B 152 -22.63 -39.06 26.87
CA THR B 152 -22.30 -37.86 27.61
C THR B 152 -22.48 -36.62 26.71
N ILE B 153 -22.44 -35.45 27.36
CA ILE B 153 -22.42 -34.17 26.65
C ILE B 153 -21.16 -33.46 27.13
N GLU B 154 -20.29 -33.08 26.19
CA GLU B 154 -19.04 -32.41 26.54
C GLU B 154 -18.81 -31.23 25.61
N PRO B 155 -18.11 -30.21 26.09
CA PRO B 155 -17.69 -29.11 25.23
C PRO B 155 -16.90 -29.69 24.05
N LEU B 156 -17.13 -29.12 22.88
CA LEU B 156 -16.51 -29.62 21.67
C LEU B 156 -15.68 -28.50 21.02
N SER B 157 -14.40 -28.74 20.84
CA SER B 157 -13.52 -27.71 20.29
C SER B 157 -12.32 -28.23 19.53
N PHE B 158 -12.15 -29.55 19.41
CA PHE B 158 -10.87 -30.03 18.86
C PHE B 158 -10.53 -29.53 17.44
N TYR B 159 -11.56 -29.30 16.61
CA TYR B 159 -11.34 -28.84 15.22
C TYR B 159 -11.31 -27.31 15.13
N ASN B 160 -11.46 -26.61 16.25
CA ASN B 160 -11.36 -25.15 16.27
C ASN B 160 -9.92 -24.80 16.60
N THR B 161 -9.23 -24.09 15.72
CA THR B 161 -7.82 -23.84 15.99
C THR B 161 -7.67 -22.90 17.16
N ASN B 162 -8.71 -22.14 17.50
CA ASN B 162 -8.60 -21.20 18.62
C ASN B 162 -8.78 -21.89 19.97
N GLY B 163 -9.06 -23.18 19.94
CA GLY B 163 -9.13 -23.97 21.16
C GLY B 163 -10.38 -23.77 21.99
N LYS B 164 -11.36 -23.07 21.45
CA LYS B 164 -12.58 -22.73 22.18
C LYS B 164 -13.83 -23.42 21.65
N SER B 165 -14.69 -23.86 22.58
CA SER B 165 -15.99 -24.38 22.23
C SER B 165 -17.00 -23.24 22.24
N LYS B 166 -16.67 -22.14 22.91
CA LYS B 166 -17.61 -21.02 23.05
C LYS B 166 -17.33 -19.85 22.11
N LEU B 167 -18.38 -19.41 21.40
CA LEU B 167 -18.32 -18.24 20.52
C LEU B 167 -19.07 -17.11 21.23
N PRO B 168 -18.38 -16.04 21.63
CA PRO B 168 -19.04 -14.94 22.35
C PRO B 168 -20.15 -14.28 21.54
N PHE B 169 -21.17 -13.82 22.24
CA PHE B 169 -22.30 -13.14 21.61
C PHE B 169 -21.92 -12.05 20.60
N GLU B 170 -20.94 -11.20 20.94
CA GLU B 170 -20.66 -10.09 20.04
C GLU B 170 -20.20 -10.55 18.64
N VAL B 171 -19.56 -11.72 18.57
CA VAL B 171 -19.08 -12.26 17.28
C VAL B 171 -19.94 -13.46 16.88
N GLY B 172 -21.16 -13.50 17.44
CA GLY B 172 -21.97 -14.68 17.29
C GLY B 172 -22.52 -14.91 15.90
N HIS B 173 -23.17 -16.06 15.75
CA HIS B 173 -23.79 -16.37 14.48
C HIS B 173 -24.97 -15.42 14.22
N LEU B 174 -25.14 -15.02 12.97
CA LEU B 174 -26.26 -14.19 12.57
C LEU B 174 -27.46 -15.14 12.49
N ASP B 175 -28.07 -15.40 13.64
CA ASP B 175 -29.09 -16.44 13.67
C ASP B 175 -30.49 -15.87 13.61
N ARG B 176 -31.51 -16.70 13.75
CA ARG B 176 -32.86 -16.16 13.61
C ARG B 176 -33.16 -15.07 14.64
N ILE B 177 -32.60 -15.23 15.82
CA ILE B 177 -32.91 -14.34 16.92
C ILE B 177 -32.23 -13.01 16.70
N LYS B 178 -30.96 -13.07 16.33
CA LYS B 178 -30.28 -11.82 16.05
C LYS B 178 -30.81 -11.10 14.83
N SER B 179 -31.17 -11.83 13.76
CA SER B 179 -31.72 -11.20 12.57
C SER B 179 -33.01 -10.48 12.93
N ALA B 180 -33.83 -11.13 13.75
CA ALA B 180 -35.10 -10.54 14.14
C ALA B 180 -34.86 -9.24 14.93
N ALA B 181 -33.88 -9.26 15.82
CA ALA B 181 -33.58 -8.09 16.66
C ALA B 181 -33.11 -6.94 15.78
N LYS B 182 -32.27 -7.27 14.80
CA LYS B 182 -31.74 -6.23 13.92
C LYS B 182 -32.86 -5.62 13.06
N SER B 183 -33.74 -6.47 12.53
CA SER B 183 -34.86 -6.04 11.72
C SER B 183 -35.80 -5.12 12.51
N SER B 184 -36.11 -5.50 13.74
CA SER B 184 -36.94 -4.64 14.59
C SER B 184 -36.27 -3.29 14.82
N PHE B 185 -34.99 -3.34 15.18
CA PHE B 185 -34.21 -2.12 15.44
C PHE B 185 -34.24 -1.20 14.21
N LEU B 186 -34.03 -1.76 13.01
CA LEU B 186 -34.05 -0.94 11.81
C LEU B 186 -35.42 -0.32 11.57
N ASN B 187 -36.48 -1.11 11.73
CA ASN B 187 -37.83 -0.54 11.57
C ASN B 187 -38.08 0.59 12.57
N LYS B 188 -37.66 0.38 13.81
CA LYS B 188 -37.88 1.38 14.86
C LYS B 188 -37.20 2.70 14.50
N ASN B 189 -36.07 2.62 13.80
CA ASN B 189 -35.36 3.83 13.46
C ASN B 189 -35.75 4.43 12.13
N LEU B 190 -36.03 3.59 11.13
CA LEU B 190 -36.27 4.06 9.79
C LEU B 190 -37.72 4.40 9.50
N ASN B 191 -38.61 3.99 10.41
CA ASN B 191 -40.04 4.21 10.18
C ASN B 191 -40.64 5.32 11.06
N THR B 192 -39.78 6.17 11.63
CA THR B 192 -40.29 7.37 12.29
C THR B 192 -40.90 8.33 11.27
N THR B 193 -41.66 9.31 11.74
CA THR B 193 -42.27 10.28 10.85
C THR B 193 -41.18 10.96 10.04
N ILE B 194 -40.13 11.43 10.71
CA ILE B 194 -39.06 12.10 10.01
C ILE B 194 -38.34 11.21 8.99
N MET B 195 -38.00 9.98 9.37
CA MET B 195 -37.26 9.12 8.44
C MET B 195 -38.10 8.66 7.27
N ARG B 196 -39.41 8.50 7.47
CA ARG B 196 -40.29 8.17 6.36
C ARG B 196 -40.22 9.26 5.31
N ASP B 197 -40.16 10.51 5.78
CA ASP B 197 -40.09 11.68 4.93
C ASP B 197 -38.74 11.73 4.21
N VAL B 198 -37.66 11.51 4.96
CA VAL B 198 -36.30 11.49 4.39
C VAL B 198 -36.19 10.41 3.32
N LEU B 199 -36.64 9.20 3.63
CA LEU B 199 -36.52 8.10 2.69
C LEU B 199 -37.30 8.36 1.41
N GLU B 200 -38.55 8.77 1.56
CA GLU B 200 -39.35 9.01 0.36
C GLU B 200 -38.77 10.16 -0.43
N GLY B 201 -38.29 11.18 0.25
CA GLY B 201 -37.76 12.33 -0.46
C GLY B 201 -36.52 12.01 -1.26
N LEU B 202 -35.67 11.14 -0.73
CA LEU B 202 -34.44 10.80 -1.43
C LEU B 202 -34.62 9.70 -2.47
N ILE B 203 -35.49 8.74 -2.18
CA ILE B 203 -35.58 7.52 -2.99
C ILE B 203 -36.70 7.56 -4.00
N GLY B 204 -37.79 8.24 -3.65
CA GLY B 204 -38.88 8.42 -4.59
C GLY B 204 -40.04 7.48 -4.40
N VAL B 205 -39.95 6.61 -3.39
CA VAL B 205 -41.05 5.72 -3.03
C VAL B 205 -41.14 5.73 -1.51
N PRO B 206 -42.32 5.48 -0.96
CA PRO B 206 -42.42 5.44 0.50
C PRO B 206 -41.77 4.20 1.11
N TYR B 207 -41.58 4.24 2.42
CA TYR B 207 -40.95 3.13 3.16
C TYR B 207 -41.56 1.77 2.86
N GLU B 208 -42.88 1.70 2.67
CA GLU B 208 -43.53 0.42 2.42
C GLU B 208 -43.06 -0.24 1.15
N ASP B 209 -42.49 0.56 0.26
CA ASP B 209 -42.10 0.08 -1.07
C ASP B 209 -40.62 -0.26 -1.20
N MET B 210 -39.90 -0.21 -0.09
CA MET B 210 -38.49 -0.57 -0.07
C MET B 210 -38.21 -1.53 1.09
N GLY B 211 -37.01 -2.09 1.08
CA GLY B 211 -36.62 -2.98 2.15
C GLY B 211 -35.21 -2.63 2.57
N CYS B 212 -35.00 -2.46 3.86
CA CYS B 212 -33.71 -2.01 4.36
C CYS B 212 -33.07 -3.16 5.12
N HIS B 213 -31.75 -3.30 5.00
CA HIS B 213 -31.07 -4.49 5.49
C HIS B 213 -29.61 -4.19 5.77
N SER B 214 -28.93 -5.12 6.43
CA SER B 214 -27.60 -4.90 6.96
C SER B 214 -26.53 -5.65 6.20
N ALA B 215 -25.36 -5.04 6.11
CA ALA B 215 -24.21 -5.64 5.47
C ALA B 215 -23.60 -6.75 6.32
N ALA B 216 -23.04 -7.74 5.65
CA ALA B 216 -22.36 -8.85 6.33
C ALA B 216 -20.92 -8.96 5.87
N PRO B 217 -19.99 -9.21 6.78
CA PRO B 217 -20.27 -9.43 8.19
C PRO B 217 -20.49 -8.15 9.00
N GLN B 218 -20.91 -8.35 10.25
CA GLN B 218 -20.91 -7.25 11.21
C GLN B 218 -19.47 -6.92 11.54
N LEU B 219 -19.26 -5.76 12.16
CA LEU B 219 -17.91 -5.28 12.48
C LEU B 219 -17.67 -5.12 13.98
N HIS B 220 -17.17 -6.18 14.60
CA HIS B 220 -16.88 -6.13 16.04
C HIS B 220 -15.44 -5.67 16.21
N ASP B 221 -15.22 -4.74 17.14
CA ASP B 221 -13.88 -4.27 17.44
C ASP B 221 -13.40 -4.87 18.77
N PRO B 222 -12.43 -5.77 18.74
CA PRO B 222 -11.95 -6.36 19.98
C PRO B 222 -11.42 -5.34 20.99
N ALA B 223 -10.76 -4.29 20.53
CA ALA B 223 -10.13 -3.36 21.47
C ALA B 223 -11.14 -2.69 22.40
N THR B 224 -12.20 -2.13 21.81
CA THR B 224 -13.22 -1.44 22.61
C THR B 224 -14.43 -2.30 22.95
N GLY B 225 -14.61 -3.42 22.26
CA GLY B 225 -15.78 -4.26 22.48
C GLY B 225 -16.99 -3.88 21.65
N ALA B 226 -16.91 -2.77 20.89
CA ALA B 226 -18.07 -2.28 20.18
C ALA B 226 -18.35 -3.14 18.95
N THR B 227 -19.63 -3.27 18.61
CA THR B 227 -20.01 -3.98 17.40
C THR B 227 -20.90 -3.06 16.58
N VAL B 228 -20.48 -2.77 15.35
CA VAL B 228 -21.24 -1.92 14.44
C VAL B 228 -21.58 -2.64 13.15
N ASP B 229 -22.44 -2.05 12.32
CA ASP B 229 -22.83 -2.67 11.08
C ASP B 229 -23.35 -1.57 10.14
N TYR B 230 -23.11 -1.73 8.84
CA TYR B 230 -23.63 -0.81 7.84
C TYR B 230 -24.86 -1.45 7.22
N GLY B 231 -25.61 -0.65 6.46
CA GLY B 231 -26.79 -1.17 5.78
C GLY B 231 -27.23 -0.27 4.65
N THR B 232 -28.22 -0.72 3.91
CA THR B 232 -28.75 0.07 2.81
C THR B 232 -30.21 -0.31 2.57
N CYS B 233 -30.85 0.36 1.62
CA CYS B 233 -32.22 0.02 1.25
C CYS B 233 -32.27 -0.30 -0.25
N ASN B 234 -33.14 -1.24 -0.60
CA ASN B 234 -33.38 -1.59 -1.99
C ASN B 234 -34.88 -1.51 -2.29
N ILE B 235 -35.23 -1.18 -3.52
CA ILE B 235 -36.64 -1.14 -3.92
C ILE B 235 -37.25 -2.55 -3.88
N ASN B 236 -38.46 -2.70 -3.33
CA ASN B 236 -39.10 -4.02 -3.33
C ASN B 236 -39.51 -4.41 -4.75
N THR B 237 -39.31 -5.67 -5.11
CA THR B 237 -39.79 -6.17 -6.40
C THR B 237 -40.56 -7.45 -6.18
N GLU B 238 -41.31 -7.87 -7.19
CA GLU B 238 -42.07 -9.09 -7.04
C GLU B 238 -41.31 -10.29 -7.58
N ASN B 239 -40.16 -10.04 -8.19
CA ASN B 239 -39.42 -11.12 -8.83
C ASN B 239 -38.03 -11.37 -8.24
N ASP B 240 -37.83 -10.94 -7.00
CA ASP B 240 -36.60 -11.24 -6.25
C ASP B 240 -35.41 -10.51 -6.89
N ALA B 241 -35.69 -9.38 -7.52
CA ALA B 241 -34.64 -8.61 -8.18
C ALA B 241 -34.15 -7.39 -7.38
N GLU B 242 -34.37 -7.42 -6.07
CA GLU B 242 -33.97 -6.31 -5.19
C GLU B 242 -32.51 -5.91 -5.37
N ASN B 243 -31.65 -6.88 -5.65
CA ASN B 243 -30.22 -6.56 -5.81
C ASN B 243 -29.91 -5.70 -7.03
N LEU B 244 -30.85 -5.59 -7.97
CA LEU B 244 -30.65 -4.75 -9.15
C LEU B 244 -31.19 -3.33 -8.93
N VAL B 245 -31.80 -3.10 -7.77
CA VAL B 245 -32.35 -1.77 -7.46
C VAL B 245 -31.93 -1.24 -6.10
N PRO B 246 -30.63 -1.13 -5.87
CA PRO B 246 -30.10 -0.54 -4.64
C PRO B 246 -30.27 0.98 -4.71
N THR B 247 -30.67 1.61 -3.60
CA THR B 247 -31.04 3.02 -3.65
C THR B 247 -29.91 4.03 -3.45
N GLY B 248 -28.72 3.59 -3.03
CA GLY B 248 -27.70 4.55 -2.64
C GLY B 248 -27.92 5.23 -1.30
N PHE B 249 -28.92 4.77 -0.54
CA PHE B 249 -29.14 5.31 0.80
C PHE B 249 -28.50 4.34 1.80
N PHE B 250 -27.58 4.84 2.61
CA PHE B 250 -26.84 3.97 3.53
C PHE B 250 -26.95 4.43 4.98
N PHE B 251 -26.61 3.54 5.92
CA PHE B 251 -26.61 3.88 7.33
C PHE B 251 -25.63 2.99 8.09
N LYS B 252 -25.39 3.36 9.34
CA LYS B 252 -24.44 2.65 10.17
C LYS B 252 -25.01 2.69 11.57
N PHE B 253 -25.02 1.54 12.24
CA PHE B 253 -25.52 1.51 13.60
C PHE B 253 -24.61 0.75 14.54
N ASP B 254 -24.75 1.04 15.83
CA ASP B 254 -24.05 0.32 16.86
C ASP B 254 -25.04 -0.66 17.50
N MET B 255 -24.68 -1.95 17.49
CA MET B 255 -25.53 -3.02 18.00
C MET B 255 -24.80 -3.79 19.11
N THR B 256 -23.98 -3.09 19.88
CA THR B 256 -23.23 -3.73 20.94
C THR B 256 -24.12 -4.22 22.09
N GLY B 257 -23.88 -5.44 22.54
CA GLY B 257 -24.59 -5.99 23.69
C GLY B 257 -25.97 -6.55 23.46
N ARG B 258 -26.52 -7.17 24.49
CA ARG B 258 -27.81 -7.88 24.39
C ARG B 258 -29.08 -7.06 24.69
N ASP B 259 -28.89 -5.80 25.07
CA ASP B 259 -29.99 -4.89 25.37
C ASP B 259 -30.27 -3.99 24.16
N VAL B 260 -31.24 -4.36 23.35
CA VAL B 260 -31.50 -3.60 22.13
C VAL B 260 -31.86 -2.14 22.37
N SER B 261 -32.31 -1.78 23.57
CA SER B 261 -32.66 -0.38 23.82
C SER B 261 -31.42 0.50 23.86
N GLN B 262 -30.24 -0.12 23.96
CA GLN B 262 -28.99 0.64 23.94
C GLN B 262 -28.36 0.67 22.55
N TRP B 263 -28.89 -0.09 21.62
CA TRP B 263 -28.41 -0.03 20.24
C TRP B 263 -28.78 1.33 19.67
N LYS B 264 -27.98 1.86 18.76
CA LYS B 264 -28.25 3.22 18.27
C LYS B 264 -27.75 3.45 16.85
N MET B 265 -28.49 4.24 16.07
CA MET B 265 -28.05 4.60 14.73
C MET B 265 -26.89 5.58 14.90
N LEU B 266 -25.81 5.38 14.15
CA LEU B 266 -24.68 6.28 14.25
C LEU B 266 -24.64 7.26 13.10
N GLU B 267 -24.95 6.79 11.90
CA GLU B 267 -24.84 7.63 10.72
C GLU B 267 -25.86 7.30 9.66
N TYR B 268 -26.25 8.34 8.93
CA TYR B 268 -26.90 8.16 7.64
C TYR B 268 -25.90 8.65 6.59
N ILE B 269 -25.77 7.90 5.51
CA ILE B 269 -24.81 8.24 4.48
C ILE B 269 -25.50 8.31 3.13
N TYR B 270 -25.37 9.44 2.45
CA TYR B 270 -26.04 9.64 1.18
C TYR B 270 -25.21 10.59 0.30
N ASN B 271 -24.99 10.23 -0.97
CA ASN B 271 -24.18 11.05 -1.85
C ASN B 271 -22.82 11.36 -1.21
N ASN B 272 -22.28 10.36 -0.54
CA ASN B 272 -20.94 10.44 0.06
C ASN B 272 -20.80 11.45 1.20
N LYS B 273 -21.93 11.89 1.75
CA LYS B 273 -21.94 12.78 2.89
C LYS B 273 -22.48 12.03 4.09
N VAL B 274 -21.93 12.34 5.27
CA VAL B 274 -22.28 11.68 6.53
C VAL B 274 -23.12 12.60 7.42
N TYR B 275 -24.24 12.06 7.92
CA TYR B 275 -25.11 12.78 8.85
C TYR B 275 -25.18 11.97 10.14
N THR B 276 -25.08 12.63 11.29
CA THR B 276 -25.05 11.90 12.55
C THR B 276 -26.42 11.70 13.19
N SER B 277 -27.44 12.20 12.53
CA SER B 277 -28.80 12.02 13.00
C SER B 277 -29.80 12.22 11.88
N ALA B 278 -31.00 11.67 12.10
CA ALA B 278 -32.09 11.81 11.14
C ALA B 278 -32.41 13.29 10.95
N GLU B 279 -32.41 14.03 12.04
CA GLU B 279 -32.74 15.45 11.99
C GLU B 279 -31.79 16.26 11.12
N GLU B 280 -30.51 15.97 11.25
CA GLU B 280 -29.50 16.69 10.49
C GLU B 280 -29.68 16.48 9.00
N LEU B 281 -29.98 15.24 8.62
CA LEU B 281 -30.20 14.97 7.22
C LEU B 281 -31.48 15.63 6.76
N TYR B 282 -32.54 15.49 7.56
CA TYR B 282 -33.80 16.15 7.26
C TYR B 282 -33.61 17.66 7.00
N GLU B 283 -32.89 18.32 7.90
CA GLU B 283 -32.61 19.78 7.76
C GLU B 283 -31.84 20.07 6.48
N ALA B 284 -30.80 19.29 6.19
CA ALA B 284 -30.02 19.55 4.99
C ALA B 284 -30.89 19.44 3.73
N MET B 285 -31.86 18.53 3.77
CA MET B 285 -32.64 18.28 2.57
C MET B 285 -33.55 19.44 2.21
N GLN B 286 -33.81 20.31 3.19
CA GLN B 286 -34.72 21.43 2.99
C GLN B 286 -34.02 22.62 2.34
N LYS B 287 -32.69 22.59 2.35
CA LYS B 287 -31.90 23.67 1.80
C LYS B 287 -31.88 23.66 0.28
N ASP B 288 -31.75 24.85 -0.29
CA ASP B 288 -31.80 24.96 -1.74
C ASP B 288 -30.63 24.28 -2.43
N ASP B 289 -29.54 24.11 -1.72
CA ASP B 289 -28.33 23.60 -2.36
C ASP B 289 -28.23 22.09 -2.25
N PHE B 290 -29.24 21.46 -1.66
CA PHE B 290 -29.19 20.01 -1.44
C PHE B 290 -29.28 19.21 -2.74
N VAL B 291 -28.31 18.33 -2.97
CA VAL B 291 -28.29 17.55 -4.18
C VAL B 291 -28.94 16.19 -3.95
N THR B 292 -29.99 15.91 -4.73
CA THR B 292 -30.63 14.62 -4.71
C THR B 292 -30.19 13.90 -5.96
N LEU B 293 -29.60 12.72 -5.79
CA LEU B 293 -29.12 11.96 -6.93
C LEU B 293 -30.29 11.35 -7.70
N PRO B 294 -30.07 11.07 -8.99
CA PRO B 294 -31.12 10.45 -9.80
C PRO B 294 -31.75 9.23 -9.14
N LYS B 295 -33.06 9.16 -9.22
CA LYS B 295 -33.80 8.08 -8.57
C LYS B 295 -34.08 6.92 -9.52
N ILE B 296 -34.29 5.73 -8.95
CA ILE B 296 -34.63 4.55 -9.74
C ILE B 296 -36.01 4.77 -10.37
N ASP B 297 -36.12 4.44 -11.66
CA ASP B 297 -37.41 4.45 -12.34
C ASP B 297 -38.11 3.14 -11.98
N VAL B 298 -38.93 3.17 -10.95
CA VAL B 298 -39.59 1.97 -10.47
C VAL B 298 -40.75 1.50 -11.37
N ASP B 299 -41.12 2.30 -12.37
CA ASP B 299 -42.23 1.91 -13.24
C ASP B 299 -41.79 1.14 -14.47
N ASN B 300 -40.48 1.01 -14.65
CA ASN B 300 -39.98 0.34 -15.84
C ASN B 300 -38.86 -0.59 -15.40
N LEU B 301 -39.26 -1.74 -14.90
CA LEU B 301 -38.34 -2.75 -14.41
C LEU B 301 -38.33 -4.03 -15.25
N ASP B 302 -38.82 -3.98 -16.49
CA ASP B 302 -38.79 -5.16 -17.34
C ASP B 302 -37.37 -5.69 -17.55
N TRP B 303 -36.39 -4.80 -17.49
CA TRP B 303 -35.00 -5.20 -17.62
C TRP B 303 -34.51 -6.12 -16.48
N THR B 304 -35.30 -6.31 -15.42
CA THR B 304 -34.88 -7.20 -14.34
C THR B 304 -35.50 -8.58 -14.47
N VAL B 305 -36.32 -8.77 -15.51
CA VAL B 305 -37.11 -10.01 -15.64
C VAL B 305 -36.34 -11.09 -16.40
N ILE B 306 -36.26 -12.28 -15.80
CA ILE B 306 -35.43 -13.36 -16.35
C ILE B 306 -36.11 -14.12 -17.45
N GLN B 307 -37.37 -14.47 -17.23
CA GLN B 307 -38.05 -15.39 -18.14
C GLN B 307 -38.39 -14.75 -19.47
N ARG B 308 -38.75 -15.61 -20.43
CA ARG B 308 -38.97 -15.15 -21.78
C ARG B 308 -39.94 -14.00 -21.90
N ASN B 309 -39.62 -13.03 -22.77
CA ASN B 309 -40.60 -12.00 -23.08
C ASN B 309 -41.54 -12.60 -24.11
N ASP B 310 -42.80 -12.75 -23.71
CA ASP B 310 -43.84 -13.36 -24.54
C ASP B 310 -44.05 -12.69 -25.90
N SER B 311 -43.58 -11.47 -26.07
CA SER B 311 -43.78 -10.80 -27.35
C SER B 311 -42.57 -10.93 -28.27
N ALA B 312 -41.52 -11.60 -27.80
CA ALA B 312 -40.34 -11.78 -28.62
C ALA B 312 -40.64 -12.82 -29.68
N PRO B 313 -40.21 -12.56 -30.91
CA PRO B 313 -40.35 -13.55 -31.97
C PRO B 313 -39.50 -14.76 -31.60
N ILE B 314 -39.84 -15.91 -32.16
CA ILE B 314 -39.08 -17.12 -31.93
C ILE B 314 -37.94 -17.13 -32.94
N ARG B 315 -36.76 -17.58 -32.53
CA ARG B 315 -35.68 -17.71 -33.50
C ARG B 315 -36.02 -18.87 -34.43
N HIS B 316 -35.51 -18.81 -35.64
CA HIS B 316 -35.73 -19.89 -36.60
C HIS B 316 -35.40 -21.27 -36.02
N LEU B 317 -36.37 -22.18 -36.13
CA LEU B 317 -36.27 -23.57 -35.68
C LEU B 317 -36.29 -23.77 -34.15
N ASP B 318 -36.48 -22.68 -33.41
CA ASP B 318 -36.62 -22.83 -31.96
C ASP B 318 -38.00 -23.37 -31.59
N ASP B 319 -38.88 -23.53 -32.59
CA ASP B 319 -40.14 -24.26 -32.34
C ASP B 319 -39.94 -25.78 -32.43
N ARG B 320 -38.69 -26.23 -32.47
CA ARG B 320 -38.38 -27.66 -32.41
C ARG B 320 -37.70 -27.87 -31.06
N LYS B 321 -38.00 -28.97 -30.37
CA LYS B 321 -37.35 -29.27 -29.09
C LYS B 321 -35.84 -29.43 -29.24
N SER B 322 -35.08 -28.89 -28.28
CA SER B 322 -33.62 -29.08 -28.32
C SER B 322 -33.24 -30.54 -28.04
N PRO B 323 -32.00 -30.93 -28.34
CA PRO B 323 -31.61 -32.34 -28.17
C PRO B 323 -31.71 -32.86 -26.73
N ARG B 324 -31.84 -34.18 -26.63
CA ARG B 324 -31.99 -34.86 -25.36
C ARG B 324 -31.02 -36.02 -25.28
N LEU B 325 -30.47 -36.22 -24.10
CA LEU B 325 -29.68 -37.40 -23.85
C LEU B 325 -30.64 -38.54 -23.50
N VAL B 326 -30.42 -39.72 -24.08
CA VAL B 326 -31.20 -40.91 -23.73
C VAL B 326 -30.27 -42.10 -23.47
N GLU B 327 -30.79 -43.10 -22.76
CA GLU B 327 -30.04 -44.30 -22.39
C GLU B 327 -30.71 -45.49 -23.06
N PRO B 328 -30.23 -45.85 -24.25
CA PRO B 328 -30.93 -46.85 -25.07
C PRO B 328 -31.06 -48.21 -24.40
N GLU B 329 -30.10 -48.56 -23.55
CA GLU B 329 -30.15 -49.85 -22.87
C GLU B 329 -30.16 -49.67 -21.37
N GLY B 330 -30.64 -48.53 -20.93
CA GLY B 330 -30.77 -48.27 -19.50
C GLY B 330 -29.54 -47.73 -18.81
N ARG B 331 -29.70 -47.52 -17.52
CA ARG B 331 -28.70 -46.88 -16.68
C ARG B 331 -27.45 -47.73 -16.40
N ARG B 332 -26.27 -47.10 -16.42
CA ARG B 332 -25.02 -47.85 -16.30
C ARG B 332 -24.25 -47.58 -15.01
N TRP B 333 -24.89 -46.88 -14.07
CA TRP B 333 -24.28 -46.70 -12.76
C TRP B 333 -25.23 -47.35 -11.75
N ALA B 334 -24.66 -47.78 -10.63
CA ALA B 334 -25.41 -48.49 -9.60
C ALA B 334 -25.24 -47.79 -8.28
N TYR B 335 -26.14 -48.06 -7.34
CA TYR B 335 -26.00 -47.47 -6.03
C TYR B 335 -26.71 -48.29 -4.94
N ASP B 336 -26.34 -47.98 -3.69
CA ASP B 336 -26.97 -48.55 -2.50
C ASP B 336 -27.70 -47.35 -1.92
N GLY B 337 -29.03 -47.37 -1.98
CA GLY B 337 -29.80 -46.23 -1.52
C GLY B 337 -29.69 -45.98 -0.02
N GLU B 338 -29.53 -47.06 0.73
CA GLU B 338 -29.45 -46.94 2.18
C GLU B 338 -28.13 -46.37 2.66
N GLU B 339 -27.06 -46.62 1.92
CA GLU B 339 -25.75 -46.17 2.33
C GLU B 339 -25.19 -45.05 1.44
N GLU B 340 -25.96 -44.61 0.45
CA GLU B 340 -25.48 -43.58 -0.48
C GLU B 340 -24.05 -43.92 -0.95
N TYR B 341 -23.92 -45.14 -1.44
CA TYR B 341 -22.69 -45.65 -2.02
C TYR B 341 -22.96 -45.81 -3.53
N PHE B 342 -22.01 -45.38 -4.36
CA PHE B 342 -22.19 -45.33 -5.80
C PHE B 342 -21.11 -46.09 -6.50
N SER B 343 -21.47 -46.72 -7.61
CA SER B 343 -20.53 -47.51 -8.38
C SER B 343 -20.72 -47.22 -9.87
N TRP B 344 -19.62 -46.93 -10.56
CA TRP B 344 -19.70 -46.70 -11.99
C TRP B 344 -18.35 -46.99 -12.62
N MET B 345 -18.32 -47.95 -13.54
CA MET B 345 -17.12 -48.21 -14.33
C MET B 345 -15.84 -48.26 -13.48
N ASP B 346 -15.91 -49.07 -12.41
CA ASP B 346 -14.79 -49.35 -11.50
C ASP B 346 -14.50 -48.25 -10.49
N TRP B 347 -15.30 -47.21 -10.49
CA TRP B 347 -15.14 -46.22 -9.44
C TRP B 347 -16.14 -46.56 -8.35
N GLY B 348 -15.80 -46.22 -7.11
CA GLY B 348 -16.76 -46.33 -6.00
C GLY B 348 -16.61 -45.12 -5.08
N PHE B 349 -17.68 -44.71 -4.41
CA PHE B 349 -17.53 -43.69 -3.39
C PHE B 349 -18.80 -43.57 -2.59
N TYR B 350 -18.69 -42.95 -1.42
CA TYR B 350 -19.85 -42.64 -0.60
C TYR B 350 -20.06 -41.13 -0.59
N THR B 351 -21.32 -40.69 -0.50
CA THR B 351 -21.59 -39.26 -0.33
C THR B 351 -22.11 -38.98 1.08
N SER B 352 -21.95 -37.72 1.49
CA SER B 352 -22.40 -37.26 2.78
C SER B 352 -22.94 -35.85 2.57
N TRP B 353 -23.86 -35.41 3.43
CA TRP B 353 -24.47 -34.10 3.26
C TRP B 353 -24.50 -33.32 4.55
N SER B 354 -24.19 -32.01 4.47
CA SER B 354 -24.17 -31.15 5.65
C SER B 354 -24.90 -29.87 5.35
N ARG B 355 -25.53 -29.32 6.38
CA ARG B 355 -26.17 -28.05 6.25
C ARG B 355 -25.14 -26.99 5.82
N ASP B 356 -23.92 -27.03 6.37
CA ASP B 356 -22.96 -25.96 6.11
C ASP B 356 -22.56 -25.93 4.64
N THR B 357 -22.18 -27.09 4.12
CA THR B 357 -21.52 -27.14 2.82
C THR B 357 -22.18 -27.92 1.71
N GLY B 358 -23.26 -28.65 1.99
CA GLY B 358 -23.85 -29.47 0.95
C GLY B 358 -23.12 -30.81 0.87
N ILE B 359 -22.79 -31.27 -0.33
CA ILE B 359 -22.27 -32.64 -0.50
C ILE B 359 -20.77 -32.76 -0.25
N SER B 360 -20.38 -33.94 0.22
CA SER B 360 -18.98 -34.34 0.41
C SER B 360 -18.86 -35.75 -0.10
N PHE B 361 -17.64 -36.14 -0.46
CA PHE B 361 -17.36 -37.49 -0.92
C PHE B 361 -16.32 -38.14 -0.04
N TYR B 362 -16.54 -39.40 0.30
CA TYR B 362 -15.59 -40.14 1.09
C TYR B 362 -15.22 -41.46 0.45
N ASP B 363 -13.97 -41.86 0.66
CA ASP B 363 -13.52 -43.15 0.20
C ASP B 363 -13.71 -43.34 -1.30
N ILE B 364 -13.19 -42.40 -2.07
CA ILE B 364 -13.27 -42.52 -3.51
C ILE B 364 -12.21 -43.51 -3.98
N THR B 365 -12.64 -44.57 -4.62
CA THR B 365 -11.72 -45.60 -5.11
C THR B 365 -11.89 -45.75 -6.60
N PHE B 366 -10.81 -46.18 -7.24
CA PHE B 366 -10.87 -46.48 -8.66
C PHE B 366 -10.15 -47.80 -8.82
N LYS B 367 -10.80 -48.75 -9.48
CA LYS B 367 -10.24 -50.09 -9.70
C LYS B 367 -9.75 -50.71 -8.40
N GLY B 368 -10.56 -50.50 -7.37
CA GLY B 368 -10.34 -51.14 -6.09
C GLY B 368 -9.31 -50.51 -5.18
N GLU B 369 -8.75 -49.38 -5.59
CA GLU B 369 -7.79 -48.66 -4.75
C GLU B 369 -8.31 -47.28 -4.38
N ARG B 370 -8.15 -46.91 -3.12
CA ARG B 370 -8.56 -45.57 -2.68
C ARG B 370 -7.62 -44.52 -3.26
N ILE B 371 -8.19 -43.49 -3.87
CA ILE B 371 -7.32 -42.39 -4.29
C ILE B 371 -7.57 -41.13 -3.50
N VAL B 372 -8.78 -40.99 -2.95
CA VAL B 372 -9.08 -39.82 -2.16
C VAL B 372 -9.89 -40.22 -0.93
N TYR B 373 -9.36 -39.94 0.26
CA TYR B 373 -10.11 -40.29 1.49
C TYR B 373 -11.34 -39.38 1.63
N GLU B 374 -11.14 -38.07 1.42
CA GLU B 374 -12.18 -37.08 1.61
C GLU B 374 -12.03 -35.99 0.56
N LEU B 375 -13.14 -35.65 -0.10
CA LEU B 375 -13.14 -34.53 -1.05
C LEU B 375 -14.32 -33.69 -0.60
N SER B 376 -14.06 -32.47 -0.15
CA SER B 376 -15.17 -31.68 0.37
C SER B 376 -15.03 -30.18 0.18
N LEU B 377 -16.02 -29.59 -0.47
CA LEU B 377 -16.07 -28.15 -0.50
C LEU B 377 -16.12 -27.66 0.94
N GLN B 378 -15.34 -26.62 1.23
CA GLN B 378 -15.18 -26.08 2.59
C GLN B 378 -15.82 -24.72 2.84
N GLU B 379 -15.80 -23.85 1.84
CA GLU B 379 -16.28 -22.51 2.03
C GLU B 379 -16.39 -21.85 0.67
N LEU B 380 -17.27 -20.84 0.56
CA LEU B 380 -17.34 -19.99 -0.62
C LEU B 380 -17.45 -18.57 -0.09
N ILE B 381 -16.60 -17.67 -0.58
CA ILE B 381 -16.72 -16.27 -0.16
C ILE B 381 -17.10 -15.40 -1.35
N ALA B 382 -17.71 -14.26 -1.08
CA ALA B 382 -17.93 -13.25 -2.10
C ALA B 382 -17.53 -11.93 -1.45
N GLU B 383 -16.45 -11.34 -1.97
CA GLU B 383 -15.81 -10.17 -1.37
C GLU B 383 -15.87 -9.02 -2.36
N TYR B 384 -16.62 -7.97 -1.99
CA TYR B 384 -16.91 -6.84 -2.86
C TYR B 384 -15.97 -5.67 -2.64
N GLY B 385 -15.66 -4.98 -3.73
CA GLY B 385 -14.95 -3.71 -3.66
C GLY B 385 -15.88 -2.61 -4.17
N SER B 386 -15.95 -1.50 -3.46
CA SER B 386 -16.92 -0.46 -3.83
C SER B 386 -16.54 0.93 -3.31
N ASP B 387 -17.18 1.94 -3.87
CA ASP B 387 -17.10 3.28 -3.30
C ASP B 387 -18.06 3.48 -2.15
N ASP B 388 -18.99 2.55 -1.97
CA ASP B 388 -20.09 2.76 -1.03
C ASP B 388 -19.93 1.89 0.21
N PRO B 389 -20.50 2.29 1.34
CA PRO B 389 -20.35 1.54 2.59
C PRO B 389 -21.17 0.29 2.76
N PHE B 390 -21.96 -0.09 1.78
CA PHE B 390 -22.65 -1.34 1.91
C PHE B 390 -21.80 -2.40 1.20
N ASN B 391 -21.56 -2.18 -0.09
CA ASN B 391 -20.82 -3.17 -0.85
C ASN B 391 -19.39 -3.28 -0.37
N GLN B 392 -18.77 -2.15 0.00
CA GLN B 392 -17.38 -2.24 0.44
C GLN B 392 -17.25 -3.02 1.75
N HIS B 393 -18.36 -3.13 2.49
CA HIS B 393 -18.39 -3.93 3.73
C HIS B 393 -19.00 -5.31 3.55
N THR B 394 -19.10 -5.78 2.31
CA THR B 394 -19.66 -7.10 2.05
C THR B 394 -18.56 -8.11 1.82
N PHE B 395 -18.47 -9.12 2.70
CA PHE B 395 -17.49 -10.20 2.56
C PHE B 395 -18.22 -11.43 3.06
N TYR B 396 -19.08 -11.99 2.22
CA TYR B 396 -19.91 -13.11 2.67
C TYR B 396 -19.13 -14.40 2.89
N SER B 397 -19.52 -15.12 3.94
CA SER B 397 -19.15 -16.53 4.12
C SER B 397 -20.43 -17.29 3.77
N ASP B 398 -20.43 -18.02 2.65
CA ASP B 398 -21.67 -18.71 2.28
C ASP B 398 -22.00 -19.88 3.21
N ILE B 399 -20.99 -20.49 3.82
CA ILE B 399 -21.32 -21.59 4.76
C ILE B 399 -21.95 -21.02 6.03
N SER B 400 -21.75 -19.73 6.34
CA SER B 400 -22.43 -19.20 7.52
C SER B 400 -23.93 -19.22 7.27
N TYR B 401 -24.35 -18.86 6.05
CA TYR B 401 -25.77 -18.91 5.67
C TYR B 401 -26.25 -20.34 5.46
N GLY B 402 -25.35 -21.20 5.00
CA GLY B 402 -25.69 -22.59 4.70
C GLY B 402 -25.72 -22.81 3.19
N VAL B 403 -24.91 -23.74 2.72
CA VAL B 403 -24.92 -24.10 1.30
C VAL B 403 -25.80 -25.33 1.10
N GLY B 404 -25.93 -26.11 2.17
CA GLY B 404 -26.67 -27.37 2.13
C GLY B 404 -28.10 -27.30 2.65
N ASN B 405 -28.64 -26.10 2.79
CA ASN B 405 -30.00 -25.95 3.31
C ASN B 405 -30.90 -25.18 2.36
N ARG B 406 -30.71 -25.42 1.05
CA ARG B 406 -31.41 -24.69 0.02
C ARG B 406 -32.50 -25.50 -0.70
N PHE B 407 -32.59 -25.39 -2.02
CA PHE B 407 -33.75 -25.91 -2.75
C PHE B 407 -33.51 -27.16 -3.57
N SER B 408 -34.60 -27.76 -4.04
CA SER B 408 -34.52 -28.93 -4.90
C SER B 408 -34.06 -28.59 -6.30
N LEU B 409 -33.56 -29.59 -7.01
CA LEU B 409 -33.19 -29.43 -8.40
C LEU B 409 -34.43 -29.55 -9.27
N VAL B 410 -34.48 -28.79 -10.35
CA VAL B 410 -35.57 -28.88 -11.32
C VAL B 410 -35.27 -29.98 -12.35
N PRO B 411 -36.05 -31.06 -12.35
CA PRO B 411 -35.83 -32.15 -13.31
C PRO B 411 -35.82 -31.71 -14.76
N GLY B 412 -34.98 -32.39 -15.55
CA GLY B 412 -34.86 -32.17 -16.97
C GLY B 412 -34.02 -30.97 -17.36
N TYR B 413 -34.03 -29.95 -16.50
CA TYR B 413 -33.30 -28.72 -16.78
C TYR B 413 -32.03 -28.59 -15.97
N ASP B 414 -32.15 -28.75 -14.66
CA ASP B 414 -30.96 -28.61 -13.81
C ASP B 414 -30.05 -29.83 -13.99
N CYS B 415 -30.66 -30.99 -14.30
CA CYS B 415 -29.92 -32.21 -14.59
C CYS B 415 -30.68 -32.83 -15.77
N PRO B 416 -29.99 -33.58 -16.60
CA PRO B 416 -30.66 -34.27 -17.71
C PRO B 416 -31.77 -35.20 -17.24
N ALA B 417 -32.73 -35.48 -18.13
CA ALA B 417 -33.84 -36.37 -17.82
C ALA B 417 -33.42 -37.78 -17.33
N THR B 418 -32.23 -38.25 -17.73
CA THR B 418 -31.73 -39.55 -17.30
C THR B 418 -31.11 -39.57 -15.90
N ALA B 419 -31.12 -38.45 -15.20
CA ALA B 419 -30.53 -38.43 -13.87
C ALA B 419 -31.36 -39.19 -12.83
N GLY B 420 -30.69 -39.66 -11.80
CA GLY B 420 -31.33 -40.20 -10.60
C GLY B 420 -31.21 -39.16 -9.50
N TYR B 421 -32.21 -39.04 -8.63
CA TYR B 421 -32.21 -38.01 -7.59
C TYR B 421 -32.12 -38.58 -6.20
N PHE B 422 -31.50 -37.81 -5.31
CA PHE B 422 -31.27 -38.24 -3.94
C PHE B 422 -31.74 -37.25 -2.91
N THR B 423 -32.34 -37.81 -1.86
CA THR B 423 -32.84 -37.04 -0.74
C THR B 423 -31.80 -36.92 0.37
N THR B 424 -31.71 -35.73 0.96
CA THR B 424 -30.79 -35.52 2.07
C THR B 424 -31.55 -34.80 3.17
N ASP B 425 -30.91 -34.61 4.31
CA ASP B 425 -31.60 -33.93 5.41
C ASP B 425 -30.66 -33.08 6.22
N THR B 426 -31.25 -32.14 6.96
CA THR B 426 -30.51 -31.30 7.89
C THR B 426 -31.42 -31.03 9.05
N PHE B 427 -30.87 -30.39 10.08
CA PHE B 427 -31.67 -29.98 11.22
C PHE B 427 -31.31 -28.55 11.59
N GLU B 428 -32.31 -27.70 11.77
CA GLU B 428 -32.05 -26.36 12.26
C GLU B 428 -33.21 -25.85 13.08
N TYR B 429 -32.90 -25.28 14.23
CA TYR B 429 -33.91 -24.55 15.02
C TYR B 429 -35.17 -25.34 15.16
N ASP B 430 -35.04 -26.48 15.83
CA ASP B 430 -36.17 -27.31 16.20
C ASP B 430 -36.81 -28.11 15.06
N GLU B 431 -36.29 -28.03 13.84
CA GLU B 431 -36.92 -28.73 12.74
C GLU B 431 -35.98 -29.60 11.91
N PHE B 432 -36.44 -30.82 11.63
CA PHE B 432 -35.71 -31.73 10.76
C PHE B 432 -36.24 -31.48 9.36
N TYR B 433 -35.33 -31.23 8.42
CA TYR B 433 -35.74 -30.93 7.06
C TYR B 433 -35.37 -32.10 6.15
N ASN B 434 -36.33 -32.51 5.33
CA ASN B 434 -36.14 -33.59 4.39
C ASN B 434 -36.11 -32.87 3.07
N ARG B 435 -35.03 -33.02 2.33
CA ARG B 435 -34.88 -32.31 1.08
C ARG B 435 -34.81 -33.29 -0.09
N THR B 436 -35.88 -33.39 -0.85
CA THR B 436 -35.87 -34.27 -1.99
C THR B 436 -35.22 -33.57 -3.16
N LEU B 437 -34.79 -34.37 -4.13
CA LEU B 437 -34.11 -33.86 -5.33
C LEU B 437 -32.93 -32.96 -4.91
N SER B 438 -32.22 -33.37 -3.88
CA SER B 438 -31.16 -32.56 -3.31
C SER B 438 -29.90 -32.61 -4.14
N TYR B 439 -29.56 -33.81 -4.64
CA TYR B 439 -28.50 -33.90 -5.61
C TYR B 439 -28.86 -34.90 -6.68
N CYS B 440 -28.18 -34.84 -7.80
CA CYS B 440 -28.48 -35.79 -8.88
C CYS B 440 -27.22 -36.48 -9.39
N VAL B 441 -27.43 -37.65 -10.00
CA VAL B 441 -26.32 -38.43 -10.55
C VAL B 441 -26.75 -38.78 -11.98
N PHE B 442 -25.86 -38.59 -12.95
CA PHE B 442 -26.21 -38.95 -14.32
C PHE B 442 -24.97 -39.29 -15.12
N GLU B 443 -25.15 -40.11 -16.16
CA GLU B 443 -24.04 -40.41 -17.08
C GLU B 443 -24.15 -39.50 -18.26
N ASN B 444 -23.09 -38.74 -18.53
CA ASN B 444 -23.18 -37.96 -19.75
C ASN B 444 -22.47 -38.66 -20.88
N GLN B 445 -22.81 -38.29 -22.11
CA GLN B 445 -21.96 -38.64 -23.25
C GLN B 445 -21.26 -37.34 -23.63
N GLU B 446 -19.98 -37.21 -23.35
CA GLU B 446 -19.32 -35.95 -23.72
C GLU B 446 -19.31 -35.85 -25.24
N ASP B 447 -19.24 -34.62 -25.75
CA ASP B 447 -19.38 -34.47 -27.19
C ASP B 447 -18.08 -34.58 -27.95
N TYR B 448 -17.05 -35.12 -27.30
CA TYR B 448 -15.76 -35.40 -27.94
C TYR B 448 -15.37 -36.77 -27.41
N SER B 449 -14.62 -37.52 -28.19
CA SER B 449 -14.22 -38.86 -27.78
C SER B 449 -13.09 -38.80 -26.73
N LEU B 450 -12.90 -39.87 -25.97
CA LEU B 450 -11.82 -39.88 -24.98
C LEU B 450 -10.43 -39.92 -25.62
N LEU B 451 -10.28 -40.70 -26.69
CA LEU B 451 -9.03 -40.77 -27.43
C LEU B 451 -9.35 -41.34 -28.81
N ARG B 452 -8.38 -41.28 -29.70
CA ARG B 452 -8.53 -41.91 -31.01
C ARG B 452 -7.17 -41.98 -31.69
N HIS B 453 -7.08 -42.85 -32.67
CA HIS B 453 -6.00 -42.73 -33.65
C HIS B 453 -6.38 -43.37 -34.96
N THR B 454 -5.95 -42.74 -36.05
CA THR B 454 -6.11 -43.30 -37.36
C THR B 454 -4.71 -43.49 -37.92
N GLY B 455 -4.42 -44.71 -38.35
CA GLY B 455 -3.18 -44.91 -39.07
C GLY B 455 -3.09 -46.35 -39.52
N ALA B 456 -2.17 -46.64 -40.42
CA ALA B 456 -1.87 -48.03 -40.70
C ALA B 456 -3.09 -48.90 -41.01
N SER B 457 -4.00 -48.35 -41.80
CA SER B 457 -5.22 -49.01 -42.23
C SER B 457 -6.23 -49.32 -41.12
N TYR B 458 -6.15 -48.62 -39.99
CA TYR B 458 -7.20 -48.78 -38.97
C TYR B 458 -7.60 -47.41 -38.42
N SER B 459 -8.78 -47.36 -37.80
CA SER B 459 -9.13 -46.23 -36.95
C SER B 459 -9.68 -46.80 -35.64
N ALA B 460 -9.17 -46.29 -34.52
CA ALA B 460 -9.56 -46.76 -33.18
C ALA B 460 -10.04 -45.55 -32.42
N ILE B 461 -11.28 -45.59 -31.92
CA ILE B 461 -11.83 -44.44 -31.21
C ILE B 461 -12.52 -44.91 -29.95
N THR B 462 -12.30 -44.19 -28.84
CA THR B 462 -12.92 -44.55 -27.57
C THR B 462 -13.85 -43.45 -27.17
N GLN B 463 -15.08 -43.79 -26.84
CA GLN B 463 -16.04 -42.79 -26.42
C GLN B 463 -15.73 -42.27 -25.00
N ASN B 464 -16.40 -41.18 -24.64
CA ASN B 464 -16.14 -40.50 -23.38
C ASN B 464 -17.42 -40.32 -22.55
N PRO B 465 -17.99 -41.41 -22.06
CA PRO B 465 -19.13 -41.28 -21.12
C PRO B 465 -18.53 -40.91 -19.74
N THR B 466 -19.22 -40.06 -19.01
CA THR B 466 -18.73 -39.66 -17.68
C THR B 466 -19.83 -39.81 -16.64
N LEU B 467 -19.46 -40.06 -15.39
CA LEU B 467 -20.42 -40.03 -14.29
C LEU B 467 -20.39 -38.59 -13.75
N ASN B 468 -21.57 -38.05 -13.46
CA ASN B 468 -21.69 -36.68 -13.01
C ASN B 468 -22.55 -36.60 -11.76
N VAL B 469 -22.05 -35.91 -10.75
CA VAL B 469 -22.80 -35.70 -9.51
C VAL B 469 -22.92 -34.18 -9.41
N ARG B 470 -24.16 -33.70 -9.33
CA ARG B 470 -24.40 -32.27 -9.24
C ARG B 470 -25.30 -31.86 -8.08
N PHE B 471 -25.02 -30.71 -7.47
CA PHE B 471 -26.09 -30.07 -6.70
C PHE B 471 -26.03 -28.59 -7.00
N ILE B 472 -27.14 -27.89 -6.77
CA ILE B 472 -27.17 -26.46 -7.02
C ILE B 472 -27.63 -25.77 -5.76
N SER B 473 -26.83 -24.81 -5.29
CA SER B 473 -27.20 -24.06 -4.09
C SER B 473 -27.57 -22.64 -4.45
N THR B 474 -28.84 -22.30 -4.33
CA THR B 474 -29.26 -20.93 -4.56
C THR B 474 -29.32 -20.24 -3.19
N ILE B 475 -28.42 -19.29 -2.96
CA ILE B 475 -28.29 -18.64 -1.66
C ILE B 475 -28.66 -17.22 -1.91
N GLY B 476 -29.92 -16.90 -1.65
CA GLY B 476 -30.40 -15.57 -1.93
C GLY B 476 -30.33 -15.30 -3.44
N ASN B 477 -29.56 -14.29 -3.82
CA ASN B 477 -29.46 -13.89 -5.22
C ASN B 477 -28.60 -14.83 -6.08
N TPQ B 478 -27.60 -15.55 -5.56
CA TPQ B 478 -26.66 -16.30 -6.41
CB TPQ B 478 -25.20 -16.26 -5.90
C TPQ B 478 -27.08 -17.77 -6.49
O TPQ B 478 -27.61 -18.31 -5.54
C1 TPQ B 478 -24.44 -15.18 -6.67
C2 TPQ B 478 -24.22 -13.86 -6.04
O2 TPQ B 478 -24.67 -13.64 -4.90
C3 TPQ B 478 -23.49 -12.78 -6.76
C4 TPQ B 478 -23.00 -13.01 -8.04
O4 TPQ B 478 -22.37 -12.13 -8.65
C5 TPQ B 478 -23.20 -14.34 -8.67
O5 TPQ B 478 -22.75 -14.53 -9.83
C6 TPQ B 478 -23.95 -15.42 -7.95
N ASP B 479 -26.78 -18.35 -7.64
CA ASP B 479 -27.07 -19.80 -7.85
C ASP B 479 -25.75 -20.46 -8.19
N TYR B 480 -25.28 -21.34 -7.31
CA TYR B 480 -24.00 -22.04 -7.49
C TYR B 480 -24.24 -23.47 -7.94
N ASN B 481 -23.65 -23.83 -9.08
CA ASN B 481 -23.85 -25.13 -9.72
C ASN B 481 -22.55 -25.93 -9.56
N PHE B 482 -22.58 -26.95 -8.69
CA PHE B 482 -21.41 -27.76 -8.37
C PHE B 482 -21.48 -29.07 -9.15
N LEU B 483 -20.37 -29.41 -9.81
CA LEU B 483 -20.32 -30.64 -10.58
C LEU B 483 -19.06 -31.43 -10.31
N TYR B 484 -19.24 -32.75 -10.20
CA TYR B 484 -18.13 -33.68 -9.99
C TYR B 484 -18.25 -34.66 -11.15
N LYS B 485 -17.21 -34.70 -12.01
CA LYS B 485 -17.26 -35.47 -13.26
C LYS B 485 -16.16 -36.51 -13.28
N PHE B 486 -16.55 -37.78 -13.42
CA PHE B 486 -15.62 -38.92 -13.35
C PHE B 486 -15.42 -39.52 -14.72
N PHE B 487 -14.17 -39.77 -15.08
CA PHE B 487 -13.85 -40.30 -16.39
C PHE B 487 -13.34 -41.75 -16.36
N LEU B 488 -13.40 -42.41 -17.51
CA LEU B 488 -13.04 -43.82 -17.59
C LEU B 488 -11.61 -44.18 -17.22
N ASP B 489 -10.66 -43.23 -17.34
CA ASP B 489 -9.26 -43.56 -17.10
C ASP B 489 -8.85 -43.40 -15.65
N GLY B 490 -9.73 -42.84 -14.81
CA GLY B 490 -9.39 -42.54 -13.43
C GLY B 490 -9.24 -41.06 -13.15
N THR B 491 -9.56 -40.21 -14.11
CA THR B 491 -9.52 -38.77 -13.88
C THR B 491 -10.83 -38.28 -13.28
N LEU B 492 -10.75 -37.33 -12.35
CA LEU B 492 -11.94 -36.68 -11.79
C LEU B 492 -11.82 -35.16 -11.99
N GLU B 493 -12.90 -34.51 -12.40
CA GLU B 493 -12.92 -33.04 -12.55
C GLU B 493 -13.90 -32.43 -11.56
N VAL B 494 -13.45 -31.41 -10.82
CA VAL B 494 -14.27 -30.73 -9.83
C VAL B 494 -14.52 -29.36 -10.41
N SER B 495 -15.78 -28.95 -10.53
CA SER B 495 -16.04 -27.63 -11.08
C SER B 495 -17.19 -26.88 -10.44
N VAL B 496 -17.22 -25.59 -10.68
CA VAL B 496 -18.36 -24.79 -10.28
C VAL B 496 -18.70 -23.81 -11.41
N ARG B 497 -19.98 -23.50 -11.55
CA ARG B 497 -20.44 -22.43 -12.45
C ARG B 497 -21.38 -21.58 -11.61
N ALA B 498 -21.38 -20.27 -11.82
CA ALA B 498 -22.26 -19.39 -11.08
C ALA B 498 -23.26 -18.65 -11.97
N ALA B 499 -24.42 -18.34 -11.42
CA ALA B 499 -25.42 -17.59 -12.18
C ALA B 499 -26.31 -16.87 -11.17
N GLY B 500 -27.37 -16.25 -11.65
CA GLY B 500 -28.28 -15.58 -10.74
C GLY B 500 -28.18 -14.07 -10.80
N TYR B 501 -28.72 -13.39 -9.79
CA TYR B 501 -28.74 -11.94 -9.75
C TYR B 501 -27.47 -11.47 -9.10
N ILE B 502 -26.80 -10.50 -9.69
CA ILE B 502 -25.61 -9.96 -9.06
C ILE B 502 -26.01 -9.04 -7.92
N GLN B 503 -25.10 -8.89 -6.95
CA GLN B 503 -25.27 -7.82 -5.98
C GLN B 503 -24.65 -6.57 -6.61
N ALA B 504 -25.48 -5.79 -7.29
CA ALA B 504 -25.00 -4.56 -7.93
C ALA B 504 -24.90 -3.44 -6.90
N GLY B 505 -24.59 -2.24 -7.36
CA GLY B 505 -24.50 -1.11 -6.44
C GLY B 505 -25.08 0.14 -7.08
N TYR B 506 -25.47 1.12 -6.26
CA TYR B 506 -25.98 2.36 -6.82
C TYR B 506 -24.82 3.03 -7.59
N TRP B 507 -25.07 3.52 -8.80
CA TRP B 507 -24.04 4.23 -9.57
C TRP B 507 -24.01 5.72 -9.26
N ASN B 508 -22.95 6.18 -8.59
CA ASN B 508 -22.72 7.62 -8.34
C ASN B 508 -21.61 7.99 -9.30
N PRO B 509 -21.90 8.78 -10.32
CA PRO B 509 -20.86 9.07 -11.32
C PRO B 509 -19.59 9.68 -10.72
N GLU B 510 -19.72 10.33 -9.57
CA GLU B 510 -18.56 11.00 -8.97
C GLU B 510 -17.55 10.03 -8.39
N THR B 511 -18.03 8.87 -7.92
CA THR B 511 -17.14 7.99 -7.17
C THR B 511 -17.19 6.51 -7.54
N SER B 512 -18.15 6.09 -8.36
CA SER B 512 -18.36 4.66 -8.57
C SER B 512 -17.47 4.01 -9.62
N ALA B 513 -16.90 4.82 -10.49
CA ALA B 513 -16.21 4.24 -11.63
C ALA B 513 -15.01 3.34 -11.38
N PRO B 514 -14.21 3.57 -10.35
CA PRO B 514 -13.12 2.63 -10.06
C PRO B 514 -13.58 1.26 -9.58
N TYR B 515 -14.88 1.08 -9.33
CA TYR B 515 -15.33 -0.15 -8.69
C TYR B 515 -16.38 -0.94 -9.45
N GLY B 516 -16.72 -0.49 -10.67
CA GLY B 516 -17.73 -1.19 -11.44
C GLY B 516 -18.09 -0.41 -12.72
N LEU B 517 -18.72 -1.08 -13.65
CA LEU B 517 -19.20 -0.44 -14.85
C LEU B 517 -20.63 -0.01 -14.62
N LYS B 518 -21.01 1.07 -15.28
CA LYS B 518 -22.40 1.48 -15.26
C LYS B 518 -23.16 0.55 -16.20
N ILE B 519 -24.07 -0.24 -15.65
CA ILE B 519 -24.77 -1.23 -16.45
C ILE B 519 -26.26 -0.99 -16.57
N HIS B 520 -26.77 0.02 -15.89
CA HIS B 520 -28.15 0.47 -16.09
C HIS B 520 -28.22 1.93 -15.61
N ASP B 521 -29.36 2.60 -15.76
CA ASP B 521 -29.38 4.05 -15.53
C ASP B 521 -28.73 4.57 -14.26
N VAL B 522 -28.98 3.91 -13.14
CA VAL B 522 -28.34 4.32 -11.90
C VAL B 522 -27.74 3.08 -11.23
N LEU B 523 -27.25 2.16 -12.05
CA LEU B 523 -26.73 0.88 -11.54
C LEU B 523 -25.27 0.59 -11.92
N SER B 524 -24.46 0.24 -10.92
CA SER B 524 -23.11 -0.23 -11.15
C SER B 524 -22.99 -1.75 -10.98
N GLY B 525 -22.22 -2.38 -11.89
N GLY B 525 -22.28 -2.42 -11.89
CA GLY B 525 -21.80 -3.79 -11.74
CA GLY B 525 -22.25 -3.88 -11.84
C GLY B 525 -20.64 -3.96 -10.74
C GLY B 525 -21.51 -4.34 -10.60
N SER B 526 -20.93 -3.78 -9.44
N SER B 526 -20.83 -3.37 -9.97
CA SER B 526 -19.92 -3.84 -8.37
CA SER B 526 -19.90 -3.61 -8.85
C SER B 526 -18.93 -5.02 -8.52
C SER B 526 -18.73 -4.56 -9.29
N PHE B 527 -17.66 -4.66 -8.63
N PHE B 527 -17.93 -4.99 -8.31
CA PHE B 527 -16.56 -5.64 -8.67
CA PHE B 527 -16.67 -5.73 -8.59
C PHE B 527 -16.45 -6.55 -7.40
C PHE B 527 -16.48 -6.57 -7.37
N HIS B 528 -16.33 -7.88 -7.59
CA HIS B 528 -16.18 -8.77 -6.44
C HIS B 528 -15.41 -10.00 -6.85
N ASP B 529 -14.83 -10.67 -5.88
CA ASP B 529 -14.24 -11.97 -6.09
C ASP B 529 -15.13 -13.05 -5.49
N HIS B 530 -15.32 -14.15 -6.22
CA HIS B 530 -15.88 -15.38 -5.64
C HIS B 530 -14.66 -16.27 -5.47
N VAL B 531 -14.51 -16.89 -4.30
CA VAL B 531 -13.40 -17.86 -4.12
C VAL B 531 -13.99 -19.06 -3.34
N LEU B 532 -13.64 -20.28 -3.76
CA LEU B 532 -14.16 -21.51 -3.14
C LEU B 532 -12.95 -22.31 -2.72
N ASN B 533 -13.04 -22.93 -1.55
CA ASN B 533 -11.98 -23.79 -1.04
C ASN B 533 -12.45 -25.24 -1.03
N TYR B 534 -11.61 -26.15 -1.53
CA TYR B 534 -11.90 -27.58 -1.47
C TYR B 534 -10.84 -28.34 -0.70
N LYS B 535 -11.27 -29.17 0.26
CA LYS B 535 -10.36 -30.07 0.95
C LYS B 535 -10.20 -31.29 0.06
N VAL B 536 -8.97 -31.55 -0.40
CA VAL B 536 -8.74 -32.67 -1.31
C VAL B 536 -7.72 -33.58 -0.64
N ASP B 537 -8.22 -34.54 0.16
CA ASP B 537 -7.35 -35.44 0.88
C ASP B 537 -7.02 -36.65 -0.01
N LEU B 538 -6.17 -36.40 -1.01
CA LEU B 538 -5.62 -37.46 -1.83
C LEU B 538 -4.77 -38.38 -0.96
N ASP B 539 -4.90 -39.68 -1.20
CA ASP B 539 -4.05 -40.68 -0.56
C ASP B 539 -3.60 -41.53 -1.75
N VAL B 540 -2.50 -41.16 -2.39
CA VAL B 540 -2.12 -41.85 -3.62
C VAL B 540 -1.21 -43.04 -3.32
N GLY B 541 -1.67 -44.25 -3.61
CA GLY B 541 -0.84 -45.41 -3.29
C GLY B 541 -0.51 -45.48 -1.81
N GLY B 542 -1.54 -45.32 -0.98
CA GLY B 542 -1.40 -45.26 0.48
C GLY B 542 -1.59 -43.85 1.05
N THR B 543 -1.65 -43.74 2.38
CA THR B 543 -1.68 -42.42 3.03
C THR B 543 -0.33 -41.73 3.00
N LYS B 544 0.76 -42.50 3.06
CA LYS B 544 2.07 -41.87 3.14
C LYS B 544 2.49 -41.40 1.76
N ASN B 545 2.54 -40.09 1.57
CA ASN B 545 2.80 -39.53 0.26
C ASN B 545 3.91 -38.46 0.30
N ARG B 546 4.24 -37.96 -0.89
CA ARG B 546 5.10 -36.79 -1.01
C ARG B 546 4.41 -35.87 -1.97
N ALA B 547 4.71 -34.58 -1.90
CA ALA B 547 4.23 -33.69 -2.92
C ALA B 547 5.42 -33.22 -3.74
N SER B 548 5.30 -33.13 -5.05
CA SER B 548 6.43 -32.67 -5.88
C SER B 548 5.92 -31.79 -7.00
N LYS B 549 6.84 -31.11 -7.67
CA LYS B 549 6.45 -30.46 -8.90
C LYS B 549 7.53 -30.67 -9.92
N TYR B 550 7.11 -30.82 -11.18
CA TYR B 550 8.05 -30.84 -12.28
C TYR B 550 8.08 -29.40 -12.77
N VAL B 551 9.20 -28.74 -12.53
CA VAL B 551 9.40 -27.37 -12.98
C VAL B 551 9.93 -27.35 -14.42
N MET B 552 9.34 -26.53 -15.28
CA MET B 552 9.75 -26.50 -16.68
C MET B 552 10.47 -25.20 -16.94
N LYS B 553 11.63 -25.25 -17.61
CA LYS B 553 12.37 -24.00 -17.82
C LYS B 553 13.13 -24.03 -19.12
N ASP B 554 13.41 -22.87 -19.71
CA ASP B 554 14.34 -22.90 -20.83
C ASP B 554 15.74 -22.78 -20.26
N VAL B 555 16.70 -23.38 -20.95
CA VAL B 555 18.05 -23.48 -20.45
C VAL B 555 18.96 -23.52 -21.65
N ASP B 556 20.19 -23.08 -21.45
CA ASP B 556 21.15 -23.16 -22.52
C ASP B 556 22.06 -24.32 -22.18
N VAL B 557 22.32 -25.21 -23.14
CA VAL B 557 23.16 -26.37 -22.85
C VAL B 557 24.03 -26.65 -24.05
N GLU B 558 25.05 -27.47 -23.84
CA GLU B 558 25.79 -28.04 -24.96
C GLU B 558 25.67 -29.56 -24.86
N TYR B 559 25.63 -30.25 -25.99
CA TYR B 559 25.50 -31.71 -26.01
C TYR B 559 26.81 -32.40 -26.39
N PRO B 560 27.05 -33.61 -25.87
CA PRO B 560 28.27 -34.39 -26.20
C PRO B 560 28.43 -34.64 -27.68
N TRP B 561 27.31 -34.74 -28.38
CA TRP B 561 27.32 -34.97 -29.82
C TRP B 561 27.52 -33.73 -30.69
N ALA B 562 27.64 -32.55 -30.08
CA ALA B 562 27.97 -31.34 -30.86
C ALA B 562 28.76 -30.39 -29.95
N PRO B 563 30.00 -30.74 -29.68
CA PRO B 563 30.80 -29.95 -28.75
C PRO B 563 30.90 -28.49 -29.13
N GLY B 564 30.78 -27.62 -28.13
CA GLY B 564 30.95 -26.20 -28.35
C GLY B 564 29.75 -25.48 -28.91
N THR B 565 28.72 -26.23 -29.32
CA THR B 565 27.52 -25.59 -29.87
C THR B 565 26.44 -25.41 -28.80
N VAL B 566 26.11 -24.18 -28.48
CA VAL B 566 25.10 -23.91 -27.46
C VAL B 566 23.70 -24.01 -28.06
N TYR B 567 22.80 -24.69 -27.34
CA TYR B 567 21.39 -24.76 -27.69
C TYR B 567 20.56 -24.14 -26.59
N ASN B 568 19.55 -23.36 -26.97
CA ASN B 568 18.58 -22.90 -25.99
C ASN B 568 17.48 -23.93 -26.12
N THR B 569 17.27 -24.71 -25.07
CA THR B 569 16.26 -25.75 -25.13
C THR B 569 15.39 -25.68 -23.88
N LYS B 570 14.70 -26.75 -23.52
CA LYS B 570 13.88 -26.73 -22.30
C LYS B 570 14.06 -28.03 -21.55
N GLN B 571 13.90 -27.96 -20.22
CA GLN B 571 14.06 -29.12 -19.37
C GLN B 571 13.00 -29.15 -18.30
N ILE B 572 12.86 -30.32 -17.68
CA ILE B 572 12.08 -30.47 -16.46
C ILE B 572 13.01 -30.82 -15.32
N ALA B 573 12.63 -30.44 -14.11
CA ALA B 573 13.38 -30.78 -12.91
C ALA B 573 12.33 -31.10 -11.86
N ARG B 574 12.41 -32.27 -11.22
CA ARG B 574 11.50 -32.60 -10.11
C ARG B 574 11.98 -31.98 -8.80
N GLU B 575 11.10 -31.24 -8.14
CA GLU B 575 11.43 -30.64 -6.84
C GLU B 575 10.43 -31.19 -5.84
N VAL B 576 10.93 -31.74 -4.73
CA VAL B 576 10.05 -32.24 -3.67
C VAL B 576 9.68 -31.10 -2.76
N LEU B 577 8.39 -30.98 -2.44
CA LEU B 577 7.94 -29.93 -1.54
C LEU B 577 8.17 -30.50 -0.15
N GLU B 578 9.24 -30.06 0.51
CA GLU B 578 9.66 -30.75 1.73
C GLU B 578 8.87 -30.44 2.99
N LYS B 579 8.38 -29.20 3.08
CA LYS B 579 7.73 -28.73 4.29
C LYS B 579 6.58 -27.83 3.91
N GLU B 580 5.63 -27.72 4.82
CA GLU B 580 4.53 -26.78 4.65
C GLU B 580 5.07 -25.37 4.44
N ASP B 581 4.48 -24.66 3.48
CA ASP B 581 4.94 -23.33 3.11
C ASP B 581 3.82 -22.36 3.40
N PHE B 582 4.07 -21.37 4.28
CA PHE B 582 3.04 -20.40 4.61
C PHE B 582 2.49 -19.68 3.38
N ASN B 583 3.31 -19.50 2.36
CA ASN B 583 2.84 -18.75 1.20
C ASN B 583 1.90 -19.53 0.30
N GLY B 584 1.78 -20.83 0.53
CA GLY B 584 1.01 -21.70 -0.34
C GLY B 584 1.66 -21.79 -1.72
N ILE B 585 0.89 -22.24 -2.69
CA ILE B 585 1.35 -22.42 -4.06
C ILE B 585 0.46 -21.66 -5.02
N ASN B 586 1.08 -20.93 -5.93
CA ASN B 586 0.32 -20.29 -6.99
C ASN B 586 0.73 -20.98 -8.28
N TRP B 587 -0.23 -21.16 -9.16
CA TRP B 587 0.08 -21.84 -10.40
C TRP B 587 1.16 -21.08 -11.16
N PRO B 588 2.08 -21.83 -11.75
CA PRO B 588 3.22 -21.22 -12.42
C PRO B 588 2.89 -20.38 -13.65
N GLU B 589 3.71 -19.36 -13.84
CA GLU B 589 3.58 -18.50 -15.00
C GLU B 589 3.71 -19.33 -16.26
N ASN B 590 2.88 -19.02 -17.25
CA ASN B 590 2.87 -19.68 -18.56
C ASN B 590 2.69 -21.18 -18.39
N GLY B 591 2.12 -21.57 -17.26
CA GLY B 591 1.87 -22.98 -17.03
C GLY B 591 3.08 -23.89 -16.94
N GLN B 592 4.23 -23.34 -16.55
CA GLN B 592 5.48 -24.11 -16.62
C GLN B 592 5.77 -25.01 -15.41
N GLY B 593 4.80 -25.87 -15.12
CA GLY B 593 4.93 -26.81 -14.02
C GLY B 593 3.79 -27.81 -13.95
N ILE B 594 4.09 -28.95 -13.35
CA ILE B 594 3.10 -30.01 -13.08
C ILE B 594 3.21 -30.30 -11.59
N LEU B 595 2.08 -30.22 -10.86
CA LEU B 595 2.05 -30.47 -9.41
C LEU B 595 1.52 -31.88 -9.16
N LEU B 596 2.26 -32.69 -8.40
CA LEU B 596 1.90 -34.08 -8.11
C LEU B 596 1.76 -34.42 -6.63
N ILE B 597 0.82 -35.31 -6.29
CA ILE B 597 0.85 -35.94 -4.98
C ILE B 597 1.31 -37.35 -5.34
N GLU B 598 2.43 -37.77 -4.76
CA GLU B 598 3.05 -39.06 -5.07
C GLU B 598 2.94 -40.03 -3.92
N SER B 599 2.83 -41.31 -4.23
CA SER B 599 3.01 -42.29 -3.17
C SER B 599 4.45 -42.18 -2.69
N ALA B 600 4.68 -42.26 -1.38
CA ALA B 600 6.05 -42.21 -0.88
C ALA B 600 6.85 -43.46 -1.24
N GLU B 601 6.20 -44.61 -1.27
CA GLU B 601 6.89 -45.88 -1.49
C GLU B 601 6.53 -46.64 -2.77
N GLU B 602 5.30 -46.47 -3.26
CA GLU B 602 4.86 -47.28 -4.40
C GLU B 602 5.29 -46.67 -5.72
N THR B 603 5.72 -47.51 -6.66
CA THR B 603 6.12 -47.03 -7.96
C THR B 603 5.46 -47.87 -9.03
N ASN B 604 5.45 -47.35 -10.25
CA ASN B 604 4.99 -48.20 -11.34
C ASN B 604 6.16 -49.07 -11.82
N SER B 605 5.99 -49.73 -12.96
CA SER B 605 7.01 -50.68 -13.37
C SER B 605 8.29 -50.04 -13.89
N PHE B 606 8.26 -48.75 -14.13
CA PHE B 606 9.39 -48.05 -14.72
C PHE B 606 10.11 -47.15 -13.73
N GLY B 607 9.85 -47.39 -12.45
CA GLY B 607 10.54 -46.72 -11.37
C GLY B 607 9.97 -45.38 -10.94
N ASN B 608 8.84 -45.00 -11.52
CA ASN B 608 8.27 -43.70 -11.19
C ASN B 608 7.30 -43.82 -10.03
N PRO B 609 7.36 -42.92 -9.06
CA PRO B 609 6.36 -42.92 -7.98
C PRO B 609 4.96 -42.83 -8.57
N ARG B 610 4.03 -43.64 -8.06
CA ARG B 610 2.64 -43.54 -8.49
C ARG B 610 2.14 -42.17 -8.08
N ALA B 611 1.47 -41.48 -8.98
CA ALA B 611 1.04 -40.15 -8.62
C ALA B 611 -0.29 -39.74 -9.23
N TYR B 612 -0.85 -38.68 -8.67
CA TYR B 612 -1.96 -37.97 -9.28
C TYR B 612 -1.50 -36.52 -9.49
N ASN B 613 -1.86 -35.98 -10.65
CA ASN B 613 -1.53 -34.60 -10.99
C ASN B 613 -2.74 -33.73 -10.65
N ILE B 614 -2.52 -32.69 -9.85
CA ILE B 614 -3.55 -31.68 -9.62
C ILE B 614 -3.38 -30.65 -10.73
N MET B 615 -4.31 -30.68 -11.68
CA MET B 615 -4.28 -29.87 -12.88
C MET B 615 -5.32 -28.76 -12.77
N PRO B 616 -4.91 -27.50 -12.75
CA PRO B 616 -5.86 -26.39 -12.81
C PRO B 616 -6.54 -26.30 -14.15
N GLY B 617 -7.79 -25.88 -14.12
CA GLY B 617 -8.58 -25.61 -15.30
C GLY B 617 -8.81 -24.12 -15.22
N GLY B 618 -9.93 -23.65 -15.72
CA GLY B 618 -10.18 -22.22 -15.59
C GLY B 618 -10.48 -21.84 -14.15
N GLY B 619 -10.35 -20.56 -13.86
CA GLY B 619 -10.71 -20.12 -12.52
C GLY B 619 -9.65 -20.42 -11.48
N GLY B 620 -8.40 -20.48 -11.91
CA GLY B 620 -7.31 -20.76 -10.99
C GLY B 620 -6.84 -19.43 -10.43
N VAL B 621 -7.72 -18.77 -9.69
CA VAL B 621 -7.42 -17.45 -9.15
C VAL B 621 -7.77 -17.37 -7.67
N HIS B 622 -7.12 -16.44 -6.97
CA HIS B 622 -7.37 -16.24 -5.54
C HIS B 622 -7.74 -14.76 -5.31
N ARG B 623 -8.02 -14.40 -4.06
CA ARG B 623 -8.35 -12.99 -3.75
C ARG B 623 -7.36 -11.98 -4.28
N ILE B 624 -7.89 -10.89 -4.81
CA ILE B 624 -7.06 -9.73 -5.12
C ILE B 624 -6.69 -8.94 -3.86
N VAL B 625 -7.68 -8.65 -3.01
CA VAL B 625 -7.47 -7.92 -1.78
C VAL B 625 -6.67 -8.74 -0.80
N LYS B 626 -5.78 -8.08 -0.05
CA LYS B 626 -4.96 -8.80 0.91
C LYS B 626 -5.37 -8.60 2.35
N ASN B 627 -5.78 -7.38 2.71
CA ASN B 627 -6.01 -7.04 4.12
C ASN B 627 -7.35 -6.39 4.32
N SER B 628 -8.39 -7.20 4.45
CA SER B 628 -9.75 -6.69 4.52
C SER B 628 -10.20 -6.47 5.96
N ARG B 629 -10.77 -5.30 6.23
CA ARG B 629 -11.32 -5.03 7.56
C ARG B 629 -12.54 -5.90 7.79
N SER B 630 -13.12 -6.46 6.71
CA SER B 630 -14.28 -7.33 6.83
C SER B 630 -13.93 -8.83 6.83
N GLY B 631 -12.64 -9.16 6.77
CA GLY B 631 -12.22 -10.56 6.94
C GLY B 631 -10.73 -10.63 7.26
N PRO B 632 -10.31 -10.11 8.41
CA PRO B 632 -8.89 -10.09 8.72
C PRO B 632 -8.27 -11.46 8.87
N GLU B 633 -8.93 -12.35 9.60
CA GLU B 633 -8.37 -13.68 9.86
C GLU B 633 -9.38 -14.79 9.57
N THR B 634 -10.54 -14.43 9.02
CA THR B 634 -11.64 -15.40 8.92
C THR B 634 -11.61 -16.28 7.68
N GLN B 635 -10.79 -15.92 6.70
CA GLN B 635 -10.76 -16.64 5.43
C GLN B 635 -9.35 -16.71 4.88
N ASN B 636 -8.40 -17.09 5.73
CA ASN B 636 -7.00 -17.01 5.37
C ASN B 636 -6.49 -17.99 4.28
N TRP B 637 -7.32 -18.96 3.93
CA TRP B 637 -7.02 -19.94 2.86
C TRP B 637 -7.16 -19.33 1.47
N ALA B 638 -7.79 -18.16 1.36
CA ALA B 638 -8.20 -17.64 0.05
C ALA B 638 -7.17 -16.79 -0.66
N ARG B 639 -5.94 -16.76 -0.12
CA ARG B 639 -4.93 -15.81 -0.59
C ARG B 639 -3.95 -16.36 -1.61
N SER B 640 -4.00 -17.67 -1.84
CA SER B 640 -3.10 -18.33 -2.80
C SER B 640 -3.95 -19.36 -3.55
N ASN B 641 -3.41 -19.99 -4.59
CA ASN B 641 -4.24 -20.93 -5.33
C ASN B 641 -4.44 -22.24 -4.60
N LEU B 642 -3.44 -22.66 -3.83
CA LEU B 642 -3.50 -23.98 -3.19
C LEU B 642 -2.56 -24.05 -1.99
N PHE B 643 -2.89 -24.90 -1.02
CA PHE B 643 -2.01 -25.14 0.10
C PHE B 643 -1.88 -26.63 0.35
N LEU B 644 -0.70 -27.05 0.81
CA LEU B 644 -0.47 -28.44 1.15
C LEU B 644 -0.19 -28.49 2.63
N THR B 645 -0.93 -29.31 3.37
CA THR B 645 -0.64 -29.50 4.80
C THR B 645 -0.57 -30.96 5.16
N LYS B 646 -0.03 -31.21 6.35
CA LYS B 646 0.00 -32.56 6.90
C LYS B 646 -1.40 -32.84 7.46
N HIS B 647 -1.99 -33.96 7.06
CA HIS B 647 -3.33 -34.32 7.55
C HIS B 647 -3.39 -34.39 9.06
N LYS B 648 -4.43 -33.78 9.65
CA LYS B 648 -4.72 -33.91 11.07
C LYS B 648 -6.22 -33.94 11.30
N ASP B 649 -6.70 -34.81 12.19
CA ASP B 649 -8.12 -34.81 12.56
C ASP B 649 -8.59 -33.47 13.18
N GLU B 650 -7.69 -32.77 13.87
CA GLU B 650 -8.01 -31.44 14.43
C GLU B 650 -8.02 -30.35 13.35
N GLU B 651 -7.50 -30.66 12.17
CA GLU B 651 -7.55 -29.70 11.05
C GLU B 651 -8.55 -30.25 10.06
N LEU B 652 -9.77 -30.32 10.56
CA LEU B 652 -10.89 -30.92 9.86
C LEU B 652 -11.39 -30.05 8.72
N ARG B 653 -11.36 -28.74 8.94
CA ARG B 653 -12.08 -27.84 8.04
C ARG B 653 -11.38 -26.49 8.02
N SER B 654 -11.42 -25.82 6.87
CA SER B 654 -10.66 -24.58 6.73
C SER B 654 -11.47 -23.33 7.08
N SER B 655 -12.77 -23.51 7.27
CA SER B 655 -13.66 -22.45 7.74
C SER B 655 -14.75 -23.12 8.56
N THR B 656 -15.61 -22.32 9.18
CA THR B 656 -16.77 -22.85 9.91
C THR B 656 -17.94 -21.89 9.72
N ALA B 657 -19.15 -22.34 10.01
CA ALA B 657 -20.31 -21.47 9.90
C ALA B 657 -20.27 -20.35 10.94
N LEU B 658 -19.35 -20.48 11.90
CA LEU B 658 -19.19 -19.54 13.01
C LEU B 658 -18.04 -18.57 12.78
N ASN B 659 -17.42 -18.63 11.61
CA ASN B 659 -16.25 -17.78 11.39
C ASN B 659 -16.55 -16.33 11.05
N THR B 660 -17.60 -16.09 10.27
CA THR B 660 -17.70 -14.81 9.57
C THR B 660 -17.63 -13.53 10.42
N ASN B 661 -18.29 -13.52 11.58
CA ASN B 661 -18.29 -12.31 12.40
C ASN B 661 -17.16 -12.28 13.43
N ALA B 662 -16.40 -13.36 13.54
CA ALA B 662 -15.33 -13.41 14.53
C ALA B 662 -14.06 -13.01 13.79
N LEU B 663 -13.98 -11.71 13.48
CA LEU B 663 -12.97 -11.18 12.55
C LEU B 663 -11.52 -11.45 12.89
N TYR B 664 -11.18 -11.38 14.17
CA TYR B 664 -9.79 -11.52 14.58
C TYR B 664 -9.46 -12.87 15.24
N ASP B 665 -10.44 -13.49 15.88
CA ASP B 665 -10.25 -14.76 16.57
C ASP B 665 -11.31 -15.80 16.20
N PRO B 666 -11.39 -16.13 14.92
CA PRO B 666 -12.40 -17.07 14.47
C PRO B 666 -12.14 -18.47 15.02
N PRO B 667 -13.18 -19.27 15.16
CA PRO B 667 -13.02 -20.67 15.56
C PRO B 667 -11.92 -21.36 14.75
N VAL B 668 -11.90 -21.16 13.43
CA VAL B 668 -10.81 -21.66 12.63
C VAL B 668 -10.08 -20.52 11.92
N ASN B 669 -8.78 -20.41 12.22
CA ASN B 669 -7.87 -19.56 11.47
C ASN B 669 -7.04 -20.54 10.66
N PHE B 670 -7.23 -20.55 9.35
CA PHE B 670 -6.58 -21.53 8.51
C PHE B 670 -5.07 -21.47 8.65
N ASN B 671 -4.53 -20.27 8.94
CA ASN B 671 -3.06 -20.17 8.99
C ASN B 671 -2.46 -20.99 10.12
N ALA B 672 -3.28 -21.38 11.10
CA ALA B 672 -2.79 -22.23 12.18
C ALA B 672 -2.27 -23.57 11.64
N PHE B 673 -2.74 -23.98 10.45
CA PHE B 673 -2.33 -25.28 9.90
C PHE B 673 -0.91 -25.21 9.34
N LEU B 674 -0.43 -23.98 9.09
CA LEU B 674 0.79 -23.80 8.32
C LEU B 674 1.91 -23.53 9.30
N ASP B 675 2.51 -24.59 9.81
CA ASP B 675 3.54 -24.48 10.83
C ASP B 675 4.83 -25.24 10.49
N ASP B 676 5.14 -25.27 9.19
CA ASP B 676 6.45 -25.72 8.68
C ASP B 676 6.74 -27.19 8.90
N GLU B 677 5.67 -27.97 9.03
CA GLU B 677 5.85 -29.40 9.20
C GLU B 677 6.33 -30.09 7.95
N SER B 678 7.12 -31.13 8.12
CA SER B 678 7.58 -31.90 6.99
C SER B 678 6.40 -32.53 6.25
N LEU B 679 6.47 -32.55 4.94
CA LEU B 679 5.47 -33.24 4.12
C LEU B 679 6.13 -34.38 3.40
N ASP B 680 7.36 -34.70 3.77
CA ASP B 680 8.14 -35.62 2.96
C ASP B 680 7.94 -37.01 3.49
N GLY B 681 6.93 -37.70 2.96
CA GLY B 681 6.59 -39.02 3.44
C GLY B 681 5.59 -38.90 4.58
N GLU B 682 4.47 -38.26 4.28
CA GLU B 682 3.45 -38.00 5.27
C GLU B 682 2.07 -38.06 4.64
N ASP B 683 1.02 -38.08 5.47
CA ASP B 683 -0.33 -37.98 4.94
C ASP B 683 -0.58 -36.51 4.60
N ILE B 684 -0.76 -36.22 3.31
CA ILE B 684 -0.87 -34.85 2.83
C ILE B 684 -2.33 -34.56 2.49
N VAL B 685 -2.72 -33.30 2.71
CA VAL B 685 -4.01 -32.80 2.26
C VAL B 685 -3.73 -31.61 1.36
N ALA B 686 -4.42 -31.53 0.23
CA ALA B 686 -4.30 -30.35 -0.63
C ALA B 686 -5.58 -29.53 -0.45
N TRP B 687 -5.43 -28.25 -0.13
CA TRP B 687 -6.59 -27.36 -0.04
C TRP B 687 -6.53 -26.54 -1.31
N VAL B 688 -7.43 -26.84 -2.23
CA VAL B 688 -7.40 -26.29 -3.57
C VAL B 688 -8.49 -25.25 -3.80
N ASN B 689 -8.11 -24.08 -4.32
CA ASN B 689 -9.09 -23.04 -4.53
C ASN B 689 -9.53 -22.84 -5.95
N LEU B 690 -10.80 -22.46 -6.11
CA LEU B 690 -11.32 -22.06 -7.42
C LEU B 690 -11.90 -20.65 -7.25
N GLY B 691 -11.84 -19.84 -8.29
CA GLY B 691 -12.38 -18.50 -8.13
C GLY B 691 -12.74 -17.78 -9.41
N LEU B 692 -13.41 -16.65 -9.24
CA LEU B 692 -13.78 -15.76 -10.33
C LEU B 692 -13.60 -14.33 -9.90
N HIS B 693 -12.95 -13.52 -10.74
CA HIS B 693 -12.96 -12.08 -10.54
C HIS B 693 -14.11 -11.57 -11.41
N HIS B 694 -15.21 -11.21 -10.76
CA HIS B 694 -16.44 -10.93 -11.49
C HIS B 694 -16.63 -9.43 -11.59
N LEU B 695 -16.61 -8.93 -12.82
CA LEU B 695 -16.86 -7.52 -13.11
C LEU B 695 -18.08 -7.51 -14.04
N PRO B 696 -19.28 -7.52 -13.45
CA PRO B 696 -20.48 -7.65 -14.28
C PRO B 696 -20.64 -6.57 -15.34
N ASN B 697 -21.20 -6.99 -16.46
CA ASN B 697 -21.43 -6.07 -17.55
C ASN B 697 -22.84 -6.33 -18.08
N SER B 698 -23.14 -5.85 -19.28
CA SER B 698 -24.47 -6.10 -19.85
C SER B 698 -24.82 -7.59 -19.91
N ASN B 699 -23.81 -8.45 -20.06
CA ASN B 699 -24.06 -9.88 -20.20
C ASN B 699 -24.41 -10.53 -18.87
N ASP B 700 -24.60 -9.70 -17.84
CA ASP B 700 -25.03 -10.17 -16.53
C ASP B 700 -26.41 -9.66 -16.15
N LEU B 701 -27.07 -9.00 -17.08
CA LEU B 701 -28.42 -8.52 -16.81
C LEU B 701 -29.37 -9.17 -17.80
N PRO B 702 -30.49 -9.67 -17.32
CA PRO B 702 -30.90 -9.62 -15.91
C PRO B 702 -30.18 -10.60 -14.98
N ASN B 703 -29.51 -11.61 -15.52
CA ASN B 703 -28.78 -12.58 -14.70
C ASN B 703 -27.43 -12.92 -15.30
N THR B 704 -26.51 -13.33 -14.43
CA THR B 704 -25.24 -13.87 -14.86
C THR B 704 -25.50 -15.24 -15.49
N ILE B 705 -24.66 -15.63 -16.45
CA ILE B 705 -24.79 -16.94 -17.12
C ILE B 705 -23.67 -17.90 -16.72
N PHE B 706 -24.04 -19.18 -16.68
CA PHE B 706 -23.18 -20.26 -16.20
C PHE B 706 -22.05 -20.58 -17.17
N SER B 707 -22.26 -20.30 -18.44
CA SER B 707 -21.28 -20.68 -19.43
C SER B 707 -19.93 -19.97 -19.27
N THR B 708 -19.96 -18.69 -18.91
CA THR B 708 -18.72 -17.92 -18.84
C THR B 708 -18.34 -17.58 -17.40
N ALA B 709 -19.06 -18.12 -16.42
CA ALA B 709 -18.71 -17.93 -15.00
C ALA B 709 -18.40 -19.34 -14.48
N HIS B 710 -17.22 -19.83 -14.82
CA HIS B 710 -16.82 -21.24 -14.65
C HIS B 710 -15.40 -21.38 -14.08
N ALA B 711 -15.23 -22.33 -13.15
CA ALA B 711 -13.91 -22.62 -12.64
C ALA B 711 -13.81 -24.12 -12.44
N SER B 712 -12.64 -24.71 -12.64
CA SER B 712 -12.52 -26.17 -12.44
C SER B 712 -11.08 -26.57 -12.18
N PHE B 713 -10.90 -27.77 -11.63
CA PHE B 713 -9.59 -28.40 -11.61
C PHE B 713 -9.78 -29.89 -11.84
N MET B 714 -8.72 -30.57 -12.24
CA MET B 714 -8.79 -32.01 -12.39
C MET B 714 -7.73 -32.73 -11.54
N LEU B 715 -8.04 -33.98 -11.19
CA LEU B 715 -7.09 -34.89 -10.52
C LEU B 715 -6.95 -36.01 -11.54
N THR B 716 -5.75 -36.15 -12.11
CA THR B 716 -5.54 -37.10 -13.20
C THR B 716 -4.35 -38.02 -12.89
N PRO B 717 -4.47 -39.30 -13.19
CA PRO B 717 -3.38 -40.24 -12.94
C PRO B 717 -2.10 -39.80 -13.66
N PHE B 718 -0.94 -39.99 -13.03
CA PHE B 718 0.34 -39.58 -13.56
C PHE B 718 1.32 -40.66 -13.06
N ASN B 719 1.66 -41.59 -13.95
CA ASN B 719 2.46 -42.76 -13.60
C ASN B 719 1.82 -43.60 -12.51
N TYR B 720 0.50 -43.44 -12.35
CA TYR B 720 -0.24 -44.17 -11.34
C TYR B 720 -0.36 -45.65 -11.73
N PHE B 721 -0.42 -45.89 -13.03
CA PHE B 721 -0.43 -47.23 -13.56
C PHE B 721 0.75 -47.30 -14.52
N ASP B 722 0.90 -48.43 -15.21
CA ASP B 722 1.92 -48.54 -16.27
C ASP B 722 1.42 -48.01 -17.61
N SER B 723 0.10 -47.81 -17.72
CA SER B 723 -0.54 -47.44 -18.97
C SER B 723 -1.85 -46.71 -18.70
N GLU B 724 -2.40 -46.15 -19.76
CA GLU B 724 -3.66 -45.42 -19.66
C GLU B 724 -4.80 -46.44 -19.55
N ASN B 725 -5.64 -46.31 -18.53
CA ASN B 725 -6.53 -47.41 -18.14
C ASN B 725 -7.98 -47.41 -18.62
N SER B 726 -8.27 -46.70 -19.69
CA SER B 726 -9.62 -46.76 -20.25
C SER B 726 -9.76 -47.91 -21.27
N ARG B 727 -8.65 -48.59 -21.57
CA ARG B 727 -8.60 -49.53 -22.70
C ARG B 727 -9.53 -50.71 -22.54
N ASP B 728 -9.95 -51.02 -21.31
CA ASP B 728 -10.90 -52.12 -21.12
C ASP B 728 -12.36 -51.75 -21.36
N THR B 729 -12.66 -50.50 -21.67
CA THR B 729 -14.08 -50.19 -21.91
C THR B 729 -14.56 -50.90 -23.18
N THR B 730 -15.86 -51.17 -23.24
CA THR B 730 -16.46 -51.67 -24.48
C THR B 730 -16.94 -50.52 -25.36
N GLN B 731 -16.91 -49.30 -24.83
CA GLN B 731 -17.48 -48.16 -25.55
C GLN B 731 -16.39 -47.62 -26.44
N GLN B 732 -16.02 -48.41 -27.42
CA GLN B 732 -14.98 -48.02 -28.36
C GLN B 732 -15.23 -48.76 -29.66
N VAL B 733 -14.56 -48.34 -30.72
CA VAL B 733 -14.69 -48.97 -32.02
C VAL B 733 -13.31 -49.26 -32.58
N PHE B 734 -13.17 -50.37 -33.30
CA PHE B 734 -11.93 -50.67 -33.99
C PHE B 734 -12.31 -50.96 -35.44
N TYR B 735 -11.96 -50.01 -36.30
CA TYR B 735 -12.27 -50.12 -37.72
C TYR B 735 -11.00 -50.53 -38.46
N THR B 736 -11.12 -51.47 -39.40
CA THR B 736 -9.96 -51.89 -40.19
C THR B 736 -10.34 -51.92 -41.63
N TYR B 737 -9.36 -51.70 -42.49
CA TYR B 737 -9.61 -51.75 -43.89
C TYR B 737 -8.52 -52.55 -44.50
N ASP B 738 -8.91 -53.44 -45.38
CA ASP B 738 -7.87 -54.08 -46.11
C ASP B 738 -7.59 -53.53 -47.52
N ASP B 739 -6.33 -53.11 -47.72
CA ASP B 739 -5.82 -52.57 -48.99
C ASP B 739 -5.90 -53.49 -50.23
N GLU B 740 -5.93 -54.81 -50.03
CA GLU B 740 -6.06 -55.76 -51.14
C GLU B 740 -7.52 -55.81 -51.60
N THR B 741 -8.37 -56.43 -50.78
CA THR B 741 -9.78 -56.62 -51.09
C THR B 741 -10.64 -55.34 -51.12
N GLU B 742 -10.26 -54.34 -50.33
CA GLU B 742 -11.03 -53.10 -50.24
C GLU B 742 -12.27 -53.33 -49.37
N GLU B 743 -12.13 -54.24 -48.42
CA GLU B 743 -13.20 -54.56 -47.49
C GLU B 743 -12.96 -53.87 -46.15
N SER B 744 -14.01 -53.30 -45.58
CA SER B 744 -13.92 -52.69 -44.27
C SER B 744 -14.49 -53.65 -43.22
N ASN B 745 -13.97 -53.58 -41.99
CA ASN B 745 -14.52 -54.36 -40.89
C ASN B 745 -14.72 -53.42 -39.69
N TRP B 746 -15.82 -53.59 -38.99
CA TRP B 746 -16.13 -52.74 -37.85
C TRP B 746 -16.30 -53.61 -36.62
N GLU B 747 -15.54 -53.31 -35.57
CA GLU B 747 -15.64 -54.05 -34.31
C GLU B 747 -16.22 -53.10 -33.28
N PHE B 748 -17.39 -53.44 -32.76
CA PHE B 748 -18.09 -52.56 -31.79
C PHE B 748 -18.17 -53.15 -30.40
N TYR B 749 -17.53 -54.29 -30.18
CA TYR B 749 -17.40 -54.86 -28.83
C TYR B 749 -18.72 -55.07 -28.11
N GLY B 750 -19.73 -55.55 -28.83
CA GLY B 750 -20.97 -55.89 -28.16
C GLY B 750 -22.01 -54.81 -28.15
N ASN B 751 -21.68 -53.65 -28.70
CA ASN B 751 -22.61 -52.54 -28.82
C ASN B 751 -23.23 -52.53 -30.21
N ASP B 752 -24.52 -52.80 -30.27
CA ASP B 752 -25.25 -52.83 -31.53
C ASP B 752 -25.87 -51.48 -31.89
N TRP B 753 -25.29 -50.79 -32.87
CA TRP B 753 -25.76 -49.47 -33.22
C TRP B 753 -26.96 -49.45 -34.17
N SER B 754 -27.49 -50.63 -34.51
CA SER B 754 -28.64 -50.69 -35.40
C SER B 754 -29.76 -49.80 -34.89
N SER B 755 -30.50 -49.19 -35.81
CA SER B 755 -31.61 -48.33 -35.41
C SER B 755 -32.56 -49.11 -34.50
N CYS B 756 -33.00 -48.48 -33.43
CA CYS B 756 -33.92 -49.14 -32.52
C CYS B 756 -34.83 -48.07 -31.91
N GLY B 757 -35.99 -48.48 -31.44
CA GLY B 757 -36.94 -47.52 -30.91
C GLY B 757 -36.90 -47.42 -29.40
N LEU B 758 -37.14 -46.24 -28.87
CA LEU B 758 -37.26 -46.09 -27.43
C LEU B 758 -38.25 -45.01 -27.07
N GLU B 759 -38.62 -44.97 -25.80
CA GLU B 759 -39.48 -43.90 -25.34
C GLU B 759 -38.60 -42.82 -24.73
N VAL B 760 -38.79 -41.58 -25.17
CA VAL B 760 -38.08 -40.44 -24.61
C VAL B 760 -38.95 -39.98 -23.44
N PRO B 761 -38.48 -40.24 -22.23
CA PRO B 761 -39.34 -40.14 -21.04
C PRO B 761 -39.51 -38.71 -20.53
N GLU B 762 -40.68 -38.42 -19.99
CA GLU B 762 -40.90 -37.13 -19.35
C GLU B 762 -40.18 -37.14 -17.99
N PRO B 763 -39.42 -36.08 -17.70
CA PRO B 763 -38.80 -35.92 -16.38
C PRO B 763 -39.83 -35.98 -15.26
N ASN B 764 -39.37 -36.31 -14.06
CA ASN B 764 -40.24 -36.36 -12.88
C ASN B 764 -40.60 -34.99 -12.33
N PHE B 765 -41.21 -34.13 -13.15
CA PHE B 765 -41.53 -32.76 -12.73
C PHE B 765 -42.40 -32.73 -11.47
N GLU B 766 -43.27 -33.72 -11.34
CA GLU B 766 -44.18 -33.80 -10.21
C GLU B 766 -43.48 -33.90 -8.86
N ASP B 767 -42.21 -34.32 -8.85
CA ASP B 767 -41.44 -34.41 -7.61
C ASP B 767 -40.88 -33.06 -7.17
N TYR B 768 -40.94 -32.07 -8.05
CA TYR B 768 -40.40 -30.74 -7.73
C TYR B 768 -41.45 -29.83 -7.15
N THR B 769 -41.24 -29.43 -5.91
CA THR B 769 -42.06 -28.38 -5.32
C THR B 769 -41.15 -27.31 -4.75
N TYR B 770 -41.56 -26.06 -4.88
CA TYR B 770 -40.78 -24.95 -4.38
C TYR B 770 -40.52 -25.04 -2.88
N GLY B 771 -39.37 -24.54 -2.44
CA GLY B 771 -39.11 -24.45 -1.03
C GLY B 771 -37.80 -25.03 -0.55
N ARG B 772 -37.41 -24.63 0.66
CA ARG B 772 -36.14 -25.09 1.20
C ARG B 772 -36.22 -26.32 2.10
N GLY B 773 -36.89 -27.36 1.61
CA GLY B 773 -37.07 -28.60 2.37
C GLY B 773 -38.43 -28.73 3.05
N THR B 774 -38.81 -29.96 3.37
CA THR B 774 -40.06 -30.23 4.07
C THR B 774 -39.74 -30.37 5.55
N ARG B 775 -40.36 -29.53 6.38
CA ARG B 775 -40.07 -29.49 7.80
C ARG B 775 -40.97 -30.43 8.61
N ALA C 41 38.16 44.25 45.78
CA ALA C 41 37.61 45.58 46.14
C ALA C 41 36.14 45.50 46.54
N SER C 42 35.26 45.31 45.55
CA SER C 42 33.82 45.19 45.79
C SER C 42 33.54 44.34 47.01
N ALA C 43 32.43 44.64 47.68
CA ALA C 43 32.01 43.80 48.79
C ALA C 43 31.56 42.47 48.20
N GLU C 44 31.46 41.45 49.04
CA GLU C 44 30.96 40.16 48.59
C GLU C 44 29.46 40.25 48.28
N CYS C 45 28.98 39.44 47.33
CA CYS C 45 27.55 39.39 47.07
C CYS C 45 26.85 38.85 48.31
N VAL C 46 25.58 39.21 48.49
CA VAL C 46 24.88 38.80 49.70
C VAL C 46 24.48 37.34 49.62
N SER C 47 25.09 36.51 50.46
CA SER C 47 24.80 35.10 50.44
C SER C 47 23.52 34.75 51.20
N ASN C 48 22.81 33.77 50.67
CA ASN C 48 21.66 33.19 51.35
C ASN C 48 21.70 31.65 51.31
N GLU C 49 21.18 31.01 52.33
CA GLU C 49 21.14 29.56 52.37
C GLU C 49 19.99 28.97 51.55
N ASN C 50 20.14 27.71 51.16
CA ASN C 50 19.05 26.97 50.51
C ASN C 50 17.84 26.88 51.43
N VAL C 51 16.65 27.04 50.87
CA VAL C 51 15.43 27.00 51.67
C VAL C 51 14.69 25.67 51.56
N GLU C 52 14.37 25.10 52.71
CA GLU C 52 13.57 23.89 52.72
C GLU C 52 12.20 24.23 53.29
N ILE C 53 11.16 23.53 52.83
CA ILE C 53 9.79 23.76 53.27
C ILE C 53 9.07 22.48 53.58
N GLU C 54 7.87 22.61 54.13
CA GLU C 54 7.03 21.44 54.39
C GLU C 54 5.95 21.38 53.33
N ALA C 55 5.84 20.25 52.65
CA ALA C 55 4.80 20.10 51.66
C ALA C 55 3.42 20.20 52.33
N PRO C 56 2.45 20.74 51.62
CA PRO C 56 1.08 20.83 52.17
C PRO C 56 0.48 19.49 52.55
N LYS C 57 0.86 18.43 51.83
CA LYS C 57 0.31 17.09 52.05
C LYS C 57 1.44 16.11 51.83
N THR C 58 1.21 14.83 52.11
CA THR C 58 2.26 13.85 51.89
C THR C 58 2.22 13.40 50.43
N ASN C 59 3.38 12.99 49.94
CA ASN C 59 3.50 12.51 48.58
C ASN C 59 2.95 11.09 48.49
N ILE C 60 1.69 11.00 48.09
CA ILE C 60 0.96 9.75 47.98
C ILE C 60 1.35 8.96 46.71
N TRP C 61 2.21 9.54 45.88
CA TRP C 61 2.64 8.85 44.65
C TRP C 61 4.05 8.33 44.77
N THR C 62 4.68 8.49 45.94
CA THR C 62 6.10 8.22 46.04
C THR C 62 6.46 6.73 46.00
N SER C 63 7.69 6.44 45.58
CA SER C 63 8.15 5.06 45.46
C SER C 63 8.16 4.35 46.80
N LEU C 64 8.09 3.03 46.77
CA LEU C 64 8.11 2.27 48.03
C LEU C 64 9.41 2.44 48.80
N ALA C 65 9.28 2.57 50.12
CA ALA C 65 10.47 2.63 50.93
C ALA C 65 11.12 1.23 50.97
N LYS C 66 12.42 1.18 51.24
CA LYS C 66 13.11 -0.11 51.32
C LYS C 66 12.40 -1.09 52.24
N GLU C 67 11.89 -0.61 53.38
CA GLU C 67 11.18 -1.46 54.32
C GLU C 67 9.84 -1.97 53.77
N GLU C 68 9.20 -1.14 52.95
CA GLU C 68 7.95 -1.54 52.35
C GLU C 68 8.23 -2.65 51.32
N VAL C 69 9.28 -2.48 50.52
CA VAL C 69 9.66 -3.49 49.56
C VAL C 69 10.01 -4.77 50.31
N GLN C 70 10.76 -4.65 51.40
CA GLN C 70 11.17 -5.84 52.14
C GLN C 70 9.96 -6.62 52.64
N GLU C 71 8.97 -5.88 53.14
CA GLU C 71 7.76 -6.49 53.68
C GLU C 71 7.02 -7.26 52.62
N VAL C 72 6.99 -6.70 51.42
CA VAL C 72 6.26 -7.34 50.36
C VAL C 72 7.02 -8.56 49.88
N LEU C 73 8.34 -8.41 49.73
CA LEU C 73 9.16 -9.50 49.28
C LEU C 73 9.06 -10.68 50.25
N ASP C 74 9.11 -10.38 51.54
CA ASP C 74 9.00 -11.44 52.53
C ASP C 74 7.64 -12.15 52.43
N LEU C 75 6.58 -11.36 52.23
CA LEU C 75 5.25 -11.95 52.15
C LEU C 75 5.14 -12.82 50.90
N LEU C 76 5.74 -12.40 49.79
CA LEU C 76 5.69 -13.24 48.59
C LEU C 76 6.42 -14.55 48.85
N HIS C 77 7.55 -14.47 49.55
CA HIS C 77 8.34 -15.65 49.86
C HIS C 77 7.61 -16.62 50.78
N SER C 78 6.75 -16.10 51.65
CA SER C 78 6.02 -16.98 52.57
C SER C 78 4.74 -17.51 51.95
N THR C 79 4.25 -16.84 50.91
CA THR C 79 3.01 -17.23 50.25
C THR C 79 3.23 -18.23 49.11
N TYR C 80 4.34 -18.05 48.39
CA TYR C 80 4.63 -18.88 47.23
C TYR C 80 6.02 -19.46 47.37
N ASN C 81 6.28 -20.48 46.57
CA ASN C 81 7.61 -21.06 46.54
C ASN C 81 8.48 -20.20 45.65
N ILE C 82 9.17 -19.24 46.24
CA ILE C 82 9.99 -18.33 45.43
C ILE C 82 11.45 -18.72 45.38
N THR C 83 11.99 -18.78 44.17
CA THR C 83 13.42 -19.03 43.96
C THR C 83 14.16 -17.72 43.69
N GLU C 84 15.40 -17.63 44.17
CA GLU C 84 16.23 -16.45 43.91
C GLU C 84 16.55 -16.39 42.43
N VAL C 85 16.52 -15.19 41.86
CA VAL C 85 16.74 -15.03 40.43
C VAL C 85 18.03 -15.71 39.92
N THR C 86 19.11 -15.60 40.68
CA THR C 86 20.38 -16.17 40.24
C THR C 86 20.36 -17.70 40.17
N LYS C 87 19.34 -18.34 40.75
CA LYS C 87 19.23 -19.80 40.69
C LYS C 87 18.01 -20.25 39.88
N ALA C 88 17.30 -19.30 39.29
CA ALA C 88 16.04 -19.62 38.62
C ALA C 88 16.19 -20.03 37.17
N ASP C 89 15.19 -20.77 36.69
CA ASP C 89 15.08 -21.08 35.27
C ASP C 89 13.61 -20.97 34.85
N PHE C 90 13.26 -21.43 33.66
CA PHE C 90 11.91 -21.22 33.17
C PHE C 90 10.85 -22.02 33.95
N PHE C 91 11.31 -22.92 34.83
CA PHE C 91 10.42 -23.75 35.63
C PHE C 91 10.34 -23.34 37.10
N SER C 92 11.02 -22.26 37.44
CA SER C 92 11.02 -21.71 38.79
C SER C 92 9.94 -20.65 38.91
N ASN C 93 9.65 -20.21 40.14
CA ASN C 93 8.88 -18.99 40.34
C ASN C 93 9.87 -17.97 40.89
N TYR C 94 9.80 -16.72 40.44
CA TYR C 94 10.70 -15.70 40.97
C TYR C 94 10.08 -14.32 40.84
N VAL C 95 10.53 -13.40 41.68
CA VAL C 95 9.98 -12.05 41.70
C VAL C 95 10.74 -11.14 40.77
N LEU C 96 10.02 -10.35 39.98
CA LEU C 96 10.70 -9.38 39.13
C LEU C 96 10.66 -7.98 39.70
N TRP C 97 9.45 -7.49 39.97
CA TRP C 97 9.26 -6.09 40.32
C TRP C 97 8.30 -5.93 41.51
N ILE C 98 8.52 -4.87 42.29
CA ILE C 98 7.71 -4.48 43.45
C ILE C 98 7.79 -2.96 43.48
N GLU C 99 6.65 -2.31 43.27
CA GLU C 99 6.62 -0.85 43.24
C GLU C 99 5.28 -0.32 43.71
N THR C 100 5.22 0.98 43.92
CA THR C 100 3.97 1.60 44.34
C THR C 100 2.88 1.47 43.28
N LEU C 101 1.69 1.05 43.72
CA LEU C 101 0.46 1.09 42.90
C LEU C 101 -0.16 2.44 43.28
N LYS C 102 -0.07 3.41 42.39
CA LYS C 102 -0.48 4.75 42.74
C LYS C 102 -1.96 4.84 43.01
N PRO C 103 -2.35 5.79 43.85
CA PRO C 103 -3.77 5.94 44.18
C PRO C 103 -4.60 6.35 42.99
N ASN C 104 -5.89 6.08 43.08
CA ASN C 104 -6.83 6.48 42.06
C ASN C 104 -7.08 7.95 42.23
N LYS C 105 -7.56 8.60 41.17
CA LYS C 105 -7.65 10.05 41.18
C LYS C 105 -8.63 10.68 42.15
N THR C 106 -9.82 10.11 42.26
CA THR C 106 -10.85 10.72 43.09
C THR C 106 -10.40 10.66 44.52
N GLU C 107 -9.87 9.51 44.93
CA GLU C 107 -9.39 9.37 46.30
C GLU C 107 -8.21 10.31 46.56
N ALA C 108 -7.36 10.49 45.55
CA ALA C 108 -6.23 11.38 45.72
C ALA C 108 -6.71 12.81 45.91
N LEU C 109 -7.71 13.22 45.13
CA LEU C 109 -8.18 14.60 45.18
C LEU C 109 -8.91 14.86 46.48
N THR C 110 -9.63 13.86 46.97
CA THR C 110 -10.33 14.03 48.26
C THR C 110 -9.30 14.29 49.36
N TYR C 111 -8.21 13.54 49.32
CA TYR C 111 -7.12 13.76 50.26
C TYR C 111 -6.44 15.14 50.10
N LEU C 112 -6.20 15.55 48.87
CA LEU C 112 -5.49 16.81 48.64
C LEU C 112 -6.33 18.05 48.86
N ASP C 113 -7.61 17.97 48.50
CA ASP C 113 -8.44 19.17 48.44
C ASP C 113 -9.56 19.26 49.49
N GLU C 114 -9.95 18.12 50.05
CA GLU C 114 -11.10 18.10 50.95
C GLU C 114 -10.78 17.49 52.30
N ASP C 115 -9.51 17.52 52.62
CA ASP C 115 -9.01 16.97 53.87
C ASP C 115 -9.45 15.53 54.15
N GLY C 116 -9.52 14.74 53.08
CA GLY C 116 -9.91 13.36 53.18
C GLY C 116 -8.81 12.48 53.75
N ASP C 117 -9.13 11.21 53.89
CA ASP C 117 -8.17 10.25 54.40
C ASP C 117 -7.06 9.96 53.40
N LEU C 118 -5.91 9.55 53.92
CA LEU C 118 -4.82 9.07 53.07
C LEU C 118 -5.34 7.89 52.27
N PRO C 119 -5.09 7.88 50.97
CA PRO C 119 -5.46 6.72 50.16
C PRO C 119 -4.67 5.50 50.62
N PRO C 120 -5.22 4.32 50.37
CA PRO C 120 -4.53 3.07 50.67
C PRO C 120 -3.14 2.99 50.04
N ARG C 121 -2.19 2.43 50.77
CA ARG C 121 -0.81 2.28 50.31
C ARG C 121 -0.65 0.84 49.83
N ASN C 122 -0.42 0.68 48.54
CA ASN C 122 -0.44 -0.63 47.90
C ASN C 122 0.76 -0.80 47.02
N ALA C 123 1.17 -2.05 46.85
CA ALA C 123 2.21 -2.36 45.90
C ALA C 123 1.68 -3.15 44.71
N ARG C 124 2.23 -2.84 43.55
CA ARG C 124 2.08 -3.68 42.38
C ARG C 124 3.32 -4.55 42.36
N THR C 125 3.15 -5.87 42.17
CA THR C 125 4.29 -6.74 42.04
C THR C 125 4.13 -7.56 40.78
N VAL C 126 5.25 -7.97 40.20
CA VAL C 126 5.22 -8.85 39.06
C VAL C 126 6.10 -10.04 39.37
N VAL C 127 5.50 -11.22 39.29
CA VAL C 127 6.16 -12.48 39.63
C VAL C 127 6.03 -13.43 38.46
N TYR C 128 7.12 -14.08 38.09
CA TYR C 128 7.04 -15.15 37.12
C TYR C 128 6.67 -16.46 37.82
N PHE C 129 5.64 -17.16 37.32
CA PHE C 129 5.30 -18.47 37.86
C PHE C 129 5.56 -19.57 36.81
N GLY C 130 6.56 -20.41 37.06
CA GLY C 130 6.90 -21.47 36.11
C GLY C 130 6.56 -22.85 36.65
N GLU C 131 6.04 -22.89 37.88
CA GLU C 131 5.76 -24.17 38.52
C GLU C 131 4.65 -25.02 37.87
N GLY C 132 3.77 -24.38 37.11
CA GLY C 132 2.65 -25.09 36.49
C GLY C 132 2.99 -25.64 35.11
N GLU C 133 1.95 -26.07 34.40
CA GLU C 133 2.10 -26.67 33.08
C GLU C 133 2.53 -25.67 32.03
N GLU C 134 2.14 -24.42 32.22
CA GLU C 134 2.55 -23.34 31.34
C GLU C 134 3.13 -22.28 32.27
N GLY C 135 4.17 -21.58 31.80
CA GLY C 135 4.74 -20.48 32.56
C GLY C 135 4.03 -19.18 32.18
N TYR C 136 4.00 -18.23 33.11
CA TYR C 136 3.41 -16.91 32.84
C TYR C 136 3.95 -15.94 33.88
N PHE C 137 3.91 -14.66 33.56
CA PHE C 137 4.17 -13.60 34.52
C PHE C 137 2.81 -13.22 35.05
N GLU C 138 2.69 -12.96 36.34
CA GLU C 138 1.41 -12.44 36.86
C GLU C 138 1.63 -11.16 37.65
N GLU C 139 0.76 -10.18 37.44
CA GLU C 139 0.81 -8.98 38.24
C GLU C 139 -0.13 -9.23 39.43
N LEU C 140 0.34 -8.85 40.61
CA LEU C 140 -0.41 -9.06 41.84
C LEU C 140 -0.34 -7.78 42.67
N LYS C 141 -1.47 -7.43 43.28
CA LYS C 141 -1.54 -6.29 44.18
C LYS C 141 -1.30 -6.84 45.59
N VAL C 142 -0.39 -6.21 46.33
CA VAL C 142 -0.12 -6.60 47.73
C VAL C 142 -0.43 -5.37 48.55
N GLY C 143 -1.41 -5.46 49.44
CA GLY C 143 -1.73 -4.33 50.29
C GLY C 143 -2.99 -4.57 51.09
N PRO C 144 -3.34 -3.64 51.97
CA PRO C 144 -2.56 -2.42 52.23
C PRO C 144 -1.26 -2.64 52.99
N LEU C 145 -0.41 -1.61 52.96
CA LEU C 145 0.87 -1.61 53.64
C LEU C 145 0.79 -0.54 54.73
N PRO C 146 1.51 -0.70 55.83
CA PRO C 146 2.44 -1.82 56.05
C PRO C 146 1.78 -3.18 56.15
N VAL C 147 2.55 -4.22 55.88
CA VAL C 147 2.00 -5.57 55.93
C VAL C 147 1.44 -5.84 57.31
N SER C 148 0.19 -6.29 57.33
CA SER C 148 -0.50 -6.60 58.56
C SER C 148 -1.49 -7.70 58.23
N ASP C 149 -2.43 -7.94 59.13
CA ASP C 149 -3.39 -9.02 58.94
C ASP C 149 -4.52 -8.57 58.03
N GLU C 150 -4.36 -7.40 57.42
CA GLU C 150 -5.40 -6.86 56.57
C GLU C 150 -4.88 -6.99 55.16
N THR C 151 -3.59 -7.26 55.08
CA THR C 151 -2.92 -7.36 53.80
C THR C 151 -3.33 -8.60 53.01
N THR C 152 -3.65 -8.40 51.75
CA THR C 152 -3.97 -9.52 50.88
C THR C 152 -3.09 -9.46 49.63
N ILE C 153 -3.12 -10.55 48.89
CA ILE C 153 -2.43 -10.67 47.60
C ILE C 153 -3.51 -11.08 46.62
N GLU C 154 -3.69 -10.27 45.57
CA GLU C 154 -4.73 -10.50 44.59
C GLU C 154 -4.21 -10.26 43.18
N PRO C 155 -4.77 -10.98 42.21
CA PRO C 155 -4.45 -10.73 40.79
C PRO C 155 -4.72 -9.26 40.49
N LEU C 156 -3.84 -8.64 39.72
CA LEU C 156 -3.96 -7.22 39.42
C LEU C 156 -4.07 -7.02 37.92
N SER C 157 -5.14 -6.37 37.46
CA SER C 157 -5.32 -6.21 36.02
C SER C 157 -6.13 -5.00 35.64
N PHE C 158 -6.52 -4.17 36.60
CA PHE C 158 -7.51 -3.14 36.24
C PHE C 158 -7.04 -2.16 35.18
N TYR C 159 -5.75 -1.89 35.16
CA TYR C 159 -5.20 -0.95 34.17
C TYR C 159 -4.77 -1.63 32.87
N ASN C 160 -4.94 -2.95 32.78
CA ASN C 160 -4.67 -3.69 31.54
C ASN C 160 -5.95 -3.75 30.72
N THR C 161 -5.92 -3.17 29.52
CA THR C 161 -7.12 -3.12 28.72
C THR C 161 -7.54 -4.53 28.33
N ASN C 162 -6.60 -5.47 28.32
CA ASN C 162 -6.96 -6.82 27.89
C ASN C 162 -7.59 -7.64 29.01
N GLY C 163 -7.72 -7.01 30.17
CA GLY C 163 -8.40 -7.61 31.31
C GLY C 163 -7.67 -8.77 31.95
N LYS C 164 -6.39 -8.95 31.63
CA LYS C 164 -5.63 -10.07 32.19
C LYS C 164 -4.54 -9.65 33.15
N SER C 165 -4.39 -10.41 34.24
CA SER C 165 -3.23 -10.25 35.11
C SER C 165 -2.05 -11.10 34.66
N LYS C 166 -2.31 -12.12 33.83
CA LYS C 166 -1.28 -13.07 33.42
C LYS C 166 -0.79 -12.79 32.02
N LEU C 167 0.53 -12.74 31.86
CA LEU C 167 1.19 -12.59 30.57
C LEU C 167 1.83 -13.91 30.22
N PRO C 168 1.36 -14.60 29.17
CA PRO C 168 1.90 -15.92 28.83
C PRO C 168 3.39 -15.93 28.49
N PHE C 169 4.06 -17.03 28.85
CA PHE C 169 5.48 -17.17 28.58
C PHE C 169 5.91 -16.76 27.17
N GLU C 170 5.17 -17.19 26.14
CA GLU C 170 5.64 -16.93 24.77
C GLU C 170 5.77 -15.44 24.44
N VAL C 171 4.92 -14.62 25.07
CA VAL C 171 4.97 -13.16 24.87
C VAL C 171 5.54 -12.47 26.11
N GLY C 172 6.34 -13.23 26.86
CA GLY C 172 6.81 -12.79 28.16
C GLY C 172 7.77 -11.63 28.12
N HIS C 173 8.07 -11.09 29.29
CA HIS C 173 9.10 -10.08 29.38
C HIS C 173 10.48 -10.65 29.05
N LEU C 174 11.31 -9.86 28.38
CA LEU C 174 12.67 -10.29 28.10
C LEU C 174 13.45 -10.03 29.38
N ASP C 175 13.33 -10.96 30.31
CA ASP C 175 13.92 -10.78 31.64
C ASP C 175 15.29 -11.45 31.72
N ARG C 176 15.91 -11.43 32.89
CA ARG C 176 17.26 -11.93 33.01
C ARG C 176 17.35 -13.40 32.63
N ILE C 177 16.32 -14.15 32.97
CA ILE C 177 16.30 -15.60 32.75
C ILE C 177 16.20 -15.87 31.25
N LYS C 178 15.27 -15.21 30.58
CA LYS C 178 15.12 -15.44 29.15
C LYS C 178 16.34 -14.94 28.37
N SER C 179 16.90 -13.81 28.78
CA SER C 179 18.10 -13.31 28.14
C SER C 179 19.26 -14.30 28.23
N ALA C 180 19.42 -14.88 29.41
CA ALA C 180 20.49 -15.87 29.60
C ALA C 180 20.26 -17.10 28.74
N ALA C 181 19.01 -17.55 28.63
CA ALA C 181 18.70 -18.74 27.81
C ALA C 181 18.99 -18.42 26.34
N LYS C 182 18.63 -17.23 25.89
CA LYS C 182 18.87 -16.90 24.48
C LYS C 182 20.37 -16.79 24.21
N SER C 183 21.09 -16.14 25.10
CA SER C 183 22.53 -16.01 24.92
C SER C 183 23.20 -17.39 24.88
N SER C 184 22.76 -18.28 25.76
CA SER C 184 23.35 -19.62 25.78
C SER C 184 23.08 -20.32 24.44
N PHE C 185 21.85 -20.19 23.98
CA PHE C 185 21.44 -20.82 22.75
C PHE C 185 22.24 -20.30 21.54
N LEU C 186 22.47 -18.99 21.49
CA LEU C 186 23.23 -18.43 20.37
C LEU C 186 24.67 -18.96 20.42
N ASN C 187 25.25 -19.03 21.61
CA ASN C 187 26.61 -19.52 21.71
C ASN C 187 26.65 -20.96 21.26
N LYS C 188 25.66 -21.74 21.67
CA LYS C 188 25.59 -23.14 21.29
C LYS C 188 25.58 -23.29 19.77
N ASN C 189 24.89 -22.40 19.08
CA ASN C 189 24.90 -22.50 17.62
C ASN C 189 26.07 -21.85 16.91
N LEU C 190 26.52 -20.73 17.43
CA LEU C 190 27.47 -19.90 16.70
C LEU C 190 28.91 -20.28 16.98
N ASN C 191 29.12 -21.03 18.06
CA ASN C 191 30.48 -21.37 18.48
C ASN C 191 30.88 -22.81 18.21
N THR C 192 30.15 -23.50 17.32
CA THR C 192 30.62 -24.79 16.82
C THR C 192 31.89 -24.59 15.98
N THR C 193 32.60 -25.68 15.73
CA THR C 193 33.81 -25.59 14.92
C THR C 193 33.48 -24.98 13.56
N ILE C 194 32.40 -25.48 12.96
CA ILE C 194 31.96 -24.98 11.66
C ILE C 194 31.56 -23.51 11.68
N MET C 195 30.72 -23.10 12.64
CA MET C 195 30.32 -21.69 12.63
C MET C 195 31.45 -20.70 13.00
N ARG C 196 32.41 -21.11 13.83
CA ARG C 196 33.54 -20.24 14.09
C ARG C 196 34.29 -19.97 12.78
N ASP C 197 34.36 -21.01 11.94
CA ASP C 197 35.03 -20.96 10.66
C ASP C 197 34.24 -20.02 9.72
N VAL C 198 32.93 -20.18 9.68
CA VAL C 198 32.06 -19.35 8.84
C VAL C 198 32.13 -17.88 9.25
N LEU C 199 32.00 -17.64 10.55
CA LEU C 199 32.01 -16.26 11.06
C LEU C 199 33.34 -15.55 10.80
N GLU C 200 34.45 -16.22 11.11
CA GLU C 200 35.73 -15.57 10.85
C GLU C 200 35.94 -15.36 9.35
N GLY C 201 35.53 -16.32 8.53
CA GLY C 201 35.71 -16.18 7.10
C GLY C 201 34.93 -15.03 6.47
N LEU C 202 33.70 -14.83 6.91
CA LEU C 202 32.88 -13.73 6.39
C LEU C 202 33.20 -12.36 7.00
N ILE C 203 33.49 -12.33 8.30
CA ILE C 203 33.61 -11.07 9.04
C ILE C 203 35.05 -10.59 9.20
N GLY C 204 35.98 -11.53 9.28
CA GLY C 204 37.37 -11.18 9.34
C GLY C 204 38.02 -11.17 10.72
N VAL C 205 37.26 -11.49 11.76
CA VAL C 205 37.81 -11.60 13.11
C VAL C 205 37.22 -12.89 13.64
N PRO C 206 37.89 -13.52 14.60
CA PRO C 206 37.30 -14.71 15.23
C PRO C 206 36.10 -14.40 16.14
N TYR C 207 35.33 -15.43 16.43
CA TYR C 207 34.15 -15.35 17.30
C TYR C 207 34.40 -14.57 18.60
N GLU C 208 35.55 -14.76 19.22
CA GLU C 208 35.85 -14.04 20.45
C GLU C 208 35.86 -12.52 20.29
N ASP C 209 36.02 -12.02 19.07
CA ASP C 209 36.20 -10.60 18.85
C ASP C 209 34.91 -9.93 18.37
N MET C 210 33.81 -10.69 18.39
CA MET C 210 32.50 -10.15 18.02
C MET C 210 31.47 -10.50 19.07
N GLY C 211 30.29 -9.91 18.97
CA GLY C 211 29.22 -10.16 19.91
C GLY C 211 27.95 -10.31 19.10
N CYS C 212 27.27 -11.42 19.31
CA CYS C 212 26.07 -11.74 18.57
C CYS C 212 24.87 -11.60 19.49
N HIS C 213 23.75 -11.10 18.96
CA HIS C 213 22.63 -10.75 19.79
C HIS C 213 21.33 -10.72 19.00
N SER C 214 20.22 -10.64 19.72
CA SER C 214 18.90 -10.78 19.09
C SER C 214 18.12 -9.48 18.96
N ALA C 215 17.28 -9.44 17.94
CA ALA C 215 16.48 -8.25 17.67
C ALA C 215 15.27 -8.20 18.59
N ALA C 216 14.82 -6.97 18.89
CA ALA C 216 13.64 -6.77 19.72
C ALA C 216 12.61 -5.95 18.96
N PRO C 217 11.34 -6.33 19.02
CA PRO C 217 10.87 -7.46 19.84
C PRO C 217 11.01 -8.83 19.22
N GLN C 218 10.75 -9.86 20.01
CA GLN C 218 10.61 -11.20 19.47
C GLN C 218 9.34 -11.23 18.64
N LEU C 219 9.19 -12.28 17.82
CA LEU C 219 8.03 -12.39 16.93
C LEU C 219 7.21 -13.67 17.23
N HIS C 220 6.20 -13.52 18.09
CA HIS C 220 5.29 -14.61 18.43
C HIS C 220 4.13 -14.60 17.44
N ASP C 221 3.82 -15.76 16.88
CA ASP C 221 2.66 -15.90 15.99
C ASP C 221 1.49 -16.54 16.75
N PRO C 222 0.42 -15.81 17.02
CA PRO C 222 -0.67 -16.42 17.77
C PRO C 222 -1.34 -17.59 17.02
N ALA C 223 -1.37 -17.56 15.70
CA ALA C 223 -2.08 -18.63 14.98
C ALA C 223 -1.46 -20.00 15.22
N THR C 224 -0.13 -20.06 15.07
CA THR C 224 0.57 -21.34 15.20
C THR C 224 1.18 -21.56 16.56
N GLY C 225 1.37 -20.48 17.32
CA GLY C 225 1.98 -20.57 18.63
C GLY C 225 3.49 -20.42 18.58
N ALA C 226 4.06 -20.32 17.37
CA ALA C 226 5.52 -20.26 17.24
C ALA C 226 6.08 -18.91 17.64
N THR C 227 7.28 -18.92 18.23
CA THR C 227 7.96 -17.69 18.55
C THR C 227 9.35 -17.71 17.92
N VAL C 228 9.63 -16.74 17.07
CA VAL C 228 10.94 -16.67 16.44
C VAL C 228 11.61 -15.34 16.74
N ASP C 229 12.88 -15.22 16.36
CA ASP C 229 13.59 -13.96 16.57
C ASP C 229 14.74 -13.90 15.59
N TYR C 230 15.10 -12.69 15.17
CA TYR C 230 16.24 -12.52 14.28
C TYR C 230 17.41 -12.00 15.11
N GLY C 231 18.60 -11.99 14.52
CA GLY C 231 19.76 -11.51 15.24
C GLY C 231 20.89 -11.15 14.31
N THR C 232 21.95 -10.57 14.88
CA THR C 232 23.12 -10.21 14.10
C THR C 232 24.39 -10.24 14.97
N CYS C 233 25.53 -9.92 14.38
CA CYS C 233 26.78 -9.82 15.13
C CYS C 233 27.39 -8.45 14.89
N ASN C 234 28.04 -7.92 15.92
CA ASN C 234 28.77 -6.66 15.83
C ASN C 234 30.18 -6.89 16.34
N ILE C 235 31.13 -6.15 15.79
CA ILE C 235 32.50 -6.26 16.29
C ILE C 235 32.60 -5.71 17.73
N ASN C 236 33.35 -6.40 18.62
CA ASN C 236 33.61 -5.84 19.96
C ASN C 236 34.51 -4.62 19.95
N THR C 237 34.18 -3.67 20.82
CA THR C 237 34.99 -2.44 20.94
C THR C 237 35.18 -2.21 22.40
N GLU C 238 36.16 -1.38 22.76
CA GLU C 238 36.34 -1.10 24.18
C GLU C 238 35.64 0.18 24.58
N ASN C 239 35.03 0.88 23.62
CA ASN C 239 34.38 2.16 23.94
C ASN C 239 32.85 2.16 23.72
N ASP C 240 32.24 0.99 23.75
CA ASP C 240 30.78 0.89 23.65
C ASP C 240 30.26 1.32 22.27
N ALA C 241 31.09 1.21 21.25
CA ALA C 241 30.68 1.66 19.90
C ALA C 241 30.27 0.51 18.96
N GLU C 242 29.87 -0.64 19.55
CA GLU C 242 29.45 -1.84 18.81
C GLU C 242 28.41 -1.50 17.73
N ASN C 243 27.54 -0.54 18.03
CA ASN C 243 26.49 -0.20 17.08
C ASN C 243 27.00 0.46 15.79
N LEU C 244 28.25 0.92 15.80
CA LEU C 244 28.83 1.52 14.60
C LEU C 244 29.59 0.48 13.79
N VAL C 245 29.65 -0.75 14.29
CA VAL C 245 30.34 -1.83 13.56
C VAL C 245 29.50 -3.12 13.43
N PRO C 246 28.30 -3.01 12.84
CA PRO C 246 27.45 -4.16 12.54
C PRO C 246 28.07 -4.92 11.37
N THR C 247 28.10 -6.25 11.41
CA THR C 247 28.81 -7.04 10.40
C THR C 247 28.04 -7.43 9.16
N GLY C 248 26.72 -7.26 9.17
CA GLY C 248 25.92 -7.72 8.05
C GLY C 248 25.72 -9.24 8.05
N PHE C 249 26.12 -9.90 9.13
CA PHE C 249 25.83 -11.34 9.28
C PHE C 249 24.56 -11.48 10.13
N PHE C 250 23.55 -12.19 9.62
CA PHE C 250 22.26 -12.29 10.31
C PHE C 250 21.81 -13.71 10.49
N PHE C 251 20.83 -13.92 11.37
CA PHE C 251 20.30 -15.25 11.60
C PHE C 251 18.88 -15.14 12.15
N LYS C 252 18.19 -16.28 12.15
CA LYS C 252 16.79 -16.35 12.59
C LYS C 252 16.64 -17.65 13.33
N PHE C 253 16.04 -17.63 14.51
CA PHE C 253 15.80 -18.86 15.24
C PHE C 253 14.38 -18.95 15.79
N ASP C 254 13.97 -20.19 16.07
CA ASP C 254 12.71 -20.48 16.70
C ASP C 254 13.01 -20.81 18.17
N MET C 255 12.39 -20.07 19.09
CA MET C 255 12.63 -20.23 20.52
C MET C 255 11.32 -20.54 21.22
N THR C 256 10.49 -21.36 20.58
CA THR C 256 9.16 -21.66 21.10
C THR C 256 9.27 -22.58 22.31
N GLY C 257 8.57 -22.24 23.38
CA GLY C 257 8.46 -23.11 24.54
C GLY C 257 9.60 -23.00 25.53
N ARG C 258 9.41 -23.68 26.66
CA ARG C 258 10.36 -23.60 27.78
C ARG C 258 11.50 -24.61 27.77
N ASP C 259 11.52 -25.52 26.81
CA ASP C 259 12.59 -26.50 26.70
C ASP C 259 13.53 -26.05 25.61
N VAL C 260 14.68 -25.52 26.00
CA VAL C 260 15.60 -25.00 24.99
C VAL C 260 16.18 -26.05 24.05
N SER C 261 16.14 -27.34 24.41
CA SER C 261 16.62 -28.37 23.48
C SER C 261 15.75 -28.47 22.21
N GLN C 262 14.56 -27.89 22.26
CA GLN C 262 13.68 -27.85 21.10
C GLN C 262 13.79 -26.52 20.32
N TRP C 263 14.53 -25.56 20.85
CA TRP C 263 14.81 -24.33 20.10
C TRP C 263 15.71 -24.71 18.92
N LYS C 264 15.61 -23.99 17.81
CA LYS C 264 16.42 -24.33 16.65
C LYS C 264 16.72 -23.12 15.79
N MET C 265 17.94 -23.07 15.27
CA MET C 265 18.27 -22.04 14.29
C MET C 265 17.52 -22.39 13.00
N LEU C 266 16.85 -21.39 12.40
CA LEU C 266 16.11 -21.61 11.18
C LEU C 266 16.88 -21.17 9.95
N GLU C 267 17.58 -20.04 10.06
CA GLU C 267 18.28 -19.46 8.92
C GLU C 267 19.53 -18.69 9.30
N TYR C 268 20.50 -18.68 8.37
CA TYR C 268 21.57 -17.72 8.40
C TYR C 268 21.32 -16.87 7.15
N ILE C 269 21.50 -15.56 7.28
CA ILE C 269 21.26 -14.64 6.17
C ILE C 269 22.48 -13.76 5.98
N TYR C 270 23.02 -13.72 4.76
CA TYR C 270 24.22 -12.95 4.50
C TYR C 270 24.17 -12.54 3.03
N ASN C 271 24.48 -11.27 2.72
CA ASN C 271 24.44 -10.79 1.33
C ASN C 271 23.08 -11.10 0.72
N ASN C 272 22.05 -10.97 1.54
CA ASN C 272 20.66 -11.15 1.09
C ASN C 272 20.29 -12.54 0.63
N LYS C 273 21.11 -13.52 0.98
CA LYS C 273 20.83 -14.90 0.65
C LYS C 273 20.52 -15.65 1.93
N VAL C 274 19.63 -16.63 1.81
CA VAL C 274 19.15 -17.43 2.94
C VAL C 274 19.72 -18.84 2.92
N TYR C 275 20.26 -19.26 4.06
CA TYR C 275 20.85 -20.62 4.24
C TYR C 275 20.07 -21.26 5.36
N THR C 276 19.65 -22.51 5.18
CA THR C 276 18.78 -23.14 6.19
C THR C 276 19.55 -23.90 7.24
N SER C 277 20.88 -23.91 7.11
CA SER C 277 21.74 -24.53 8.13
C SER C 277 23.17 -24.01 8.06
N ALA C 278 23.89 -24.19 9.16
CA ALA C 278 25.29 -23.79 9.20
C ALA C 278 26.03 -24.52 8.10
N GLU C 279 25.74 -25.81 7.96
CA GLU C 279 26.42 -26.63 6.96
C GLU C 279 26.25 -26.13 5.54
N GLU C 280 25.02 -25.76 5.18
CA GLU C 280 24.76 -25.28 3.85
C GLU C 280 25.54 -24.00 3.54
N LEU C 281 25.64 -23.12 4.53
CA LEU C 281 26.41 -21.88 4.37
C LEU C 281 27.91 -22.18 4.26
N TYR C 282 28.40 -23.05 5.13
CA TYR C 282 29.79 -23.46 5.10
C TYR C 282 30.15 -24.03 3.74
N GLU C 283 29.27 -24.85 3.19
CA GLU C 283 29.52 -25.45 1.87
C GLU C 283 29.49 -24.41 0.77
N ALA C 284 28.55 -23.48 0.85
CA ALA C 284 28.44 -22.45 -0.17
C ALA C 284 29.70 -21.60 -0.20
N MET C 285 30.26 -21.34 0.97
CA MET C 285 31.45 -20.50 1.07
C MET C 285 32.65 -21.16 0.41
N GLN C 286 32.58 -22.46 0.16
CA GLN C 286 33.73 -23.18 -0.41
C GLN C 286 33.76 -23.08 -1.92
N LYS C 287 32.67 -22.63 -2.52
CA LYS C 287 32.61 -22.52 -3.96
C LYS C 287 33.39 -21.32 -4.45
N ASP C 288 33.87 -21.39 -5.68
CA ASP C 288 34.64 -20.30 -6.27
C ASP C 288 33.84 -19.04 -6.52
N ASP C 289 32.53 -19.18 -6.71
CA ASP C 289 31.70 -18.03 -7.04
C ASP C 289 31.13 -17.36 -5.80
N PHE C 290 31.54 -17.79 -4.62
CA PHE C 290 30.96 -17.20 -3.41
C PHE C 290 31.44 -15.78 -3.21
N VAL C 291 30.48 -14.87 -3.06
CA VAL C 291 30.79 -13.47 -2.81
C VAL C 291 30.85 -13.11 -1.33
N THR C 292 32.00 -12.62 -0.91
CA THR C 292 32.16 -12.07 0.44
C THR C 292 32.15 -10.54 0.37
N LEU C 293 31.24 -9.93 1.12
CA LEU C 293 31.11 -8.47 1.15
C LEU C 293 32.31 -7.83 1.85
N PRO C 294 32.62 -6.57 1.54
CA PRO C 294 33.70 -5.86 2.25
C PRO C 294 33.59 -5.94 3.76
N LYS C 295 34.72 -6.19 4.39
CA LYS C 295 34.79 -6.36 5.83
C LYS C 295 35.12 -5.05 6.54
N ILE C 296 34.69 -4.93 7.79
CA ILE C 296 35.02 -3.77 8.59
C ILE C 296 36.53 -3.71 8.84
N ASP C 297 37.12 -2.52 8.70
CA ASP C 297 38.53 -2.31 9.06
C ASP C 297 38.64 -2.18 10.59
N VAL C 298 38.92 -3.28 11.27
CA VAL C 298 38.88 -3.23 12.74
C VAL C 298 40.14 -2.61 13.38
N ASP C 299 41.16 -2.36 12.57
CA ASP C 299 42.37 -1.71 13.03
C ASP C 299 42.34 -0.18 13.01
N ASN C 300 41.28 0.39 12.45
CA ASN C 300 41.17 1.85 12.35
C ASN C 300 39.77 2.26 12.76
N LEU C 301 39.58 2.37 14.06
CA LEU C 301 38.29 2.71 14.65
C LEU C 301 38.31 4.04 15.40
N ASP C 302 39.29 4.90 15.14
CA ASP C 302 39.31 6.20 15.79
C ASP C 302 38.06 7.05 15.50
N TRP C 303 37.45 6.82 14.33
CA TRP C 303 36.21 7.52 13.94
C TRP C 303 35.04 7.15 14.87
N THR C 304 35.20 6.17 15.77
CA THR C 304 34.13 5.84 16.72
C THR C 304 34.34 6.49 18.08
N VAL C 305 35.47 7.15 18.28
CA VAL C 305 35.80 7.72 19.61
C VAL C 305 35.20 9.11 19.84
N ILE C 306 34.49 9.25 20.95
CA ILE C 306 33.78 10.49 21.25
C ILE C 306 34.66 11.58 21.82
N GLN C 307 35.51 11.22 22.78
CA GLN C 307 36.26 12.24 23.52
C GLN C 307 37.34 12.90 22.69
N ARG C 308 37.77 14.05 23.18
CA ARG C 308 38.73 14.85 22.43
C ARG C 308 39.97 14.08 21.93
N ASN C 309 40.44 14.44 20.75
CA ASN C 309 41.69 13.88 20.21
C ASN C 309 42.78 14.76 20.80
N ASP C 310 43.66 14.16 21.58
CA ASP C 310 44.72 14.88 22.26
C ASP C 310 45.68 15.61 21.32
N SER C 311 45.71 15.22 20.04
CA SER C 311 46.62 15.87 19.11
C SER C 311 45.96 16.97 18.29
N ALA C 312 44.69 17.24 18.56
CA ALA C 312 44.00 18.31 17.87
C ALA C 312 44.44 19.65 18.47
N PRO C 313 44.66 20.64 17.63
CA PRO C 313 44.95 21.98 18.13
C PRO C 313 43.75 22.50 18.87
N ILE C 314 43.97 23.49 19.72
CA ILE C 314 42.88 24.10 20.44
C ILE C 314 42.36 25.25 19.60
N ARG C 315 41.04 25.45 19.56
CA ARG C 315 40.52 26.62 18.86
C ARG C 315 40.96 27.87 19.62
N HIS C 316 41.14 28.96 18.89
CA HIS C 316 41.48 30.24 19.50
C HIS C 316 40.56 30.57 20.70
N LEU C 317 41.19 30.81 21.85
CA LEU C 317 40.52 31.20 23.10
C LEU C 317 39.77 30.06 23.82
N ASP C 318 39.90 28.84 23.31
CA ASP C 318 39.29 27.72 24.00
C ASP C 318 40.17 27.31 25.17
N ASP C 319 41.31 27.98 25.33
CA ASP C 319 42.10 27.82 26.55
C ASP C 319 41.54 28.69 27.71
N ARG C 320 40.36 29.29 27.51
CA ARG C 320 39.65 29.99 28.59
C ARG C 320 38.40 29.19 28.90
N LYS C 321 38.05 29.10 30.18
CA LYS C 321 36.84 28.41 30.60
C LYS C 321 35.60 29.04 29.97
N SER C 322 34.67 28.22 29.50
CA SER C 322 33.39 28.75 28.98
C SER C 322 32.50 29.32 30.11
N PRO C 323 31.50 30.11 29.76
CA PRO C 323 30.73 30.80 30.80
C PRO C 323 30.04 29.90 31.80
N ARG C 324 29.79 30.46 32.98
CA ARG C 324 29.15 29.73 34.05
C ARG C 324 27.94 30.49 34.57
N LEU C 325 26.87 29.77 34.85
CA LEU C 325 25.72 30.32 35.55
C LEU C 325 26.02 30.34 37.07
N VAL C 326 25.81 31.48 37.72
CA VAL C 326 25.93 31.56 39.17
C VAL C 326 24.70 32.18 39.82
N GLU C 327 24.56 31.94 41.13
CA GLU C 327 23.45 32.50 41.90
C GLU C 327 24.07 33.47 42.90
N PRO C 328 24.12 34.75 42.54
CA PRO C 328 24.82 35.73 43.39
C PRO C 328 24.24 35.84 44.78
N GLU C 329 22.95 35.56 44.94
CA GLU C 329 22.31 35.67 46.25
C GLU C 329 21.69 34.34 46.69
N GLY C 330 22.21 33.26 46.13
CA GLY C 330 21.73 31.93 46.47
C GLY C 330 20.51 31.44 45.71
N ARG C 331 20.03 30.29 46.16
CA ARG C 331 18.97 29.53 45.48
C ARG C 331 17.58 30.10 45.68
N ARG C 332 16.79 30.13 44.60
CA ARG C 332 15.47 30.75 44.64
C ARG C 332 14.29 29.79 44.55
N TRP C 333 14.57 28.49 44.59
CA TRP C 333 13.54 27.49 44.69
C TRP C 333 13.72 26.75 46.02
N ALA C 334 12.63 26.18 46.51
CA ALA C 334 12.63 25.47 47.78
C ALA C 334 12.04 24.10 47.63
N TYR C 335 12.29 23.23 48.60
CA TYR C 335 11.77 21.88 48.47
C TYR C 335 11.64 21.19 49.82
N ASP C 336 10.76 20.21 49.87
CA ASP C 336 10.61 19.34 51.04
C ASP C 336 11.30 18.05 50.63
N GLY C 337 12.45 17.73 51.23
CA GLY C 337 13.18 16.54 50.82
C GLY C 337 12.52 15.19 51.12
N GLU C 338 11.77 15.12 52.19
CA GLU C 338 11.10 13.87 52.49
C GLU C 338 9.90 13.60 51.59
N GLU C 339 9.27 14.66 51.11
CA GLU C 339 8.11 14.45 50.28
C GLU C 339 8.34 14.78 48.80
N GLU C 340 9.57 15.17 48.45
CA GLU C 340 9.89 15.56 47.04
C GLU C 340 8.81 16.49 46.49
N TYR C 341 8.56 17.55 47.25
CA TYR C 341 7.65 18.61 46.86
C TYR C 341 8.51 19.83 46.60
N PHE C 342 8.18 20.57 45.53
CA PHE C 342 8.99 21.68 45.07
C PHE C 342 8.17 22.93 44.96
N SER C 343 8.83 24.04 45.23
CA SER C 343 8.19 25.34 45.18
C SER C 343 9.10 26.36 44.51
N TRP C 344 8.56 27.12 43.57
CA TRP C 344 9.34 28.14 42.88
C TRP C 344 8.41 29.17 42.28
N MET C 345 8.53 30.42 42.72
CA MET C 345 7.78 31.53 42.13
C MET C 345 6.31 31.22 41.87
N ASP C 346 5.63 30.74 42.91
CA ASP C 346 4.20 30.41 42.90
C ASP C 346 3.80 29.09 42.26
N TRP C 347 4.78 28.36 41.73
CA TRP C 347 4.48 27.01 41.30
C TRP C 347 4.76 26.01 42.41
N GLY C 348 4.02 24.91 42.41
CA GLY C 348 4.31 23.81 43.32
C GLY C 348 4.04 22.50 42.58
N PHE C 349 4.74 21.45 42.95
CA PHE C 349 4.40 20.12 42.45
C PHE C 349 5.15 19.06 43.24
N TYR C 350 4.67 17.82 43.14
CA TYR C 350 5.41 16.70 43.70
C TYR C 350 6.03 15.91 42.54
N THR C 351 7.16 15.25 42.79
CA THR C 351 7.70 14.32 41.79
C THR C 351 7.57 12.88 42.30
N SER C 352 7.58 11.93 41.36
CA SER C 352 7.51 10.51 41.67
C SER C 352 8.44 9.83 40.67
N TRP C 353 8.95 8.64 41.00
CA TRP C 353 9.91 7.96 40.12
C TRP C 353 9.54 6.51 39.93
N SER C 354 9.63 6.02 38.70
CA SER C 354 9.37 4.62 38.47
C SER C 354 10.48 3.99 37.65
N ARG C 355 10.67 2.69 37.83
CA ARG C 355 11.63 1.97 37.05
C ARG C 355 11.26 2.04 35.55
N ASP C 356 9.97 1.93 35.23
CA ASP C 356 9.62 1.89 33.82
C ASP C 356 9.92 3.20 33.11
N THR C 357 9.51 4.32 33.73
CA THR C 357 9.49 5.58 33.01
C THR C 357 10.37 6.70 33.51
N GLY C 358 10.98 6.55 34.69
CA GLY C 358 11.70 7.67 35.28
C GLY C 358 10.73 8.60 36.02
N ILE C 359 10.86 9.90 35.81
CA ILE C 359 10.14 10.89 36.62
C ILE C 359 8.73 11.15 36.14
N SER C 360 7.86 11.44 37.10
CA SER C 360 6.47 11.85 36.86
C SER C 360 6.21 13.06 37.77
N PHE C 361 5.21 13.87 37.43
CA PHE C 361 4.87 15.05 38.23
C PHE C 361 3.42 14.92 38.62
N TYR C 362 3.11 15.21 39.89
CA TYR C 362 1.71 15.22 40.29
C TYR C 362 1.33 16.52 40.98
N ASP C 363 0.07 16.90 40.82
CA ASP C 363 -0.49 18.06 41.51
C ASP C 363 0.32 19.32 41.22
N ILE C 364 0.49 19.59 39.93
CA ILE C 364 1.16 20.81 39.53
C ILE C 364 0.21 21.99 39.72
N THR C 365 0.58 22.91 40.60
CA THR C 365 -0.21 24.11 40.83
C THR C 365 0.58 25.35 40.44
N PHE C 366 -0.16 26.37 40.02
CA PHE C 366 0.41 27.69 39.80
C PHE C 366 -0.51 28.68 40.51
N LYS C 367 0.11 29.56 41.30
CA LYS C 367 -0.63 30.53 42.11
C LYS C 367 -1.80 29.90 42.87
N GLY C 368 -1.53 28.73 43.44
CA GLY C 368 -2.45 28.04 44.32
C GLY C 368 -3.57 27.24 43.67
N GLU C 369 -3.57 27.17 42.35
CA GLU C 369 -4.60 26.40 41.68
C GLU C 369 -3.95 25.26 40.90
N ARG C 370 -4.51 24.07 40.99
CA ARG C 370 -3.95 22.95 40.24
C ARG C 370 -4.26 23.15 38.76
N ILE C 371 -3.27 22.96 37.92
CA ILE C 371 -3.51 23.01 36.47
C ILE C 371 -3.29 21.65 35.84
N VAL C 372 -2.47 20.82 36.45
CA VAL C 372 -2.23 19.47 35.93
C VAL C 372 -2.25 18.47 37.08
N TYR C 373 -3.15 17.48 37.03
CA TYR C 373 -3.17 16.44 38.06
C TYR C 373 -1.95 15.51 37.92
N GLU C 374 -1.66 15.08 36.68
CA GLU C 374 -0.58 14.13 36.43
C GLU C 374 0.07 14.48 35.11
N LEU C 375 1.39 14.59 35.11
CA LEU C 375 2.15 14.76 33.87
C LEU C 375 3.18 13.64 33.89
N SER C 376 3.08 12.72 32.95
CA SER C 376 3.99 11.59 32.99
C SER C 376 4.36 11.02 31.61
N LEU C 377 5.65 11.01 31.33
CA LEU C 377 6.16 10.25 30.17
C LEU C 377 5.67 8.81 30.31
N GLN C 378 5.14 8.27 29.20
CA GLN C 378 4.54 6.94 29.19
C GLN C 378 5.35 5.86 28.46
N GLU C 379 6.04 6.24 27.39
CA GLU C 379 6.71 5.28 26.53
C GLU C 379 7.59 6.04 25.57
N LEU C 380 8.65 5.36 25.11
CA LEU C 380 9.47 5.86 24.01
C LEU C 380 9.73 4.68 23.13
N ILE C 381 9.53 4.86 21.83
CA ILE C 381 9.79 3.79 20.87
C ILE C 381 10.88 4.26 19.90
N ALA C 382 11.60 3.29 19.36
CA ALA C 382 12.53 3.55 18.27
C ALA C 382 12.26 2.45 17.25
N GLU C 383 11.75 2.83 16.08
CA GLU C 383 11.28 1.90 15.05
C GLU C 383 12.09 2.12 13.79
N TYR C 384 12.81 1.08 13.38
CA TYR C 384 13.79 1.16 12.29
C TYR C 384 13.19 0.66 11.00
N GLY C 385 13.62 1.26 9.89
CA GLY C 385 13.31 0.75 8.56
C GLY C 385 14.65 0.37 7.94
N SER C 386 14.71 -0.78 7.28
CA SER C 386 15.98 -1.26 6.75
C SER C 386 15.80 -2.31 5.65
N ASP C 387 16.87 -2.55 4.90
CA ASP C 387 16.91 -3.68 3.97
C ASP C 387 17.27 -4.99 4.65
N ASP C 388 17.75 -4.90 5.89
CA ASP C 388 18.25 -6.11 6.57
C ASP C 388 17.32 -6.61 7.67
N PRO C 389 17.45 -7.89 8.01
CA PRO C 389 16.52 -8.48 8.99
C PRO C 389 16.78 -8.21 10.43
N PHE C 390 17.82 -7.47 10.77
CA PHE C 390 17.98 -7.08 12.18
C PHE C 390 17.32 -5.73 12.38
N ASN C 391 17.78 -4.74 11.66
CA ASN C 391 17.20 -3.40 11.80
C ASN C 391 15.72 -3.34 11.41
N GLN C 392 15.33 -4.05 10.35
CA GLN C 392 13.91 -4.01 9.92
C GLN C 392 13.00 -4.64 10.98
N HIS C 393 13.57 -5.49 11.83
CA HIS C 393 12.82 -6.09 12.93
C HIS C 393 13.07 -5.40 14.27
N THR C 394 13.63 -4.20 14.24
CA THR C 394 13.83 -3.46 15.48
C THR C 394 12.72 -2.45 15.74
N PHE C 395 11.99 -2.63 16.84
CA PHE C 395 10.92 -1.71 17.26
C PHE C 395 10.94 -1.70 18.78
N TYR C 396 11.89 -0.97 19.34
CA TYR C 396 12.08 -0.97 20.80
C TYR C 396 10.97 -0.29 21.56
N SER C 397 10.62 -0.88 22.70
CA SER C 397 9.83 -0.22 23.72
C SER C 397 10.83 0.13 24.82
N ASP C 398 11.17 1.40 25.00
CA ASP C 398 12.18 1.66 26.02
C ASP C 398 11.71 1.41 27.45
N ILE C 399 10.40 1.49 27.71
CA ILE C 399 9.98 1.21 29.07
C ILE C 399 10.08 -0.28 29.37
N SER C 400 10.09 -1.13 28.34
CA SER C 400 10.33 -2.56 28.60
C SER C 400 11.73 -2.76 29.21
N TYR C 401 12.71 -2.03 28.68
CA TYR C 401 14.08 -2.07 29.21
C TYR C 401 14.18 -1.32 30.54
N GLY C 402 13.42 -0.23 30.66
CA GLY C 402 13.42 0.59 31.85
C GLY C 402 14.08 1.91 31.48
N VAL C 403 13.37 3.01 31.71
CA VAL C 403 13.93 4.35 31.51
C VAL C 403 14.46 4.88 32.86
N GLY C 404 13.90 4.33 33.93
CA GLY C 404 14.16 4.81 35.28
C GLY C 404 15.16 4.00 36.09
N ASN C 405 15.90 3.13 35.41
CA ASN C 405 16.85 2.24 36.08
C ASN C 405 18.25 2.40 35.50
N ARG C 406 18.58 3.64 35.14
CA ARG C 406 19.86 3.92 34.52
C ARG C 406 20.85 4.61 35.45
N PHE C 407 21.54 5.64 34.95
CA PHE C 407 22.73 6.15 35.63
C PHE C 407 22.56 7.53 36.23
N SER C 408 23.49 7.91 37.11
CA SER C 408 23.54 9.28 37.66
C SER C 408 23.90 10.37 36.62
N LEU C 409 23.49 11.59 36.94
CA LEU C 409 23.84 12.77 36.17
C LEU C 409 25.26 13.20 36.52
N VAL C 410 26.01 13.70 35.55
CA VAL C 410 27.36 14.19 35.79
C VAL C 410 27.28 15.65 36.17
N PRO C 411 27.64 15.98 37.41
CA PRO C 411 27.56 17.37 37.86
C PRO C 411 28.33 18.34 36.97
N GLY C 412 27.83 19.56 36.91
CA GLY C 412 28.44 20.63 36.14
C GLY C 412 28.21 20.58 34.63
N TYR C 413 28.08 19.36 34.10
CA TYR C 413 27.97 19.14 32.63
C TYR C 413 26.56 18.77 32.23
N ASP C 414 26.02 17.74 32.88
CA ASP C 414 24.65 17.32 32.57
C ASP C 414 23.65 18.35 33.11
N CYS C 415 24.01 19.02 34.22
CA CYS C 415 23.19 20.12 34.77
C CYS C 415 24.17 21.19 35.18
N PRO C 416 23.73 22.45 35.19
CA PRO C 416 24.61 23.53 35.66
C PRO C 416 25.06 23.29 37.12
N ALA C 417 26.19 23.89 37.49
CA ALA C 417 26.74 23.76 38.84
C ALA C 417 25.80 24.21 39.97
N THR C 418 24.84 25.08 39.65
CA THR C 418 23.90 25.53 40.67
C THR C 418 22.74 24.57 40.88
N ALA C 419 22.76 23.44 40.19
CA ALA C 419 21.67 22.48 40.34
C ALA C 419 21.69 21.79 41.70
N GLY C 420 20.50 21.36 42.15
CA GLY C 420 20.30 20.52 43.33
C GLY C 420 20.02 19.11 42.81
N TYR C 421 20.52 18.07 43.49
CA TYR C 421 20.34 16.68 43.02
C TYR C 421 19.47 15.86 43.94
N PHE C 422 18.74 14.90 43.34
CA PHE C 422 17.78 14.07 44.07
C PHE C 422 18.01 12.60 43.84
N THR C 423 17.85 11.85 44.93
CA THR C 423 18.01 10.40 44.92
C THR C 423 16.68 9.74 44.75
N THR C 424 16.63 8.69 43.93
CA THR C 424 15.42 7.91 43.78
C THR C 424 15.78 6.43 43.95
N ASP C 425 14.76 5.58 43.91
CA ASP C 425 15.04 4.15 44.03
C ASP C 425 14.08 3.30 43.21
N THR C 426 14.50 2.06 42.96
CA THR C 426 13.68 1.08 42.27
C THR C 426 14.01 -0.26 42.87
N PHE C 427 13.23 -1.28 42.50
CA PHE C 427 13.51 -2.64 42.92
C PHE C 427 13.47 -3.56 41.70
N GLU C 428 14.48 -4.39 41.53
CA GLU C 428 14.40 -5.41 40.50
C GLU C 428 15.10 -6.69 40.89
N TYR C 429 14.45 -7.84 40.68
CA TYR C 429 15.14 -9.14 40.79
C TYR C 429 15.92 -9.22 42.08
N ASP C 430 15.22 -9.17 43.20
CA ASP C 430 15.87 -9.33 44.50
C ASP C 430 16.72 -8.15 45.04
N GLU C 431 16.87 -7.05 44.30
CA GLU C 431 17.70 -5.95 44.78
C GLU C 431 17.02 -4.57 44.78
N PHE C 432 17.21 -3.83 45.87
CA PHE C 432 16.72 -2.46 46.00
C PHE C 432 17.87 -1.59 45.52
N TYR C 433 17.55 -0.66 44.61
CA TYR C 433 18.60 0.15 43.98
C TYR C 433 18.42 1.57 44.46
N ASN C 434 19.49 2.15 44.99
CA ASN C 434 19.43 3.53 45.45
C ASN C 434 20.19 4.29 44.38
N ARG C 435 19.54 5.25 43.73
CA ARG C 435 20.20 5.97 42.67
C ARG C 435 20.40 7.44 43.03
N THR C 436 21.64 7.81 43.34
CA THR C 436 21.92 9.20 43.66
C THR C 436 22.10 9.99 42.36
N LEU C 437 21.96 11.31 42.47
CA LEU C 437 22.08 12.21 41.32
C LEU C 437 21.16 11.73 40.20
N SER C 438 19.99 11.24 40.57
CA SER C 438 19.01 10.70 39.62
C SER C 438 18.32 11.78 38.77
N TYR C 439 17.92 12.87 39.41
CA TYR C 439 17.41 14.02 38.68
C TYR C 439 17.90 15.31 39.32
N CYS C 440 17.87 16.40 38.57
CA CYS C 440 18.38 17.63 39.11
C CYS C 440 17.37 18.74 38.91
N VAL C 441 17.52 19.79 39.72
CA VAL C 441 16.59 20.94 39.64
C VAL C 441 17.46 22.16 39.61
N PHE C 442 17.18 23.11 38.71
CA PHE C 442 18.01 24.31 38.70
C PHE C 442 17.25 25.46 38.10
N GLU C 443 17.65 26.67 38.47
CA GLU C 443 17.02 27.84 37.89
C GLU C 443 17.95 28.34 36.78
N ASN C 444 17.46 28.47 35.56
CA ASN C 444 18.28 29.05 34.54
C ASN C 444 17.92 30.52 34.39
N GLN C 445 18.85 31.29 33.81
CA GLN C 445 18.52 32.63 33.33
C GLN C 445 18.50 32.45 31.80
N GLU C 446 17.32 32.53 31.21
CA GLU C 446 17.29 32.35 29.77
C GLU C 446 17.98 33.55 29.13
N ASP C 447 18.52 33.33 27.94
CA ASP C 447 19.32 34.39 27.33
C ASP C 447 18.51 35.42 26.54
N TYR C 448 17.20 35.43 26.74
CA TYR C 448 16.32 36.47 26.19
C TYR C 448 15.35 36.86 27.34
N SER C 449 14.87 38.09 27.34
CA SER C 449 13.98 38.54 28.40
C SER C 449 12.58 37.95 28.22
N LEU C 450 11.79 37.92 29.28
CA LEU C 450 10.43 37.42 29.14
C LEU C 450 9.53 38.36 28.32
N LEU C 451 9.70 39.66 28.51
CA LEU C 451 8.94 40.64 27.72
C LEU C 451 9.66 41.98 27.81
N ARG C 452 9.23 42.94 27.00
CA ARG C 452 9.78 44.28 27.08
C ARG C 452 8.95 45.25 26.27
N HIS C 453 9.13 46.53 26.56
CA HIS C 453 8.64 47.55 25.65
C HIS C 453 9.40 48.84 25.87
N THR C 454 9.70 49.52 24.75
CA THR C 454 10.29 50.84 24.83
C THR C 454 9.32 51.80 24.17
N GLY C 455 8.96 52.85 24.86
CA GLY C 455 8.14 53.86 24.21
C GLY C 455 7.82 54.97 25.17
N ALA C 456 7.39 56.10 24.65
CA ALA C 456 6.87 57.13 25.52
C ALA C 456 7.82 57.46 26.68
N SER C 457 9.11 57.54 26.38
CA SER C 457 10.16 57.92 27.32
C SER C 457 10.51 56.91 28.44
N TYR C 458 10.13 55.64 28.25
CA TYR C 458 10.51 54.61 29.24
C TYR C 458 10.95 53.34 28.51
N SER C 459 11.64 52.45 29.23
CA SER C 459 11.92 51.09 28.78
C SER C 459 11.56 50.21 29.96
N ALA C 460 10.74 49.19 29.73
CA ALA C 460 10.32 48.26 30.79
C ALA C 460 10.77 46.91 30.28
N ILE C 461 11.58 46.19 31.05
CA ILE C 461 12.00 44.85 30.63
C ILE C 461 11.90 43.87 31.79
N THR C 462 11.38 42.68 31.53
CA THR C 462 11.27 41.65 32.54
C THR C 462 12.18 40.49 32.18
N GLN C 463 13.00 40.07 33.13
CA GLN C 463 13.87 38.92 32.95
C GLN C 463 13.09 37.60 32.86
N ASN C 464 13.77 36.58 32.38
CA ASN C 464 13.16 35.28 32.16
C ASN C 464 13.90 34.15 32.89
N PRO C 465 13.87 34.14 34.22
CA PRO C 465 14.42 32.99 34.93
C PRO C 465 13.40 31.84 34.86
N THR C 466 13.89 30.61 34.78
CA THR C 466 13.01 29.46 34.70
C THR C 466 13.43 28.37 35.66
N LEU C 467 12.46 27.62 36.18
CA LEU C 467 12.79 26.42 36.95
C LEU C 467 12.92 25.26 35.97
N ASN C 468 13.94 24.42 36.16
CA ASN C 468 14.21 23.32 35.24
C ASN C 468 14.40 22.02 36.01
N VAL C 469 13.69 20.98 35.57
CA VAL C 469 13.83 19.64 36.18
C VAL C 469 14.32 18.76 35.03
N ARG C 470 15.46 18.11 35.24
CA ARG C 470 16.02 17.24 34.21
C ARG C 470 16.37 15.85 34.73
N PHE C 471 16.18 14.84 33.89
CA PHE C 471 16.90 13.57 34.08
C PHE C 471 17.37 13.07 32.73
N ILE C 472 18.37 12.20 32.74
CA ILE C 472 18.96 11.70 31.49
C ILE C 472 18.98 10.20 31.59
N SER C 473 18.36 9.54 30.62
CA SER C 473 18.32 8.09 30.62
C SER C 473 19.20 7.58 29.50
N THR C 474 20.29 6.91 29.86
CA THR C 474 21.16 6.31 28.85
C THR C 474 20.77 4.83 28.81
N ILE C 475 20.16 4.40 27.71
CA ILE C 475 19.62 3.05 27.58
C ILE C 475 20.43 2.44 26.46
N GLY C 476 21.46 1.69 26.84
CA GLY C 476 22.38 1.14 25.87
C GLY C 476 23.06 2.27 25.12
N ASN C 477 22.88 2.29 23.81
CA ASN C 477 23.53 3.28 22.96
C ASN C 477 22.94 4.68 23.03
N TPQ C 478 21.65 4.86 23.27
CA TPQ C 478 20.99 6.17 23.23
CB TPQ C 478 19.52 6.08 22.75
C TPQ C 478 21.02 6.89 24.58
O TPQ C 478 21.03 6.26 25.61
C1 TPQ C 478 19.53 6.39 21.25
C2 TPQ C 478 19.33 5.28 20.29
O2 TPQ C 478 19.17 4.11 20.72
C3 TPQ C 478 19.34 5.54 18.82
C4 TPQ C 478 19.52 6.84 18.35
O4 TPQ C 478 19.53 7.10 17.13
C5 TPQ C 478 19.72 7.95 19.32
O5 TPQ C 478 19.88 9.10 18.86
C6 TPQ C 478 19.71 7.69 20.78
N ASP C 479 21.18 8.21 24.52
CA ASP C 479 21.07 9.08 25.72
C ASP C 479 19.91 10.05 25.53
N TYR C 480 18.88 9.89 26.36
CA TYR C 480 17.69 10.75 26.30
C TYR C 480 17.74 11.76 27.41
N ASN C 481 17.64 13.03 27.04
CA ASN C 481 17.74 14.15 27.97
C ASN C 481 16.36 14.80 28.07
N PHE C 482 15.72 14.63 29.23
CA PHE C 482 14.37 15.11 29.45
C PHE C 482 14.37 16.39 30.29
N LEU C 483 13.63 17.39 29.84
CA LEU C 483 13.61 18.67 30.56
C LEU C 483 12.19 19.17 30.72
N TYR C 484 11.89 19.69 31.92
CA TYR C 484 10.61 20.30 32.23
C TYR C 484 10.98 21.70 32.67
N LYS C 485 10.50 22.70 31.93
CA LYS C 485 10.93 24.10 32.14
C LYS C 485 9.71 24.95 32.50
N PHE C 486 9.75 25.62 33.66
CA PHE C 486 8.59 26.37 34.17
C PHE C 486 8.88 27.85 34.09
N PHE C 487 7.90 28.64 33.65
CA PHE C 487 8.10 30.07 33.43
C PHE C 487 7.27 30.91 34.40
N LEU C 488 7.67 32.17 34.58
CA LEU C 488 7.01 33.05 35.55
C LEU C 488 5.53 33.30 35.31
N ASP C 489 5.08 33.21 34.06
CA ASP C 489 3.66 33.54 33.76
C ASP C 489 2.70 32.36 33.98
N GLY C 490 3.22 31.15 34.20
CA GLY C 490 2.35 29.99 34.28
C GLY C 490 2.49 29.01 33.10
N THR C 491 3.44 29.29 32.22
CA THR C 491 3.74 28.37 31.12
C THR C 491 4.74 27.27 31.53
N LEU C 492 4.53 26.05 31.02
CA LEU C 492 5.42 24.92 31.26
C LEU C 492 5.81 24.36 29.89
N GLU C 493 7.10 24.09 29.69
CA GLU C 493 7.60 23.47 28.45
C GLU C 493 8.12 22.09 28.75
N VAL C 494 7.69 21.11 27.95
CA VAL C 494 8.13 19.71 28.10
C VAL C 494 8.99 19.44 26.88
N SER C 495 10.19 18.91 27.08
CA SER C 495 11.07 18.67 25.93
C SER C 495 11.95 17.46 26.09
N VAL C 496 12.45 16.96 24.96
CA VAL C 496 13.42 15.89 24.99
C VAL C 496 14.48 16.25 23.96
N ARG C 497 15.71 15.84 24.21
CA ARG C 497 16.77 15.93 23.23
C ARG C 497 17.47 14.58 23.25
N ALA C 498 17.94 14.10 22.11
CA ALA C 498 18.57 12.79 22.07
C ALA C 498 20.02 12.88 21.58
N ALA C 499 20.84 11.94 22.04
CA ALA C 499 22.25 11.92 21.68
C ALA C 499 22.73 10.50 21.84
N GLY C 500 24.01 10.28 21.62
CA GLY C 500 24.57 8.96 21.83
C GLY C 500 24.95 8.29 20.53
N TYR C 501 25.13 6.99 20.60
CA TYR C 501 25.51 6.22 19.41
C TYR C 501 24.27 5.76 18.67
N ILE C 502 24.25 5.95 17.37
CA ILE C 502 23.13 5.45 16.60
C ILE C 502 23.20 3.93 16.44
N GLN C 503 22.04 3.32 16.21
CA GLN C 503 22.01 1.92 15.83
C GLN C 503 22.10 1.98 14.30
N ALA C 504 23.32 1.89 13.80
CA ALA C 504 23.55 1.91 12.36
C ALA C 504 23.31 0.51 11.75
N GLY C 505 23.58 0.35 10.45
CA GLY C 505 23.38 -0.95 9.84
C GLY C 505 24.50 -1.21 8.86
N TYR C 506 24.73 -2.47 8.51
CA TYR C 506 25.76 -2.76 7.51
C TYR C 506 25.33 -2.15 6.14
N TRP C 507 26.24 -1.50 5.43
CA TRP C 507 25.89 -0.91 4.15
C TRP C 507 26.17 -1.90 3.03
N ASN C 508 25.11 -2.41 2.42
CA ASN C 508 25.20 -3.25 1.21
C ASN C 508 24.74 -2.38 0.05
N PRO C 509 25.64 -2.03 -0.86
CA PRO C 509 25.27 -1.08 -1.91
C PRO C 509 24.13 -1.55 -2.79
N GLU C 510 23.91 -2.85 -2.88
CA GLU C 510 22.82 -3.37 -3.70
C GLU C 510 21.44 -3.10 -3.14
N THR C 511 21.32 -3.00 -1.82
CA THR C 511 20.00 -2.92 -1.21
C THR C 511 19.80 -1.87 -0.11
N SER C 512 20.87 -1.28 0.40
CA SER C 512 20.75 -0.42 1.59
C SER C 512 20.29 1.01 1.32
N ALA C 513 20.42 1.44 0.08
CA ALA C 513 20.21 2.86 -0.19
C ALA C 513 18.84 3.46 0.11
N PRO C 514 17.74 2.73 -0.07
CA PRO C 514 16.42 3.26 0.29
C PRO C 514 16.19 3.46 1.78
N TYR C 515 17.13 3.00 2.60
CA TYR C 515 16.91 2.96 4.05
C TYR C 515 17.95 3.67 4.88
N GLY C 516 18.86 4.41 4.25
CA GLY C 516 19.88 5.06 5.01
C GLY C 516 20.98 5.61 4.10
N LEU C 517 21.77 6.53 4.64
CA LEU C 517 22.92 7.07 3.91
C LEU C 517 24.16 6.30 4.26
N LYS C 518 25.09 6.21 3.30
CA LYS C 518 26.38 5.61 3.59
C LYS C 518 27.19 6.64 4.36
N ILE C 519 27.46 6.38 5.65
CA ILE C 519 28.18 7.32 6.50
C ILE C 519 29.56 6.86 6.96
N HIS C 520 29.94 5.64 6.61
CA HIS C 520 31.30 5.18 6.82
C HIS C 520 31.56 4.07 5.80
N ASP C 521 32.78 3.55 5.72
CA ASP C 521 33.11 2.63 4.65
C ASP C 521 32.11 1.53 4.38
N VAL C 522 31.64 0.85 5.42
CA VAL C 522 30.63 -0.20 5.21
C VAL C 522 29.48 0.02 6.17
N LEU C 523 29.16 1.30 6.41
CA LEU C 523 28.13 1.66 7.41
C LEU C 523 27.01 2.50 6.84
N SER C 524 25.77 2.13 7.17
CA SER C 524 24.59 2.92 6.79
C SER C 524 24.02 3.58 8.05
N GLY C 525 23.59 4.84 7.93
N GLY C 525 23.65 4.85 7.95
CA GLY C 525 22.78 5.48 8.96
CA GLY C 525 23.23 5.58 9.14
C GLY C 525 21.31 5.07 8.88
C GLY C 525 21.90 4.99 9.60
N SER C 526 21.00 3.85 9.35
N SER C 526 21.33 4.19 8.70
CA SER C 526 19.62 3.30 9.37
CA SER C 526 19.96 3.65 8.83
C SER C 526 18.52 4.32 9.80
C SER C 526 18.91 4.80 8.90
N PHE C 527 17.57 4.49 8.91
N PHE C 527 17.67 4.43 9.24
CA PHE C 527 16.44 5.39 9.11
CA PHE C 527 16.51 5.37 9.23
C PHE C 527 15.54 4.86 10.24
C PHE C 527 15.56 4.85 10.28
N HIS C 528 15.18 5.72 11.19
CA HIS C 528 14.27 5.29 12.25
C HIS C 528 13.45 6.45 12.76
N ASP C 529 12.31 6.12 13.36
CA ASP C 529 11.57 7.12 14.10
C ASP C 529 11.75 6.94 15.61
N HIS C 530 11.91 8.05 16.33
CA HIS C 530 11.81 8.03 17.79
C HIS C 530 10.44 8.67 18.05
N VAL C 531 9.59 8.07 18.89
CA VAL C 531 8.33 8.71 19.25
C VAL C 531 8.17 8.52 20.76
N LEU C 532 7.72 9.58 21.44
CA LEU C 532 7.51 9.57 22.89
C LEU C 532 6.09 10.00 23.21
N ASN C 533 5.46 9.36 24.19
CA ASN C 533 4.09 9.70 24.56
C ASN C 533 4.08 10.26 25.96
N TYR C 534 3.39 11.37 26.15
CA TYR C 534 3.21 11.96 27.49
C TYR C 534 1.74 11.96 27.89
N LYS C 535 1.43 11.48 29.10
CA LYS C 535 0.08 11.60 29.66
C LYS C 535 0.01 13.01 30.29
N VAL C 536 -0.88 13.86 29.78
CA VAL C 536 -0.98 15.25 30.25
C VAL C 536 -2.40 15.44 30.77
N ASP C 537 -2.60 15.12 32.04
CA ASP C 537 -3.92 15.22 32.62
C ASP C 537 -4.10 16.63 33.14
N LEU C 538 -4.32 17.54 32.20
CA LEU C 538 -4.68 18.93 32.53
C LEU C 538 -6.04 18.95 33.20
N ASP C 539 -6.17 19.78 34.25
CA ASP C 539 -7.46 19.98 34.93
C ASP C 539 -7.54 21.50 35.03
N VAL C 540 -8.07 22.14 34.00
CA VAL C 540 -8.03 23.60 33.92
C VAL C 540 -9.27 24.21 34.56
N GLY C 541 -9.09 24.93 35.66
CA GLY C 541 -10.23 25.50 36.35
C GLY C 541 -11.17 24.38 36.74
N GLY C 542 -10.61 23.36 37.41
CA GLY C 542 -11.34 22.18 37.86
C GLY C 542 -11.13 20.96 36.96
N THR C 543 -11.70 19.82 37.36
CA THR C 543 -11.60 18.60 36.54
C THR C 543 -12.52 18.61 35.34
N LYS C 544 -13.73 19.15 35.50
CA LYS C 544 -14.69 19.19 34.39
C LYS C 544 -14.27 20.20 33.34
N ASN C 545 -13.90 19.71 32.16
CA ASN C 545 -13.35 20.56 31.13
C ASN C 545 -14.01 20.30 29.77
N ARG C 546 -13.62 21.10 28.79
CA ARG C 546 -13.95 20.85 27.39
C ARG C 546 -12.65 21.00 26.62
N ALA C 547 -12.57 20.39 25.43
CA ALA C 547 -11.42 20.57 24.55
C ALA C 547 -11.99 21.31 23.34
N SER C 548 -11.28 22.32 22.86
CA SER C 548 -11.74 23.09 21.72
C SER C 548 -10.56 23.43 20.83
N LYS C 549 -10.86 23.85 19.61
CA LYS C 549 -9.80 24.42 18.80
C LYS C 549 -10.31 25.67 18.14
N TYR C 550 -9.43 26.67 18.05
CA TYR C 550 -9.72 27.87 17.26
C TYR C 550 -9.13 27.56 15.90
N VAL C 551 -10.00 27.34 14.91
CA VAL C 551 -9.57 27.05 13.54
C VAL C 551 -9.38 28.36 12.79
N MET C 552 -8.27 28.48 12.07
CA MET C 552 -7.96 29.73 11.39
C MET C 552 -8.12 29.44 9.92
N LYS C 553 -8.84 30.29 9.21
CA LYS C 553 -9.02 30.07 7.77
C LYS C 553 -9.06 31.38 6.98
N ASP C 554 -8.72 31.31 5.70
CA ASP C 554 -8.93 32.50 4.87
C ASP C 554 -10.36 32.37 4.34
N VAL C 555 -11.00 33.52 4.18
CA VAL C 555 -12.40 33.51 3.82
C VAL C 555 -12.69 34.79 3.07
N ASP C 556 -13.66 34.70 2.16
CA ASP C 556 -14.08 35.86 1.39
C ASP C 556 -15.34 36.42 2.04
N VAL C 557 -15.35 37.73 2.28
CA VAL C 557 -16.47 38.36 2.94
C VAL C 557 -16.72 39.73 2.35
N GLU C 558 -17.87 40.30 2.70
CA GLU C 558 -18.21 41.68 2.36
C GLU C 558 -18.57 42.33 3.69
N TYR C 559 -18.21 43.59 3.83
CA TYR C 559 -18.48 44.34 5.05
C TYR C 559 -19.57 45.39 4.89
N PRO C 560 -20.33 45.64 5.95
CA PRO C 560 -21.44 46.62 5.90
C PRO C 560 -20.95 48.00 5.51
N TRP C 561 -19.68 48.29 5.81
CA TRP C 561 -19.11 49.60 5.50
C TRP C 561 -18.50 49.73 4.10
N ALA C 562 -18.54 48.65 3.32
CA ALA C 562 -18.16 48.72 1.92
C ALA C 562 -19.00 47.72 1.13
N PRO C 563 -20.30 47.98 1.01
CA PRO C 563 -21.21 47.04 0.36
C PRO C 563 -20.76 46.61 -1.02
N GLY C 564 -20.90 45.32 -1.31
CA GLY C 564 -20.51 44.78 -2.60
C GLY C 564 -19.04 44.58 -2.87
N THR C 565 -18.16 44.96 -1.94
CA THR C 565 -16.72 44.84 -2.16
C THR C 565 -16.26 43.58 -1.45
N VAL C 566 -15.81 42.59 -2.21
CA VAL C 566 -15.34 41.35 -1.60
C VAL C 566 -13.89 41.48 -1.13
N TYR C 567 -13.64 41.03 0.10
CA TYR C 567 -12.30 40.99 0.67
C TYR C 567 -11.95 39.55 0.98
N ASN C 568 -10.73 39.15 0.65
CA ASN C 568 -10.21 37.87 1.10
C ASN C 568 -9.47 38.20 2.40
N THR C 569 -9.99 37.70 3.51
CA THR C 569 -9.40 38.01 4.80
C THR C 569 -9.26 36.71 5.59
N LYS C 570 -9.14 36.78 6.91
CA LYS C 570 -8.99 35.54 7.71
C LYS C 570 -9.83 35.66 8.95
N GLN C 571 -10.30 34.51 9.43
CA GLN C 571 -11.14 34.47 10.61
C GLN C 571 -10.75 33.32 11.49
N ILE C 572 -11.27 33.34 12.71
CA ILE C 572 -11.16 32.19 13.60
C ILE C 572 -12.55 31.67 13.87
N ALA C 573 -12.64 30.37 14.15
CA ALA C 573 -13.91 29.78 14.54
C ALA C 573 -13.60 28.79 15.64
N ARG C 574 -14.30 28.88 16.76
CA ARG C 574 -14.08 27.90 17.80
C ARG C 574 -14.93 26.67 17.57
N GLU C 575 -14.28 25.50 17.63
CA GLU C 575 -14.95 24.22 17.44
C GLU C 575 -14.71 23.39 18.69
N VAL C 576 -15.78 22.87 19.29
CA VAL C 576 -15.64 22.00 20.44
C VAL C 576 -15.40 20.55 19.98
N LEU C 577 -14.45 19.87 20.63
CA LEU C 577 -14.18 18.46 20.32
C LEU C 577 -15.18 17.70 21.20
N GLU C 578 -16.28 17.27 20.58
CA GLU C 578 -17.41 16.77 21.35
C GLU C 578 -17.24 15.35 21.87
N LYS C 579 -16.55 14.52 21.10
CA LYS C 579 -16.40 13.12 21.48
C LYS C 579 -14.99 12.65 21.16
N GLU C 580 -14.56 11.59 21.85
CA GLU C 580 -13.30 10.94 21.54
C GLU C 580 -13.29 10.58 20.06
N ASP C 581 -12.17 10.86 19.40
CA ASP C 581 -12.00 10.60 17.98
C ASP C 581 -10.89 9.56 17.78
N PHE C 582 -11.23 8.43 17.15
CA PHE C 582 -10.26 7.37 16.94
C PHE C 582 -9.03 7.85 16.19
N ASN C 583 -9.21 8.84 15.32
CA ASN C 583 -8.10 9.29 14.50
C ASN C 583 -7.11 10.17 15.25
N GLY C 584 -7.47 10.58 16.47
CA GLY C 584 -6.67 11.56 17.19
C GLY C 584 -6.60 12.90 16.46
N ILE C 585 -5.62 13.70 16.85
CA ILE C 585 -5.46 15.02 16.29
C ILE C 585 -4.05 15.16 15.76
N ASN C 586 -3.93 15.67 14.53
CA ASN C 586 -2.66 16.05 13.98
C ASN C 586 -2.61 17.56 13.88
N TRP C 587 -1.45 18.12 14.13
CA TRP C 587 -1.33 19.56 14.15
C TRP C 587 -1.70 20.08 12.77
N PRO C 588 -2.43 21.19 12.73
CA PRO C 588 -2.94 21.69 11.46
C PRO C 588 -1.88 22.23 10.51
N GLU C 589 -2.17 22.06 9.23
CA GLU C 589 -1.31 22.57 8.19
C GLU C 589 -1.10 24.07 8.38
N ASN C 590 0.13 24.51 8.15
CA ASN C 590 0.51 25.92 8.25
C ASN C 590 0.17 26.47 9.62
N GLY C 591 0.10 25.58 10.63
CA GLY C 591 -0.14 26.05 11.98
C GLY C 591 -1.46 26.75 12.21
N GLN C 592 -2.44 26.47 11.34
CA GLN C 592 -3.70 27.22 11.37
C GLN C 592 -4.74 26.82 12.41
N GLY C 593 -4.29 26.75 13.66
CA GLY C 593 -5.19 26.42 14.75
C GLY C 593 -4.54 26.56 16.11
N ILE C 594 -5.36 26.72 17.14
CA ILE C 594 -4.92 26.78 18.53
C ILE C 594 -5.74 25.71 19.24
N LEU C 595 -5.11 24.77 19.94
CA LEU C 595 -5.80 23.69 20.68
C LEU C 595 -5.88 24.05 22.17
N LEU C 596 -7.08 24.01 22.74
CA LEU C 596 -7.30 24.39 24.14
C LEU C 596 -7.92 23.29 24.98
N ILE C 597 -7.51 23.23 26.25
CA ILE C 597 -8.31 22.53 27.25
C ILE C 597 -8.92 23.67 28.07
N GLU C 598 -10.25 23.73 28.05
CA GLU C 598 -11.00 24.78 28.73
C GLU C 598 -11.71 24.29 29.98
N SER C 599 -11.80 25.16 30.98
CA SER C 599 -12.75 24.85 32.06
C SER C 599 -14.17 24.81 31.47
N ALA C 600 -14.96 23.86 31.93
CA ALA C 600 -16.33 23.73 31.44
C ALA C 600 -17.18 24.90 31.93
N GLU C 601 -16.92 25.37 33.15
CA GLU C 601 -17.77 26.41 33.72
C GLU C 601 -17.07 27.70 34.15
N GLU C 602 -15.78 27.67 34.45
CA GLU C 602 -15.09 28.90 34.89
C GLU C 602 -14.72 29.78 33.72
N THR C 603 -14.92 31.08 33.87
CA THR C 603 -14.50 32.03 32.85
C THR C 603 -13.67 33.12 33.48
N ASN C 604 -12.96 33.86 32.64
CA ASN C 604 -12.29 35.07 33.13
C ASN C 604 -13.30 36.23 33.12
N SER C 605 -12.84 37.43 33.41
CA SER C 605 -13.78 38.56 33.53
C SER C 605 -14.46 39.01 32.24
N PHE C 606 -13.96 38.54 31.09
CA PHE C 606 -14.46 38.97 29.79
C PHE C 606 -15.25 37.88 29.07
N GLY C 607 -15.73 36.92 29.85
CA GLY C 607 -16.59 35.86 29.35
C GLY C 607 -15.92 34.71 28.63
N ASN C 608 -14.60 34.66 28.65
CA ASN C 608 -13.92 33.56 27.99
C ASN C 608 -13.66 32.40 28.95
N PRO C 609 -13.88 31.16 28.51
CA PRO C 609 -13.48 30.00 29.32
C PRO C 609 -12.02 30.07 29.70
N ARG C 610 -11.74 29.80 30.96
CA ARG C 610 -10.37 29.76 31.38
C ARG C 610 -9.75 28.57 30.66
N ALA C 611 -8.57 28.74 30.10
CA ALA C 611 -8.01 27.65 29.31
C ALA C 611 -6.49 27.58 29.33
N TYR C 612 -5.98 26.44 28.88
CA TYR C 612 -4.55 26.32 28.63
C TYR C 612 -4.45 25.86 27.18
N ASN C 613 -3.48 26.42 26.47
CA ASN C 613 -3.20 26.09 25.07
C ASN C 613 -2.09 25.04 25.02
N ILE C 614 -2.33 23.93 24.32
CA ILE C 614 -1.29 22.93 24.11
C ILE C 614 -0.65 23.33 22.78
N MET C 615 0.56 23.85 22.87
CA MET C 615 1.26 24.50 21.76
C MET C 615 2.42 23.60 21.31
N PRO C 616 2.38 23.06 20.10
CA PRO C 616 3.49 22.26 19.62
C PRO C 616 4.74 23.12 19.42
N GLY C 617 5.88 22.51 19.66
CA GLY C 617 7.16 23.12 19.39
C GLY C 617 7.74 22.23 18.32
N GLY C 618 9.07 22.14 18.25
CA GLY C 618 9.66 21.27 17.27
C GLY C 618 9.33 19.83 17.60
N GLY C 619 9.42 18.96 16.61
CA GLY C 619 9.21 17.55 16.89
C GLY C 619 7.77 17.11 17.01
N GLY C 620 6.86 17.86 16.40
CA GLY C 620 5.46 17.51 16.42
C GLY C 620 5.19 16.51 15.31
N VAL C 621 5.81 15.33 15.42
CA VAL C 621 5.65 14.28 14.41
C VAL C 621 5.29 12.95 15.03
N HIS C 622 4.70 12.07 14.22
CA HIS C 622 4.30 10.73 14.66
C HIS C 622 4.92 9.69 13.72
N ARG C 623 4.64 8.41 13.98
CA ARG C 623 5.21 7.34 13.13
C ARG C 623 4.90 7.52 11.67
N ILE C 624 5.90 7.26 10.84
CA ILE C 624 5.66 7.14 9.40
C ILE C 624 5.02 5.80 9.04
N VAL C 625 5.56 4.71 9.59
CA VAL C 625 5.01 3.37 9.35
C VAL C 625 3.61 3.23 9.94
N LYS C 626 2.72 2.52 9.25
CA LYS C 626 1.37 2.35 9.80
C LYS C 626 1.11 0.95 10.36
N ASN C 627 1.65 -0.05 9.67
CA ASN C 627 1.29 -1.44 9.98
C ASN C 627 2.53 -2.29 10.14
N SER C 628 3.14 -2.26 11.32
CA SER C 628 4.38 -2.98 11.55
C SER C 628 4.16 -4.39 12.08
N ARG C 629 4.85 -5.34 11.46
CA ARG C 629 4.80 -6.72 11.96
C ARG C 629 5.48 -6.83 13.33
N SER C 630 6.28 -5.82 13.67
CA SER C 630 6.99 -5.77 14.97
C SER C 630 6.28 -4.91 16.03
N GLY C 631 5.12 -4.34 15.69
CA GLY C 631 4.32 -3.64 16.67
C GLY C 631 2.89 -3.47 16.16
N PRO C 632 2.17 -4.57 15.99
CA PRO C 632 0.82 -4.49 15.43
C PRO C 632 -0.16 -3.74 16.33
N GLU C 633 -0.15 -4.03 17.62
CA GLU C 633 -1.13 -3.47 18.55
C GLU C 633 -0.48 -2.93 19.82
N THR C 634 0.86 -2.97 19.89
CA THR C 634 1.58 -2.68 21.12
C THR C 634 1.87 -1.21 21.37
N GLN C 635 1.72 -0.35 20.34
CA GLN C 635 2.10 1.06 20.44
C GLN C 635 1.15 1.93 19.65
N ASN C 636 -0.13 1.67 19.81
CA ASN C 636 -1.16 2.29 19.00
C ASN C 636 -1.37 3.81 19.18
N TRP C 637 -0.75 4.38 20.22
CA TRP C 637 -0.83 5.81 20.50
C TRP C 637 0.10 6.61 19.58
N ALA C 638 1.00 5.94 18.86
CA ALA C 638 2.09 6.66 18.19
C ALA C 638 1.79 7.11 16.78
N ARG C 639 0.53 6.99 16.38
CA ARG C 639 0.15 7.18 14.98
C ARG C 639 -0.40 8.53 14.64
N SER C 640 -0.66 9.36 15.66
CA SER C 640 -1.14 10.73 15.44
C SER C 640 -0.35 11.62 16.39
N ASN C 641 -0.49 12.94 16.27
CA ASN C 641 0.26 13.79 17.18
C ASN C 641 -0.25 13.83 18.60
N LEU C 642 -1.55 13.67 18.78
CA LEU C 642 -2.14 13.77 20.12
C LEU C 642 -3.51 13.11 20.15
N PHE C 643 -3.91 12.66 21.33
CA PHE C 643 -5.24 12.12 21.50
C PHE C 643 -5.89 12.68 22.76
N LEU C 644 -7.19 12.90 22.70
CA LEU C 644 -7.94 13.34 23.87
C LEU C 644 -8.86 12.22 24.31
N THR C 645 -8.81 11.86 25.61
CA THR C 645 -9.72 10.85 26.13
C THR C 645 -10.36 11.30 27.43
N LYS C 646 -11.44 10.61 27.80
CA LYS C 646 -12.06 10.84 29.11
C LYS C 646 -11.22 10.13 30.16
N HIS C 647 -10.83 10.87 31.20
CA HIS C 647 -10.03 10.30 32.26
C HIS C 647 -10.67 9.05 32.89
N LYS C 648 -9.88 8.01 33.10
CA LYS C 648 -10.31 6.82 33.84
C LYS C 648 -9.14 6.22 34.60
N ASP C 649 -9.40 5.78 35.83
CA ASP C 649 -8.37 5.10 36.60
C ASP C 649 -7.91 3.80 35.94
N GLU C 650 -8.80 3.16 35.19
CA GLU C 650 -8.43 1.95 34.47
C GLU C 650 -7.61 2.25 33.22
N GLU C 651 -7.56 3.52 32.82
CA GLU C 651 -6.74 3.93 31.66
C GLU C 651 -5.61 4.77 32.23
N LEU C 652 -4.83 4.08 33.06
CA LEU C 652 -3.72 4.65 33.79
C LEU C 652 -2.55 5.00 32.87
N ARG C 653 -2.30 4.14 31.89
CA ARG C 653 -1.07 4.25 31.12
C ARG C 653 -1.26 3.75 29.69
N SER C 654 -0.51 4.34 28.76
CA SER C 654 -0.71 4.05 27.34
C SER C 654 0.13 2.89 26.82
N SER C 655 1.08 2.44 27.62
CA SER C 655 1.90 1.26 27.31
C SER C 655 2.27 0.65 28.66
N THR C 656 2.97 -0.48 28.63
CA THR C 656 3.46 -1.14 29.84
C THR C 656 4.79 -1.77 29.51
N ALA C 657 5.54 -2.13 30.55
CA ALA C 657 6.83 -2.76 30.35
C ALA C 657 6.62 -4.16 29.77
N LEU C 658 5.37 -4.62 29.81
CA LEU C 658 5.00 -5.97 29.34
C LEU C 658 4.40 -5.97 27.94
N ASN C 659 4.35 -4.81 27.29
CA ASN C 659 3.71 -4.77 25.98
C ASN C 659 4.52 -5.30 24.81
N THR C 660 5.82 -5.09 24.86
CA THR C 660 6.60 -5.19 23.61
C THR C 660 6.53 -6.50 22.83
N ASN C 661 6.57 -7.63 23.53
CA ASN C 661 6.51 -8.92 22.82
C ASN C 661 5.10 -9.47 22.63
N ALA C 662 4.10 -8.82 23.23
CA ALA C 662 2.72 -9.30 23.13
C ALA C 662 2.11 -8.57 21.97
N LEU C 663 2.52 -8.96 20.77
CA LEU C 663 2.21 -8.21 19.58
C LEU C 663 0.75 -7.91 19.24
N TYR C 664 -0.12 -8.88 19.45
CA TYR C 664 -1.53 -8.78 19.09
C TYR C 664 -2.46 -8.56 20.27
N ASP C 665 -2.07 -9.02 21.45
CA ASP C 665 -2.90 -8.89 22.64
C ASP C 665 -2.10 -8.34 23.83
N PRO C 666 -1.57 -7.15 23.68
CA PRO C 666 -0.77 -6.56 24.76
C PRO C 666 -1.63 -6.24 25.99
N PRO C 667 -1.01 -6.26 27.15
CA PRO C 667 -1.69 -5.83 28.38
C PRO C 667 -2.46 -4.51 28.16
N VAL C 668 -1.83 -3.51 27.52
CA VAL C 668 -2.55 -2.29 27.17
C VAL C 668 -2.56 -2.11 25.66
N ASN C 669 -3.75 -2.06 25.09
CA ASN C 669 -3.94 -1.64 23.71
C ASN C 669 -4.55 -0.25 23.85
N PHE C 670 -3.76 0.78 23.51
CA PHE C 670 -4.20 2.15 23.65
C PHE C 670 -5.54 2.45 22.95
N ASN C 671 -5.79 1.80 21.81
CA ASN C 671 -7.04 2.05 21.08
C ASN C 671 -8.27 1.66 21.88
N ALA C 672 -8.11 0.83 22.89
CA ALA C 672 -9.26 0.54 23.76
C ALA C 672 -9.80 1.82 24.43
N PHE C 673 -8.98 2.85 24.58
CA PHE C 673 -9.44 4.07 25.27
C PHE C 673 -10.38 4.88 24.37
N LEU C 674 -10.34 4.60 23.07
CA LEU C 674 -11.00 5.47 22.07
C LEU C 674 -12.31 4.83 21.66
N ASP C 675 -13.36 5.12 22.43
CA ASP C 675 -14.64 4.50 22.24
C ASP C 675 -15.76 5.53 22.19
N ASP C 676 -15.43 6.65 21.60
CA ASP C 676 -16.42 7.67 21.23
C ASP C 676 -17.16 8.31 22.39
N GLU C 677 -16.54 8.32 23.55
CA GLU C 677 -17.21 8.92 24.70
C GLU C 677 -17.22 10.43 24.59
N SER C 678 -18.28 11.04 25.12
CA SER C 678 -18.34 12.49 25.16
C SER C 678 -17.18 13.09 25.93
N LEU C 679 -16.65 14.20 25.42
CA LEU C 679 -15.62 14.95 26.14
C LEU C 679 -16.20 16.29 26.55
N ASP C 680 -17.51 16.46 26.41
CA ASP C 680 -18.07 17.81 26.51
C ASP C 680 -18.49 18.06 27.93
N GLY C 681 -17.57 18.55 28.73
CA GLY C 681 -17.83 18.72 30.14
C GLY C 681 -17.47 17.45 30.86
N GLU C 682 -16.18 17.11 30.83
CA GLU C 682 -15.73 15.84 31.40
C GLU C 682 -14.29 16.03 31.84
N ASP C 683 -13.78 15.08 32.61
CA ASP C 683 -12.38 15.13 32.99
C ASP C 683 -11.62 14.57 31.78
N ILE C 684 -10.82 15.43 31.14
CA ILE C 684 -10.09 15.11 29.91
C ILE C 684 -8.62 14.84 30.22
N VAL C 685 -8.04 13.89 29.48
CA VAL C 685 -6.60 13.65 29.49
C VAL C 685 -6.12 13.85 28.07
N ALA C 686 -4.99 14.56 27.91
CA ALA C 686 -4.40 14.73 26.58
C ALA C 686 -3.18 13.81 26.57
N TRP C 687 -3.10 12.95 25.57
CA TRP C 687 -1.92 12.09 25.39
C TRP C 687 -1.17 12.74 24.24
N VAL C 688 -0.06 13.40 24.58
CA VAL C 688 0.69 14.23 23.62
C VAL C 688 1.99 13.58 23.17
N ASN C 689 2.21 13.49 21.86
CA ASN C 689 3.45 12.90 21.37
C ASN C 689 4.52 13.86 20.89
N LEU C 690 5.77 13.46 21.11
CA LEU C 690 6.94 14.17 20.56
C LEU C 690 7.71 13.15 19.75
N GLY C 691 8.36 13.58 18.68
CA GLY C 691 9.05 12.61 17.86
C GLY C 691 10.16 13.18 17.02
N LEU C 692 10.95 12.28 16.47
CA LEU C 692 12.00 12.63 15.53
C LEU C 692 12.06 11.59 14.42
N HIS C 693 12.11 12.05 13.16
CA HIS C 693 12.45 11.16 12.05
C HIS C 693 13.95 11.32 11.87
N HIS C 694 14.71 10.32 12.31
CA HIS C 694 16.16 10.41 12.35
C HIS C 694 16.79 9.68 11.17
N LEU C 695 17.46 10.45 10.31
CA LEU C 695 18.19 9.91 9.18
C LEU C 695 19.64 10.36 9.42
N PRO C 696 20.39 9.54 10.16
CA PRO C 696 21.75 9.93 10.53
C PRO C 696 22.67 10.22 9.37
N ASN C 697 23.51 11.23 9.55
CA ASN C 697 24.47 11.57 8.51
C ASN C 697 25.82 11.75 9.17
N SER C 698 26.77 12.38 8.49
CA SER C 698 28.08 12.60 9.11
C SER C 698 28.00 13.32 10.46
N ASN C 699 27.00 14.18 10.63
CA ASN C 699 26.87 14.92 11.89
C ASN C 699 26.39 14.07 13.07
N ASP C 700 26.27 12.76 12.84
CA ASP C 700 25.90 11.79 13.89
C ASP C 700 27.06 10.86 14.20
N LEU C 701 28.22 11.11 13.60
CA LEU C 701 29.40 10.29 13.95
C LEU C 701 30.49 11.15 14.56
N PRO C 702 31.11 10.72 15.66
CA PRO C 702 30.82 9.45 16.36
C PRO C 702 29.50 9.39 17.13
N ASN C 703 28.89 10.53 17.42
CA ASN C 703 27.65 10.57 18.20
C ASN C 703 26.68 11.58 17.63
N THR C 704 25.39 11.32 17.83
CA THR C 704 24.34 12.28 17.55
C THR C 704 24.45 13.43 18.56
N ILE C 705 24.02 14.62 18.16
CA ILE C 705 24.11 15.79 19.05
C ILE C 705 22.74 16.27 19.51
N PHE C 706 22.69 16.76 20.74
CA PHE C 706 21.43 17.17 21.36
C PHE C 706 20.84 18.44 20.78
N SER C 707 21.68 19.29 20.20
CA SER C 707 21.20 20.58 19.70
C SER C 707 20.19 20.45 18.57
N THR C 708 20.42 19.49 17.68
CA THR C 708 19.54 19.31 16.52
C THR C 708 18.64 18.07 16.57
N ALA C 709 18.61 17.39 17.71
CA ALA C 709 17.71 16.23 17.86
C ALA C 709 16.83 16.60 19.03
N HIS C 710 15.84 17.44 18.76
CA HIS C 710 15.08 18.10 19.82
C HIS C 710 13.59 18.12 19.51
N ALA C 711 12.77 17.93 20.54
CA ALA C 711 11.31 17.98 20.36
C ALA C 711 10.73 18.62 21.62
N SER C 712 9.66 19.40 21.48
CA SER C 712 9.04 19.99 22.66
C SER C 712 7.59 20.40 22.45
N PHE C 713 6.87 20.58 23.54
CA PHE C 713 5.58 21.26 23.48
C PHE C 713 5.43 22.17 24.70
N MET C 714 4.54 23.14 24.63
CA MET C 714 4.28 24.03 25.77
C MET C 714 2.81 23.94 26.20
N LEU C 715 2.55 24.14 27.50
CA LEU C 715 1.20 24.32 28.03
C LEU C 715 1.23 25.77 28.50
N THR C 716 0.42 26.62 27.89
CA THR C 716 0.48 28.05 28.21
C THR C 716 -0.90 28.61 28.50
N PRO C 717 -1.03 29.50 29.49
CA PRO C 717 -2.34 30.05 29.83
C PRO C 717 -2.96 30.76 28.65
N PHE C 718 -4.28 30.64 28.52
CA PHE C 718 -5.02 31.22 27.41
C PHE C 718 -6.35 31.63 28.02
N ASN C 719 -6.49 32.93 28.31
CA ASN C 719 -7.67 33.42 29.01
C ASN C 719 -7.85 32.80 30.41
N TYR C 720 -6.76 32.27 30.95
CA TYR C 720 -6.80 31.58 32.24
C TYR C 720 -6.92 32.61 33.37
N PHE C 721 -6.31 33.76 33.12
CA PHE C 721 -6.45 34.89 34.01
C PHE C 721 -7.03 36.06 33.18
N ASP C 722 -7.16 37.24 33.80
CA ASP C 722 -7.57 38.43 33.04
C ASP C 722 -6.37 39.10 32.36
N SER C 723 -5.15 38.71 32.76
CA SER C 723 -3.96 39.34 32.24
C SER C 723 -2.76 38.41 32.36
N GLU C 724 -1.64 38.84 31.80
CA GLU C 724 -0.43 38.04 31.81
C GLU C 724 0.23 38.15 33.18
N ASN C 725 0.48 37.02 33.83
CA ASN C 725 0.79 37.01 35.26
C ASN C 725 2.24 37.02 35.73
N SER C 726 3.13 37.60 34.95
CA SER C 726 4.51 37.78 35.41
C SER C 726 4.79 39.15 36.03
N ARG C 727 3.83 40.06 35.94
CA ARG C 727 4.01 41.45 36.37
C ARG C 727 4.44 41.65 37.84
N ASP C 728 4.16 40.68 38.69
CA ASP C 728 4.53 40.80 40.12
C ASP C 728 5.97 40.42 40.42
N THR C 729 6.71 39.94 39.42
CA THR C 729 8.10 39.62 39.70
C THR C 729 8.92 40.88 40.02
N THR C 730 9.96 40.69 40.82
CA THR C 730 10.95 41.75 41.09
C THR C 730 12.05 41.73 40.01
N GLN C 731 12.13 40.66 39.22
CA GLN C 731 13.21 40.55 38.25
C GLN C 731 12.87 41.30 36.98
N GLN C 732 12.79 42.62 37.10
CA GLN C 732 12.45 43.49 35.97
C GLN C 732 13.05 44.86 36.21
N VAL C 733 13.07 45.68 35.17
CA VAL C 733 13.63 47.04 35.27
C VAL C 733 12.62 48.00 34.69
N PHE C 734 12.55 49.19 35.26
CA PHE C 734 11.70 50.24 34.72
C PHE C 734 12.65 51.42 34.59
N TYR C 735 13.03 51.71 33.35
CA TYR C 735 13.91 52.84 33.07
C TYR C 735 13.06 54.03 32.61
N THR C 736 13.32 55.24 33.10
CA THR C 736 12.60 56.39 32.57
C THR C 736 13.54 57.52 32.20
N TYR C 737 13.13 58.34 31.25
CA TYR C 737 13.94 59.48 30.85
C TYR C 737 13.11 60.76 30.94
N ASP C 738 13.66 61.79 31.57
CA ASP C 738 12.98 63.09 31.71
C ASP C 738 13.37 64.09 30.61
N ASP C 739 12.45 64.30 29.67
CA ASP C 739 12.58 65.20 28.51
C ASP C 739 12.99 66.64 28.81
N GLU C 740 12.67 67.13 30.01
CA GLU C 740 13.05 68.47 30.41
C GLU C 740 14.50 68.47 30.87
N THR C 741 14.75 67.78 31.98
CA THR C 741 16.07 67.74 32.59
C THR C 741 17.11 66.90 31.85
N GLU C 742 16.66 65.88 31.14
CA GLU C 742 17.57 64.98 30.44
C GLU C 742 18.22 64.01 31.42
N GLU C 743 17.50 63.68 32.49
CA GLU C 743 17.97 62.76 33.52
C GLU C 743 17.30 61.43 33.29
N SER C 744 18.07 60.37 33.49
CA SER C 744 17.51 59.04 33.44
C SER C 744 17.32 58.55 34.88
N ASN C 745 16.34 57.68 35.09
CA ASN C 745 16.11 57.06 36.38
C ASN C 745 15.98 55.56 36.18
N TRP C 746 16.59 54.78 37.07
CA TRP C 746 16.54 53.34 36.93
C TRP C 746 15.87 52.75 38.16
N GLU C 747 14.86 51.93 37.95
CA GLU C 747 14.18 51.24 39.04
C GLU C 747 14.37 49.73 38.89
N PHE C 748 15.02 49.12 39.88
CA PHE C 748 15.34 47.69 39.81
C PHE C 748 14.63 46.86 40.87
N TYR C 749 13.67 47.46 41.55
CA TYR C 749 12.82 46.74 42.50
C TYR C 749 13.55 45.87 43.52
N GLY C 750 14.53 46.45 44.20
CA GLY C 750 15.26 45.73 45.25
C GLY C 750 16.43 44.87 44.79
N ASN C 751 16.77 44.88 43.51
CA ASN C 751 17.90 44.11 42.98
C ASN C 751 19.07 45.05 42.75
N ASP C 752 20.11 44.88 43.56
CA ASP C 752 21.24 45.77 43.49
C ASP C 752 22.26 45.22 42.51
N TRP C 753 22.38 45.85 41.34
CA TRP C 753 23.28 45.37 40.30
C TRP C 753 24.75 45.73 40.50
N SER C 754 25.06 46.49 41.57
CA SER C 754 26.43 46.88 41.87
C SER C 754 27.39 45.70 41.85
N SER C 755 28.59 45.93 41.35
CA SER C 755 29.61 44.88 41.32
C SER C 755 29.77 44.25 42.70
N CYS C 756 29.86 42.92 42.74
CA CYS C 756 30.02 42.22 44.01
C CYS C 756 30.82 40.94 43.81
N GLY C 757 31.43 40.45 44.89
CA GLY C 757 32.32 39.31 44.80
C GLY C 757 31.60 38.01 45.09
N LEU C 758 31.90 36.99 44.29
CA LEU C 758 31.29 35.69 44.47
C LEU C 758 32.35 34.60 44.36
N GLU C 759 32.13 33.49 45.06
CA GLU C 759 32.91 32.29 44.83
C GLU C 759 32.18 31.41 43.80
N VAL C 760 32.83 31.09 42.69
CA VAL C 760 32.28 30.24 41.62
C VAL C 760 32.62 28.83 42.06
N PRO C 761 31.63 28.07 42.49
CA PRO C 761 31.90 26.84 43.25
C PRO C 761 32.21 25.66 42.35
N GLU C 762 33.06 24.75 42.82
CA GLU C 762 33.28 23.52 42.07
C GLU C 762 32.07 22.60 42.26
N PRO C 763 31.59 22.01 41.16
CA PRO C 763 30.50 21.04 41.25
C PRO C 763 30.85 19.84 42.13
N ASN C 764 29.83 19.16 42.62
CA ASN C 764 29.97 18.00 43.47
C ASN C 764 30.42 16.74 42.71
N PHE C 765 31.52 16.84 41.95
CA PHE C 765 31.97 15.69 41.15
C PHE C 765 32.16 14.43 41.97
N GLU C 766 32.50 14.60 43.25
CA GLU C 766 32.78 13.46 44.11
C GLU C 766 31.56 12.56 44.33
N ASP C 767 30.37 13.10 44.09
CA ASP C 767 29.14 12.35 44.33
C ASP C 767 28.82 11.49 43.11
N TYR C 768 29.57 11.66 42.04
CA TYR C 768 29.31 10.89 40.81
C TYR C 768 30.19 9.67 40.77
N THR C 769 29.55 8.51 40.70
CA THR C 769 30.24 7.26 40.44
C THR C 769 29.51 6.47 39.33
N TYR C 770 30.28 5.90 38.41
CA TYR C 770 29.72 5.10 37.33
C TYR C 770 28.79 4.00 37.82
N GLY C 771 27.77 3.68 37.03
CA GLY C 771 26.92 2.56 37.35
C GLY C 771 25.45 2.83 37.48
N ARG C 772 24.66 1.78 37.40
CA ARG C 772 23.21 1.95 37.42
C ARG C 772 22.59 1.81 38.81
N GLY C 773 23.13 2.52 39.78
CA GLY C 773 22.60 2.47 41.13
C GLY C 773 23.35 1.54 42.07
N THR C 774 23.25 1.83 43.37
CA THR C 774 23.87 1.01 44.40
C THR C 774 22.86 -0.04 44.86
N ARG C 775 23.23 -1.31 44.76
CA ARG C 775 22.32 -2.41 45.07
C ARG C 775 22.43 -2.91 46.51
N ALA D 41 37.67 32.43 50.42
CA ALA D 41 39.07 31.95 50.71
C ALA D 41 39.81 31.52 49.44
N SER D 42 39.06 31.08 48.44
CA SER D 42 39.64 30.64 47.17
C SER D 42 40.41 31.74 46.44
N ALA D 43 41.51 31.36 45.80
CA ALA D 43 42.21 32.24 44.87
C ALA D 43 41.21 32.81 43.85
N GLU D 44 41.51 33.98 43.29
CA GLU D 44 40.64 34.62 42.31
C GLU D 44 40.72 33.78 41.05
N CYS D 45 39.64 33.75 40.26
CA CYS D 45 39.68 33.05 38.99
C CYS D 45 40.69 33.74 38.08
N VAL D 46 41.24 33.01 37.12
CA VAL D 46 42.26 33.57 36.24
C VAL D 46 41.71 34.53 35.20
N SER D 47 41.94 35.82 35.38
CA SER D 47 41.38 36.80 34.47
C SER D 47 42.13 36.91 33.15
N ASN D 48 41.40 37.27 32.11
CA ASN D 48 41.98 37.57 30.80
C ASN D 48 41.28 38.77 30.18
N GLU D 49 42.02 39.50 29.38
CA GLU D 49 41.51 40.69 28.75
C GLU D 49 40.78 40.32 27.46
N ASN D 50 39.84 41.17 27.04
CA ASN D 50 39.19 40.98 25.75
C ASN D 50 40.21 40.98 24.61
N VAL D 51 40.01 40.10 23.64
CA VAL D 51 40.91 40.03 22.52
C VAL D 51 40.35 40.73 21.28
N GLU D 52 41.21 41.52 20.63
CA GLU D 52 40.87 42.12 19.36
C GLU D 52 41.77 41.53 18.29
N ILE D 53 41.26 41.44 17.07
CA ILE D 53 42.00 40.85 15.98
C ILE D 53 41.94 41.75 14.76
N GLU D 54 42.69 41.38 13.73
CA GLU D 54 42.62 42.07 12.46
C GLU D 54 41.87 41.21 11.47
N ALA D 55 40.83 41.77 10.85
CA ALA D 55 40.12 41.04 9.79
C ALA D 55 41.05 40.72 8.63
N PRO D 56 40.85 39.57 7.99
CA PRO D 56 41.63 39.19 6.80
C PRO D 56 41.47 40.17 5.65
N LYS D 57 40.31 40.82 5.57
CA LYS D 57 40.01 41.76 4.48
C LYS D 57 39.18 42.91 5.05
N THR D 58 38.97 43.96 4.27
CA THR D 58 38.17 45.06 4.80
C THR D 58 36.68 44.74 4.60
N ASN D 59 35.86 45.35 5.43
CA ASN D 59 34.40 45.22 5.33
C ASN D 59 33.85 46.06 4.17
N ILE D 60 33.74 45.44 3.01
CA ILE D 60 33.26 46.10 1.80
C ILE D 60 31.74 46.26 1.78
N TRP D 61 31.07 45.82 2.86
CA TRP D 61 29.62 45.96 2.98
C TRP D 61 29.21 47.01 4.03
N THR D 62 30.20 47.66 4.63
CA THR D 62 29.94 48.57 5.75
C THR D 62 29.22 49.86 5.37
N SER D 63 28.43 50.37 6.31
CA SER D 63 27.70 51.62 6.09
C SER D 63 28.65 52.77 5.76
N LEU D 64 28.10 53.79 5.12
CA LEU D 64 28.90 54.92 4.74
C LEU D 64 29.42 55.68 5.95
N ALA D 65 30.67 56.12 5.88
CA ALA D 65 31.19 56.96 6.94
C ALA D 65 30.52 58.33 6.87
N LYS D 66 30.50 59.03 8.00
CA LYS D 66 29.96 60.39 8.06
C LYS D 66 30.49 61.25 6.91
N GLU D 67 31.78 61.14 6.65
CA GLU D 67 32.41 61.99 5.63
C GLU D 67 31.97 61.59 4.23
N GLU D 68 31.69 60.31 4.03
CA GLU D 68 31.17 59.85 2.74
C GLU D 68 29.74 60.38 2.52
N VAL D 69 28.90 60.27 3.53
CA VAL D 69 27.55 60.83 3.47
C VAL D 69 27.63 62.32 3.12
N GLN D 70 28.50 63.04 3.82
CA GLN D 70 28.64 64.49 3.63
C GLN D 70 29.02 64.82 2.19
N GLU D 71 29.98 64.09 1.65
CA GLU D 71 30.41 64.34 0.28
C GLU D 71 29.25 64.16 -0.67
N VAL D 72 28.45 63.10 -0.45
CA VAL D 72 27.32 62.87 -1.33
C VAL D 72 26.23 63.94 -1.16
N LEU D 73 25.93 64.28 0.08
CA LEU D 73 24.93 65.30 0.34
C LEU D 73 25.36 66.62 -0.34
N ASP D 74 26.63 66.96 -0.17
CA ASP D 74 27.14 68.20 -0.78
C ASP D 74 26.96 68.14 -2.27
N LEU D 75 27.31 67.00 -2.87
CA LEU D 75 27.22 66.85 -4.32
C LEU D 75 25.78 66.93 -4.79
N LEU D 76 24.85 66.39 -4.00
CA LEU D 76 23.44 66.48 -4.35
C LEU D 76 23.01 67.95 -4.34
N HIS D 77 23.47 68.67 -3.33
CA HIS D 77 23.12 70.09 -3.18
C HIS D 77 23.66 70.97 -4.28
N SER D 78 24.79 70.59 -4.88
CA SER D 78 25.37 71.41 -5.94
C SER D 78 24.83 70.99 -7.31
N THR D 79 24.30 69.77 -7.38
CA THR D 79 23.78 69.26 -8.64
C THR D 79 22.32 69.66 -8.82
N TYR D 80 21.55 69.63 -7.73
CA TYR D 80 20.12 69.89 -7.81
C TYR D 80 19.75 70.98 -6.86
N ASN D 81 18.55 71.51 -7.05
CA ASN D 81 18.02 72.48 -6.12
C ASN D 81 17.38 71.74 -4.92
N ILE D 82 18.17 71.54 -3.88
CA ILE D 82 17.73 70.83 -2.68
C ILE D 82 17.29 71.75 -1.53
N THR D 83 16.10 71.47 -1.00
CA THR D 83 15.57 72.18 0.15
C THR D 83 15.77 71.33 1.40
N GLU D 84 16.06 71.96 2.54
CA GLU D 84 16.15 71.20 3.80
C GLU D 84 14.78 70.63 4.14
N VAL D 85 14.79 69.43 4.70
CA VAL D 85 13.53 68.73 4.94
C VAL D 85 12.55 69.52 5.78
N THR D 86 13.06 70.28 6.75
CA THR D 86 12.20 71.04 7.64
C THR D 86 11.51 72.22 6.95
N LYS D 87 11.99 72.59 5.76
CA LYS D 87 11.38 73.67 5.01
C LYS D 87 10.67 73.19 3.75
N ALA D 88 10.60 71.87 3.58
CA ALA D 88 10.08 71.26 2.34
C ALA D 88 8.59 70.97 2.30
N ASP D 89 8.05 70.90 1.08
CA ASP D 89 6.70 70.41 0.87
C ASP D 89 6.64 69.59 -0.41
N PHE D 90 5.43 69.26 -0.84
CA PHE D 90 5.26 68.38 -1.98
C PHE D 90 5.82 68.96 -3.27
N PHE D 91 6.12 70.26 -3.27
CA PHE D 91 6.66 70.88 -4.48
C PHE D 91 8.14 71.20 -4.42
N SER D 92 8.79 70.78 -3.32
CA SER D 92 10.23 70.94 -3.13
C SER D 92 10.97 69.71 -3.63
N ASN D 93 12.30 69.79 -3.69
CA ASN D 93 13.13 68.58 -3.85
C ASN D 93 13.88 68.46 -2.53
N TYR D 94 13.99 67.25 -2.00
CA TYR D 94 14.73 67.05 -0.75
C TYR D 94 15.30 65.64 -0.72
N VAL D 95 16.36 65.45 0.05
CA VAL D 95 17.02 64.16 0.15
C VAL D 95 16.45 63.38 1.31
N LEU D 96 16.14 62.11 1.07
CA LEU D 96 15.66 61.26 2.16
C LEU D 96 16.77 60.36 2.72
N TRP D 97 17.42 59.62 1.83
CA TRP D 97 18.37 58.58 2.22
C TRP D 97 19.67 58.61 1.45
N ILE D 98 20.74 58.20 2.13
CA ILE D 98 22.06 58.05 1.54
C ILE D 98 22.71 56.89 2.24
N GLU D 99 23.01 55.82 1.51
CA GLU D 99 23.59 54.63 2.14
C GLU D 99 24.46 53.87 1.17
N THR D 100 25.24 52.93 1.70
CA THR D 100 26.08 52.09 0.87
C THR D 100 25.31 51.27 -0.13
N LEU D 101 25.73 51.35 -1.38
CA LEU D 101 25.22 50.45 -2.40
C LEU D 101 26.25 49.33 -2.36
N LYS D 102 25.87 48.17 -1.84
CA LYS D 102 26.82 47.10 -1.64
C LYS D 102 27.36 46.49 -2.91
N PRO D 103 28.57 45.98 -2.84
CA PRO D 103 29.21 45.35 -4.00
C PRO D 103 28.42 44.19 -4.53
N ASN D 104 28.59 43.94 -5.81
CA ASN D 104 28.01 42.77 -6.44
C ASN D 104 28.81 41.58 -5.98
N LYS D 105 28.22 40.38 -6.09
CA LYS D 105 28.83 39.19 -5.51
C LYS D 105 30.13 38.74 -6.17
N THR D 106 30.17 38.71 -7.49
CA THR D 106 31.37 38.22 -8.15
C THR D 106 32.57 39.09 -7.78
N GLU D 107 32.40 40.40 -7.86
CA GLU D 107 33.52 41.26 -7.54
C GLU D 107 33.91 41.11 -6.06
N ALA D 108 32.91 40.95 -5.21
CA ALA D 108 33.21 40.76 -3.79
C ALA D 108 34.05 39.50 -3.61
N LEU D 109 33.68 38.41 -4.27
CA LEU D 109 34.38 37.14 -4.11
C LEU D 109 35.83 37.21 -4.63
N THR D 110 36.02 37.91 -5.73
CA THR D 110 37.34 38.07 -6.31
C THR D 110 38.24 38.78 -5.30
N TYR D 111 37.67 39.79 -4.66
CA TYR D 111 38.40 40.54 -3.64
C TYR D 111 38.72 39.66 -2.44
N LEU D 112 37.72 38.92 -1.99
CA LEU D 112 37.87 38.12 -0.77
C LEU D 112 38.73 36.88 -0.96
N ASP D 113 38.65 36.27 -2.14
CA ASP D 113 39.24 34.94 -2.31
C ASP D 113 40.40 34.87 -3.30
N GLU D 114 40.57 35.89 -4.13
CA GLU D 114 41.58 35.83 -5.17
C GLU D 114 42.43 37.08 -5.21
N ASP D 115 42.54 37.71 -4.04
CA ASP D 115 43.27 38.96 -3.89
C ASP D 115 42.97 39.99 -4.98
N GLY D 116 41.70 40.07 -5.38
CA GLY D 116 41.27 41.02 -6.37
C GLY D 116 41.23 42.43 -5.82
N ASP D 117 40.87 43.38 -6.68
CA ASP D 117 40.79 44.76 -6.26
C ASP D 117 39.57 44.98 -5.36
N LEU D 118 39.66 45.97 -4.48
CA LEU D 118 38.48 46.43 -3.74
C LEU D 118 37.40 46.81 -4.73
N PRO D 119 36.17 46.36 -4.50
CA PRO D 119 35.06 46.78 -5.36
C PRO D 119 34.83 48.31 -5.23
N PRO D 120 34.22 48.90 -6.24
CA PRO D 120 33.90 50.34 -6.19
C PRO D 120 33.07 50.67 -4.97
N ARG D 121 33.33 51.81 -4.35
CA ARG D 121 32.60 52.31 -3.21
C ARG D 121 31.54 53.27 -3.72
N ASN D 122 30.27 52.88 -3.60
CA ASN D 122 29.16 53.66 -4.13
C ASN D 122 28.07 53.89 -3.13
N ALA D 123 27.33 54.97 -3.33
CA ALA D 123 26.17 55.25 -2.52
C ALA D 123 24.86 55.09 -3.29
N ARG D 124 23.85 54.56 -2.61
CA ARG D 124 22.47 54.58 -3.09
C ARG D 124 21.87 55.78 -2.38
N THR D 125 21.19 56.64 -3.15
CA THR D 125 20.49 57.75 -2.53
C THR D 125 19.07 57.76 -3.03
N VAL D 126 18.20 58.33 -2.22
CA VAL D 126 16.80 58.48 -2.57
C VAL D 126 16.40 59.94 -2.33
N VAL D 127 15.96 60.59 -3.40
CA VAL D 127 15.68 62.02 -3.41
C VAL D 127 14.26 62.24 -3.91
N TYR D 128 13.51 63.06 -3.21
CA TYR D 128 12.19 63.41 -3.70
C TYR D 128 12.34 64.61 -4.61
N PHE D 129 11.82 64.50 -5.84
CA PHE D 129 11.76 65.67 -6.75
C PHE D 129 10.33 66.14 -6.94
N GLY D 130 9.99 67.32 -6.41
CA GLY D 130 8.68 67.89 -6.64
C GLY D 130 8.67 69.11 -7.54
N GLU D 131 9.83 69.48 -8.08
CA GLU D 131 9.92 70.72 -8.89
C GLU D 131 9.21 70.65 -10.23
N GLY D 132 9.02 69.44 -10.75
CA GLY D 132 8.38 69.22 -12.04
C GLY D 132 6.87 69.15 -11.94
N GLU D 133 6.25 68.79 -13.06
CA GLU D 133 4.79 68.75 -13.19
C GLU D 133 4.18 67.64 -12.33
N GLU D 134 4.97 66.61 -12.12
CA GLU D 134 4.56 65.44 -11.35
C GLU D 134 5.69 65.21 -10.35
N GLY D 135 5.33 64.89 -9.11
CA GLY D 135 6.35 64.59 -8.11
C GLY D 135 6.65 63.10 -8.08
N TYR D 136 7.86 62.75 -7.65
CA TYR D 136 8.25 61.35 -7.58
C TYR D 136 9.49 61.24 -6.72
N PHE D 137 9.70 60.06 -6.16
CA PHE D 137 10.95 59.79 -5.49
C PHE D 137 11.85 59.12 -6.50
N GLU D 138 13.13 59.45 -6.51
CA GLU D 138 14.04 58.80 -7.45
C GLU D 138 15.26 58.26 -6.71
N GLU D 139 15.63 57.03 -7.07
CA GLU D 139 16.83 56.41 -6.52
C GLU D 139 17.97 56.76 -7.46
N LEU D 140 19.06 57.24 -6.89
CA LEU D 140 20.23 57.64 -7.67
C LEU D 140 21.49 57.01 -7.12
N LYS D 141 22.35 56.54 -8.02
CA LYS D 141 23.65 56.02 -7.64
C LYS D 141 24.66 57.17 -7.65
N VAL D 142 25.44 57.31 -6.58
CA VAL D 142 26.46 58.35 -6.51
C VAL D 142 27.78 57.65 -6.22
N GLY D 143 28.70 57.74 -7.17
CA GLY D 143 30.00 57.09 -7.02
C GLY D 143 30.83 57.15 -8.30
N PRO D 144 32.06 56.69 -8.21
CA PRO D 144 32.63 56.19 -6.96
C PRO D 144 32.98 57.24 -5.94
N LEU D 145 33.25 56.78 -4.72
CA LEU D 145 33.62 57.61 -3.57
C LEU D 145 35.06 57.25 -3.22
N PRO D 146 35.83 58.18 -2.65
CA PRO D 146 35.40 59.55 -2.34
C PRO D 146 35.04 60.38 -3.57
N VAL D 147 34.26 61.42 -3.36
CA VAL D 147 33.83 62.24 -4.48
C VAL D 147 35.04 62.82 -5.16
N SER D 148 35.08 62.67 -6.48
CA SER D 148 36.16 63.17 -7.30
C SER D 148 35.57 63.52 -8.65
N ASP D 149 36.44 63.72 -9.63
CA ASP D 149 35.99 64.06 -10.96
C ASP D 149 35.50 62.84 -11.74
N GLU D 150 35.75 61.65 -11.20
CA GLU D 150 35.26 60.44 -11.83
C GLU D 150 33.83 60.19 -11.32
N THR D 151 33.46 60.83 -10.22
CA THR D 151 32.13 60.64 -9.63
C THR D 151 30.97 61.10 -10.52
N THR D 152 29.97 60.23 -10.69
CA THR D 152 28.77 60.58 -11.44
C THR D 152 27.54 60.32 -10.60
N ILE D 153 26.42 60.86 -11.06
CA ILE D 153 25.12 60.63 -10.44
C ILE D 153 24.22 60.05 -11.52
N GLU D 154 23.68 58.86 -11.30
CA GLU D 154 22.85 58.22 -12.30
C GLU D 154 21.60 57.61 -11.70
N PRO D 155 20.54 57.51 -12.51
CA PRO D 155 19.30 56.85 -12.08
C PRO D 155 19.67 55.43 -11.67
N LEU D 156 19.07 54.94 -10.60
CA LEU D 156 19.46 53.65 -10.06
C LEU D 156 18.22 52.76 -9.99
N SER D 157 18.28 51.61 -10.64
CA SER D 157 17.11 50.76 -10.74
C SER D 157 17.40 49.28 -10.96
N PHE D 158 18.67 48.87 -11.01
CA PHE D 158 18.97 47.49 -11.40
C PHE D 158 18.36 46.42 -10.50
N TYR D 159 18.20 46.74 -9.22
CA TYR D 159 17.62 45.81 -8.23
C TYR D 159 16.09 45.93 -8.14
N ASN D 160 15.50 46.87 -8.88
CA ASN D 160 14.05 46.96 -8.94
C ASN D 160 13.51 46.13 -10.10
N THR D 161 12.70 45.13 -9.79
CA THR D 161 12.14 44.27 -10.84
C THR D 161 11.25 45.04 -11.83
N ASN D 162 10.69 46.17 -11.40
CA ASN D 162 9.83 46.93 -12.29
C ASN D 162 10.60 47.83 -13.25
N GLY D 163 11.92 47.84 -13.12
CA GLY D 163 12.78 48.53 -14.07
C GLY D 163 12.84 50.03 -13.94
N LYS D 164 12.27 50.57 -12.86
CA LYS D 164 12.19 52.02 -12.68
C LYS D 164 13.02 52.53 -11.52
N SER D 165 13.61 53.72 -11.70
CA SER D 165 14.26 54.41 -10.59
C SER D 165 13.28 55.35 -9.90
N LYS D 166 12.17 55.67 -10.58
CA LYS D 166 11.22 56.64 -10.07
C LYS D 166 9.95 56.00 -9.50
N LEU D 167 9.63 56.39 -8.27
CA LEU D 167 8.39 56.02 -7.60
C LEU D 167 7.41 57.20 -7.60
N PRO D 168 6.31 57.07 -8.32
CA PRO D 168 5.37 58.18 -8.44
C PRO D 168 4.80 58.64 -7.10
N PHE D 169 4.60 59.95 -6.97
CA PHE D 169 4.00 60.51 -5.78
C PHE D 169 2.80 59.76 -5.21
N GLU D 170 1.87 59.31 -6.05
CA GLU D 170 0.65 58.72 -5.52
C GLU D 170 0.89 57.47 -4.69
N VAL D 171 1.94 56.75 -5.03
CA VAL D 171 2.32 55.52 -4.32
C VAL D 171 3.62 55.74 -3.57
N GLY D 172 3.89 56.99 -3.22
CA GLY D 172 5.19 57.35 -2.69
C GLY D 172 5.44 56.84 -1.28
N HIS D 173 6.64 57.11 -0.78
CA HIS D 173 6.97 56.75 0.61
C HIS D 173 6.17 57.61 1.55
N LEU D 174 5.68 57.01 2.65
CA LEU D 174 5.01 57.78 3.67
C LEU D 174 6.12 58.48 4.45
N ASP D 175 6.61 59.60 3.92
CA ASP D 175 7.72 60.30 4.53
C ASP D 175 7.29 61.42 5.46
N ARG D 176 8.24 62.19 5.97
CA ARG D 176 7.90 63.17 6.98
C ARG D 176 6.94 64.20 6.42
N ILE D 177 7.16 64.56 5.16
CA ILE D 177 6.35 65.56 4.49
C ILE D 177 4.90 65.08 4.29
N LYS D 178 4.74 63.89 3.73
CA LYS D 178 3.42 63.36 3.53
C LYS D 178 2.70 63.11 4.86
N SER D 179 3.41 62.57 5.84
CA SER D 179 2.82 62.40 7.16
C SER D 179 2.31 63.70 7.78
N ALA D 180 3.10 64.76 7.68
CA ALA D 180 2.68 66.05 8.22
C ALA D 180 1.44 66.57 7.47
N ALA D 181 1.42 66.37 6.17
CA ALA D 181 0.29 66.83 5.38
C ALA D 181 -0.99 66.08 5.76
N LYS D 182 -0.87 64.77 5.98
CA LYS D 182 -2.05 64.00 6.34
C LYS D 182 -2.54 64.39 7.73
N SER D 183 -1.61 64.60 8.65
CA SER D 183 -1.97 65.01 10.01
C SER D 183 -2.68 66.37 10.03
N SER D 184 -2.18 67.30 9.23
CA SER D 184 -2.76 68.63 9.15
C SER D 184 -4.16 68.52 8.55
N PHE D 185 -4.28 67.70 7.52
CA PHE D 185 -5.59 67.52 6.90
C PHE D 185 -6.61 66.90 7.86
N LEU D 186 -6.21 65.88 8.62
CA LEU D 186 -7.14 65.28 9.55
C LEU D 186 -7.56 66.28 10.63
N ASN D 187 -6.61 67.05 11.12
CA ASN D 187 -6.93 68.03 12.15
C ASN D 187 -7.93 69.04 11.63
N LYS D 188 -7.74 69.46 10.39
CA LYS D 188 -8.63 70.45 9.79
C LYS D 188 -10.06 69.95 9.73
N ASN D 189 -10.25 68.65 9.51
CA ASN D 189 -11.57 68.08 9.42
C ASN D 189 -12.17 67.62 10.74
N LEU D 190 -11.35 67.08 11.62
CA LEU D 190 -11.91 66.48 12.82
C LEU D 190 -12.04 67.49 13.94
N ASN D 191 -11.43 68.66 13.78
CA ASN D 191 -11.41 69.64 14.86
C ASN D 191 -12.35 70.81 14.64
N THR D 192 -13.34 70.63 13.77
CA THR D 192 -14.32 71.68 13.57
C THR D 192 -15.28 71.66 14.74
N THR D 193 -16.08 72.70 14.86
CA THR D 193 -17.03 72.71 15.93
C THR D 193 -17.92 71.48 15.91
N ILE D 194 -18.41 71.11 14.73
CA ILE D 194 -19.30 69.95 14.67
C ILE D 194 -18.60 68.62 15.00
N MET D 195 -17.42 68.42 14.45
CA MET D 195 -16.74 67.13 14.64
C MET D 195 -16.22 67.00 16.07
N ARG D 196 -15.84 68.09 16.71
CA ARG D 196 -15.45 68.01 18.10
C ARG D 196 -16.63 67.51 18.91
N ASP D 197 -17.82 67.96 18.54
CA ASP D 197 -19.04 67.55 19.24
C ASP D 197 -19.38 66.08 18.98
N VAL D 198 -19.27 65.66 17.72
CA VAL D 198 -19.47 64.26 17.32
C VAL D 198 -18.49 63.36 18.08
N LEU D 199 -17.20 63.64 17.96
CA LEU D 199 -16.18 62.84 18.65
C LEU D 199 -16.40 62.70 20.15
N GLU D 200 -16.60 63.83 20.84
CA GLU D 200 -16.80 63.75 22.29
C GLU D 200 -18.08 63.00 22.63
N GLY D 201 -19.13 63.20 21.85
CA GLY D 201 -20.37 62.51 22.13
C GLY D 201 -20.29 61.00 21.97
N LEU D 202 -19.60 60.55 20.92
CA LEU D 202 -19.47 59.12 20.69
C LEU D 202 -18.43 58.44 21.59
N ILE D 203 -17.33 59.13 21.84
CA ILE D 203 -16.18 58.50 22.49
C ILE D 203 -16.11 58.74 23.99
N GLY D 204 -16.59 59.90 24.42
CA GLY D 204 -16.62 60.23 25.84
C GLY D 204 -15.52 61.11 26.38
N VAL D 205 -14.61 61.57 25.51
CA VAL D 205 -13.55 62.49 25.88
C VAL D 205 -13.45 63.51 24.75
N PRO D 206 -12.94 64.70 25.02
CA PRO D 206 -12.79 65.70 23.95
C PRO D 206 -11.65 65.35 23.02
N TYR D 207 -11.68 65.97 21.84
CA TYR D 207 -10.62 65.84 20.84
C TYR D 207 -9.19 65.91 21.40
N GLU D 208 -8.93 66.84 22.31
CA GLU D 208 -7.61 66.97 22.93
C GLU D 208 -7.12 65.69 23.60
N ASP D 209 -8.06 64.82 23.98
CA ASP D 209 -7.70 63.64 24.75
C ASP D 209 -7.61 62.39 23.88
N MET D 210 -7.65 62.56 22.56
CA MET D 210 -7.53 61.41 21.66
C MET D 210 -6.52 61.71 20.56
N GLY D 211 -6.13 60.68 19.81
CA GLY D 211 -5.20 60.85 18.72
C GLY D 211 -5.77 60.14 17.50
N CYS D 212 -5.95 60.86 16.41
CA CYS D 212 -6.53 60.26 15.20
C CYS D 212 -5.42 60.05 14.18
N HIS D 213 -5.46 58.91 13.48
CA HIS D 213 -4.35 58.54 12.60
C HIS D 213 -4.84 57.61 11.50
N SER D 214 -3.97 57.34 10.54
CA SER D 214 -4.36 56.69 9.30
C SER D 214 -3.81 55.27 9.15
N ALA D 215 -4.56 54.44 8.44
CA ALA D 215 -4.17 53.06 8.22
C ALA D 215 -3.07 52.94 7.16
N ALA D 216 -2.19 51.96 7.32
CA ALA D 216 -1.15 51.70 6.34
C ALA D 216 -1.29 50.28 5.77
N PRO D 217 -1.18 50.10 4.47
CA PRO D 217 -0.85 51.18 3.52
C PRO D 217 -2.03 52.02 3.06
N GLN D 218 -1.70 53.08 2.33
CA GLN D 218 -2.72 53.83 1.61
C GLN D 218 -3.24 52.97 0.44
N LEU D 219 -4.36 53.39 -0.17
CA LEU D 219 -5.01 52.59 -1.23
C LEU D 219 -5.13 53.42 -2.51
N HIS D 220 -4.20 53.22 -3.43
CA HIS D 220 -4.21 53.93 -4.71
C HIS D 220 -4.83 53.02 -5.77
N ASP D 221 -5.68 53.60 -6.60
CA ASP D 221 -6.40 52.85 -7.63
C ASP D 221 -5.87 53.32 -8.98
N PRO D 222 -5.12 52.46 -9.68
CA PRO D 222 -4.57 52.86 -11.00
C PRO D 222 -5.64 53.19 -12.05
N ALA D 223 -6.85 52.66 -11.91
CA ALA D 223 -7.89 52.93 -12.91
C ALA D 223 -8.43 54.34 -12.80
N THR D 224 -8.72 54.78 -11.59
CA THR D 224 -9.29 56.12 -11.41
C THR D 224 -8.22 57.14 -11.07
N GLY D 225 -7.06 56.67 -10.63
CA GLY D 225 -6.00 57.58 -10.19
C GLY D 225 -6.17 58.03 -8.74
N ALA D 226 -7.27 57.64 -8.09
CA ALA D 226 -7.54 58.14 -6.72
C ALA D 226 -6.72 57.44 -5.67
N THR D 227 -6.35 58.17 -4.62
CA THR D 227 -5.63 57.57 -3.49
C THR D 227 -6.45 57.87 -2.25
N VAL D 228 -6.91 56.82 -1.56
CA VAL D 228 -7.74 56.96 -0.37
C VAL D 228 -7.06 56.29 0.82
N ASP D 229 -7.58 56.52 2.01
CA ASP D 229 -6.94 55.98 3.22
C ASP D 229 -8.00 55.94 4.29
N TYR D 230 -7.95 54.92 5.15
CA TYR D 230 -8.89 54.79 6.27
C TYR D 230 -8.15 55.26 7.51
N GLY D 231 -8.88 55.48 8.59
CA GLY D 231 -8.24 55.93 9.82
C GLY D 231 -9.12 55.70 11.02
N THR D 232 -8.57 55.93 12.20
CA THR D 232 -9.31 55.73 13.44
C THR D 232 -8.76 56.67 14.52
N CYS D 233 -9.32 56.60 15.73
CA CYS D 233 -8.89 57.47 16.81
C CYS D 233 -8.68 56.55 18.00
N ASN D 234 -7.69 56.87 18.82
CA ASN D 234 -7.41 56.12 20.03
C ASN D 234 -7.24 57.08 21.19
N ILE D 235 -7.61 56.64 22.38
CA ILE D 235 -7.49 57.49 23.56
C ILE D 235 -6.03 57.75 23.87
N ASN D 236 -5.67 59.00 24.19
CA ASN D 236 -4.29 59.29 24.54
C ASN D 236 -3.92 58.68 25.90
N THR D 237 -2.71 58.13 26.01
CA THR D 237 -2.23 57.59 27.28
C THR D 237 -0.82 58.12 27.55
N GLU D 238 -0.34 58.02 28.77
CA GLU D 238 0.98 58.54 29.05
C GLU D 238 2.01 57.42 29.03
N ASN D 239 1.54 56.20 28.77
CA ASN D 239 2.42 55.04 28.75
C ASN D 239 2.50 54.28 27.42
N ASP D 240 2.16 54.95 26.33
CA ASP D 240 2.33 54.39 24.98
C ASP D 240 1.40 53.22 24.77
N ALA D 241 0.27 53.21 25.45
CA ALA D 241 -0.64 52.08 25.35
C ALA D 241 -1.88 52.44 24.54
N GLU D 242 -1.74 53.42 23.64
CA GLU D 242 -2.86 53.85 22.80
C GLU D 242 -3.49 52.69 22.01
N ASN D 243 -2.68 51.71 21.62
CA ASN D 243 -3.19 50.58 20.83
C ASN D 243 -4.14 49.72 21.62
N LEU D 244 -4.14 49.88 22.95
CA LEU D 244 -5.06 49.14 23.79
C LEU D 244 -6.38 49.87 24.02
N VAL D 245 -6.46 51.12 23.55
CA VAL D 245 -7.71 51.88 23.68
C VAL D 245 -8.22 52.47 22.34
N PRO D 246 -8.48 51.61 21.35
CA PRO D 246 -9.03 52.06 20.07
C PRO D 246 -10.51 52.38 20.34
N THR D 247 -11.02 53.46 19.77
CA THR D 247 -12.39 53.91 20.06
C THR D 247 -13.55 53.38 19.23
N GLY D 248 -13.24 52.73 18.12
CA GLY D 248 -14.26 52.24 17.24
C GLY D 248 -14.77 53.35 16.35
N PHE D 249 -14.10 54.50 16.36
CA PHE D 249 -14.52 55.56 15.44
C PHE D 249 -13.58 55.53 14.23
N PHE D 250 -14.16 55.43 13.04
CA PHE D 250 -13.38 55.30 11.80
C PHE D 250 -13.77 56.34 10.78
N PHE D 251 -12.90 56.52 9.79
CA PHE D 251 -13.17 57.46 8.72
C PHE D 251 -12.37 57.06 7.50
N LYS D 252 -12.70 57.69 6.37
CA LYS D 252 -12.07 57.39 5.09
C LYS D 252 -11.92 58.69 4.38
N PHE D 253 -10.75 58.94 3.83
CA PHE D 253 -10.53 60.16 3.07
C PHE D 253 -9.83 59.98 1.75
N ASP D 254 -10.04 60.94 0.85
CA ASP D 254 -9.33 60.96 -0.41
C ASP D 254 -8.19 61.97 -0.32
N MET D 255 -6.97 61.50 -0.59
CA MET D 255 -5.77 62.34 -0.52
C MET D 255 -5.04 62.28 -1.86
N THR D 256 -5.82 62.27 -2.93
CA THR D 256 -5.23 62.23 -4.26
C THR D 256 -4.53 63.54 -4.61
N GLY D 257 -3.31 63.46 -5.13
CA GLY D 257 -2.60 64.61 -5.66
C GLY D 257 -1.83 65.45 -4.66
N ARG D 258 -1.03 66.37 -5.16
CA ARG D 258 -0.17 67.17 -4.29
C ARG D 258 -0.83 68.46 -3.75
N ASP D 259 -2.05 68.75 -4.17
CA ASP D 259 -2.76 69.94 -3.72
C ASP D 259 -3.72 69.55 -2.62
N VAL D 260 -3.35 69.83 -1.37
CA VAL D 260 -4.15 69.37 -0.22
C VAL D 260 -5.52 70.03 -0.13
N SER D 261 -5.71 71.18 -0.77
CA SER D 261 -7.02 71.81 -0.74
C SER D 261 -8.06 70.96 -1.48
N GLN D 262 -7.60 70.03 -2.32
CA GLN D 262 -8.49 69.14 -3.04
C GLN D 262 -8.73 67.81 -2.30
N TRP D 263 -7.99 67.57 -1.22
CA TRP D 263 -8.24 66.36 -0.42
C TRP D 263 -9.58 66.50 0.29
N LYS D 264 -10.27 65.38 0.54
CA LYS D 264 -11.59 65.45 1.14
C LYS D 264 -11.93 64.25 2.00
N MET D 265 -12.63 64.48 3.09
CA MET D 265 -13.13 63.35 3.88
C MET D 265 -14.26 62.71 3.09
N LEU D 266 -14.23 61.39 2.97
CA LEU D 266 -15.27 60.68 2.23
C LEU D 266 -16.34 60.05 3.11
N GLU D 267 -15.93 59.48 4.24
CA GLU D 267 -16.86 58.77 5.11
C GLU D 267 -16.45 58.82 6.57
N TYR D 268 -17.46 58.81 7.44
CA TYR D 268 -17.25 58.53 8.86
C TYR D 268 -17.96 57.20 9.08
N ILE D 269 -17.35 56.31 9.85
CA ILE D 269 -17.90 54.96 9.99
C ILE D 269 -17.93 54.64 11.47
N TYR D 270 -19.11 54.27 11.97
CA TYR D 270 -19.28 54.03 13.39
C TYR D 270 -20.39 53.02 13.62
N ASN D 271 -20.14 52.04 14.47
CA ASN D 271 -21.11 50.97 14.70
C ASN D 271 -21.57 50.41 13.34
N ASN D 272 -20.62 50.24 12.42
CA ASN D 272 -20.87 49.58 11.13
C ASN D 272 -21.76 50.34 10.15
N LYS D 273 -22.00 51.61 10.43
CA LYS D 273 -22.81 52.44 9.55
C LYS D 273 -21.94 53.51 8.94
N VAL D 274 -22.25 53.89 7.71
CA VAL D 274 -21.47 54.86 6.97
C VAL D 274 -22.20 56.17 6.79
N TYR D 275 -21.49 57.27 7.05
CA TYR D 275 -22.04 58.62 6.94
C TYR D 275 -21.16 59.33 5.94
N THR D 276 -21.76 60.11 5.04
CA THR D 276 -20.97 60.77 4.01
C THR D 276 -20.54 62.19 4.36
N SER D 277 -20.96 62.66 5.52
CA SER D 277 -20.49 63.94 6.04
C SER D 277 -20.66 64.02 7.55
N ALA D 278 -19.93 64.94 8.16
CA ALA D 278 -20.01 65.21 9.59
C ALA D 278 -21.44 65.62 9.93
N GLU D 279 -22.02 66.45 9.07
CA GLU D 279 -23.39 66.89 9.27
C GLU D 279 -24.34 65.71 9.39
N GLU D 280 -24.23 64.77 8.45
CA GLU D 280 -25.13 63.62 8.45
C GLU D 280 -24.99 62.83 9.76
N LEU D 281 -23.76 62.59 10.18
CA LEU D 281 -23.53 61.87 11.42
C LEU D 281 -24.06 62.65 12.63
N TYR D 282 -23.78 63.95 12.67
CA TYR D 282 -24.28 64.79 13.74
C TYR D 282 -25.81 64.69 13.83
N GLU D 283 -26.50 64.79 12.69
CA GLU D 283 -27.97 64.75 12.71
C GLU D 283 -28.44 63.40 13.22
N ALA D 284 -27.80 62.34 12.75
CA ALA D 284 -28.20 61.01 13.18
C ALA D 284 -28.10 60.85 14.69
N MET D 285 -27.09 61.47 15.28
CA MET D 285 -26.86 61.34 16.72
C MET D 285 -27.92 62.06 17.56
N GLN D 286 -28.67 62.99 16.97
CA GLN D 286 -29.68 63.73 17.72
C GLN D 286 -31.01 62.95 17.84
N LYS D 287 -31.17 61.93 16.99
CA LYS D 287 -32.40 61.15 16.99
C LYS D 287 -32.46 60.20 18.17
N ASP D 288 -33.68 59.92 18.62
CA ASP D 288 -33.89 59.08 19.79
C ASP D 288 -33.39 57.65 19.60
N ASP D 289 -33.36 57.19 18.36
CA ASP D 289 -33.01 55.80 18.09
C ASP D 289 -31.52 55.57 17.87
N PHE D 290 -30.71 56.60 18.05
CA PHE D 290 -29.27 56.46 17.82
C PHE D 290 -28.57 55.59 18.87
N VAL D 291 -27.81 54.59 18.41
CA VAL D 291 -27.12 53.67 19.30
C VAL D 291 -25.66 54.11 19.47
N THR D 292 -25.29 54.42 20.72
CA THR D 292 -23.90 54.72 21.04
C THR D 292 -23.36 53.47 21.71
N LEU D 293 -22.24 52.95 21.21
CA LEU D 293 -21.67 51.74 21.76
C LEU D 293 -20.92 52.07 23.05
N PRO D 294 -20.77 51.08 23.93
CA PRO D 294 -20.08 51.30 25.21
C PRO D 294 -18.76 52.03 25.01
N LYS D 295 -18.50 53.01 25.87
CA LYS D 295 -17.28 53.79 25.78
C LYS D 295 -16.16 53.21 26.65
N ILE D 296 -14.92 53.54 26.31
CA ILE D 296 -13.76 53.11 27.08
C ILE D 296 -13.79 53.83 28.43
N ASP D 297 -13.55 53.10 29.51
CA ASP D 297 -13.41 53.71 30.83
C ASP D 297 -11.99 54.26 30.95
N VAL D 298 -11.83 55.54 30.67
CA VAL D 298 -10.49 56.10 30.61
C VAL D 298 -9.91 56.44 31.99
N ASP D 299 -10.72 56.27 33.02
CA ASP D 299 -10.31 56.54 34.38
C ASP D 299 -9.73 55.32 35.08
N ASN D 300 -9.83 54.15 34.44
CA ASN D 300 -9.28 52.93 35.01
C ASN D 300 -8.46 52.20 33.96
N LEU D 301 -7.23 52.68 33.76
CA LEU D 301 -6.32 52.10 32.77
C LEU D 301 -5.12 51.35 33.36
N ASP D 302 -5.20 50.96 34.63
CA ASP D 302 -4.08 50.25 35.23
C ASP D 302 -3.77 48.94 34.51
N TRP D 303 -4.79 48.35 33.89
CA TRP D 303 -4.60 47.12 33.12
C TRP D 303 -3.68 47.30 31.89
N THR D 304 -3.33 48.55 31.54
CA THR D 304 -2.42 48.75 30.42
C THR D 304 -0.97 48.92 30.85
N VAL D 305 -0.72 48.96 32.15
CA VAL D 305 0.61 49.32 32.68
C VAL D 305 1.51 48.11 32.81
N ILE D 306 2.72 48.22 32.26
CA ILE D 306 3.63 47.11 32.21
C ILE D 306 4.43 46.88 33.48
N GLN D 307 4.97 47.95 34.05
CA GLN D 307 5.91 47.81 35.15
C GLN D 307 5.25 47.43 36.45
N ARG D 308 6.09 46.99 37.37
CA ARG D 308 5.62 46.48 38.65
C ARG D 308 4.78 47.44 39.48
N ASN D 309 3.72 46.90 40.08
CA ASN D 309 2.89 47.64 41.04
C ASN D 309 3.55 47.62 42.43
N ASP D 310 3.76 48.79 43.01
CA ASP D 310 4.41 48.90 44.32
C ASP D 310 3.67 48.18 45.44
N SER D 311 2.41 47.90 45.21
CA SER D 311 1.60 47.26 46.23
C SER D 311 1.60 45.76 46.07
N ALA D 312 2.24 45.25 45.01
CA ALA D 312 2.17 43.81 44.77
C ALA D 312 3.14 43.03 45.65
N PRO D 313 2.64 42.01 46.32
CA PRO D 313 3.49 41.14 47.15
C PRO D 313 4.56 40.45 46.33
N ILE D 314 5.73 40.18 46.91
CA ILE D 314 6.73 39.43 46.17
C ILE D 314 6.43 37.95 46.29
N ARG D 315 6.79 37.20 45.26
CA ARG D 315 6.70 35.76 45.40
C ARG D 315 7.85 35.29 46.27
N HIS D 316 7.63 34.20 46.99
CA HIS D 316 8.64 33.64 47.87
C HIS D 316 10.03 33.57 47.21
N LEU D 317 11.03 34.15 47.88
CA LEU D 317 12.42 34.19 47.41
C LEU D 317 12.79 35.09 46.20
N ASP D 318 11.80 35.85 45.72
CA ASP D 318 12.06 36.81 44.66
C ASP D 318 12.82 38.02 45.22
N ASP D 319 13.06 38.03 46.53
CA ASP D 319 13.95 39.03 47.10
C ASP D 319 15.42 38.58 47.02
N ARG D 320 15.69 37.50 46.29
CA ARG D 320 17.05 37.13 45.93
C ARG D 320 17.25 37.43 44.43
N LYS D 321 18.40 37.98 44.05
CA LYS D 321 18.75 38.21 42.65
C LYS D 321 18.66 36.93 41.83
N SER D 322 18.12 37.00 40.61
CA SER D 322 18.09 35.82 39.77
C SER D 322 19.50 35.47 39.25
N PRO D 323 19.67 34.27 38.70
CA PRO D 323 21.01 33.85 38.27
C PRO D 323 21.65 34.74 37.20
N ARG D 324 22.97 34.68 37.15
CA ARG D 324 23.74 35.52 36.25
C ARG D 324 24.74 34.66 35.52
N LEU D 325 24.90 34.92 34.23
CA LEU D 325 25.98 34.31 33.47
C LEU D 325 27.27 35.09 33.75
N VAL D 326 28.36 34.40 34.04
CA VAL D 326 29.65 35.08 34.21
C VAL D 326 30.73 34.40 33.36
N GLU D 327 31.81 35.12 33.08
CA GLU D 327 32.92 34.58 32.34
C GLU D 327 34.13 34.46 33.28
N PRO D 328 34.36 33.29 33.84
CA PRO D 328 35.42 33.12 34.86
C PRO D 328 36.82 33.46 34.40
N GLU D 329 37.13 33.24 33.13
CA GLU D 329 38.44 33.51 32.58
C GLU D 329 38.34 34.48 31.41
N GLY D 330 37.29 35.31 31.45
CA GLY D 330 37.11 36.31 30.42
C GLY D 330 36.50 35.84 29.11
N ARG D 331 36.56 36.73 28.13
CA ARG D 331 35.78 36.60 26.90
C ARG D 331 36.44 35.68 25.89
N ARG D 332 35.62 34.88 25.19
CA ARG D 332 36.17 33.88 24.32
C ARG D 332 35.89 34.11 22.84
N TRP D 333 35.37 35.28 22.50
CA TRP D 333 35.24 35.67 21.10
C TRP D 333 36.05 36.94 20.89
N ALA D 334 36.46 37.17 19.65
CA ALA D 334 37.33 38.28 19.30
C ALA D 334 36.75 39.05 18.14
N TYR D 335 37.23 40.28 17.96
CA TYR D 335 36.68 41.08 16.88
C TYR D 335 37.65 42.13 16.41
N ASP D 336 37.37 42.64 15.22
CA ASP D 336 38.09 43.77 14.68
C ASP D 336 37.08 44.90 14.73
N GLY D 337 37.32 45.90 15.58
CA GLY D 337 36.33 46.95 15.71
C GLY D 337 36.20 47.90 14.53
N GLU D 338 37.27 48.05 13.76
CA GLU D 338 37.21 48.93 12.59
C GLU D 338 36.46 48.27 11.44
N GLU D 339 36.49 46.94 11.38
CA GLU D 339 35.90 46.25 10.24
C GLU D 339 34.67 45.43 10.61
N GLU D 340 34.29 45.48 11.87
CA GLU D 340 33.14 44.69 12.35
C GLU D 340 33.22 43.27 11.86
N TYR D 341 34.37 42.65 12.14
CA TYR D 341 34.64 41.26 11.82
C TYR D 341 34.75 40.52 13.12
N PHE D 342 34.14 39.34 13.19
CA PHE D 342 34.03 38.58 14.42
C PHE D 342 34.58 37.19 14.24
N SER D 343 35.20 36.67 15.29
CA SER D 343 35.73 35.30 15.28
C SER D 343 35.38 34.62 16.61
N TRP D 344 34.95 33.37 16.53
CA TRP D 344 34.60 32.61 17.72
C TRP D 344 34.69 31.15 17.35
N MET D 345 35.58 30.43 18.00
CA MET D 345 35.60 28.99 17.87
C MET D 345 35.56 28.49 16.43
N ASP D 346 36.41 29.09 15.59
CA ASP D 346 36.58 28.75 14.17
C ASP D 346 35.53 29.30 13.23
N TRP D 347 34.57 30.03 13.75
CA TRP D 347 33.67 30.76 12.88
C TRP D 347 34.23 32.17 12.63
N GLY D 348 33.90 32.74 11.48
CA GLY D 348 34.22 34.11 11.16
C GLY D 348 33.06 34.73 10.38
N PHE D 349 32.84 36.04 10.53
CA PHE D 349 31.87 36.74 9.70
C PHE D 349 32.03 38.25 9.86
N TYR D 350 31.53 38.98 8.87
CA TYR D 350 31.42 40.43 9.01
C TYR D 350 29.94 40.80 9.22
N THR D 351 29.68 41.90 9.93
CA THR D 351 28.33 42.43 10.02
C THR D 351 28.21 43.73 9.24
N SER D 352 26.98 44.08 8.87
CA SER D 352 26.68 45.31 8.20
C SER D 352 25.31 45.77 8.70
N TRP D 353 25.03 47.05 8.56
CA TRP D 353 23.80 47.61 9.13
C TRP D 353 23.12 48.51 8.14
N SER D 354 21.80 48.39 8.03
CA SER D 354 21.06 49.31 7.17
C SER D 354 19.88 49.90 7.91
N ARG D 355 19.46 51.08 7.48
CA ARG D 355 18.28 51.68 8.04
C ARG D 355 17.03 50.83 7.80
N ASP D 356 16.91 50.25 6.60
CA ASP D 356 15.72 49.50 6.29
C ASP D 356 15.56 48.26 7.17
N THR D 357 16.63 47.50 7.31
CA THR D 357 16.50 46.15 7.88
C THR D 357 17.29 45.84 9.12
N GLY D 358 18.17 46.72 9.55
CA GLY D 358 18.99 46.39 10.70
C GLY D 358 20.22 45.61 10.27
N ILE D 359 20.55 44.53 10.98
CA ILE D 359 21.83 43.82 10.76
C ILE D 359 21.79 42.81 9.61
N SER D 360 22.95 42.64 8.99
CA SER D 360 23.15 41.63 7.94
C SER D 360 24.47 40.98 8.24
N PHE D 361 24.68 39.78 7.70
CA PHE D 361 25.95 39.06 7.87
C PHE D 361 26.50 38.70 6.50
N TYR D 362 27.80 38.90 6.33
CA TYR D 362 28.48 38.55 5.11
C TYR D 362 29.69 37.66 5.37
N ASP D 363 29.93 36.77 4.41
CA ASP D 363 31.11 35.92 4.38
C ASP D 363 31.21 35.16 5.69
N ILE D 364 30.14 34.43 6.02
CA ILE D 364 30.17 33.63 7.21
C ILE D 364 30.98 32.38 6.90
N THR D 365 32.06 32.17 7.65
CA THR D 365 32.90 31.01 7.45
C THR D 365 32.97 30.14 8.70
N PHE D 366 33.19 28.84 8.50
CA PHE D 366 33.41 27.92 9.61
C PHE D 366 34.61 27.05 9.23
N LYS D 367 35.57 26.97 10.14
CA LYS D 367 36.82 26.25 9.89
C LYS D 367 37.44 26.62 8.53
N GLY D 368 37.47 27.91 8.24
CA GLY D 368 38.14 28.43 7.06
C GLY D 368 37.39 28.35 5.75
N GLU D 369 36.18 27.81 5.76
CA GLU D 369 35.43 27.70 4.52
C GLU D 369 34.17 28.51 4.58
N ARG D 370 33.86 29.24 3.51
CA ARG D 370 32.64 30.04 3.52
C ARG D 370 31.44 29.11 3.39
N ILE D 371 30.42 29.30 4.23
CA ILE D 371 29.19 28.53 4.05
C ILE D 371 28.03 29.44 3.63
N VAL D 372 28.10 30.73 3.95
CA VAL D 372 27.02 31.65 3.59
C VAL D 372 27.63 32.97 3.13
N TYR D 373 27.34 33.38 1.88
CA TYR D 373 27.90 34.61 1.38
C TYR D 373 27.16 35.79 2.04
N GLU D 374 25.83 35.70 2.07
CA GLU D 374 25.00 36.75 2.65
C GLU D 374 23.82 36.12 3.41
N LEU D 375 23.61 36.56 4.65
CA LEU D 375 22.45 36.19 5.46
C LEU D 375 21.83 37.52 5.89
N SER D 376 20.61 37.78 5.44
CA SER D 376 20.03 39.09 5.69
C SER D 376 18.53 39.09 5.79
N LEU D 377 18.01 39.52 6.92
CA LEU D 377 16.59 39.76 7.07
C LEU D 377 16.17 40.76 5.96
N GLN D 378 15.04 40.50 5.31
CA GLN D 378 14.61 41.30 4.16
C GLN D 378 13.39 42.18 4.41
N GLU D 379 12.47 41.65 5.21
CA GLU D 379 11.19 42.31 5.41
C GLU D 379 10.48 41.65 6.59
N LEU D 380 9.61 42.42 7.24
CA LEU D 380 8.69 41.88 8.23
C LEU D 380 7.35 42.50 7.95
N ILE D 381 6.33 41.67 7.79
CA ILE D 381 4.99 42.20 7.61
C ILE D 381 4.10 41.89 8.79
N ALA D 382 3.06 42.72 8.96
CA ALA D 382 2.04 42.44 9.96
C ALA D 382 0.71 42.70 9.29
N GLU D 383 -0.06 41.63 9.06
CA GLU D 383 -1.29 41.70 8.27
C GLU D 383 -2.48 41.31 9.10
N TYR D 384 -3.36 42.28 9.31
CA TYR D 384 -4.52 42.14 10.20
C TYR D 384 -5.78 41.69 9.47
N GLY D 385 -6.59 40.90 10.17
CA GLY D 385 -7.92 40.58 9.68
C GLY D 385 -8.90 41.12 10.70
N SER D 386 -9.98 41.77 10.25
CA SER D 386 -10.87 42.43 11.20
C SER D 386 -12.24 42.70 10.62
N ASP D 387 -13.18 43.01 11.50
CA ASP D 387 -14.49 43.47 11.08
C ASP D 387 -14.46 44.96 10.77
N ASP D 388 -13.40 45.66 11.20
CA ASP D 388 -13.42 47.13 11.09
C ASP D 388 -12.47 47.64 10.04
N PRO D 389 -12.75 48.83 9.51
CA PRO D 389 -11.97 49.35 8.37
C PRO D 389 -10.59 49.89 8.68
N PHE D 390 -10.17 49.87 9.94
CA PHE D 390 -8.82 50.26 10.24
C PHE D 390 -7.93 49.02 10.24
N ASN D 391 -8.26 48.08 11.12
CA ASN D 391 -7.45 46.87 11.23
C ASN D 391 -7.52 46.05 9.93
N GLN D 392 -8.68 46.02 9.29
CA GLN D 392 -8.79 45.20 8.08
C GLN D 392 -7.96 45.81 6.94
N HIS D 393 -7.65 47.10 7.04
CA HIS D 393 -6.77 47.75 6.07
C HIS D 393 -5.33 47.91 6.54
N THR D 394 -4.95 47.17 7.58
CA THR D 394 -3.59 47.26 8.08
C THR D 394 -2.75 46.11 7.54
N PHE D 395 -1.70 46.44 6.80
CA PHE D 395 -0.77 45.45 6.25
C PHE D 395 0.59 46.16 6.23
N TYR D 396 1.20 46.24 7.41
CA TYR D 396 2.47 46.95 7.53
C TYR D 396 3.63 46.28 6.82
N SER D 397 4.46 47.12 6.21
CA SER D 397 5.80 46.74 5.76
C SER D 397 6.74 47.36 6.79
N ASP D 398 7.39 46.56 7.63
CA ASP D 398 8.20 47.17 8.68
C ASP D 398 9.45 47.85 8.14
N ILE D 399 9.95 47.41 7.00
CA ILE D 399 11.13 48.06 6.46
C ILE D 399 10.78 49.44 5.85
N SER D 400 9.51 49.68 5.53
CA SER D 400 9.11 51.01 5.04
C SER D 400 9.34 51.99 6.20
N TYR D 401 8.99 51.55 7.42
CA TYR D 401 9.19 52.36 8.64
C TYR D 401 10.64 52.39 9.03
N GLY D 402 11.34 51.28 8.80
CA GLY D 402 12.74 51.19 9.18
C GLY D 402 12.86 50.21 10.33
N VAL D 403 13.66 49.16 10.14
CA VAL D 403 13.96 48.24 11.23
C VAL D 403 15.25 48.64 11.93
N GLY D 404 16.13 49.34 11.20
CA GLY D 404 17.43 49.68 11.74
C GLY D 404 17.59 51.12 12.19
N ASN D 405 16.48 51.81 12.42
CA ASN D 405 16.54 53.19 12.85
C ASN D 405 15.83 53.37 14.17
N ARG D 406 16.00 52.38 15.05
CA ARG D 406 15.33 52.37 16.34
C ARG D 406 16.24 52.62 17.55
N PHE D 407 16.02 51.89 18.65
CA PHE D 407 16.65 52.24 19.93
C PHE D 407 17.81 51.35 20.36
N SER D 408 18.56 51.81 21.36
CA SER D 408 19.63 51.03 21.95
C SER D 408 19.10 49.84 22.78
N LEU D 409 19.98 48.87 22.97
CA LEU D 409 19.70 47.72 23.84
C LEU D 409 19.92 48.13 25.28
N VAL D 410 19.10 47.63 26.20
CA VAL D 410 19.26 47.88 27.64
C VAL D 410 20.24 46.85 28.20
N PRO D 411 21.41 47.28 28.65
CA PRO D 411 22.41 46.35 29.20
C PRO D 411 21.88 45.51 30.35
N GLY D 412 22.36 44.28 30.47
CA GLY D 412 21.99 43.41 31.57
C GLY D 412 20.67 42.66 31.36
N TYR D 413 19.74 43.34 30.72
CA TYR D 413 18.40 42.80 30.49
C TYR D 413 18.19 42.37 29.06
N ASP D 414 18.44 43.25 28.10
CA ASP D 414 18.21 42.85 26.69
C ASP D 414 19.27 41.87 26.26
N CYS D 415 20.44 41.95 26.87
CA CYS D 415 21.52 41.01 26.61
C CYS D 415 22.17 40.76 27.96
N PRO D 416 22.78 39.58 28.14
CA PRO D 416 23.48 39.31 29.40
C PRO D 416 24.61 40.31 29.67
N ALA D 417 24.95 40.46 30.95
CA ALA D 417 25.99 41.41 31.36
C ALA D 417 27.35 41.19 30.72
N THR D 418 27.61 39.97 30.25
CA THR D 418 28.86 39.65 29.55
C THR D 418 28.89 40.04 28.07
N ALA D 419 27.82 40.65 27.58
CA ALA D 419 27.84 41.04 26.18
C ALA D 419 28.78 42.19 25.87
N GLY D 420 29.21 42.25 24.62
CA GLY D 420 29.91 43.39 24.07
C GLY D 420 28.92 44.11 23.17
N TYR D 421 29.00 45.45 23.09
CA TYR D 421 28.07 46.22 22.29
C TYR D 421 28.70 46.98 21.15
N PHE D 422 27.92 47.17 20.10
CA PHE D 422 28.43 47.78 18.87
C PHE D 422 27.55 48.91 18.39
N THR D 423 28.23 49.94 17.91
CA THR D 423 27.60 51.11 17.38
C THR D 423 27.43 51.02 15.88
N THR D 424 26.26 51.45 15.41
CA THR D 424 26.01 51.53 13.97
C THR D 424 25.51 52.93 13.62
N ASP D 425 25.31 53.16 12.33
CA ASP D 425 24.82 54.47 11.91
C ASP D 425 23.91 54.40 10.69
N THR D 426 23.11 55.45 10.55
CA THR D 426 22.20 55.60 9.41
C THR D 426 22.16 57.06 9.05
N PHE D 427 21.57 57.36 7.91
CA PHE D 427 21.34 58.75 7.54
C PHE D 427 19.88 58.90 7.11
N GLU D 428 19.18 59.89 7.67
CA GLU D 428 17.83 60.18 7.21
C GLU D 428 17.54 61.66 7.28
N TYR D 429 16.96 62.18 6.20
CA TYR D 429 16.47 63.56 6.20
C TYR D 429 17.47 64.52 6.81
N ASP D 430 18.58 64.72 6.12
CA ASP D 430 19.59 65.67 6.55
C ASP D 430 20.33 65.39 7.86
N GLU D 431 20.11 64.23 8.51
CA GLU D 431 20.86 63.91 9.74
C GLU D 431 21.52 62.55 9.71
N PHE D 432 22.77 62.52 10.18
CA PHE D 432 23.52 61.29 10.36
C PHE D 432 23.27 60.86 11.81
N TYR D 433 22.87 59.61 12.00
CA TYR D 433 22.48 59.10 13.31
C TYR D 433 23.49 58.07 13.77
N ASN D 434 24.07 58.29 14.95
CA ASN D 434 25.00 57.37 15.55
C ASN D 434 24.20 56.59 16.56
N ARG D 435 24.21 55.27 16.48
CA ARG D 435 23.39 54.47 17.38
C ARG D 435 24.25 53.56 18.22
N THR D 436 24.51 53.94 19.46
CA THR D 436 25.31 53.10 20.33
C THR D 436 24.44 51.97 20.86
N LEU D 437 25.10 50.92 21.32
CA LEU D 437 24.42 49.73 21.85
C LEU D 437 23.40 49.23 20.85
N SER D 438 23.79 49.24 19.58
CA SER D 438 22.86 48.92 18.51
C SER D 438 22.66 47.41 18.40
N TYR D 439 23.74 46.67 18.53
CA TYR D 439 23.60 45.22 18.58
C TYR D 439 24.59 44.71 19.62
N CYS D 440 24.39 43.49 20.09
CA CYS D 440 25.29 42.94 21.09
C CYS D 440 25.77 41.58 20.68
N VAL D 441 26.91 41.17 21.22
CA VAL D 441 27.50 39.88 20.96
C VAL D 441 27.83 39.26 22.33
N PHE D 442 27.47 38.00 22.54
CA PHE D 442 27.72 37.37 23.84
C PHE D 442 27.81 35.86 23.68
N GLU D 443 28.60 35.23 24.55
CA GLU D 443 28.69 33.77 24.56
C GLU D 443 27.73 33.24 25.62
N ASN D 444 26.79 32.38 25.23
CA ASN D 444 25.90 31.81 26.24
C ASN D 444 26.45 30.43 26.64
N GLN D 445 26.08 29.95 27.82
CA GLN D 445 26.29 28.55 28.15
C GLN D 445 24.88 27.96 28.07
N GLU D 446 24.59 27.19 27.03
CA GLU D 446 23.22 26.71 26.96
C GLU D 446 23.02 25.74 28.10
N ASP D 447 21.77 25.58 28.54
CA ASP D 447 21.53 24.76 29.73
C ASP D 447 21.42 23.25 29.53
N TYR D 448 21.82 22.78 28.35
CA TYR D 448 21.89 21.36 28.05
C TYR D 448 23.25 21.19 27.33
N SER D 449 23.84 20.01 27.41
CA SER D 449 25.14 19.79 26.76
C SER D 449 25.01 19.57 25.25
N LEU D 450 26.10 19.77 24.51
CA LEU D 450 26.01 19.58 23.08
C LEU D 450 25.82 18.10 22.74
N LEU D 451 26.48 17.24 23.50
CA LEU D 451 26.32 15.79 23.31
C LEU D 451 26.86 15.04 24.52
N ARG D 452 26.60 13.74 24.56
CA ARG D 452 27.14 12.95 25.66
C ARG D 452 26.96 11.49 25.38
N HIS D 453 27.73 10.68 26.10
CA HIS D 453 27.42 9.26 26.17
C HIS D 453 28.02 8.66 27.43
N THR D 454 27.27 7.74 28.02
CA THR D 454 27.76 6.92 29.10
C THR D 454 27.77 5.46 28.69
N GLY D 455 28.92 4.82 28.80
CA GLY D 455 28.91 3.38 28.59
C GLY D 455 30.27 2.80 28.78
N ALA D 456 30.33 1.49 28.99
CA ALA D 456 31.62 0.83 28.95
C ALA D 456 32.62 1.46 29.90
N SER D 457 32.13 1.86 31.07
CA SER D 457 32.96 2.42 32.14
C SER D 457 33.47 3.85 31.91
N TYR D 458 32.79 4.60 31.05
CA TYR D 458 33.19 6.00 30.90
C TYR D 458 31.94 6.86 30.74
N SER D 459 32.12 8.16 30.95
CA SER D 459 31.10 9.14 30.57
C SER D 459 31.85 10.26 29.85
N ALA D 460 31.34 10.64 28.68
CA ALA D 460 31.95 11.67 27.86
C ALA D 460 30.86 12.72 27.64
N ILE D 461 31.12 13.95 28.04
CA ILE D 461 30.12 15.00 27.83
C ILE D 461 30.78 16.25 27.27
N THR D 462 30.15 16.84 26.25
CA THR D 462 30.68 18.07 25.66
C THR D 462 29.71 19.20 25.97
N GLN D 463 30.24 20.31 26.46
CA GLN D 463 29.40 21.46 26.77
C GLN D 463 28.92 22.16 25.51
N ASN D 464 27.95 23.05 25.68
CA ASN D 464 27.30 23.73 24.58
C ASN D 464 27.33 25.25 24.73
N PRO D 465 28.52 25.85 24.66
CA PRO D 465 28.61 27.32 24.62
C PRO D 465 28.25 27.76 23.20
N THR D 466 27.56 28.89 23.06
CA THR D 466 27.20 29.39 21.74
C THR D 466 27.53 30.86 21.63
N LEU D 467 27.85 31.30 20.42
CA LEU D 467 27.98 32.73 20.17
C LEU D 467 26.60 33.24 19.80
N ASN D 468 26.23 34.41 20.32
CA ASN D 468 24.92 35.00 20.08
C ASN D 468 25.06 36.43 19.65
N VAL D 469 24.39 36.76 18.56
CA VAL D 469 24.36 38.15 18.09
C VAL D 469 22.90 38.59 18.12
N ARG D 470 22.59 39.66 18.85
CA ARG D 470 21.20 40.12 18.95
C ARG D 470 21.04 41.59 18.65
N PHE D 471 19.93 41.95 18.02
CA PHE D 471 19.44 43.34 18.10
C PHE D 471 17.93 43.32 18.31
N ILE D 472 17.38 44.41 18.82
CA ILE D 472 15.97 44.48 19.13
C ILE D 472 15.45 45.72 18.45
N SER D 473 14.39 45.57 17.68
CA SER D 473 13.85 46.70 16.95
C SER D 473 12.46 46.96 17.51
N THR D 474 12.30 48.09 18.20
CA THR D 474 11.00 48.48 18.72
C THR D 474 10.45 49.45 17.70
N ILE D 475 9.39 49.02 17.01
CA ILE D 475 8.80 49.80 15.94
C ILE D 475 7.42 50.16 16.40
N GLY D 476 7.28 51.34 16.98
CA GLY D 476 6.00 51.73 17.51
C GLY D 476 5.64 50.82 18.68
N ASN D 477 4.53 50.10 18.54
CA ASN D 477 4.04 49.22 19.58
C ASN D 477 4.79 47.89 19.71
N TPQ D 478 5.39 47.35 18.63
CA TPQ D 478 5.95 46.00 18.60
CB TPQ D 478 5.72 45.18 17.31
C TPQ D 478 7.45 46.02 18.88
O TPQ D 478 8.12 47.04 18.67
C1 TPQ D 478 4.52 44.26 17.52
C2 TPQ D 478 3.22 44.66 16.97
O2 TPQ D 478 3.12 45.73 16.33
C3 TPQ D 478 2.02 43.80 17.15
C4 TPQ D 478 2.14 42.61 17.85
O4 TPQ D 478 1.14 41.89 18.02
C5 TPQ D 478 3.44 42.20 18.42
O5 TPQ D 478 3.50 41.11 19.05
C6 TPQ D 478 4.64 43.06 18.24
N ASP D 479 7.92 45.06 19.68
CA ASP D 479 9.36 44.85 20.00
C ASP D 479 9.80 43.53 19.41
N TYR D 480 10.65 43.59 18.39
CA TYR D 480 11.17 42.40 17.71
C TYR D 480 12.58 42.09 18.17
N ASN D 481 12.77 40.89 18.70
CA ASN D 481 14.04 40.43 19.26
C ASN D 481 14.66 39.44 18.29
N PHE D 482 15.71 39.86 17.60
CA PHE D 482 16.37 39.01 16.61
C PHE D 482 17.63 38.38 17.16
N LEU D 483 17.78 37.07 16.97
CA LEU D 483 18.95 36.39 17.49
C LEU D 483 19.55 35.46 16.48
N TYR D 484 20.87 35.45 16.46
CA TYR D 484 21.66 34.61 15.58
C TYR D 484 22.60 33.84 16.50
N LYS D 485 22.41 32.52 16.53
CA LYS D 485 23.10 31.65 17.49
C LYS D 485 23.98 30.62 16.79
N PHE D 486 25.27 30.64 17.12
CA PHE D 486 26.25 29.82 16.42
C PHE D 486 26.77 28.71 17.34
N PHE D 487 26.84 27.48 16.83
CA PHE D 487 27.22 26.35 17.67
C PHE D 487 28.57 25.76 17.27
N LEU D 488 29.18 24.99 18.16
CA LEU D 488 30.54 24.46 17.97
C LEU D 488 30.73 23.55 16.75
N ASP D 489 29.65 22.92 16.29
CA ASP D 489 29.80 21.95 15.22
C ASP D 489 29.65 22.54 13.84
N GLY D 490 29.25 23.80 13.77
CA GLY D 490 29.02 24.38 12.46
C GLY D 490 27.56 24.70 12.20
N THR D 491 26.68 24.50 13.19
CA THR D 491 25.27 24.84 13.04
C THR D 491 25.00 26.29 13.40
N LEU D 492 24.06 26.94 12.70
CA LEU D 492 23.65 28.31 12.98
C LEU D 492 22.14 28.31 13.10
N GLU D 493 21.62 28.95 14.13
CA GLU D 493 20.18 29.10 14.30
C GLU D 493 19.76 30.55 14.18
N VAL D 494 18.73 30.80 13.39
CA VAL D 494 18.22 32.13 13.17
C VAL D 494 16.86 32.19 13.84
N SER D 495 16.63 33.19 14.68
CA SER D 495 15.34 33.25 15.33
C SER D 495 14.82 34.64 15.60
N VAL D 496 13.53 34.70 15.85
CA VAL D 496 12.91 35.93 16.26
C VAL D 496 11.94 35.62 17.37
N ARG D 497 11.81 36.55 18.31
CA ARG D 497 10.72 36.51 19.27
C ARG D 497 10.05 37.88 19.27
N ALA D 498 8.75 37.92 19.49
CA ALA D 498 8.06 39.21 19.48
C ALA D 498 7.42 39.52 20.83
N ALA D 499 7.29 40.81 21.12
CA ALA D 499 6.63 41.23 22.36
C ALA D 499 6.13 42.65 22.15
N GLY D 500 5.73 43.30 23.23
CA GLY D 500 5.27 44.69 23.13
C GLY D 500 3.77 44.78 23.20
N TYR D 501 3.21 45.94 22.83
CA TYR D 501 1.77 46.13 22.81
C TYR D 501 1.15 45.65 21.51
N ILE D 502 0.05 44.92 21.59
CA ILE D 502 -0.62 44.49 20.37
C ILE D 502 -1.41 45.63 19.76
N GLN D 503 -1.65 45.55 18.45
CA GLN D 503 -2.60 46.46 17.84
C GLN D 503 -3.96 45.79 17.98
N ALA D 504 -4.67 46.12 19.05
CA ALA D 504 -5.96 45.52 19.30
C ALA D 504 -7.01 46.28 18.50
N GLY D 505 -8.28 45.96 18.72
CA GLY D 505 -9.36 46.62 18.00
C GLY D 505 -10.55 46.84 18.88
N TYR D 506 -11.42 47.78 18.51
CA TYR D 506 -12.63 47.98 19.30
C TYR D 506 -13.49 46.73 19.20
N TRP D 507 -14.04 46.26 20.33
CA TRP D 507 -14.92 45.10 20.34
C TRP D 507 -16.38 45.46 20.16
N ASN D 508 -16.89 45.14 18.99
CA ASN D 508 -18.31 45.27 18.70
C ASN D 508 -18.90 43.86 18.73
N PRO D 509 -19.74 43.57 19.70
CA PRO D 509 -20.27 42.21 19.87
C PRO D 509 -20.99 41.70 18.63
N GLU D 510 -21.55 42.61 17.84
CA GLU D 510 -22.30 42.22 16.65
C GLU D 510 -21.42 41.67 15.52
N THR D 511 -20.19 42.16 15.41
CA THR D 511 -19.36 41.82 14.25
C THR D 511 -17.91 41.41 14.53
N SER D 512 -17.43 41.63 15.75
CA SER D 512 -16.02 41.40 16.03
C SER D 512 -15.58 39.96 16.25
N ALA D 513 -16.51 39.08 16.59
CA ALA D 513 -16.14 37.74 17.07
C ALA D 513 -15.36 36.83 16.10
N PRO D 514 -15.66 36.89 14.82
CA PRO D 514 -14.86 36.12 13.86
C PRO D 514 -13.41 36.55 13.72
N TYR D 515 -13.02 37.68 14.30
CA TYR D 515 -11.70 38.22 14.03
C TYR D 515 -10.86 38.48 15.26
N GLY D 516 -11.30 38.01 16.41
CA GLY D 516 -10.52 38.25 17.61
C GLY D 516 -11.30 37.87 18.82
N LEU D 517 -10.59 37.69 19.93
CA LEU D 517 -11.22 37.40 21.21
C LEU D 517 -11.47 38.69 21.98
N LYS D 518 -12.53 38.70 22.79
CA LYS D 518 -12.76 39.86 23.65
C LYS D 518 -11.80 39.72 24.83
N ILE D 519 -10.83 40.64 24.94
CA ILE D 519 -9.80 40.57 25.98
C ILE D 519 -9.88 41.66 27.03
N HIS D 520 -10.78 42.63 26.82
CA HIS D 520 -11.05 43.64 27.86
C HIS D 520 -12.45 44.20 27.57
N ASP D 521 -12.95 45.10 28.43
CA ASP D 521 -14.36 45.51 28.34
C ASP D 521 -14.87 45.80 26.94
N VAL D 522 -14.11 46.59 26.20
CA VAL D 522 -14.52 46.93 24.84
C VAL D 522 -13.37 46.68 23.87
N LEU D 523 -12.57 45.65 24.15
CA LEU D 523 -11.35 45.41 23.41
C LEU D 523 -11.27 44.02 22.78
N SER D 524 -10.92 43.97 21.50
CA SER D 524 -10.69 42.71 20.81
C SER D 524 -9.21 42.51 20.57
N GLY D 525 -8.76 41.27 20.79
N GLY D 525 -8.71 41.29 20.81
CA GLY D 525 -7.44 40.84 20.36
CA GLY D 525 -7.28 41.03 20.68
C GLY D 525 -7.38 40.55 18.85
C GLY D 525 -6.90 41.17 19.21
N SER D 526 -7.39 41.62 18.02
N SER D 526 -7.93 41.19 18.35
CA SER D 526 -7.30 41.55 16.54
CA SER D 526 -7.77 41.18 16.90
C SER D 526 -6.28 40.52 15.97
C SER D 526 -7.00 39.90 16.46
N PHE D 527 -6.84 39.58 15.21
N PHE D 527 -6.63 39.81 15.17
CA PHE D 527 -6.13 38.48 14.57
CA PHE D 527 -6.05 38.58 14.59
C PHE D 527 -5.16 39.04 13.49
C PHE D 527 -5.13 39.06 13.50
N HIS D 528 -3.89 38.62 13.54
CA HIS D 528 -2.95 39.09 12.51
C HIS D 528 -1.86 38.07 12.30
N ASP D 529 -1.20 38.17 11.16
CA ASP D 529 -0.06 37.35 10.90
C ASP D 529 1.18 38.20 10.92
N HIS D 530 2.22 37.72 11.61
CA HIS D 530 3.55 38.29 11.45
C HIS D 530 4.28 37.35 10.48
N VAL D 531 4.93 37.88 9.43
CA VAL D 531 5.79 37.07 8.58
C VAL D 531 7.10 37.79 8.30
N LEU D 532 8.21 37.06 8.40
CA LEU D 532 9.55 37.62 8.15
C LEU D 532 10.23 36.83 7.04
N ASN D 533 10.92 37.54 6.16
CA ASN D 533 11.68 36.89 5.10
C ASN D 533 13.18 37.06 5.31
N TYR D 534 13.92 35.96 5.16
CA TYR D 534 15.39 35.99 5.26
C TYR D 534 16.01 35.55 3.94
N LYS D 535 16.94 36.36 3.46
CA LYS D 535 17.73 35.97 2.31
C LYS D 535 18.89 35.13 2.87
N VAL D 536 18.90 33.85 2.51
CA VAL D 536 19.94 32.91 2.97
C VAL D 536 20.77 32.44 1.76
N ASP D 537 21.84 33.16 1.48
CA ASP D 537 22.65 32.83 0.32
C ASP D 537 23.72 31.83 0.76
N LEU D 538 23.29 30.58 0.95
CA LEU D 538 24.21 29.49 1.23
C LEU D 538 25.08 29.25 0.01
N ASP D 539 26.38 29.02 0.24
CA ASP D 539 27.32 28.63 -0.81
C ASP D 539 28.03 27.42 -0.22
N VAL D 540 27.44 26.24 -0.35
CA VAL D 540 27.98 25.06 0.30
C VAL D 540 29.05 24.38 -0.56
N GLY D 541 30.30 24.41 -0.11
CA GLY D 541 31.35 23.77 -0.89
C GLY D 541 31.44 24.45 -2.26
N GLY D 542 31.50 25.77 -2.24
CA GLY D 542 31.56 26.58 -3.45
C GLY D 542 30.24 27.26 -3.76
N THR D 543 30.21 28.13 -4.78
CA THR D 543 28.94 28.75 -5.14
C THR D 543 28.05 27.83 -5.94
N LYS D 544 28.65 26.95 -6.74
CA LYS D 544 27.87 26.07 -7.60
C LYS D 544 27.25 24.93 -6.78
N ASN D 545 25.93 24.97 -6.64
CA ASN D 545 25.22 24.07 -5.71
C ASN D 545 24.03 23.42 -6.38
N ARG D 546 23.40 22.49 -5.68
CA ARG D 546 22.12 21.93 -6.08
C ARG D 546 21.24 21.96 -4.86
N ALA D 547 19.94 21.97 -5.06
CA ALA D 547 19.05 21.86 -3.91
C ALA D 547 18.35 20.52 -4.00
N SER D 548 18.19 19.83 -2.88
CA SER D 548 17.54 18.56 -2.95
C SER D 548 16.70 18.31 -1.71
N LYS D 549 15.87 17.28 -1.78
CA LYS D 549 15.15 16.89 -0.57
C LYS D 549 15.19 15.39 -0.44
N TYR D 550 15.36 14.93 0.79
CA TYR D 550 15.18 13.51 1.05
C TYR D 550 13.74 13.37 1.51
N VAL D 551 12.93 12.75 0.66
CA VAL D 551 11.52 12.53 0.94
C VAL D 551 11.36 11.22 1.70
N MET D 552 10.58 11.26 2.78
CA MET D 552 10.36 10.09 3.65
C MET D 552 8.97 9.55 3.42
N LYS D 553 8.84 8.26 3.19
CA LYS D 553 7.51 7.73 2.94
C LYS D 553 7.34 6.32 3.50
N ASP D 554 6.09 5.94 3.79
CA ASP D 554 5.85 4.54 4.16
C ASP D 554 5.59 3.81 2.85
N VAL D 555 6.06 2.58 2.79
CA VAL D 555 5.93 1.81 1.56
C VAL D 555 5.80 0.34 1.90
N ASP D 556 5.15 -0.41 1.02
CA ASP D 556 5.11 -1.88 1.20
C ASP D 556 6.17 -2.50 0.33
N VAL D 557 6.92 -3.45 0.90
CA VAL D 557 8.00 -4.11 0.17
C VAL D 557 8.07 -5.58 0.54
N GLU D 558 8.77 -6.34 -0.31
CA GLU D 558 9.10 -7.72 0.01
C GLU D 558 10.63 -7.77 -0.03
N TYR D 559 11.24 -8.53 0.87
CA TYR D 559 12.69 -8.66 0.96
C TYR D 559 13.14 -10.01 0.44
N PRO D 560 14.33 -10.06 -0.15
CA PRO D 560 14.87 -11.34 -0.64
C PRO D 560 14.99 -12.40 0.43
N TRP D 561 15.20 -11.98 1.67
CA TRP D 561 15.37 -12.95 2.75
C TRP D 561 14.04 -13.41 3.40
N ALA D 562 12.89 -12.93 2.90
CA ALA D 562 11.58 -13.47 3.30
C ALA D 562 10.61 -13.45 2.11
N PRO D 563 10.84 -14.32 1.13
CA PRO D 563 10.03 -14.25 -0.10
C PRO D 563 8.55 -14.35 0.18
N GLY D 564 7.76 -13.53 -0.51
CA GLY D 564 6.32 -13.55 -0.34
C GLY D 564 5.73 -12.81 0.85
N THR D 565 6.57 -12.33 1.74
CA THR D 565 6.09 -11.65 2.95
C THR D 565 6.13 -10.14 2.78
N VAL D 566 4.97 -9.52 2.69
CA VAL D 566 4.94 -8.07 2.52
C VAL D 566 5.12 -7.34 3.84
N TYR D 567 6.07 -6.42 3.87
CA TYR D 567 6.25 -5.55 5.02
C TYR D 567 5.90 -4.10 4.71
N ASN D 568 5.24 -3.45 5.65
CA ASN D 568 5.02 -2.03 5.53
C ASN D 568 6.19 -1.42 6.25
N THR D 569 7.06 -0.71 5.53
CA THR D 569 8.21 -0.11 6.16
C THR D 569 8.32 1.36 5.74
N LYS D 570 9.49 1.97 5.88
CA LYS D 570 9.68 3.34 5.44
C LYS D 570 10.98 3.50 4.68
N GLN D 571 10.97 4.40 3.70
CA GLN D 571 12.15 4.66 2.90
C GLN D 571 12.43 6.14 2.72
N ILE D 572 13.65 6.46 2.28
CA ILE D 572 13.98 7.81 1.85
C ILE D 572 14.24 7.77 0.36
N ALA D 573 13.98 8.90 -0.31
CA ALA D 573 14.33 9.04 -1.73
C ALA D 573 14.81 10.47 -1.91
N ARG D 574 15.98 10.63 -2.51
CA ARG D 574 16.50 11.96 -2.81
C ARG D 574 15.91 12.48 -4.11
N GLU D 575 15.36 13.69 -4.05
CA GLU D 575 14.78 14.33 -5.22
C GLU D 575 15.52 15.63 -5.43
N VAL D 576 16.00 15.84 -6.64
CA VAL D 576 16.66 17.11 -6.93
C VAL D 576 15.64 18.16 -7.35
N LEU D 577 15.77 19.37 -6.83
CA LEU D 577 14.88 20.49 -7.19
C LEU D 577 15.56 21.04 -8.44
N GLU D 578 15.05 20.65 -9.60
CA GLU D 578 15.75 20.97 -10.84
C GLU D 578 15.63 22.41 -11.31
N LYS D 579 14.49 23.04 -11.02
CA LYS D 579 14.19 24.37 -11.55
C LYS D 579 13.45 25.18 -10.52
N GLU D 580 13.50 26.51 -10.68
CA GLU D 580 12.72 27.36 -9.80
C GLU D 580 11.24 27.03 -9.91
N ASP D 581 10.57 26.97 -8.77
CA ASP D 581 9.17 26.55 -8.69
C ASP D 581 8.36 27.74 -8.20
N PHE D 582 7.43 28.19 -9.03
CA PHE D 582 6.62 29.35 -8.69
C PHE D 582 5.89 29.16 -7.37
N ASN D 583 5.56 27.92 -7.02
CA ASN D 583 4.76 27.68 -5.81
C ASN D 583 5.58 27.78 -4.53
N GLY D 584 6.90 27.83 -4.67
CA GLY D 584 7.78 27.72 -3.53
C GLY D 584 7.65 26.36 -2.85
N ILE D 585 8.18 26.27 -1.64
CA ILE D 585 8.22 25.03 -0.89
C ILE D 585 7.53 25.23 0.47
N ASN D 586 6.65 24.32 0.82
CA ASN D 586 6.08 24.31 2.16
C ASN D 586 6.63 23.08 2.86
N TRP D 587 6.93 23.23 4.14
CA TRP D 587 7.48 22.12 4.93
C TRP D 587 6.51 20.93 4.86
N PRO D 588 7.07 19.74 4.71
CA PRO D 588 6.28 18.53 4.52
C PRO D 588 5.42 18.13 5.71
N GLU D 589 4.29 17.53 5.37
CA GLU D 589 3.37 17.02 6.37
C GLU D 589 4.11 16.06 7.24
N ASN D 590 3.86 16.16 8.56
CA ASN D 590 4.44 15.24 9.55
C ASN D 590 5.96 15.27 9.52
N GLY D 591 6.51 16.37 9.01
CA GLY D 591 7.95 16.46 8.99
C GLY D 591 8.66 15.49 8.09
N GLN D 592 7.97 14.90 7.11
CA GLN D 592 8.56 13.82 6.33
C GLN D 592 9.49 14.20 5.19
N GLY D 593 10.49 15.00 5.52
CA GLY D 593 11.50 15.34 4.54
C GLY D 593 12.63 16.14 5.13
N ILE D 594 13.76 16.13 4.44
CA ILE D 594 14.93 16.93 4.81
C ILE D 594 15.33 17.75 3.58
N LEU D 595 15.42 19.07 3.73
CA LEU D 595 15.79 19.95 2.62
C LEU D 595 17.26 20.32 2.71
N LEU D 596 17.99 20.08 1.61
CA LEU D 596 19.41 20.37 1.59
C LEU D 596 19.86 21.35 0.52
N ILE D 597 20.88 22.14 0.85
CA ILE D 597 21.63 22.78 -0.21
C ILE D 597 22.95 22.00 -0.31
N GLU D 598 23.21 21.40 -1.47
CA GLU D 598 24.40 20.57 -1.68
C GLU D 598 25.45 21.23 -2.56
N SER D 599 26.72 20.93 -2.32
CA SER D 599 27.76 21.32 -3.27
C SER D 599 27.49 20.55 -4.56
N ALA D 600 27.64 21.19 -5.71
CA ALA D 600 27.43 20.47 -6.95
C ALA D 600 28.51 19.41 -7.21
N GLU D 601 29.73 19.69 -6.75
CA GLU D 601 30.83 18.77 -7.06
C GLU D 601 31.60 18.17 -5.89
N GLU D 602 31.61 18.84 -4.75
CA GLU D 602 32.38 18.38 -3.62
C GLU D 602 31.62 17.32 -2.86
N THR D 603 32.31 16.26 -2.46
CA THR D 603 31.70 15.22 -1.65
C THR D 603 32.55 14.98 -0.43
N ASN D 604 31.98 14.32 0.58
CA ASN D 604 32.83 13.86 1.65
C ASN D 604 33.42 12.51 1.28
N SER D 605 34.06 11.85 2.23
CA SER D 605 34.82 10.63 1.92
C SER D 605 33.97 9.41 1.57
N PHE D 606 32.67 9.49 1.85
CA PHE D 606 31.76 8.36 1.61
C PHE D 606 30.83 8.58 0.43
N GLY D 607 31.23 9.53 -0.44
CA GLY D 607 30.49 9.77 -1.67
C GLY D 607 29.29 10.70 -1.57
N ASN D 608 29.06 11.27 -0.39
CA ASN D 608 27.90 12.13 -0.26
C ASN D 608 28.22 13.56 -0.61
N PRO D 609 27.36 14.23 -1.37
CA PRO D 609 27.59 15.66 -1.61
C PRO D 609 27.69 16.39 -0.28
N ARG D 610 28.64 17.30 -0.15
CA ARG D 610 28.69 18.11 1.07
C ARG D 610 27.44 18.97 1.10
N ALA D 611 26.77 19.06 2.26
CA ALA D 611 25.51 19.78 2.27
C ALA D 611 25.23 20.46 3.59
N TYR D 612 24.29 21.40 3.57
CA TYR D 612 23.75 21.99 4.78
C TYR D 612 22.24 21.77 4.71
N ASN D 613 21.67 21.35 5.83
CA ASN D 613 20.23 21.10 5.97
C ASN D 613 19.56 22.36 6.49
N ILE D 614 18.53 22.84 5.78
CA ILE D 614 17.74 23.97 6.28
C ILE D 614 16.61 23.30 7.04
N MET D 615 16.65 23.40 8.37
CA MET D 615 15.74 22.69 9.26
C MET D 615 14.78 23.66 9.92
N PRO D 616 13.48 23.54 9.70
CA PRO D 616 12.54 24.48 10.33
C PRO D 616 12.48 24.22 11.83
N GLY D 617 12.29 25.28 12.61
CA GLY D 617 12.06 25.17 14.03
C GLY D 617 10.60 25.58 14.15
N GLY D 618 10.22 26.20 15.24
CA GLY D 618 8.84 26.61 15.32
C GLY D 618 8.62 27.82 14.43
N GLY D 619 7.36 28.12 14.16
CA GLY D 619 7.05 29.32 13.39
C GLY D 619 7.30 29.14 11.91
N GLY D 620 7.27 27.89 11.47
CA GLY D 620 7.37 27.59 10.05
C GLY D 620 6.03 27.78 9.36
N VAL D 621 5.55 29.03 9.38
CA VAL D 621 4.25 29.34 8.79
C VAL D 621 4.32 30.53 7.84
N HIS D 622 3.34 30.60 6.95
CA HIS D 622 3.26 31.70 5.99
C HIS D 622 1.89 32.34 6.08
N ARG D 623 1.65 33.35 5.26
CA ARG D 623 0.35 34.02 5.31
C ARG D 623 -0.82 33.07 5.15
N ILE D 624 -1.86 33.34 5.91
CA ILE D 624 -3.13 32.67 5.69
C ILE D 624 -3.91 33.32 4.53
N VAL D 625 -3.95 34.65 4.50
CA VAL D 625 -4.69 35.34 3.45
C VAL D 625 -3.92 35.19 2.14
N LYS D 626 -4.64 35.03 1.02
CA LYS D 626 -4.01 34.90 -0.28
C LYS D 626 -4.07 36.16 -1.18
N ASN D 627 -5.15 36.93 -1.06
CA ASN D 627 -5.41 37.99 -2.03
C ASN D 627 -5.86 39.26 -1.32
N SER D 628 -4.89 40.01 -0.82
CA SER D 628 -5.19 41.20 -0.05
C SER D 628 -5.28 42.45 -0.88
N ARG D 629 -6.35 43.20 -0.70
CA ARG D 629 -6.44 44.52 -1.35
C ARG D 629 -5.39 45.48 -0.83
N SER D 630 -4.82 45.21 0.34
CA SER D 630 -3.80 46.07 0.91
C SER D 630 -2.38 45.56 0.66
N GLY D 631 -2.26 44.47 -0.12
CA GLY D 631 -0.94 43.99 -0.52
C GLY D 631 -1.05 43.06 -1.72
N PRO D 632 -1.54 43.55 -2.84
CA PRO D 632 -1.70 42.65 -3.99
C PRO D 632 -0.40 42.08 -4.55
N GLU D 633 0.61 42.93 -4.75
CA GLU D 633 1.86 42.44 -5.33
C GLU D 633 3.07 42.86 -4.51
N THR D 634 2.84 43.46 -3.35
CA THR D 634 3.94 44.12 -2.64
C THR D 634 4.74 43.19 -1.72
N GLN D 635 4.23 41.98 -1.47
CA GLN D 635 4.84 41.08 -0.49
C GLN D 635 4.65 39.63 -0.91
N ASN D 636 4.93 39.34 -2.17
CA ASN D 636 4.59 38.05 -2.75
C ASN D 636 5.47 36.88 -2.27
N TRP D 637 6.53 37.19 -1.53
CA TRP D 637 7.42 36.16 -0.94
C TRP D 637 6.74 35.49 0.26
N ALA D 638 5.62 36.05 0.74
CA ALA D 638 5.11 35.63 2.06
C ALA D 638 4.09 34.52 2.04
N ARG D 639 3.93 33.90 0.88
CA ARG D 639 2.82 32.99 0.66
C ARG D 639 3.18 31.51 0.79
N SER D 640 4.46 31.20 0.93
CA SER D 640 4.91 29.82 1.10
C SER D 640 6.00 29.85 2.16
N ASN D 641 6.46 28.68 2.63
CA ASN D 641 7.48 28.70 3.67
C ASN D 641 8.85 29.11 3.19
N LEU D 642 9.18 28.77 1.94
CA LEU D 642 10.52 29.06 1.44
C LEU D 642 10.53 29.06 -0.09
N PHE D 643 11.49 29.78 -0.67
CA PHE D 643 11.67 29.76 -2.12
C PHE D 643 13.15 29.58 -2.44
N LEU D 644 13.43 28.89 -3.55
CA LEU D 644 14.81 28.74 -4.01
C LEU D 644 14.93 29.44 -5.36
N THR D 645 15.92 30.32 -5.49
CA THR D 645 16.15 30.99 -6.77
C THR D 645 17.62 30.97 -7.15
N LYS D 646 17.86 31.23 -8.43
CA LYS D 646 19.21 31.39 -8.90
C LYS D 646 19.71 32.77 -8.49
N HIS D 647 20.87 32.84 -7.83
CA HIS D 647 21.44 34.10 -7.41
C HIS D 647 21.62 35.11 -8.53
N LYS D 648 21.18 36.34 -8.30
CA LYS D 648 21.41 37.43 -9.26
C LYS D 648 21.65 38.74 -8.50
N ASP D 649 22.62 39.52 -8.95
CA ASP D 649 22.86 40.81 -8.30
C ASP D 649 21.64 41.73 -8.44
N GLU D 650 20.88 41.53 -9.51
CA GLU D 650 19.66 42.31 -9.76
C GLU D 650 18.51 41.84 -8.87
N GLU D 651 18.64 40.67 -8.27
CA GLU D 651 17.64 40.17 -7.32
C GLU D 651 18.29 40.26 -5.94
N LEU D 652 18.59 41.50 -5.56
CA LEU D 652 19.30 41.79 -4.33
C LEU D 652 18.42 41.58 -3.10
N ARG D 653 17.15 41.91 -3.25
CA ARG D 653 16.26 42.01 -2.10
C ARG D 653 14.83 41.69 -2.47
N SER D 654 14.10 41.09 -1.54
CA SER D 654 12.76 40.61 -1.84
C SER D 654 11.68 41.63 -1.56
N SER D 655 12.04 42.72 -0.89
CA SER D 655 11.14 43.84 -0.68
C SER D 655 12.01 45.10 -0.65
N THR D 656 11.36 46.26 -0.59
CA THR D 656 12.07 47.53 -0.44
C THR D 656 11.28 48.45 0.45
N ALA D 657 11.93 49.52 0.92
CA ALA D 657 11.23 50.48 1.76
C ALA D 657 10.17 51.23 0.97
N LEU D 658 10.25 51.13 -0.35
CA LEU D 658 9.32 51.83 -1.24
C LEU D 658 8.19 50.94 -1.76
N ASN D 659 8.09 49.70 -1.28
CA ASN D 659 7.06 48.80 -1.80
C ASN D 659 5.64 49.06 -1.31
N THR D 660 5.53 49.43 -0.04
CA THR D 660 4.26 49.25 0.63
C THR D 660 3.03 49.91 0.00
N ASN D 661 3.17 51.12 -0.51
CA ASN D 661 2.00 51.80 -1.08
C ASN D 661 1.86 51.57 -2.58
N ALA D 662 2.88 50.95 -3.17
CA ALA D 662 2.87 50.68 -4.62
C ALA D 662 2.24 49.32 -4.83
N LEU D 663 0.93 49.26 -4.60
CA LEU D 663 0.14 48.04 -4.56
C LEU D 663 0.24 47.12 -5.75
N TYR D 664 0.24 47.67 -6.95
CA TYR D 664 0.22 46.87 -8.16
C TYR D 664 1.51 46.80 -8.92
N ASP D 665 2.33 47.85 -8.79
CA ASP D 665 3.59 47.91 -9.50
C ASP D 665 4.72 48.32 -8.57
N PRO D 666 5.00 47.51 -7.56
CA PRO D 666 6.03 47.88 -6.58
C PRO D 666 7.41 47.81 -7.20
N PRO D 667 8.38 48.58 -6.68
CA PRO D 667 9.76 48.50 -7.13
C PRO D 667 10.28 47.08 -7.23
N VAL D 668 9.97 46.25 -6.23
CA VAL D 668 10.30 44.83 -6.30
C VAL D 668 9.01 44.01 -6.17
N ASN D 669 8.73 43.19 -7.19
CA ASN D 669 7.68 42.18 -7.10
C ASN D 669 8.47 40.88 -7.01
N PHE D 670 8.42 40.23 -5.84
CA PHE D 670 9.21 39.02 -5.62
C PHE D 670 8.98 37.92 -6.66
N ASN D 671 7.77 37.82 -7.16
CA ASN D 671 7.44 36.78 -8.13
C ASN D 671 8.27 36.88 -9.41
N ALA D 672 8.78 38.06 -9.72
CA ALA D 672 9.61 38.19 -10.91
C ALA D 672 10.88 37.35 -10.82
N PHE D 673 11.28 36.94 -9.60
CA PHE D 673 12.49 36.14 -9.45
C PHE D 673 12.26 34.69 -9.92
N LEU D 674 10.99 34.29 -9.98
CA LEU D 674 10.59 32.88 -10.21
C LEU D 674 10.21 32.75 -11.66
N ASP D 675 11.17 32.34 -12.47
CA ASP D 675 10.92 32.26 -13.91
C ASP D 675 11.54 30.97 -14.44
N ASP D 676 11.36 29.91 -13.66
CA ASP D 676 11.67 28.54 -14.05
C ASP D 676 13.10 28.22 -14.43
N GLU D 677 14.04 29.00 -13.88
CA GLU D 677 15.42 28.79 -14.24
C GLU D 677 15.96 27.54 -13.58
N SER D 678 16.91 26.90 -14.24
CA SER D 678 17.56 25.74 -13.66
C SER D 678 18.30 26.10 -12.37
N LEU D 679 18.21 25.20 -11.38
CA LEU D 679 18.94 25.30 -10.12
C LEU D 679 19.94 24.17 -10.03
N ASP D 680 20.10 23.42 -11.11
CA ASP D 680 20.88 22.18 -11.04
C ASP D 680 22.34 22.42 -11.37
N GLY D 681 23.12 22.80 -10.35
CA GLY D 681 24.50 23.22 -10.54
C GLY D 681 24.52 24.72 -10.82
N GLU D 682 24.09 25.50 -9.84
CA GLU D 682 23.97 26.96 -9.97
C GLU D 682 24.19 27.58 -8.60
N ASP D 683 24.41 28.89 -8.57
CA ASP D 683 24.48 29.61 -7.31
C ASP D 683 23.03 29.79 -6.87
N ILE D 684 22.69 29.14 -5.78
CA ILE D 684 21.34 29.16 -5.25
C ILE D 684 21.21 30.09 -4.06
N VAL D 685 20.06 30.72 -3.94
CA VAL D 685 19.70 31.50 -2.78
C VAL D 685 18.42 30.90 -2.23
N ALA D 686 18.36 30.74 -0.92
CA ALA D 686 17.13 30.31 -0.27
C ALA D 686 16.51 31.51 0.40
N TRP D 687 15.23 31.77 0.13
CA TRP D 687 14.52 32.84 0.81
C TRP D 687 13.60 32.10 1.77
N VAL D 688 13.93 32.20 3.06
CA VAL D 688 13.29 31.42 4.12
C VAL D 688 12.40 32.29 5.01
N ASN D 689 11.16 31.86 5.24
CA ASN D 689 10.24 32.64 6.06
C ASN D 689 10.03 32.08 7.45
N LEU D 690 9.83 32.99 8.40
CA LEU D 690 9.42 32.66 9.76
C LEU D 690 8.15 33.45 10.00
N GLY D 691 7.25 32.94 10.82
CA GLY D 691 6.04 33.69 11.05
C GLY D 691 5.28 33.23 12.28
N LEU D 692 4.21 33.96 12.58
CA LEU D 692 3.37 33.71 13.73
C LEU D 692 1.96 34.07 13.35
N HIS D 693 0.99 33.21 13.65
CA HIS D 693 -0.42 33.57 13.53
C HIS D 693 -0.81 33.96 14.93
N HIS D 694 -0.91 35.26 15.15
CA HIS D 694 -1.08 35.78 16.50
C HIS D 694 -2.56 36.11 16.76
N LEU D 695 -3.15 35.40 17.71
CA LEU D 695 -4.53 35.65 18.15
C LEU D 695 -4.44 36.01 19.64
N PRO D 696 -4.23 37.27 19.94
CA PRO D 696 -3.98 37.67 21.33
C PRO D 696 -5.07 37.30 22.31
N ASN D 697 -4.66 36.91 23.52
CA ASN D 697 -5.61 36.55 24.56
C ASN D 697 -5.20 37.28 25.85
N SER D 698 -5.71 36.88 26.99
CA SER D 698 -5.30 37.52 28.24
C SER D 698 -3.78 37.50 28.44
N ASN D 699 -3.14 36.45 27.94
CA ASN D 699 -1.69 36.34 28.04
C ASN D 699 -0.89 37.37 27.21
N ASP D 700 -1.60 38.30 26.55
CA ASP D 700 -0.97 39.39 25.81
C ASP D 700 -1.25 40.77 26.44
N LEU D 701 -1.88 40.81 27.62
CA LEU D 701 -2.17 42.08 28.29
C LEU D 701 -1.45 42.12 29.63
N PRO D 702 -0.73 43.21 29.91
CA PRO D 702 -0.62 44.39 29.05
C PRO D 702 0.28 44.24 27.84
N ASN D 703 1.14 43.23 27.81
CA ASN D 703 2.05 43.04 26.69
C ASN D 703 2.13 41.57 26.31
N THR D 704 2.44 41.35 25.03
CA THR D 704 2.78 40.03 24.54
C THR D 704 4.13 39.61 25.16
N ILE D 705 4.34 38.31 25.34
CA ILE D 705 5.60 37.81 25.92
C ILE D 705 6.47 37.07 24.89
N PHE D 706 7.78 37.19 25.03
CA PHE D 706 8.70 36.65 24.03
C PHE D 706 8.81 35.13 24.06
N SER D 707 8.47 34.52 25.20
CA SER D 707 8.69 33.10 25.37
C SER D 707 7.81 32.26 24.45
N THR D 708 6.57 32.70 24.24
CA THR D 708 5.63 31.93 23.44
C THR D 708 5.34 32.56 22.08
N ALA D 709 6.07 33.60 21.71
CA ALA D 709 5.91 34.24 20.39
C ALA D 709 7.28 34.13 19.71
N HIS D 710 7.58 32.93 19.25
CA HIS D 710 8.92 32.53 18.82
C HIS D 710 8.91 31.76 17.51
N ALA D 711 9.88 32.08 16.65
CA ALA D 711 10.03 31.36 15.41
C ALA D 711 11.52 31.22 15.13
N SER D 712 11.92 30.12 14.48
CA SER D 712 13.33 29.90 14.21
C SER D 712 13.59 28.88 13.11
N PHE D 713 14.79 28.93 12.54
CA PHE D 713 15.23 27.82 11.69
C PHE D 713 16.71 27.60 11.92
N MET D 714 17.19 26.42 11.55
CA MET D 714 18.60 26.12 11.68
C MET D 714 19.23 25.78 10.36
N LEU D 715 20.52 26.08 10.22
CA LEU D 715 21.33 25.68 9.08
C LEU D 715 22.34 24.74 9.73
N THR D 716 22.26 23.45 9.42
CA THR D 716 23.12 22.47 10.08
C THR D 716 23.88 21.57 9.09
N PRO D 717 25.15 21.27 9.36
CA PRO D 717 25.94 20.45 8.43
C PRO D 717 25.28 19.10 8.17
N PHE D 718 25.29 18.64 6.92
CA PHE D 718 24.69 17.36 6.55
C PHE D 718 25.66 16.76 5.53
N ASN D 719 26.48 15.81 5.99
CA ASN D 719 27.56 15.22 5.20
C ASN D 719 28.58 16.26 4.74
N TYR D 720 28.62 17.41 5.44
CA TYR D 720 29.50 18.51 5.07
C TYR D 720 30.94 18.11 5.39
N PHE D 721 31.09 17.31 6.43
CA PHE D 721 32.39 16.78 6.87
C PHE D 721 32.24 15.27 6.87
N ASP D 722 33.30 14.54 7.24
CA ASP D 722 33.17 13.09 7.41
C ASP D 722 32.63 12.73 8.79
N SER D 723 32.63 13.73 9.69
CA SER D 723 32.20 13.49 11.06
C SER D 723 31.71 14.77 11.71
N GLU D 724 31.14 14.63 12.91
CA GLU D 724 30.59 15.76 13.63
C GLU D 724 31.76 16.57 14.20
N ASN D 725 31.81 17.86 13.91
CA ASN D 725 33.04 18.62 14.15
C ASN D 725 33.17 19.44 15.42
N SER D 726 32.59 18.99 16.52
CA SER D 726 32.77 19.69 17.78
C SER D 726 33.82 18.99 18.61
N ARG D 727 34.34 17.88 18.10
CA ARG D 727 35.17 16.98 18.89
C ARG D 727 36.47 17.58 19.43
N ASP D 728 36.97 18.61 18.74
CA ASP D 728 38.21 19.28 19.14
C ASP D 728 38.08 20.33 20.25
N THR D 729 36.86 20.64 20.72
CA THR D 729 36.77 21.63 21.79
C THR D 729 37.38 21.10 23.08
N THR D 730 37.88 21.99 23.93
CA THR D 730 38.33 21.59 25.26
C THR D 730 37.19 21.67 26.26
N GLN D 731 36.02 22.18 25.85
CA GLN D 731 34.90 22.33 26.79
C GLN D 731 34.13 21.02 26.86
N GLN D 732 34.78 20.03 27.46
CA GLN D 732 34.21 18.70 27.56
C GLN D 732 34.89 17.96 28.71
N VAL D 733 34.29 16.86 29.15
CA VAL D 733 34.84 16.06 30.22
C VAL D 733 34.92 14.60 29.73
N PHE D 734 35.97 13.89 30.14
CA PHE D 734 36.06 12.45 29.87
C PHE D 734 36.30 11.82 31.23
N TYR D 735 35.28 11.13 31.74
CA TYR D 735 35.32 10.44 33.01
C TYR D 735 35.51 8.96 32.77
N THR D 736 36.37 8.31 33.55
CA THR D 736 36.53 6.87 33.42
C THR D 736 36.53 6.24 34.79
N TYR D 737 36.07 5.00 34.84
CA TYR D 737 36.02 4.25 36.07
C TYR D 737 36.73 2.94 35.80
N ASP D 738 37.64 2.59 36.69
CA ASP D 738 38.28 1.32 36.53
C ASP D 738 37.68 0.27 37.46
N ASP D 739 37.17 -0.80 36.84
CA ASP D 739 36.53 -1.92 37.52
C ASP D 739 37.44 -2.74 38.44
N GLU D 740 38.75 -2.69 38.24
CA GLU D 740 39.68 -3.37 39.14
C GLU D 740 39.74 -2.52 40.41
N THR D 741 40.33 -1.34 40.27
CA THR D 741 40.65 -0.47 41.41
C THR D 741 39.49 0.25 42.08
N GLU D 742 38.43 0.53 41.35
CA GLU D 742 37.30 1.27 41.89
C GLU D 742 37.76 2.71 41.99
N GLU D 743 38.71 3.04 41.13
CA GLU D 743 39.20 4.40 41.01
C GLU D 743 38.63 5.14 39.81
N SER D 744 38.15 6.36 40.06
CA SER D 744 37.65 7.25 39.02
C SER D 744 38.78 8.14 38.52
N ASN D 745 38.73 8.51 37.24
CA ASN D 745 39.61 9.53 36.70
C ASN D 745 38.82 10.57 35.92
N TRP D 746 39.12 11.83 36.15
CA TRP D 746 38.44 12.89 35.44
C TRP D 746 39.37 13.70 34.59
N GLU D 747 39.04 13.78 33.31
CA GLU D 747 39.84 14.57 32.40
C GLU D 747 39.05 15.78 31.93
N PHE D 748 39.57 16.97 32.23
CA PHE D 748 38.88 18.22 31.96
C PHE D 748 39.55 19.08 30.89
N TYR D 749 40.57 18.54 30.26
CA TYR D 749 41.19 19.22 29.12
C TYR D 749 41.63 20.66 29.36
N GLY D 750 42.27 20.91 30.50
CA GLY D 750 42.81 22.22 30.78
C GLY D 750 41.84 23.18 31.45
N ASN D 751 40.65 22.68 31.76
CA ASN D 751 39.69 23.49 32.47
C ASN D 751 39.67 23.15 33.94
N ASP D 752 40.13 24.10 34.77
CA ASP D 752 40.21 23.86 36.21
C ASP D 752 38.94 24.33 36.92
N TRP D 753 38.12 23.36 37.36
CA TRP D 753 36.85 23.65 37.98
C TRP D 753 36.93 23.98 39.47
N SER D 754 38.14 23.95 40.04
CA SER D 754 38.28 24.33 41.44
C SER D 754 37.59 25.66 41.74
N SER D 755 37.00 25.76 42.92
CA SER D 755 36.39 27.02 43.36
C SER D 755 37.37 28.16 43.19
N CYS D 756 36.88 29.28 42.69
CA CYS D 756 37.72 30.46 42.51
C CYS D 756 36.84 31.67 42.65
N GLY D 757 37.40 32.80 43.07
CA GLY D 757 36.59 33.99 43.21
C GLY D 757 36.53 34.89 42.00
N LEU D 758 35.39 35.51 41.77
CA LEU D 758 35.31 36.53 40.73
C LEU D 758 34.38 37.66 41.12
N GLU D 759 34.49 38.76 40.40
CA GLU D 759 33.66 39.92 40.60
C GLU D 759 32.52 39.79 39.61
N VAL D 760 31.29 39.90 40.10
CA VAL D 760 30.10 39.87 39.25
C VAL D 760 29.85 41.32 38.89
N PRO D 761 30.16 41.69 37.65
CA PRO D 761 30.27 43.11 37.28
C PRO D 761 28.91 43.80 37.01
N GLU D 762 28.81 45.07 37.33
CA GLU D 762 27.60 45.82 37.01
C GLU D 762 27.61 46.06 35.50
N PRO D 763 26.48 45.83 34.83
CA PRO D 763 26.37 46.16 33.42
C PRO D 763 26.60 47.66 33.17
N ASN D 764 26.93 48.01 31.93
CA ASN D 764 27.21 49.39 31.53
C ASN D 764 25.93 50.22 31.35
N PHE D 765 25.09 50.27 32.39
CA PHE D 765 23.82 51.00 32.31
C PHE D 765 24.00 52.45 31.89
N GLU D 766 25.13 53.04 32.26
CA GLU D 766 25.40 54.44 31.96
C GLU D 766 25.45 54.75 30.46
N ASP D 767 25.78 53.74 29.67
CA ASP D 767 25.86 53.88 28.23
C ASP D 767 24.47 53.92 27.59
N TYR D 768 23.44 53.58 28.34
CA TYR D 768 22.10 53.57 27.76
C TYR D 768 21.37 54.88 27.95
N THR D 769 21.03 55.52 26.84
CA THR D 769 20.10 56.63 26.91
C THR D 769 18.94 56.48 25.93
N TYR D 770 17.75 56.85 26.39
CA TYR D 770 16.56 56.77 25.57
C TYR D 770 16.77 57.45 24.20
N GLY D 771 16.10 56.91 23.19
CA GLY D 771 15.95 57.63 21.93
C GLY D 771 16.45 56.87 20.73
N ARG D 772 16.03 57.31 19.56
CA ARG D 772 16.38 56.61 18.34
C ARG D 772 17.65 57.10 17.67
N GLY D 773 18.73 57.19 18.45
CA GLY D 773 20.03 57.61 17.94
C GLY D 773 20.43 59.05 18.24
N THR D 774 21.74 59.30 18.21
CA THR D 774 22.27 60.66 18.37
C THR D 774 22.44 61.27 16.99
N ARG D 775 21.74 62.37 16.74
CA ARG D 775 21.73 62.99 15.42
C ARG D 775 22.74 64.12 15.30
C1 NAG E . -5.01 -7.45 -52.20
C2 NAG E . -4.79 -7.33 -53.71
C3 NAG E . -3.30 -7.35 -54.08
C4 NAG E . -2.52 -6.35 -53.22
C5 NAG E . -2.84 -6.64 -51.77
C6 NAG E . -2.08 -5.70 -50.86
C7 NAG E . -6.51 -8.07 -55.24
C8 NAG E . -7.33 -9.21 -55.79
N2 NAG E . -5.52 -8.38 -54.40
O3 NAG E . -3.18 -7.04 -55.45
O4 NAG E . -1.11 -6.48 -53.34
O5 NAG E . -4.23 -6.49 -51.55
O6 NAG E . -2.57 -4.39 -51.06
O7 NAG E . -6.78 -6.91 -55.55
C1 NAG E . -0.53 -5.67 -54.37
C2 NAG E . 0.88 -5.25 -53.96
C3 NAG E . 1.57 -4.49 -55.08
C4 NAG E . 1.53 -5.32 -56.36
C5 NAG E . 0.09 -5.68 -56.66
C6 NAG E . -0.01 -6.56 -57.90
C7 NAG E . 1.46 -4.73 -51.67
C8 NAG E . 1.17 -3.83 -50.49
N2 NAG E . 0.87 -4.38 -52.81
O3 NAG E . 2.90 -4.21 -54.71
O4 NAG E . 2.06 -4.57 -57.43
O5 NAG E . -0.45 -6.41 -55.57
O6 NAG E . -0.92 -7.60 -57.65
O7 NAG E . 2.19 -5.72 -51.55
C1 NAG F . -10.48 -37.00 16.73
C2 NAG F . -11.05 -37.35 18.11
C3 NAG F . -10.85 -36.20 19.11
C4 NAG F . -9.39 -35.78 19.15
C5 NAG F . -9.03 -35.46 17.70
C6 NAG F . -7.61 -34.94 17.58
C7 NAG F . -12.88 -38.87 18.32
C8 NAG F . -14.32 -39.20 17.98
N2 NAG F . -12.46 -37.66 17.98
O3 NAG F . -11.28 -36.62 20.38
O4 NAG F . -9.19 -34.56 19.85
O5 NAG F . -9.15 -36.62 16.90
O6 NAG F . -6.72 -35.88 18.10
O7 NAG F . -12.16 -39.69 18.87
C1 NAG F . -8.76 -34.76 21.21
C2 NAG F . -7.88 -33.58 21.63
C3 NAG F . -7.48 -33.63 23.08
C4 NAG F . -8.70 -33.78 23.97
C5 NAG F . -9.62 -34.89 23.44
C6 NAG F . -10.97 -34.89 24.17
C7 NAG F . -6.32 -32.55 20.13
C8 NAG F . -5.03 -32.70 19.37
N2 NAG F . -6.65 -33.58 20.88
O3 NAG F . -6.77 -32.45 23.41
O4 NAG F . -8.28 -34.07 25.28
O5 NAG F . -9.88 -34.78 22.05
O6 NAG F . -12.01 -35.03 23.21
O7 NAG F . -7.02 -31.54 20.04
C1 NAG G . -8.87 2.20 41.06
C2 NAG G . -9.08 1.07 42.06
C3 NAG G . -9.36 -0.27 41.39
C4 NAG G . -10.49 -0.13 40.39
C5 NAG G . -10.09 1.00 39.48
C6 NAG G . -11.10 1.17 38.36
C7 NAG G . -8.05 1.27 44.21
C8 NAG G . -6.82 1.17 45.06
N2 NAG G . -7.91 0.96 42.93
O3 NAG G . -9.68 -1.20 42.39
O4 NAG G . -10.63 -1.27 39.54
O5 NAG G . -9.98 2.21 40.21
O6 NAG G . -12.29 1.71 38.89
O7 NAG G . -9.12 1.63 44.69
C1 NAG G . -11.56 -2.25 39.99
C2 NAG G . -11.95 -3.15 38.84
C3 NAG G . -13.06 -4.05 39.30
C4 NAG G . -12.35 -5.04 40.20
C5 NAG G . -11.59 -4.29 41.32
C6 NAG G . -10.54 -5.21 41.94
C7 NAG G . -11.51 -3.20 36.55
C8 NAG G . -11.54 -2.66 35.15
N2 NAG G . -12.19 -2.58 37.52
O3 NAG G . -13.64 -4.69 38.18
O4 NAG G . -13.27 -5.96 40.74
O5 NAG G . -10.92 -3.10 40.92
O6 NAG G . -10.08 -4.66 43.15
O7 NAG G . -10.86 -4.23 36.80
C1 NAG H . 25.96 45.11 -10.13
C2 NAG H . 26.57 46.31 -10.89
C3 NAG H . 25.56 47.10 -11.72
C4 NAG H . 24.72 46.16 -12.58
C5 NAG H . 24.17 45.07 -11.67
C6 NAG H . 23.31 44.09 -12.45
C7 NAG H . 28.52 47.35 -9.99
C8 NAG H . 29.11 48.24 -8.94
N2 NAG H . 27.21 47.21 -9.96
O3 NAG H . 26.26 48.02 -12.54
O4 NAG H . 23.61 46.86 -13.13
O5 NAG H . 25.23 44.35 -11.05
O6 NAG H . 24.14 43.34 -13.31
O7 NAG H . 29.21 46.79 -10.84
C1 NAG H . 23.95 47.72 -14.24
C2 NAG H . 22.70 47.77 -15.11
C3 NAG H . 22.94 48.63 -16.35
C4 NAG H . 23.43 50.00 -15.94
C5 NAG H . 24.58 49.93 -14.94
C6 NAG H . 24.82 51.31 -14.35
C7 NAG H . 21.09 46.00 -15.31
C8 NAG H . 20.83 44.55 -15.64
N2 NAG H . 22.32 46.43 -15.48
O3 NAG H . 21.74 48.77 -17.08
O4 NAG H . 23.83 50.72 -17.09
O5 NAG H . 24.29 49.04 -13.87
O6 NAG H . 26.21 51.53 -14.13
O7 NAG H . 20.17 46.72 -14.90
C1 NAG I . 10.87 -30.14 -70.45
C2 NAG I . 11.97 -30.19 -71.51
C3 NAG I . 12.79 -31.47 -71.49
C4 NAG I . 13.05 -32.00 -70.08
C5 NAG I . 11.84 -31.85 -69.17
C6 NAG I . 12.18 -32.24 -67.73
C7 NAG I . 11.58 -28.83 -73.48
C8 NAG I . 10.50 -28.45 -74.45
N2 NAG I . 11.44 -30.00 -72.86
O3 NAG I . 14.04 -31.23 -72.10
O4 NAG I . 13.40 -33.37 -70.19
O5 NAG I . 11.41 -30.51 -69.19
O6 NAG I . 13.46 -31.75 -67.39
O7 NAG I . 12.54 -28.09 -73.29
C1 NAG J . 19.14 -53.80 -48.68
C2 NAG J . 18.11 -53.86 -49.80
C3 NAG J . 17.59 -55.29 -50.05
C4 NAG J . 18.75 -56.28 -50.09
C5 NAG J . 19.63 -56.05 -48.86
C6 NAG J . 20.75 -57.08 -48.72
C7 NAG J . 16.66 -51.89 -50.22
C8 NAG J . 15.41 -51.16 -49.78
N2 NAG J . 16.99 -52.97 -49.51
O3 NAG J . 16.91 -55.37 -51.26
O4 NAG J . 18.26 -57.61 -50.12
O5 NAG J . 20.16 -54.73 -48.94
O6 NAG J . 21.93 -56.66 -49.38
O7 NAG J . 17.32 -51.46 -51.18
C1 NAG K . -4.05 -58.74 -23.06
C2 NAG K . -2.67 -58.31 -23.57
C3 NAG K . -1.55 -59.25 -23.11
C4 NAG K . -1.66 -59.61 -21.64
C5 NAG K . -3.10 -59.92 -21.23
C6 NAG K . -3.20 -60.05 -19.72
C7 NAG K . -2.71 -57.05 -25.66
C8 NAG K . -2.69 -57.09 -27.15
N2 NAG K . -2.65 -58.22 -25.01
O3 NAG K . -0.30 -58.65 -23.34
O4 NAG K . -0.86 -60.74 -21.37
O5 NAG K . -3.97 -58.88 -21.67
O6 NAG K . -2.56 -58.96 -19.09
O7 NAG K . -2.77 -55.96 -25.06
C1 NAG L . -17.25 -34.94 -54.14
C2 NAG L . -17.83 -35.12 -55.54
C3 NAG L . -19.21 -34.49 -55.69
C4 NAG L . -20.12 -35.01 -54.59
C5 NAG L . -19.44 -34.70 -53.26
C6 NAG L . -20.32 -35.03 -52.06
C7 NAG L . -16.36 -35.36 -57.43
C8 NAG L . -15.45 -34.71 -58.43
N2 NAG L . -16.95 -34.56 -56.55
O3 NAG L . -19.74 -34.82 -56.96
O4 NAG L . -21.39 -34.40 -54.68
O5 NAG L . -18.21 -35.40 -53.21
O6 NAG L . -19.95 -36.25 -51.47
O7 NAG L . -16.55 -36.58 -57.45
CU CU M . 2.08 -33.84 -27.29
CA CA N . -10.99 -6.32 -37.28
CA CA O . 1.63 -3.26 -38.20
S SO4 P . -15.86 -29.49 -25.31
O1 SO4 P . -15.65 -28.02 -25.25
O2 SO4 P . -14.81 -30.14 -26.13
O3 SO4 P . -15.81 -30.05 -23.94
O4 SO4 P . -17.17 -29.75 -25.91
S SO4 Q . 17.21 -18.97 -44.77
O1 SO4 Q . 18.05 -19.40 -43.66
O2 SO4 Q . 18.12 -18.87 -45.91
O3 SO4 Q . 16.25 -19.99 -45.04
O4 SO4 Q . 16.46 -17.77 -44.59
S SO4 R . 1.86 -35.93 -48.60
O1 SO4 R . 0.72 -35.08 -48.18
O2 SO4 R . 2.05 -35.84 -50.05
O3 SO4 R . 3.07 -35.45 -47.93
O4 SO4 R . 1.63 -37.31 -48.22
S SO4 S . -30.70 -5.15 -26.09
O1 SO4 S . -29.57 -4.29 -26.48
O2 SO4 S . -30.70 -5.39 -24.63
O3 SO4 S . -31.95 -4.50 -26.44
O4 SO4 S . -30.59 -6.44 -26.77
S SO4 T . 3.86 -56.66 -23.51
O1 SO4 T . 3.83 -57.22 -24.89
O2 SO4 T . 5.24 -56.57 -23.03
O3 SO4 T . 3.25 -55.33 -23.43
O4 SO4 T . 3.12 -57.58 -22.64
S SO4 U . 11.05 -12.78 -56.62
O1 SO4 U . 11.26 -13.88 -55.68
O2 SO4 U . 11.45 -13.14 -58.00
O3 SO4 U . 9.63 -12.33 -56.61
O4 SO4 U . 11.90 -11.66 -56.19
S SO4 V . -27.34 -33.82 -44.21
O1 SO4 V . -27.15 -32.44 -43.79
O2 SO4 V . -26.34 -34.16 -45.22
O3 SO4 V . -27.18 -34.72 -43.07
O4 SO4 V . -28.67 -33.98 -44.79
C1 NAG W . -35.54 -21.28 31.67
C2 NAG W . -35.39 -20.50 33.00
C3 NAG W . -36.33 -19.32 33.06
C4 NAG W . -36.23 -18.45 31.80
C5 NAG W . -36.20 -19.31 30.53
C6 NAG W . -35.89 -18.41 29.34
C7 NAG W . -34.65 -21.37 35.14
C8 NAG W . -34.88 -22.32 36.27
N2 NAG W . -35.59 -21.30 34.19
O3 NAG W . -35.96 -18.55 34.18
O4 NAG W . -37.31 -17.56 31.70
O5 NAG W . -35.22 -20.34 30.65
O6 NAG W . -34.62 -17.82 29.50
O7 NAG W . -33.63 -20.68 35.12
C1 NAG X . -44.38 2.15 9.30
C2 NAG X . -45.12 0.85 9.64
C3 NAG X . -46.50 0.89 8.97
C4 NAG X . -47.25 2.16 9.37
C5 NAG X . -46.36 3.36 9.04
C6 NAG X . -47.04 4.71 9.26
C7 NAG X . -44.00 -1.31 9.99
C8 NAG X . -43.25 -2.45 9.38
N2 NAG X . -44.40 -0.32 9.17
O3 NAG X . -47.23 -0.27 9.31
O4 NAG X . -48.45 2.26 8.63
O5 NAG X . -45.16 3.25 9.76
O6 NAG X . -46.52 5.39 10.38
O7 NAG X . -44.21 -1.30 11.19
C1 NAG Y . -41.35 -7.37 -23.84
C2 NAG Y . -40.72 -6.57 -22.70
C3 NAG Y . -41.04 -5.08 -22.83
C4 NAG Y . -40.89 -4.58 -24.27
C5 NAG Y . -41.49 -5.56 -25.28
C6 NAG Y . -41.23 -5.11 -26.72
C7 NAG Y . -40.41 -7.70 -20.57
C8 NAG Y . -41.05 -8.22 -19.31
N2 NAG Y . -41.21 -7.07 -21.43
O3 NAG Y . -40.17 -4.34 -22.00
O4 NAG Y . -41.52 -3.33 -24.41
O5 NAG Y . -40.95 -6.84 -25.07
O6 NAG Y . -39.85 -4.92 -26.93
O7 NAG Y . -39.22 -7.89 -20.78
C1 NAG Z . -37.46 -38.15 3.51
C2 NAG Z . -38.40 -39.01 4.35
C3 NAG Z . -38.32 -40.49 3.95
C4 NAG Z . -38.42 -40.65 2.44
C5 NAG Z . -37.46 -39.69 1.73
C6 NAG Z . -37.60 -39.79 0.22
C7 NAG Z . -39.02 -38.43 6.61
C8 NAG Z . -38.61 -38.29 8.05
N2 NAG Z . -38.10 -38.89 5.76
O3 NAG Z . -39.37 -41.19 4.58
O4 NAG Z . -38.10 -41.98 2.10
O5 NAG Z . -37.76 -38.38 2.16
O6 NAG Z . -38.72 -39.05 -0.18
O7 NAG Z . -40.15 -38.12 6.25
CU CU AA . -20.37 -12.68 -9.16
CA CA BA . -3.79 -37.69 2.19
CA CA CA . 0.82 -28.22 9.89
S SO4 DA . -19.17 -29.13 -17.55
O1 SO4 DA . -18.95 -28.38 -18.79
O2 SO4 DA . -17.85 -29.52 -17.00
O3 SO4 DA . -19.88 -28.26 -16.59
O4 SO4 DA . -19.94 -30.36 -17.82
S SO4 EA . -12.81 -11.25 17.20
O1 SO4 EA . -12.71 -9.95 16.56
O2 SO4 EA . -13.14 -10.93 18.59
O3 SO4 EA . -13.87 -12.04 16.62
O4 SO4 EA . -11.67 -12.09 17.24
S SO4 FA . -32.47 -19.58 7.56
O1 SO4 FA . -31.44 -20.49 7.02
O2 SO4 FA . -32.20 -18.21 7.11
O3 SO4 FA . -33.78 -19.99 7.08
O4 SO4 FA . -32.48 -19.62 9.03
S SO4 GA . -1.37 -51.38 -15.99
O1 SO4 GA . -1.12 -52.83 -16.07
O2 SO4 GA . -0.60 -50.86 -14.83
O3 SO4 GA . -0.90 -50.82 -17.29
O4 SO4 GA . -2.78 -51.04 -15.83
S SO4 HA . -37.72 -1.27 -19.20
O1 SO4 HA . -37.13 0.04 -18.87
O2 SO4 HA . -38.86 -1.55 -18.31
O3 SO4 HA . -38.21 -1.22 -20.59
O4 SO4 HA . -36.69 -2.29 -19.07
S SO4 IA . -14.12 -23.03 26.11
O1 SO4 IA . -12.75 -22.72 26.50
O2 SO4 IA . -14.58 -22.05 25.12
O3 SO4 IA . -14.18 -24.40 25.55
O4 SO4 IA . -14.99 -23.00 27.31
S SO4 JA . -33.89 -43.66 -9.04
O1 SO4 JA . -33.97 -42.75 -10.19
O2 SO4 JA . -32.50 -44.05 -8.83
O3 SO4 JA . -34.41 -42.98 -7.85
O4 SO4 JA . -34.71 -44.84 -9.29
C1 NAG KA . 10.30 -24.69 44.93
C2 NAG KA . 10.22 -26.15 45.37
C3 NAG KA . 11.55 -26.86 45.13
C4 NAG KA . 12.46 -26.09 44.17
C5 NAG KA . 11.73 -25.24 43.12
C6 NAG KA . 11.50 -26.03 41.83
C7 NAG KA . 10.48 -25.86 47.81
C8 NAG KA . 9.93 -26.26 49.15
N2 NAG KA . 9.77 -26.24 46.75
O3 NAG KA . 11.34 -28.16 44.64
O4 NAG KA . 13.38 -25.29 44.90
O5 NAG KA . 10.50 -24.68 43.55
O6 NAG KA . 11.31 -25.12 40.75
O7 NAG KA . 11.54 -25.22 47.75
C1 NAG LA . 33.91 -20.73 21.93
C2 NAG LA . 33.98 -20.50 23.44
C3 NAG LA . 35.42 -20.28 23.90
C4 NAG LA . 36.29 -21.44 23.42
C5 NAG LA . 36.11 -21.67 21.94
C6 NAG LA . 36.74 -23.01 21.62
C7 NAG LA . 32.23 -19.33 24.74
C8 NAG LA . 31.59 -18.00 24.99
N2 NAG LA . 33.23 -19.32 23.87
O3 NAG LA . 35.44 -20.21 25.32
O4 NAG LA . 37.65 -21.16 23.72
O5 NAG LA . 34.71 -21.86 21.64
O6 NAG LA . 36.51 -23.34 20.27
O7 NAG LA . 31.83 -20.35 25.31
C1 NAG MA . 43.73 12.20 16.09
C2 NAG MA . 43.11 10.85 15.68
C3 NAG MA . 44.03 10.03 14.76
C4 NAG MA . 44.69 10.85 13.68
C5 NAG MA . 45.21 12.18 14.22
C6 NAG MA . 45.68 13.09 13.09
C7 NAG MA . 41.52 9.91 17.27
C8 NAG MA . 41.31 8.98 18.42
N2 NAG MA . 42.77 10.03 16.83
O3 NAG MA . 43.28 9.00 14.14
O4 NAG MA . 45.77 10.11 13.14
O5 NAG MA . 44.18 12.84 14.91
O6 NAG MA . 44.55 13.71 12.51
O7 NAG MA . 40.58 10.51 16.77
C1 NAG NA . 19.92 6.18 49.47
C2 NAG NA . 19.97 5.70 50.93
C3 NAG NA . 19.67 6.82 51.92
C4 NAG NA . 20.44 8.08 51.59
C5 NAG NA . 20.23 8.42 50.11
C6 NAG NA . 20.92 9.71 49.69
C7 NAG NA . 19.51 3.40 51.47
C8 NAG NA . 18.47 2.33 51.65
N2 NAG NA . 19.05 4.61 51.16
O3 NAG NA . 19.97 6.40 53.24
O4 NAG NA . 20.00 9.14 52.42
O5 NAG NA . 20.71 7.34 49.33
O6 NAG NA . 22.19 9.42 49.13
O7 NAG NA . 20.71 3.15 51.62
CU CU OA . 17.93 8.36 16.41
CA CA PA . -8.10 16.26 33.33
CA CA QA . -12.94 6.42 26.24
S SO4 RA . 16.24 23.89 26.29
O1 SO4 RA . 16.62 22.46 26.27
O2 SO4 RA . 16.66 24.49 27.57
O3 SO4 RA . 16.89 24.59 25.17
O4 SO4 RA . 14.77 24.05 26.18
S SO4 SA . -0.04 -11.86 21.17
O1 SO4 SA . 0.40 -11.97 19.80
O2 SO4 SA . -0.64 -13.15 21.55
O3 SO4 SA . 1.08 -11.57 22.04
O4 SO4 SA . -1.02 -10.84 21.39
S SO4 TA . 18.81 -5.16 33.44
O1 SO4 TA . 17.86 -4.03 33.46
O2 SO4 TA . 19.92 -4.83 34.34
O3 SO4 TA . 18.16 -6.37 33.94
O4 SO4 TA . 19.33 -5.37 32.10
S SO4 UA . -5.76 38.46 36.98
O1 SO4 UA . -6.17 39.32 38.09
O2 SO4 UA . -4.53 37.75 37.34
O3 SO4 UA . -6.85 37.49 36.68
O4 SO4 UA . -5.48 39.29 35.81
S SO4 VA . 40.34 6.08 11.50
O1 SO4 VA . 39.14 6.78 11.92
O2 SO4 VA . 41.36 7.07 11.17
O3 SO4 VA . 40.84 5.18 12.56
O4 SO4 VA . 40.04 5.30 10.27
S SO4 WA . -6.15 -13.64 34.54
O1 SO4 WA . -6.29 -12.48 35.42
O2 SO4 WA . -5.89 -14.85 35.35
O3 SO4 WA . -7.38 -13.82 33.77
O4 SO4 WA . -5.05 -13.42 33.59
S SO4 XA . 21.01 20.58 48.81
O1 SO4 XA . 21.26 20.47 47.36
O2 SO4 XA . 21.19 19.28 49.46
O3 SO4 XA . 21.98 21.51 49.38
O4 SO4 XA . 19.66 21.07 49.06
C1 NAG YA . 14.77 76.03 -5.71
C2 NAG YA . 14.31 76.75 -6.99
C3 NAG YA . 12.97 77.49 -6.95
C4 NAG YA . 12.14 77.26 -5.69
C5 NAG YA . 13.01 77.01 -4.48
C6 NAG YA . 12.16 76.76 -3.25
C7 NAG YA . 16.18 77.50 -8.38
C8 NAG YA . 16.98 78.69 -8.83
N2 NAG YA . 15.33 77.72 -7.38
O3 NAG YA . 12.21 77.13 -8.09
O4 NAG YA . 11.33 78.39 -5.45
O5 NAG YA . 13.76 75.84 -4.75
O6 NAG YA . 11.46 75.54 -3.42
O7 NAG YA . 16.32 76.41 -8.94
C1 NAG ZA . -8.91 72.26 17.99
C2 NAG ZA . -7.54 72.92 18.11
C3 NAG ZA . -7.37 73.67 19.44
C4 NAG ZA . -8.59 74.52 19.74
C5 NAG ZA . -9.85 73.69 19.59
C6 NAG ZA . -11.07 74.53 19.91
C7 NAG ZA . -5.55 71.95 17.06
C8 NAG ZA . -4.46 70.93 17.20
N2 NAG ZA . -6.49 71.94 18.00
O3 NAG ZA . -6.21 74.48 19.40
O4 NAG ZA . -8.50 75.02 21.06
O5 NAG ZA . -9.92 73.21 18.25
O6 NAG ZA . -11.18 75.52 18.92
O7 NAG ZA . -5.56 72.73 16.10
C1 NAG AB . -1.81 48.27 42.19
C2 NAG AB . -2.69 48.72 41.00
C3 NAG AB . -4.13 49.05 41.39
C4 NAG AB . -4.71 48.08 42.41
C5 NAG AB . -3.71 47.78 43.52
C6 NAG AB . -4.28 46.73 44.48
C7 NAG AB . -1.53 49.81 39.15
C8 NAG AB . -0.88 51.05 38.63
N2 NAG AB . -2.10 49.89 40.35
O3 NAG AB . -4.96 49.01 40.24
O4 NAG AB . -5.89 48.61 42.97
O5 NAG AB . -2.53 47.30 42.92
O6 NAG AB . -3.43 46.48 45.56
O7 NAG AB . -1.52 48.77 38.49
C1 NAG BB . 29.61 57.21 16.98
C2 NAG BB . 30.62 58.37 16.94
C3 NAG BB . 32.05 57.89 17.18
C4 NAG BB . 32.11 57.11 18.47
C5 NAG BB . 31.07 55.98 18.40
C6 NAG BB . 31.05 55.13 19.66
C7 NAG BB . 30.27 60.38 15.66
C8 NAG BB . 30.14 61.01 14.31
N2 NAG BB . 30.57 59.08 15.68
O3 NAG BB . 32.92 58.99 17.25
O4 NAG BB . 33.41 56.59 18.65
O5 NAG BB . 29.78 56.54 18.21
O6 NAG BB . 30.05 55.63 20.52
O7 NAG BB . 30.08 61.04 16.69
CU CU CB . 1.36 39.98 17.04
CA CA DB . 24.45 30.59 -3.03
CA CA EB . 15.00 33.28 -11.60
S SO4 FB . 16.89 31.35 22.37
O1 SO4 FB . 16.07 30.53 23.28
O2 SO4 FB . 18.21 31.61 22.94
O3 SO4 FB . 17.10 30.61 21.10
O4 SO4 FB . 16.19 32.63 22.09
S SO4 GB . 0.44 50.85 -8.21
O1 SO4 GB . -0.92 50.49 -7.80
O2 SO4 GB . 0.30 52.09 -8.99
O3 SO4 GB . 1.25 51.10 -7.05
O4 SO4 GB . 1.15 49.87 -9.01
S SO4 HB . 10.75 58.61 11.32
O1 SO4 HB . 11.19 59.19 12.59
O2 SO4 HB . 11.46 57.36 11.06
O3 SO4 HB . 9.32 58.35 11.40
O4 SO4 HB . 11.04 59.58 10.26
S SO4 IB . 36.47 15.55 9.02
O1 SO4 IB . 36.41 16.76 9.84
O2 SO4 IB . 37.86 15.08 8.88
O3 SO4 IB . 35.72 14.51 9.72
O4 SO4 IB . 35.92 15.81 7.66
S SO4 JB . -7.96 48.85 36.14
O1 SO4 JB . -7.94 48.43 37.54
O2 SO4 JB . -7.07 48.00 35.37
O3 SO4 JB . -9.32 48.68 35.61
O4 SO4 JB . -7.54 50.25 36.06
S SO4 KB . 12.87 55.66 -14.70
O1 SO4 KB . 13.07 57.07 -15.03
O2 SO4 KB . 14.17 55.07 -14.31
O3 SO4 KB . 11.92 55.50 -13.60
O4 SO4 KB . 12.34 54.97 -15.87
S SO4 LB . 34.05 46.06 24.64
O1 SO4 LB . 33.17 45.35 25.55
O2 SO4 LB . 35.28 46.44 25.34
O3 SO4 LB . 34.37 45.21 23.48
O4 SO4 LB . 33.38 47.28 24.18
#